data_8XOP
#
_entry.id   8XOP
#
_cell.length_a   1.00
_cell.length_b   1.00
_cell.length_c   1.00
_cell.angle_alpha   90.00
_cell.angle_beta   90.00
_cell.angle_gamma   90.00
#
_symmetry.space_group_name_H-M   'P 1'
#
loop_
_entity.id
_entity.type
_entity.pdbx_description
1 polymer 'ATP-dependent Clp protease proteolytic subunit'
2 polymer 'ATP-dependent Clp protease proteolytic subunit'
3 polymer ADEP1
#
loop_
_entity_poly.entity_id
_entity_poly.type
_entity_poly.pdbx_seq_one_letter_code
_entity_poly.pdbx_strand_id
1 'polypeptide(L)'
;MGSSHHHHHHSSGLVPRGSHMGLGDQVYNRLLNERIIFLGQPVDDDIANKITAQLLLLASDPEKDIYLYINSPGGSITAG
MAIYDTMQYIKNDVVTIAMGLAAAMGQFLLSAGTPGKRFALPNAEILIHQPSAGLAGSASDIKIHAERLLHTKKRMAELT
SQHTGQTIEQITRDSDRDRWFDAFEAKEYGLIDDVMTTAAGMPGGGGTGA
;
A,B,C,D,E,F,G
2 'polypeptide(L)'
;MGSSHHHHHHSSGLVPRGSHMASMTGGQQMGRGSEYDPYAKLFEERVIFLGVQIDDASANDVMAQLLCLESMDPDRDISV
YINSPGGSFTALTAIYDTMQYVKPDVQTVCMGQAAAAAAVLLAAGTPGKRMALPNARVLIHQPYSETGRGQVSDLEIAAN
EILRMRSQLEDMLAKHSTTPVEKIREDIERDKILTAEDALSYGLIDQVISTRKMDNSSLR
;
H,I,J,K,L,M,N
3 'polypeptide(L)' (OTT)FSP(MAA)A(MP8) O,P,Q,R,S,T,U,V,W,X,Y,Z,a,b
#
loop_
_chem_comp.id
_chem_comp.type
_chem_comp.name
_chem_comp.formula
OTT non-polymer '(2E,4E,6E)-octa-2,4,6-trienoic acid' 'C8 H10 O2'
#
# COMPACT_ATOMS: atom_id res chain seq x y z
N GLY A 22 -12.58 -28.71 18.16
CA GLY A 22 -12.14 -28.90 16.78
C GLY A 22 -11.93 -30.35 16.43
N LEU A 23 -12.41 -30.75 15.25
CA LEU A 23 -12.23 -32.14 14.81
C LEU A 23 -10.77 -32.47 14.59
N GLY A 24 -10.01 -31.55 13.98
CA GLY A 24 -8.60 -31.81 13.77
C GLY A 24 -7.82 -31.93 15.06
N ASP A 25 -8.12 -31.05 16.02
CA ASP A 25 -7.50 -31.18 17.34
C ASP A 25 -7.85 -32.52 17.98
N GLN A 26 -9.11 -32.96 17.81
CA GLN A 26 -9.53 -34.24 18.36
C GLN A 26 -8.75 -35.40 17.75
N VAL A 27 -8.58 -35.39 16.43
CA VAL A 27 -7.92 -36.53 15.79
C VAL A 27 -6.43 -36.53 16.11
N TYR A 28 -5.79 -35.35 16.14
CA TYR A 28 -4.39 -35.32 16.59
C TYR A 28 -4.26 -35.76 18.04
N ASN A 29 -5.18 -35.35 18.91
CA ASN A 29 -5.12 -35.79 20.30
C ASN A 29 -5.21 -37.30 20.41
N ARG A 30 -6.16 -37.90 19.69
CA ARG A 30 -6.32 -39.35 19.79
C ARG A 30 -5.12 -40.08 19.19
N LEU A 31 -4.61 -39.61 18.06
CA LEU A 31 -3.47 -40.28 17.44
C LEU A 31 -2.22 -40.17 18.30
N LEU A 32 -2.00 -39.00 18.92
CA LEU A 32 -0.91 -38.87 19.86
C LEU A 32 -1.13 -39.79 21.06
N ASN A 33 -2.37 -39.90 21.52
CA ASN A 33 -2.66 -40.82 22.60
C ASN A 33 -2.31 -42.26 22.23
N GLU A 34 -2.45 -42.63 20.96
CA GLU A 34 -2.10 -44.00 20.63
C GLU A 34 -0.61 -44.23 20.79
N ARG A 35 0.21 -43.80 19.81
CA ARG A 35 1.66 -43.60 20.02
C ARG A 35 2.25 -42.52 19.12
N ILE A 36 1.47 -41.84 18.27
CA ILE A 36 1.98 -41.27 17.03
C ILE A 36 2.22 -39.77 17.17
N ILE A 37 3.21 -39.27 16.43
CA ILE A 37 3.52 -37.85 16.35
C ILE A 37 3.56 -37.45 14.88
N PHE A 38 2.90 -36.36 14.54
CA PHE A 38 2.89 -35.82 13.19
C PHE A 38 3.91 -34.71 13.02
N LEU A 39 4.23 -34.42 11.76
CA LEU A 39 5.04 -33.26 11.41
C LEU A 39 4.62 -32.87 9.99
N GLY A 40 3.75 -31.88 9.89
CA GLY A 40 3.12 -31.58 8.61
C GLY A 40 3.24 -30.13 8.15
N GLN A 41 4.32 -29.47 8.53
CA GLN A 41 4.55 -28.09 8.14
C GLN A 41 6.04 -27.81 8.21
N PRO A 42 6.50 -26.71 7.62
CA PRO A 42 7.92 -26.37 7.70
C PRO A 42 8.38 -26.25 9.15
N VAL A 43 9.60 -26.71 9.41
CA VAL A 43 10.12 -26.76 10.76
C VAL A 43 10.54 -25.36 11.19
N ASP A 44 10.02 -24.90 12.32
CA ASP A 44 10.39 -23.62 12.91
C ASP A 44 10.54 -23.84 14.41
N ASP A 45 10.66 -22.75 15.16
CA ASP A 45 10.87 -22.86 16.60
C ASP A 45 9.66 -23.45 17.31
N ASP A 46 8.46 -23.02 16.94
CA ASP A 46 7.26 -23.44 17.66
C ASP A 46 6.99 -24.93 17.48
N ILE A 47 6.99 -25.40 16.24
CA ILE A 47 6.68 -26.80 16.00
C ILE A 47 7.79 -27.69 16.56
N ALA A 48 9.04 -27.22 16.48
CA ALA A 48 10.13 -27.99 17.06
C ALA A 48 10.00 -28.10 18.58
N ASN A 49 9.61 -27.00 19.23
CA ASN A 49 9.40 -27.05 20.67
C ASN A 49 8.27 -28.01 21.02
N LYS A 50 7.17 -27.97 20.25
CA LYS A 50 6.06 -28.87 20.52
C LYS A 50 6.48 -30.33 20.34
N ILE A 51 7.23 -30.62 19.28
CA ILE A 51 7.66 -32.00 19.05
C ILE A 51 8.63 -32.45 20.12
N THR A 52 9.53 -31.56 20.56
CA THR A 52 10.43 -31.91 21.65
C THR A 52 9.66 -32.21 22.93
N ALA A 53 8.65 -31.38 23.23
CA ALA A 53 7.84 -31.62 24.42
C ALA A 53 7.10 -32.95 24.33
N GLN A 54 6.54 -33.26 23.16
CA GLN A 54 5.82 -34.51 22.99
C GLN A 54 6.76 -35.70 23.12
N LEU A 55 7.96 -35.61 22.55
CA LEU A 55 8.93 -36.69 22.67
C LEU A 55 9.32 -36.90 24.13
N LEU A 56 9.57 -35.81 24.86
CA LEU A 56 9.90 -35.94 26.27
C LEU A 56 8.75 -36.55 27.05
N LEU A 57 7.52 -36.14 26.73
CA LEU A 57 6.36 -36.67 27.44
C LEU A 57 6.19 -38.17 27.19
N LEU A 58 6.33 -38.60 25.95
CA LEU A 58 6.21 -40.02 25.64
C LEU A 58 7.42 -40.80 26.11
N ALA A 59 8.52 -40.12 26.44
CA ALA A 59 9.70 -40.79 26.98
C ALA A 59 9.49 -41.29 28.40
N SER A 60 8.37 -40.94 29.04
CA SER A 60 8.12 -41.42 30.39
C SER A 60 8.08 -42.95 30.42
N ASP A 61 7.45 -43.57 29.43
CA ASP A 61 7.49 -45.02 29.31
C ASP A 61 8.77 -45.41 28.59
N PRO A 62 9.68 -46.14 29.24
CA PRO A 62 10.97 -46.48 28.60
C PRO A 62 10.94 -47.73 27.75
N GLU A 63 9.77 -48.31 27.47
CA GLU A 63 9.69 -49.55 26.69
C GLU A 63 9.00 -49.35 25.35
N LYS A 64 7.83 -48.72 25.33
CA LYS A 64 7.12 -48.51 24.07
C LYS A 64 7.87 -47.52 23.19
N ASP A 65 7.91 -47.83 21.91
CA ASP A 65 8.61 -47.02 20.91
C ASP A 65 7.73 -45.87 20.43
N ILE A 66 8.37 -44.90 19.79
CA ILE A 66 7.72 -43.71 19.28
C ILE A 66 7.63 -43.83 17.76
N TYR A 67 6.59 -43.24 17.17
CA TYR A 67 6.40 -43.24 15.72
C TYR A 67 6.25 -41.80 15.24
N LEU A 68 7.00 -41.44 14.21
CA LEU A 68 7.05 -40.08 13.69
C LEU A 68 6.74 -40.11 12.21
N TYR A 69 5.69 -39.39 11.80
CA TYR A 69 5.28 -39.29 10.41
C TYR A 69 5.75 -37.96 9.85
N ILE A 70 6.51 -38.01 8.76
CA ILE A 70 7.15 -36.83 8.20
C ILE A 70 6.46 -36.47 6.90
N ASN A 71 5.97 -35.23 6.82
CA ASN A 71 5.48 -34.66 5.57
C ASN A 71 5.73 -33.16 5.66
N SER A 72 6.88 -32.71 5.18
CA SER A 72 7.28 -31.33 5.38
C SER A 72 8.35 -30.97 4.36
N PRO A 73 8.40 -29.73 3.89
CA PRO A 73 9.46 -29.28 2.99
C PRO A 73 10.71 -28.77 3.69
N GLY A 74 10.88 -29.01 4.99
CA GLY A 74 12.05 -28.58 5.71
C GLY A 74 11.88 -27.21 6.33
N GLY A 75 12.89 -26.82 7.10
CA GLY A 75 12.87 -25.55 7.80
C GLY A 75 14.21 -25.10 8.33
N SER A 76 14.22 -24.48 9.51
CA SER A 76 15.45 -23.97 10.07
C SER A 76 16.35 -25.09 10.55
N ILE A 77 17.66 -24.86 10.50
CA ILE A 77 18.62 -25.88 10.88
C ILE A 77 18.60 -26.12 12.39
N THR A 78 18.55 -25.03 13.17
CA THR A 78 18.67 -25.15 14.62
C THR A 78 17.51 -25.93 15.22
N ALA A 79 16.28 -25.65 14.78
CA ALA A 79 15.13 -26.38 15.29
C ALA A 79 15.21 -27.86 14.93
N GLY A 80 15.59 -28.16 13.69
CA GLY A 80 15.76 -29.54 13.29
C GLY A 80 16.82 -30.25 14.11
N MET A 81 17.90 -29.55 14.46
CA MET A 81 18.93 -30.18 15.27
C MET A 81 18.48 -30.38 16.70
N ALA A 82 17.66 -29.47 17.24
CA ALA A 82 17.07 -29.71 18.55
C ALA A 82 16.22 -30.97 18.52
N ILE A 83 15.40 -31.13 17.48
CA ILE A 83 14.58 -32.34 17.38
C ILE A 83 15.47 -33.57 17.24
N TYR A 84 16.53 -33.48 16.43
CA TYR A 84 17.43 -34.61 16.25
C TYR A 84 18.09 -35.01 17.56
N ASP A 85 18.54 -34.03 18.34
CA ASP A 85 19.19 -34.34 19.60
C ASP A 85 18.22 -34.98 20.57
N THR A 86 16.99 -34.46 20.65
CA THR A 86 16.05 -35.07 21.59
C THR A 86 15.58 -36.44 21.10
N MET A 87 15.63 -36.71 19.80
CA MET A 87 15.41 -38.07 19.32
C MET A 87 16.54 -38.99 19.74
N GLN A 88 17.78 -38.55 19.58
CA GLN A 88 18.92 -39.38 19.92
C GLN A 88 19.10 -39.56 21.42
N TYR A 89 18.50 -38.68 22.23
CA TYR A 89 18.76 -38.70 23.66
C TYR A 89 18.15 -39.92 24.35
N ILE A 90 16.90 -40.21 24.06
CA ILE A 90 16.12 -41.17 24.84
C ILE A 90 16.40 -42.59 24.40
N LYS A 91 16.16 -43.54 25.31
CA LYS A 91 16.25 -44.96 24.96
C LYS A 91 15.18 -45.39 23.99
N ASN A 92 14.01 -44.76 24.01
CA ASN A 92 12.89 -45.23 23.19
C ASN A 92 13.24 -45.16 21.72
N ASP A 93 13.09 -46.28 21.03
CA ASP A 93 13.32 -46.30 19.59
C ASP A 93 12.26 -45.49 18.87
N VAL A 94 12.68 -44.75 17.86
CA VAL A 94 11.79 -43.90 17.07
C VAL A 94 11.76 -44.44 15.65
N VAL A 95 10.55 -44.65 15.13
CA VAL A 95 10.34 -45.20 13.80
C VAL A 95 9.77 -44.09 12.93
N THR A 96 10.50 -43.74 11.87
CA THR A 96 10.11 -42.66 10.98
C THR A 96 9.41 -43.24 9.75
N ILE A 97 8.29 -42.65 9.39
CA ILE A 97 7.55 -43.00 8.17
C ILE A 97 7.43 -41.74 7.33
N ALA A 98 7.91 -41.80 6.10
CA ALA A 98 7.84 -40.67 5.18
C ALA A 98 6.62 -40.84 4.29
N MET A 99 5.75 -39.82 4.29
CA MET A 99 4.58 -39.79 3.43
C MET A 99 4.54 -38.46 2.69
N GLY A 100 4.21 -38.51 1.41
CA GLY A 100 4.16 -37.30 0.63
C GLY A 100 5.53 -36.77 0.26
N LEU A 101 5.96 -35.70 0.92
CA LEU A 101 7.23 -35.06 0.64
C LEU A 101 8.08 -35.01 1.90
N ALA A 102 9.37 -35.30 1.74
CA ALA A 102 10.34 -35.21 2.84
C ALA A 102 11.59 -34.55 2.27
N ALA A 103 11.76 -33.26 2.54
CA ALA A 103 12.82 -32.48 1.92
C ALA A 103 13.56 -31.66 2.97
N ALA A 104 14.81 -31.33 2.65
CA ALA A 104 15.68 -30.47 3.47
C ALA A 104 15.78 -31.10 4.85
N MET A 105 15.43 -30.41 5.94
CA MET A 105 15.50 -31.01 7.26
C MET A 105 14.54 -32.17 7.43
N GLY A 106 13.49 -32.23 6.60
CA GLY A 106 12.56 -33.34 6.71
C GLY A 106 13.22 -34.69 6.46
N GLN A 107 14.01 -34.78 5.39
CA GLN A 107 14.68 -36.04 5.11
C GLN A 107 15.77 -36.32 6.14
N PHE A 108 16.40 -35.29 6.68
CA PHE A 108 17.39 -35.50 7.72
C PHE A 108 16.75 -36.12 8.96
N LEU A 109 15.60 -35.60 9.38
CA LEU A 109 14.89 -36.20 10.51
C LEU A 109 14.42 -37.60 10.17
N LEU A 110 13.97 -37.81 8.93
CA LEU A 110 13.51 -39.14 8.51
C LEU A 110 14.65 -40.15 8.60
N SER A 111 15.84 -39.78 8.15
CA SER A 111 17.00 -40.66 8.25
C SER A 111 17.55 -40.74 9.66
N ALA A 112 17.18 -39.81 10.54
CA ALA A 112 17.68 -39.81 11.91
C ALA A 112 17.10 -40.93 12.75
N GLY A 113 16.10 -41.66 12.25
CA GLY A 113 15.49 -42.70 13.03
C GLY A 113 16.45 -43.84 13.34
N THR A 114 16.03 -44.68 14.27
CA THR A 114 16.87 -45.80 14.69
C THR A 114 17.09 -46.75 13.52
N PRO A 115 18.25 -47.39 13.43
CA PRO A 115 18.53 -48.26 12.28
C PRO A 115 17.53 -49.40 12.17
N GLY A 116 17.17 -49.74 10.94
CA GLY A 116 16.24 -50.80 10.68
C GLY A 116 14.78 -50.45 10.85
N LYS A 117 14.47 -49.20 11.20
CA LYS A 117 13.10 -48.78 11.46
C LYS A 117 12.81 -47.44 10.79
N ARG A 118 13.19 -47.32 9.53
CA ARG A 118 12.84 -46.17 8.70
C ARG A 118 12.11 -46.66 7.47
N PHE A 119 10.95 -46.09 7.18
CA PHE A 119 10.12 -46.57 6.09
C PHE A 119 9.52 -45.39 5.32
N ALA A 120 9.12 -45.68 4.09
CA ALA A 120 8.46 -44.69 3.24
C ALA A 120 7.37 -45.38 2.45
N LEU A 121 6.39 -44.59 2.02
CA LEU A 121 5.30 -45.09 1.19
C LEU A 121 5.79 -45.27 -0.25
N PRO A 122 5.10 -46.11 -1.03
CA PRO A 122 5.59 -46.38 -2.39
C PRO A 122 5.74 -45.14 -3.26
N ASN A 123 4.89 -44.14 -3.07
CA ASN A 123 4.96 -42.91 -3.86
C ASN A 123 5.59 -41.77 -3.09
N ALA A 124 6.24 -42.06 -1.97
CA ALA A 124 6.95 -41.03 -1.21
C ALA A 124 8.11 -40.49 -2.02
N GLU A 125 8.44 -39.23 -1.80
CA GLU A 125 9.44 -38.53 -2.58
C GLU A 125 10.39 -37.80 -1.62
N ILE A 126 11.69 -38.06 -1.76
CA ILE A 126 12.69 -37.53 -0.84
C ILE A 126 13.61 -36.58 -1.59
N LEU A 127 13.97 -35.47 -0.95
CA LEU A 127 14.83 -34.47 -1.56
C LEU A 127 16.02 -34.19 -0.65
N ILE A 128 17.21 -34.45 -1.14
CA ILE A 128 18.44 -34.06 -0.45
C ILE A 128 18.79 -32.65 -0.90
N HIS A 129 18.98 -31.76 0.07
CA HIS A 129 19.13 -30.34 -0.15
C HIS A 129 20.35 -29.82 0.59
N GLN A 130 20.94 -28.75 0.06
CA GLN A 130 22.08 -28.10 0.68
C GLN A 130 21.63 -26.89 1.49
N PRO A 131 22.20 -26.68 2.67
CA PRO A 131 21.76 -25.56 3.52
C PRO A 131 21.94 -24.22 2.81
N SER A 132 20.98 -23.33 3.03
CA SER A 132 21.00 -22.00 2.43
C SER A 132 20.62 -20.96 3.47
N ALA A 133 21.19 -19.76 3.34
CA ALA A 133 20.93 -18.69 4.29
C ALA A 133 21.31 -17.36 3.64
N GLY A 134 20.90 -16.28 4.29
CA GLY A 134 21.24 -14.94 3.84
C GLY A 134 22.04 -14.21 4.90
N LEU A 135 22.97 -13.37 4.44
CA LEU A 135 23.89 -12.67 5.34
C LEU A 135 23.93 -11.19 4.99
N ALA A 136 24.22 -10.38 6.01
CA ALA A 136 24.35 -8.95 5.85
C ALA A 136 25.19 -8.40 7.00
N GLY A 137 25.81 -7.25 6.76
CA GLY A 137 26.58 -6.58 7.78
C GLY A 137 27.94 -6.16 7.24
N SER A 138 28.87 -5.91 8.15
CA SER A 138 30.21 -5.50 7.78
C SER A 138 31.02 -6.72 7.34
N ALA A 139 32.26 -6.46 6.92
CA ALA A 139 33.09 -7.54 6.39
C ALA A 139 33.38 -8.59 7.45
N SER A 140 33.70 -8.17 8.68
CA SER A 140 34.04 -9.13 9.72
C SER A 140 32.85 -10.00 10.09
N ASP A 141 31.66 -9.40 10.21
CA ASP A 141 30.48 -10.17 10.53
C ASP A 141 30.16 -11.17 9.41
N ILE A 142 30.28 -10.73 8.16
CA ILE A 142 30.07 -11.63 7.03
C ILE A 142 31.04 -12.79 7.10
N LYS A 143 32.31 -12.49 7.41
CA LYS A 143 33.30 -13.55 7.57
C LYS A 143 32.85 -14.57 8.61
N ILE A 144 32.55 -14.08 9.82
CA ILE A 144 32.26 -14.98 10.94
C ILE A 144 31.07 -15.86 10.61
N HIS A 145 30.01 -15.25 10.07
CA HIS A 145 28.84 -16.06 9.68
C HIS A 145 29.19 -17.02 8.55
N ALA A 146 30.16 -16.68 7.70
CA ALA A 146 30.57 -17.60 6.64
C ALA A 146 31.21 -18.86 7.21
N GLU A 147 32.16 -18.70 8.14
CA GLU A 147 32.72 -19.92 8.73
C GLU A 147 31.68 -20.67 9.54
N ARG A 148 30.74 -19.96 10.17
CA ARG A 148 29.70 -20.68 10.90
C ARG A 148 28.84 -21.52 9.96
N LEU A 149 28.46 -20.95 8.81
CA LEU A 149 27.67 -21.72 7.84
C LEU A 149 28.45 -22.90 7.29
N LEU A 150 29.74 -22.69 6.99
CA LEU A 150 30.56 -23.81 6.49
C LEU A 150 30.68 -24.91 7.53
N HIS A 151 30.86 -24.54 8.80
CA HIS A 151 30.92 -25.54 9.85
C HIS A 151 29.61 -26.29 9.98
N THR A 152 28.48 -25.59 9.86
CA THR A 152 27.19 -26.25 9.91
C THR A 152 27.04 -27.24 8.75
N LYS A 153 27.45 -26.84 7.55
CA LYS A 153 27.37 -27.73 6.40
C LYS A 153 28.22 -28.97 6.60
N LYS A 154 29.44 -28.80 7.12
CA LYS A 154 30.30 -29.95 7.38
C LYS A 154 29.68 -30.86 8.44
N ARG A 155 29.09 -30.27 9.48
CA ARG A 155 28.43 -31.03 10.51
C ARG A 155 27.30 -31.88 9.93
N MET A 156 26.48 -31.27 9.08
CA MET A 156 25.36 -31.98 8.48
C MET A 156 25.84 -33.11 7.58
N ALA A 157 26.87 -32.84 6.79
CA ALA A 157 27.40 -33.86 5.89
C ALA A 157 27.94 -35.05 6.68
N GLU A 158 28.68 -34.77 7.76
CA GLU A 158 29.23 -35.87 8.55
C GLU A 158 28.11 -36.68 9.20
N LEU A 159 27.08 -36.00 9.73
CA LEU A 159 25.98 -36.72 10.34
C LEU A 159 25.25 -37.60 9.33
N THR A 160 24.99 -37.06 8.14
CA THR A 160 24.32 -37.84 7.11
C THR A 160 25.16 -39.04 6.69
N SER A 161 26.47 -38.85 6.53
CA SER A 161 27.34 -39.97 6.17
C SER A 161 27.34 -41.03 7.25
N GLN A 162 27.34 -40.61 8.51
CA GLN A 162 27.30 -41.58 9.60
C GLN A 162 25.99 -42.34 9.62
N HIS A 163 24.87 -41.66 9.38
CA HIS A 163 23.57 -42.31 9.49
C HIS A 163 23.30 -43.25 8.32
N THR A 164 23.57 -42.80 7.09
CA THR A 164 23.23 -43.59 5.92
C THR A 164 24.28 -44.65 5.58
N GLY A 165 25.46 -44.59 6.16
CA GLY A 165 26.50 -45.54 5.84
C GLY A 165 27.30 -45.24 4.61
N GLN A 166 26.98 -44.17 3.88
CA GLN A 166 27.76 -43.78 2.72
C GLN A 166 29.03 -43.06 3.15
N THR A 167 30.00 -43.03 2.24
CA THR A 167 31.29 -42.42 2.55
C THR A 167 31.17 -40.90 2.50
N ILE A 168 32.01 -40.23 3.29
CA ILE A 168 31.82 -38.79 3.54
C ILE A 168 31.95 -37.98 2.25
N GLU A 169 32.97 -38.27 1.44
CA GLU A 169 33.12 -37.50 0.21
C GLU A 169 32.01 -37.82 -0.78
N GLN A 170 31.51 -39.05 -0.77
CA GLN A 170 30.36 -39.38 -1.61
C GLN A 170 29.15 -38.54 -1.23
N ILE A 171 28.90 -38.40 0.08
CA ILE A 171 27.76 -37.60 0.54
C ILE A 171 27.95 -36.14 0.17
N THR A 172 29.14 -35.59 0.40
CA THR A 172 29.33 -34.17 0.11
C THR A 172 29.32 -33.91 -1.39
N ARG A 173 29.65 -34.91 -2.20
CA ARG A 173 29.53 -34.76 -3.65
C ARG A 173 28.08 -34.82 -4.10
N ASP A 174 27.29 -35.73 -3.52
CA ASP A 174 25.89 -35.85 -3.92
C ASP A 174 25.04 -34.71 -3.41
N SER A 175 25.47 -34.03 -2.35
CA SER A 175 24.72 -32.91 -1.78
C SER A 175 25.09 -31.58 -2.41
N ASP A 176 25.93 -31.58 -3.44
CA ASP A 176 26.31 -30.33 -4.09
C ASP A 176 25.09 -29.61 -4.67
N ARG A 177 24.19 -30.37 -5.30
CA ARG A 177 22.94 -29.85 -5.82
C ARG A 177 21.78 -30.65 -5.24
N ASP A 178 20.58 -30.11 -5.38
CA ASP A 178 19.39 -30.82 -4.93
C ASP A 178 19.26 -32.14 -5.67
N ARG A 179 18.94 -33.19 -4.94
CA ARG A 179 18.76 -34.50 -5.55
C ARG A 179 17.43 -35.11 -5.13
N TRP A 180 16.74 -35.71 -6.08
CA TRP A 180 15.44 -36.33 -5.84
C TRP A 180 15.59 -37.84 -5.75
N PHE A 181 14.73 -38.47 -4.95
CA PHE A 181 14.79 -39.90 -4.70
C PHE A 181 13.38 -40.46 -4.60
N ASP A 182 13.15 -41.56 -5.32
CA ASP A 182 11.97 -42.37 -5.12
C ASP A 182 12.16 -43.28 -3.91
N ALA A 183 11.11 -44.03 -3.58
CA ALA A 183 11.18 -44.92 -2.43
C ALA A 183 12.27 -45.97 -2.62
N PHE A 184 12.31 -46.60 -3.79
CA PHE A 184 13.30 -47.65 -4.03
C PHE A 184 14.70 -47.07 -4.17
N GLU A 185 14.82 -45.90 -4.80
CA GLU A 185 16.11 -45.24 -4.89
C GLU A 185 16.63 -44.86 -3.51
N ALA A 186 15.74 -44.36 -2.65
CA ALA A 186 16.14 -44.04 -1.28
C ALA A 186 16.55 -45.29 -0.52
N LYS A 187 15.82 -46.40 -0.72
CA LYS A 187 16.20 -47.66 -0.07
C LYS A 187 17.59 -48.10 -0.52
N GLU A 188 17.86 -48.03 -1.82
CA GLU A 188 19.17 -48.44 -2.32
C GLU A 188 20.27 -47.52 -1.81
N TYR A 189 20.01 -46.22 -1.75
CA TYR A 189 21.01 -45.26 -1.32
C TYR A 189 21.34 -45.37 0.17
N GLY A 190 20.48 -46.00 0.95
CA GLY A 190 20.69 -46.11 2.38
C GLY A 190 19.91 -45.13 3.23
N LEU A 191 19.15 -44.23 2.61
CA LEU A 191 18.35 -43.28 3.38
C LEU A 191 17.24 -44.00 4.14
N ILE A 192 16.67 -45.05 3.56
CA ILE A 192 15.53 -45.75 4.12
C ILE A 192 15.85 -47.23 4.22
N ASP A 193 15.54 -47.83 5.37
CA ASP A 193 15.81 -49.26 5.55
C ASP A 193 14.92 -50.12 4.66
N ASP A 194 13.63 -49.80 4.60
CA ASP A 194 12.70 -50.61 3.81
C ASP A 194 11.50 -49.78 3.42
N VAL A 195 10.85 -50.18 2.33
CA VAL A 195 9.66 -49.51 1.82
C VAL A 195 8.47 -50.45 1.97
N MET A 196 7.38 -49.94 2.52
CA MET A 196 6.17 -50.73 2.69
C MET A 196 5.28 -50.63 1.46
N THR A 197 4.54 -51.70 1.20
CA THR A 197 3.65 -51.79 0.05
C THR A 197 2.18 -51.78 0.43
N THR A 198 1.80 -52.64 1.38
CA THR A 198 0.42 -52.70 1.84
C THR A 198 0.41 -53.14 3.30
N ALA A 199 -0.73 -52.95 3.95
CA ALA A 199 -0.87 -53.32 5.35
C ALA A 199 -0.65 -54.81 5.55
N GLY B 22 -4.75 -26.92 21.02
CA GLY B 22 -4.99 -27.71 22.21
C GLY B 22 -3.82 -28.57 22.61
N LEU B 23 -3.02 -28.98 21.62
CA LEU B 23 -1.85 -29.81 21.90
C LEU B 23 -0.81 -29.04 22.70
N GLY B 24 -0.46 -27.85 22.23
CA GLY B 24 0.62 -27.11 22.88
C GLY B 24 0.29 -26.74 24.31
N ASP B 25 -0.92 -26.25 24.55
CA ASP B 25 -1.31 -25.89 25.90
C ASP B 25 -1.29 -27.10 26.82
N GLN B 26 -1.80 -28.24 26.34
CA GLN B 26 -1.85 -29.43 27.18
C GLN B 26 -0.44 -29.93 27.53
N VAL B 27 0.44 -30.00 26.52
CA VAL B 27 1.78 -30.51 26.79
C VAL B 27 2.56 -29.54 27.67
N TYR B 28 2.38 -28.23 27.47
CA TYR B 28 3.06 -27.26 28.32
C TYR B 28 2.56 -27.34 29.75
N ASN B 29 1.26 -27.53 29.94
CA ASN B 29 0.73 -27.71 31.29
C ASN B 29 1.33 -28.94 31.95
N ARG B 30 1.26 -30.08 31.27
CA ARG B 30 1.73 -31.32 31.86
C ARG B 30 3.23 -31.34 32.08
N LEU B 31 3.98 -30.52 31.33
CA LEU B 31 5.39 -30.32 31.62
C LEU B 31 5.60 -29.39 32.82
N LEU B 32 4.76 -28.36 32.94
CA LEU B 32 4.89 -27.43 34.06
C LEU B 32 4.63 -28.13 35.39
N ASN B 33 3.73 -29.11 35.41
CA ASN B 33 3.58 -29.91 36.63
C ASN B 33 4.85 -30.69 36.97
N GLU B 34 5.79 -30.82 36.04
CA GLU B 34 7.08 -31.44 36.33
C GLU B 34 8.18 -30.40 36.59
N ARG B 35 7.79 -29.15 36.86
CA ARG B 35 8.73 -28.06 37.16
C ARG B 35 9.72 -27.86 36.00
N ILE B 36 9.17 -27.76 34.79
CA ILE B 36 9.96 -27.50 33.59
C ILE B 36 9.40 -26.27 32.91
N ILE B 37 10.27 -25.31 32.59
CA ILE B 37 9.88 -24.06 31.97
C ILE B 37 10.52 -23.96 30.60
N PHE B 38 9.71 -23.69 29.59
CA PHE B 38 10.20 -23.52 28.23
C PHE B 38 10.41 -22.05 27.91
N LEU B 39 11.50 -21.75 27.23
CA LEU B 39 11.78 -20.42 26.70
C LEU B 39 12.12 -20.62 25.23
N GLY B 40 11.10 -20.67 24.39
CA GLY B 40 11.29 -21.01 23.00
C GLY B 40 10.91 -19.93 22.02
N GLN B 41 11.23 -18.68 22.35
CA GLN B 41 10.86 -17.55 21.52
C GLN B 41 11.70 -16.35 21.94
N PRO B 42 11.78 -15.31 21.11
CA PRO B 42 12.54 -14.12 21.50
C PRO B 42 12.01 -13.51 22.79
N VAL B 43 12.92 -13.00 23.61
CA VAL B 43 12.55 -12.48 24.91
C VAL B 43 12.05 -11.06 24.77
N ASP B 44 10.84 -10.80 25.29
CA ASP B 44 10.28 -9.46 25.35
C ASP B 44 9.50 -9.35 26.65
N ASP B 45 8.67 -8.31 26.75
CA ASP B 45 8.06 -7.97 28.02
C ASP B 45 7.09 -9.06 28.51
N ASP B 46 6.15 -9.46 27.66
CA ASP B 46 5.09 -10.34 28.15
C ASP B 46 5.59 -11.73 28.48
N ILE B 47 6.50 -12.27 27.67
CA ILE B 47 7.07 -13.58 27.99
C ILE B 47 7.92 -13.50 29.25
N ALA B 48 8.62 -12.38 29.45
CA ALA B 48 9.38 -12.21 30.68
C ALA B 48 8.47 -12.19 31.90
N ASN B 49 7.34 -11.47 31.81
CA ASN B 49 6.40 -11.45 32.92
C ASN B 49 5.84 -12.84 33.17
N LYS B 50 5.52 -13.57 32.10
CA LYS B 50 4.97 -14.92 32.24
C LYS B 50 5.98 -15.85 32.92
N ILE B 51 7.25 -15.78 32.51
CA ILE B 51 8.27 -16.63 33.10
C ILE B 51 8.54 -16.24 34.54
N THR B 52 8.52 -14.94 34.84
CA THR B 52 8.67 -14.50 36.23
C THR B 52 7.53 -15.03 37.09
N ALA B 53 6.31 -14.98 36.58
CA ALA B 53 5.17 -15.50 37.31
C ALA B 53 5.31 -17.00 37.55
N GLN B 54 5.74 -17.73 36.53
CA GLN B 54 5.91 -19.17 36.70
C GLN B 54 7.01 -19.48 37.72
N LEU B 55 8.10 -18.72 37.69
CA LEU B 55 9.18 -18.92 38.65
C LEU B 55 8.70 -18.64 40.07
N LEU B 56 7.94 -17.56 40.26
CA LEU B 56 7.41 -17.26 41.58
C LEU B 56 6.45 -18.34 42.03
N LEU B 57 5.62 -18.85 41.11
CA LEU B 57 4.67 -19.90 41.47
C LEU B 57 5.39 -21.17 41.91
N LEU B 58 6.42 -21.57 41.17
CA LEU B 58 7.18 -22.76 41.53
C LEU B 58 8.06 -22.52 42.75
N ALA B 59 8.31 -21.26 43.10
CA ALA B 59 9.10 -20.95 44.29
C ALA B 59 8.37 -21.26 45.59
N SER B 60 7.09 -21.61 45.53
CA SER B 60 6.35 -21.96 46.74
C SER B 60 7.00 -23.16 47.44
N ASP B 61 7.43 -24.15 46.69
CA ASP B 61 8.19 -25.25 47.25
C ASP B 61 9.66 -24.85 47.33
N PRO B 62 10.24 -24.73 48.52
CA PRO B 62 11.61 -24.24 48.65
C PRO B 62 12.71 -25.28 48.56
N GLU B 63 12.40 -26.54 48.24
CA GLU B 63 13.41 -27.58 48.11
C GLU B 63 13.58 -28.10 46.69
N LYS B 64 12.48 -28.30 45.97
CA LYS B 64 12.57 -28.82 44.61
C LYS B 64 13.17 -27.77 43.69
N ASP B 65 14.12 -28.20 42.86
CA ASP B 65 14.79 -27.32 41.92
C ASP B 65 13.90 -27.06 40.71
N ILE B 66 14.25 -26.02 39.95
CA ILE B 66 13.49 -25.60 38.78
C ILE B 66 14.36 -25.77 37.55
N TYR B 67 13.82 -26.44 36.54
CA TYR B 67 14.55 -26.74 35.31
C TYR B 67 14.03 -25.85 34.19
N LEU B 68 14.95 -25.19 33.49
CA LEU B 68 14.60 -24.22 32.47
C LEU B 68 15.31 -24.58 31.17
N TYR B 69 14.55 -24.68 30.09
CA TYR B 69 15.06 -25.06 28.78
C TYR B 69 15.12 -23.83 27.90
N ILE B 70 16.27 -23.61 27.25
CA ILE B 70 16.52 -22.42 26.46
C ILE B 70 16.60 -22.81 25.00
N ASN B 71 15.78 -22.17 24.17
CA ASN B 71 15.95 -22.22 22.71
C ASN B 71 15.39 -20.90 22.17
N SER B 72 16.27 -19.92 22.00
CA SER B 72 15.83 -18.58 21.65
C SER B 72 17.00 -17.82 21.05
N PRO B 73 16.72 -16.90 20.12
CA PRO B 73 17.78 -16.05 19.56
C PRO B 73 18.05 -14.77 20.34
N GLY B 74 17.45 -14.60 21.51
CA GLY B 74 17.67 -13.42 22.32
C GLY B 74 16.52 -12.44 22.22
N GLY B 75 16.66 -11.34 22.95
CA GLY B 75 15.62 -10.33 22.98
C GLY B 75 16.01 -9.05 23.68
N SER B 76 15.07 -8.43 24.37
CA SER B 76 15.32 -7.15 25.02
C SER B 76 16.16 -7.33 26.28
N ILE B 77 16.93 -6.28 26.61
CA ILE B 77 17.84 -6.35 27.75
C ILE B 77 17.06 -6.36 29.06
N THR B 78 16.09 -5.45 29.18
CA THR B 78 15.41 -5.28 30.46
C THR B 78 14.62 -6.52 30.86
N ALA B 79 13.93 -7.14 29.91
CA ALA B 79 13.18 -8.35 30.22
C ALA B 79 14.11 -9.47 30.67
N GLY B 80 15.24 -9.64 29.97
CA GLY B 80 16.21 -10.64 30.37
C GLY B 80 16.76 -10.38 31.76
N MET B 81 16.99 -9.11 32.10
CA MET B 81 17.49 -8.81 33.43
C MET B 81 16.44 -9.04 34.50
N ALA B 82 15.17 -8.79 34.18
CA ALA B 82 14.11 -9.13 35.13
C ALA B 82 14.09 -10.63 35.40
N ILE B 83 14.19 -11.43 34.34
CA ILE B 83 14.23 -12.88 34.51
C ILE B 83 15.45 -13.29 35.31
N TYR B 84 16.60 -12.65 35.05
CA TYR B 84 17.82 -12.99 35.78
C TYR B 84 17.66 -12.69 37.26
N ASP B 85 17.15 -11.50 37.59
CA ASP B 85 17.00 -11.13 38.99
C ASP B 85 16.04 -12.05 39.71
N THR B 86 14.91 -12.39 39.09
CA THR B 86 14.03 -13.33 39.75
C THR B 86 14.60 -14.75 39.77
N MET B 87 15.56 -15.06 38.90
CA MET B 87 16.20 -16.36 38.92
C MET B 87 17.14 -16.51 40.11
N GLN B 88 17.99 -15.52 40.35
CA GLN B 88 18.84 -15.57 41.55
C GLN B 88 18.22 -14.94 42.78
N TYR B 89 16.93 -14.59 42.75
CA TYR B 89 16.31 -14.11 43.98
C TYR B 89 16.00 -15.26 44.94
N ILE B 90 15.58 -16.41 44.41
CA ILE B 90 14.99 -17.46 45.22
C ILE B 90 16.04 -18.49 45.61
N LYS B 91 15.74 -19.25 46.67
CA LYS B 91 16.61 -20.35 47.09
C LYS B 91 16.65 -21.49 46.08
N ASN B 92 15.57 -21.73 45.34
CA ASN B 92 15.50 -22.90 44.49
C ASN B 92 16.58 -22.85 43.41
N ASP B 93 17.33 -23.94 43.30
CA ASP B 93 18.36 -24.02 42.27
C ASP B 93 17.73 -24.12 40.90
N VAL B 94 18.31 -23.40 39.94
CA VAL B 94 17.81 -23.37 38.57
C VAL B 94 18.81 -24.08 37.68
N VAL B 95 18.34 -25.14 37.02
CA VAL B 95 19.16 -25.94 36.13
C VAL B 95 18.78 -25.58 34.69
N THR B 96 19.72 -25.00 33.96
CA THR B 96 19.47 -24.56 32.60
C THR B 96 19.99 -25.60 31.62
N ILE B 97 19.16 -25.94 30.64
CA ILE B 97 19.51 -26.85 29.56
C ILE B 97 19.35 -26.12 28.24
N ALA B 98 20.41 -26.10 27.44
CA ALA B 98 20.39 -25.45 26.14
C ALA B 98 20.10 -26.48 25.06
N MET B 99 19.11 -26.19 24.23
CA MET B 99 18.78 -27.02 23.08
C MET B 99 18.60 -26.13 21.87
N GLY B 100 19.17 -26.55 20.74
CA GLY B 100 19.05 -25.77 19.53
C GLY B 100 19.96 -24.57 19.52
N LEU B 101 19.39 -23.39 19.71
CA LEU B 101 20.15 -22.14 19.66
C LEU B 101 19.97 -21.38 20.96
N ALA B 102 21.07 -20.82 21.47
CA ALA B 102 21.05 -19.97 22.66
C ALA B 102 21.95 -18.78 22.36
N ALA B 103 21.35 -17.63 22.05
CA ALA B 103 22.09 -16.47 21.60
C ALA B 103 21.61 -15.22 22.32
N ALA B 104 22.50 -14.22 22.36
CA ALA B 104 22.24 -12.90 22.93
C ALA B 104 21.80 -13.09 24.38
N MET B 105 20.61 -12.63 24.78
CA MET B 105 20.16 -12.83 26.15
C MET B 105 19.94 -14.30 26.47
N GLY B 106 19.71 -15.13 25.46
CA GLY B 106 19.52 -16.56 25.71
C GLY B 106 20.72 -17.19 26.39
N GLN B 107 21.92 -16.92 25.87
CA GLN B 107 23.11 -17.51 26.49
C GLN B 107 23.38 -16.89 27.84
N PHE B 108 23.02 -15.62 28.04
CA PHE B 108 23.18 -15.01 29.36
C PHE B 108 22.32 -15.72 30.40
N LEU B 109 21.06 -15.98 30.05
CA LEU B 109 20.19 -16.73 30.95
C LEU B 109 20.70 -18.15 31.14
N LEU B 110 21.25 -18.74 30.08
CA LEU B 110 21.81 -20.08 30.16
C LEU B 110 22.95 -20.13 31.17
N SER B 111 23.89 -19.19 31.09
CA SER B 111 25.03 -19.16 32.00
C SER B 111 24.69 -18.58 33.36
N ALA B 112 23.49 -18.04 33.52
CA ALA B 112 23.06 -17.48 34.79
C ALA B 112 22.56 -18.54 35.76
N GLY B 113 22.54 -19.80 35.37
CA GLY B 113 22.02 -20.84 36.24
C GLY B 113 22.93 -21.13 37.42
N THR B 114 22.44 -22.02 38.28
CA THR B 114 23.19 -22.39 39.47
C THR B 114 24.49 -23.07 39.05
N PRO B 115 25.62 -22.73 39.68
CA PRO B 115 26.90 -23.34 39.30
C PRO B 115 26.85 -24.85 39.45
N GLY B 116 27.48 -25.54 38.50
CA GLY B 116 27.47 -26.98 38.47
C GLY B 116 26.21 -27.60 37.92
N LYS B 117 25.26 -26.79 37.46
CA LYS B 117 23.96 -27.28 36.99
C LYS B 117 23.55 -26.58 35.70
N ARG B 118 24.49 -26.46 34.77
CA ARG B 118 24.23 -25.93 33.45
C ARG B 118 24.66 -26.97 32.41
N PHE B 119 23.76 -27.28 31.47
CA PHE B 119 24.05 -28.33 30.51
C PHE B 119 23.57 -27.90 29.12
N ALA B 120 24.17 -28.51 28.11
CA ALA B 120 23.80 -28.26 26.73
C ALA B 120 23.79 -29.58 25.95
N LEU B 121 22.97 -29.63 24.91
CA LEU B 121 22.92 -30.79 24.05
C LEU B 121 24.15 -30.83 23.14
N PRO B 122 24.55 -32.01 22.68
CA PRO B 122 25.82 -32.11 21.93
C PRO B 122 25.86 -31.30 20.65
N ASN B 123 24.72 -31.00 20.05
CA ASN B 123 24.67 -30.26 18.80
C ASN B 123 24.06 -28.87 18.99
N ALA B 124 24.11 -28.36 20.21
CA ALA B 124 23.59 -27.03 20.51
C ALA B 124 24.68 -26.00 20.20
N GLU B 125 24.26 -24.87 19.66
CA GLU B 125 25.16 -23.77 19.33
C GLU B 125 24.88 -22.60 20.26
N ILE B 126 25.94 -22.02 20.83
CA ILE B 126 25.82 -20.90 21.76
C ILE B 126 26.54 -19.70 21.15
N LEU B 127 25.85 -18.57 21.09
CA LEU B 127 26.38 -17.37 20.47
C LEU B 127 26.52 -16.27 21.51
N ILE B 128 27.75 -15.86 21.78
CA ILE B 128 28.01 -14.68 22.60
C ILE B 128 27.87 -13.47 21.70
N HIS B 129 26.96 -12.57 22.07
CA HIS B 129 26.59 -11.42 21.26
C HIS B 129 26.66 -10.16 22.12
N GLN B 130 26.87 -9.05 21.47
CA GLN B 130 27.05 -7.79 22.15
C GLN B 130 25.82 -6.91 21.93
N PRO B 131 25.38 -6.16 22.95
CA PRO B 131 24.11 -5.42 22.83
C PRO B 131 24.11 -4.45 21.67
N SER B 132 22.92 -4.25 21.10
CA SER B 132 22.72 -3.29 20.02
C SER B 132 21.38 -2.60 20.22
N ALA B 133 21.31 -1.33 19.86
CA ALA B 133 20.10 -0.54 20.04
C ALA B 133 20.12 0.63 19.08
N GLY B 134 19.03 1.39 19.06
CA GLY B 134 18.93 2.56 18.22
C GLY B 134 18.54 3.78 19.03
N LEU B 135 19.04 4.93 18.60
CA LEU B 135 18.86 6.18 19.33
C LEU B 135 18.34 7.27 18.40
N ALA B 136 17.63 8.23 18.99
CA ALA B 136 17.04 9.32 18.25
C ALA B 136 16.79 10.48 19.19
N GLY B 137 16.87 11.69 18.66
CA GLY B 137 16.57 12.88 19.43
C GLY B 137 17.64 13.92 19.24
N SER B 138 17.64 14.90 20.14
CA SER B 138 18.62 15.98 20.12
C SER B 138 19.95 15.48 20.66
N ALA B 139 20.95 16.38 20.63
CA ALA B 139 22.30 15.98 21.03
C ALA B 139 22.35 15.54 22.48
N SER B 140 21.68 16.26 23.38
CA SER B 140 21.72 15.91 24.80
C SER B 140 21.07 14.56 25.06
N ASP B 141 19.92 14.30 24.42
CA ASP B 141 19.26 13.02 24.59
C ASP B 141 20.12 11.88 24.07
N ILE B 142 20.73 12.08 22.91
CA ILE B 142 21.63 11.07 22.35
C ILE B 142 22.77 10.80 23.32
N LYS B 143 23.33 11.87 23.90
CA LYS B 143 24.39 11.70 24.89
C LYS B 143 23.92 10.82 26.04
N ILE B 144 22.81 11.21 26.67
CA ILE B 144 22.35 10.54 27.88
C ILE B 144 22.10 9.06 27.60
N HIS B 145 21.42 8.77 26.49
CA HIS B 145 21.19 7.38 26.13
C HIS B 145 22.51 6.66 25.83
N ALA B 146 23.52 7.38 25.34
CA ALA B 146 24.81 6.75 25.09
C ALA B 146 25.47 6.30 26.38
N GLU B 147 25.52 7.17 27.39
CA GLU B 147 26.11 6.70 28.65
C GLU B 147 25.27 5.59 29.27
N ARG B 148 23.94 5.67 29.16
CA ARG B 148 23.13 4.58 29.72
C ARG B 148 23.44 3.26 29.03
N LEU B 149 23.55 3.27 27.71
CA LEU B 149 23.82 2.04 26.97
C LEU B 149 25.22 1.50 27.28
N LEU B 150 26.21 2.39 27.41
CA LEU B 150 27.54 1.94 27.78
C LEU B 150 27.56 1.35 29.19
N HIS B 151 26.79 1.94 30.10
CA HIS B 151 26.69 1.38 31.44
C HIS B 151 26.05 0.00 31.40
N THR B 152 25.03 -0.19 30.57
CA THR B 152 24.45 -1.52 30.40
C THR B 152 25.47 -2.50 29.87
N LYS B 153 26.26 -2.08 28.88
CA LYS B 153 27.36 -2.91 28.38
C LYS B 153 28.29 -3.36 29.50
N LYS B 154 28.76 -2.41 30.30
CA LYS B 154 29.70 -2.74 31.37
C LYS B 154 29.06 -3.66 32.40
N ARG B 155 27.78 -3.41 32.70
CA ARG B 155 27.05 -4.26 33.65
C ARG B 155 27.02 -5.70 33.16
N MET B 156 26.65 -5.89 31.88
CA MET B 156 26.61 -7.23 31.31
C MET B 156 27.97 -7.88 31.33
N ALA B 157 29.01 -7.13 30.94
CA ALA B 157 30.35 -7.70 30.89
C ALA B 157 30.80 -8.17 32.26
N GLU B 158 30.57 -7.35 33.29
CA GLU B 158 30.98 -7.74 34.62
C GLU B 158 30.19 -8.95 35.10
N LEU B 159 28.89 -8.98 34.83
CA LEU B 159 28.07 -10.09 35.29
C LEU B 159 28.49 -11.40 34.64
N THR B 160 28.73 -11.39 33.33
CA THR B 160 29.12 -12.63 32.67
C THR B 160 30.54 -13.03 33.04
N SER B 161 31.43 -12.07 33.31
CA SER B 161 32.76 -12.41 33.80
C SER B 161 32.67 -13.06 35.17
N GLN B 162 31.78 -12.57 36.03
CA GLN B 162 31.60 -13.18 37.34
C GLN B 162 31.04 -14.60 37.21
N HIS B 163 30.08 -14.79 36.30
CA HIS B 163 29.43 -16.09 36.20
C HIS B 163 30.33 -17.14 35.57
N THR B 164 31.01 -16.80 34.47
CA THR B 164 31.80 -17.79 33.76
C THR B 164 33.12 -18.09 34.45
N GLY B 165 33.73 -17.11 35.11
CA GLY B 165 35.03 -17.27 35.71
C GLY B 165 36.17 -16.64 34.94
N GLN B 166 35.93 -16.22 33.70
CA GLN B 166 36.93 -15.48 32.95
C GLN B 166 37.09 -14.08 33.52
N THR B 167 38.27 -13.51 33.27
CA THR B 167 38.53 -12.14 33.73
C THR B 167 37.74 -11.13 32.89
N ILE B 168 37.58 -9.93 33.45
CA ILE B 168 36.69 -8.96 32.84
C ILE B 168 37.20 -8.53 31.48
N GLU B 169 38.50 -8.23 31.37
CA GLU B 169 39.03 -7.77 30.09
C GLU B 169 39.05 -8.90 29.06
N GLN B 170 39.22 -10.14 29.52
CA GLN B 170 39.13 -11.28 28.60
C GLN B 170 37.75 -11.35 27.96
N ILE B 171 36.70 -11.19 28.77
CA ILE B 171 35.35 -11.20 28.23
C ILE B 171 35.14 -9.99 27.31
N THR B 172 35.64 -8.83 27.72
CA THR B 172 35.45 -7.62 26.92
C THR B 172 36.08 -7.78 25.54
N ARG B 173 37.29 -8.31 25.48
CA ARG B 173 37.93 -8.52 24.19
C ARG B 173 37.25 -9.63 23.40
N ASP B 174 36.75 -10.67 24.08
CA ASP B 174 36.08 -11.75 23.37
C ASP B 174 34.72 -11.33 22.84
N SER B 175 34.05 -10.37 23.50
CA SER B 175 32.71 -9.97 23.15
C SER B 175 32.67 -8.79 22.18
N ASP B 176 33.82 -8.37 21.64
CA ASP B 176 33.83 -7.26 20.69
C ASP B 176 33.01 -7.60 19.44
N ARG B 177 33.13 -8.83 18.95
CA ARG B 177 32.33 -9.32 17.85
C ARG B 177 31.52 -10.53 18.33
N ASP B 178 30.62 -10.98 17.47
CA ASP B 178 29.84 -12.17 17.77
C ASP B 178 30.77 -13.39 17.76
N ARG B 179 30.57 -14.29 18.73
CA ARG B 179 31.38 -15.49 18.81
C ARG B 179 30.48 -16.71 18.91
N TRP B 180 30.84 -17.77 18.20
CA TRP B 180 30.09 -19.01 18.18
C TRP B 180 30.80 -20.07 19.00
N PHE B 181 30.02 -20.99 19.56
CA PHE B 181 30.54 -22.05 20.39
C PHE B 181 29.72 -23.31 20.17
N ASP B 182 30.40 -24.46 20.04
CA ASP B 182 29.73 -25.74 20.08
C ASP B 182 29.64 -26.17 21.55
N ALA B 183 29.24 -27.41 21.80
CA ALA B 183 29.05 -27.87 23.17
C ALA B 183 30.38 -27.90 23.93
N PHE B 184 31.40 -28.52 23.35
CA PHE B 184 32.62 -28.80 24.10
C PHE B 184 33.46 -27.54 24.33
N GLU B 185 33.60 -26.70 23.31
CA GLU B 185 34.39 -25.49 23.50
C GLU B 185 33.69 -24.50 24.42
N ALA B 186 32.36 -24.45 24.38
CA ALA B 186 31.63 -23.66 25.37
C ALA B 186 31.81 -24.23 26.77
N LYS B 187 31.84 -25.56 26.89
CA LYS B 187 32.07 -26.18 28.19
C LYS B 187 33.44 -25.79 28.75
N GLU B 188 34.48 -25.88 27.91
CA GLU B 188 35.81 -25.55 28.40
C GLU B 188 36.00 -24.05 28.59
N TYR B 189 35.19 -23.23 27.91
CA TYR B 189 35.26 -21.78 28.09
C TYR B 189 34.65 -21.32 29.40
N GLY B 190 33.91 -22.17 30.10
CA GLY B 190 33.26 -21.81 31.35
C GLY B 190 31.80 -21.45 31.22
N LEU B 191 31.27 -21.36 30.01
CA LEU B 191 29.86 -21.04 29.83
C LEU B 191 28.98 -22.16 30.37
N ILE B 192 29.37 -23.41 30.15
CA ILE B 192 28.55 -24.57 30.50
C ILE B 192 29.36 -25.51 31.38
N ASP B 193 28.70 -26.03 32.43
CA ASP B 193 29.37 -26.93 33.35
C ASP B 193 29.66 -28.29 32.71
N ASP B 194 28.68 -28.86 32.01
CA ASP B 194 28.85 -30.18 31.40
C ASP B 194 27.89 -30.32 30.24
N VAL B 195 28.19 -31.28 29.36
CA VAL B 195 27.43 -31.52 28.15
C VAL B 195 26.68 -32.84 28.29
N MET B 196 25.41 -32.85 27.93
CA MET B 196 24.62 -34.07 27.94
C MET B 196 25.03 -34.97 26.78
N THR B 197 25.09 -36.27 27.04
CA THR B 197 25.44 -37.24 26.02
C THR B 197 24.29 -38.16 25.66
N THR B 198 23.75 -38.90 26.64
CA THR B 198 22.63 -39.79 26.42
C THR B 198 21.68 -39.68 27.62
N ALA B 199 20.60 -40.43 27.56
CA ALA B 199 19.63 -40.44 28.65
C ALA B 199 20.23 -41.06 29.90
N GLY C 22 -3.92 -20.63 27.19
CA GLY C 22 -2.52 -20.48 27.54
C GLY C 22 -2.28 -20.47 29.03
N LEU C 23 -1.01 -20.58 29.42
CA LEU C 23 -0.65 -20.57 30.83
C LEU C 23 -0.98 -19.24 31.50
N GLY C 24 -0.99 -18.16 30.70
CA GLY C 24 -1.04 -16.83 31.28
C GLY C 24 -2.28 -16.59 32.12
N ASP C 25 -3.44 -17.04 31.63
CA ASP C 25 -4.68 -16.74 32.33
C ASP C 25 -4.70 -17.36 33.72
N GLN C 26 -4.44 -18.67 33.82
CA GLN C 26 -4.53 -19.29 35.14
C GLN C 26 -3.35 -18.93 36.03
N VAL C 27 -2.17 -18.67 35.45
CA VAL C 27 -1.07 -18.24 36.31
C VAL C 27 -1.36 -16.87 36.90
N TYR C 28 -1.93 -15.96 36.11
CA TYR C 28 -2.29 -14.65 36.62
C TYR C 28 -3.41 -14.75 37.64
N ASN C 29 -4.38 -15.62 37.41
CA ASN C 29 -5.45 -15.80 38.40
C ASN C 29 -4.90 -16.34 39.71
N ARG C 30 -4.01 -17.32 39.65
CA ARG C 30 -3.46 -17.89 40.87
C ARG C 30 -2.57 -16.89 41.60
N LEU C 31 -1.87 -16.02 40.87
CA LEU C 31 -1.10 -14.97 41.53
C LEU C 31 -2.01 -13.92 42.14
N LEU C 32 -3.08 -13.53 41.43
CA LEU C 32 -4.03 -12.57 41.98
C LEU C 32 -4.71 -13.12 43.23
N ASN C 33 -4.85 -14.45 43.31
CA ASN C 33 -5.37 -15.05 44.53
C ASN C 33 -4.49 -14.76 45.74
N GLU C 34 -3.23 -14.37 45.52
CA GLU C 34 -2.31 -13.99 46.58
C GLU C 34 -2.14 -12.47 46.67
N ARG C 35 -3.09 -11.70 46.13
CA ARG C 35 -3.05 -10.24 46.16
C ARG C 35 -1.82 -9.71 45.43
N ILE C 36 -1.63 -10.19 44.20
CA ILE C 36 -0.51 -9.80 43.35
C ILE C 36 -1.07 -9.21 42.07
N ILE C 37 -0.59 -8.03 41.70
CA ILE C 37 -1.02 -7.36 40.48
C ILE C 37 0.21 -7.02 39.64
N PHE C 38 0.19 -7.43 38.37
CA PHE C 38 1.23 -7.07 37.42
C PHE C 38 0.81 -5.85 36.60
N LEU C 39 1.78 -4.99 36.31
CA LEU C 39 1.63 -3.91 35.35
C LEU C 39 2.79 -4.10 34.37
N GLY C 40 2.58 -4.95 33.37
CA GLY C 40 3.67 -5.36 32.51
C GLY C 40 3.52 -4.95 31.07
N GLN C 41 3.02 -3.73 30.84
CA GLN C 41 2.77 -3.24 29.50
C GLN C 41 2.56 -1.74 29.57
N PRO C 42 2.62 -1.04 28.44
CA PRO C 42 2.38 0.41 28.47
C PRO C 42 1.00 0.73 29.02
N VAL C 43 0.93 1.82 29.77
CA VAL C 43 -0.31 2.18 30.47
C VAL C 43 -1.25 2.88 29.50
N ASP C 44 -2.45 2.33 29.36
CA ASP C 44 -3.51 2.95 28.56
C ASP C 44 -4.83 2.85 29.30
N ASP C 45 -5.93 3.14 28.62
CA ASP C 45 -7.24 3.14 29.27
C ASP C 45 -7.62 1.74 29.73
N ASP C 46 -7.40 0.73 28.88
CA ASP C 46 -7.87 -0.62 29.19
C ASP C 46 -7.15 -1.20 30.40
N ILE C 47 -5.83 -1.16 30.40
CA ILE C 47 -5.09 -1.71 31.52
C ILE C 47 -5.34 -0.91 32.79
N ALA C 48 -5.52 0.41 32.66
CA ALA C 48 -5.85 1.21 33.83
C ALA C 48 -7.19 0.81 34.42
N ASN C 49 -8.18 0.56 33.56
CA ASN C 49 -9.48 0.10 34.05
C ASN C 49 -9.35 -1.25 34.73
N LYS C 50 -8.59 -2.16 34.14
CA LYS C 50 -8.38 -3.47 34.77
C LYS C 50 -7.74 -3.32 36.14
N ILE C 51 -6.72 -2.48 36.26
CA ILE C 51 -6.00 -2.35 37.52
C ILE C 51 -6.88 -1.67 38.56
N THR C 52 -7.65 -0.65 38.16
CA THR C 52 -8.56 -0.01 39.09
C THR C 52 -9.61 -1.00 39.59
N ALA C 53 -10.16 -1.80 38.68
CA ALA C 53 -11.15 -2.80 39.09
C ALA C 53 -10.54 -3.81 40.04
N GLN C 54 -9.33 -4.28 39.77
CA GLN C 54 -8.69 -5.24 40.65
C GLN C 54 -8.40 -4.62 42.01
N LEU C 55 -7.95 -3.37 42.04
CA LEU C 55 -7.70 -2.69 43.31
C LEU C 55 -8.98 -2.56 44.13
N LEU C 56 -10.07 -2.17 43.47
CA LEU C 56 -11.34 -2.05 44.17
C LEU C 56 -11.80 -3.40 44.69
N LEU C 57 -11.62 -4.47 43.89
CA LEU C 57 -12.03 -5.79 44.31
C LEU C 57 -11.23 -6.27 45.51
N LEU C 58 -9.92 -6.06 45.50
CA LEU C 58 -9.09 -6.46 46.62
C LEU C 58 -9.28 -5.54 47.82
N ALA C 59 -9.88 -4.37 47.62
CA ALA C 59 -10.17 -3.46 48.72
C ALA C 59 -11.27 -3.97 49.63
N SER C 60 -11.96 -5.06 49.26
CA SER C 60 -13.01 -5.61 50.11
C SER C 60 -12.47 -5.97 51.48
N ASP C 61 -11.30 -6.59 51.54
CA ASP C 61 -10.64 -6.87 52.81
C ASP C 61 -9.74 -5.70 53.16
N PRO C 62 -10.03 -4.95 54.22
CA PRO C 62 -9.26 -3.74 54.53
C PRO C 62 -8.05 -3.94 55.45
N GLU C 63 -7.61 -5.18 55.71
CA GLU C 63 -6.47 -5.40 56.57
C GLU C 63 -5.32 -6.14 55.88
N LYS C 64 -5.42 -6.39 54.58
CA LYS C 64 -4.36 -7.05 53.83
C LYS C 64 -3.76 -6.10 52.81
N ASP C 65 -2.44 -6.12 52.71
CA ASP C 65 -1.74 -5.26 51.77
C ASP C 65 -1.95 -5.73 50.34
N ILE C 66 -1.76 -4.82 49.40
CA ILE C 66 -1.86 -5.09 47.98
C ILE C 66 -0.50 -4.85 47.36
N TYR C 67 0.00 -5.84 46.61
CA TYR C 67 1.34 -5.80 46.06
C TYR C 67 1.26 -5.59 44.55
N LEU C 68 2.04 -4.64 44.05
CA LEU C 68 2.02 -4.25 42.65
C LEU C 68 3.43 -4.37 42.09
N TYR C 69 3.61 -5.28 41.13
CA TYR C 69 4.87 -5.46 40.43
C TYR C 69 4.82 -4.68 39.13
N ILE C 70 5.77 -3.78 38.94
CA ILE C 70 5.74 -2.83 37.84
C ILE C 70 6.91 -3.12 36.90
N ASN C 71 6.59 -3.37 35.63
CA ASN C 71 7.59 -3.51 34.57
C ASN C 71 6.96 -2.93 33.31
N SER C 72 7.18 -1.63 33.09
CA SER C 72 6.49 -0.94 32.00
C SER C 72 7.29 0.27 31.58
N PRO C 73 7.22 0.68 30.32
CA PRO C 73 7.89 1.90 29.87
C PRO C 73 7.04 3.17 29.99
N GLY C 74 5.87 3.10 30.59
CA GLY C 74 5.02 4.26 30.79
C GLY C 74 3.88 4.29 29.79
N GLY C 75 3.05 5.32 29.93
CA GLY C 75 1.89 5.48 29.06
C GLY C 75 1.20 6.83 29.19
N SER C 76 -0.12 6.83 29.10
CA SER C 76 -0.86 8.08 29.15
C SER C 76 -0.91 8.64 30.57
N ILE C 77 -0.99 9.96 30.66
CA ILE C 77 -1.00 10.61 31.97
C ILE C 77 -2.31 10.34 32.71
N THR C 78 -3.43 10.45 32.00
CA THR C 78 -4.73 10.36 32.66
C THR C 78 -4.97 8.99 33.28
N ALA C 79 -4.64 7.93 32.55
CA ALA C 79 -4.81 6.58 33.10
C ALA C 79 -3.94 6.37 34.32
N GLY C 80 -2.69 6.82 34.27
CA GLY C 80 -1.81 6.71 35.42
C GLY C 80 -2.34 7.48 36.61
N MET C 81 -2.92 8.66 36.36
CA MET C 81 -3.47 9.44 37.47
C MET C 81 -4.70 8.78 38.06
N ALA C 82 -5.50 8.12 37.22
CA ALA C 82 -6.64 7.36 37.74
C ALA C 82 -6.16 6.23 38.65
N ILE C 83 -5.13 5.50 38.20
CA ILE C 83 -4.58 4.43 39.03
C ILE C 83 -4.01 4.99 40.32
N TYR C 84 -3.32 6.13 40.24
CA TYR C 84 -2.75 6.74 41.43
C TYR C 84 -3.83 7.14 42.43
N ASP C 85 -4.92 7.73 41.94
CA ASP C 85 -6.02 8.10 42.82
C ASP C 85 -6.63 6.87 43.46
N THR C 86 -6.78 5.78 42.70
CA THR C 86 -7.31 4.55 43.27
C THR C 86 -6.38 4.02 44.36
N MET C 87 -5.08 4.09 44.12
CA MET C 87 -4.11 3.66 45.14
C MET C 87 -4.24 4.50 46.40
N GLN C 88 -4.37 5.81 46.24
CA GLN C 88 -4.42 6.70 47.40
C GLN C 88 -5.76 6.65 48.12
N TYR C 89 -6.81 6.16 47.46
CA TYR C 89 -8.14 6.23 48.05
C TYR C 89 -8.31 5.22 49.18
N ILE C 90 -7.83 3.99 48.99
CA ILE C 90 -8.14 2.92 49.93
C ILE C 90 -7.17 2.93 51.11
N LYS C 91 -7.61 2.36 52.22
CA LYS C 91 -6.75 2.18 53.39
C LYS C 91 -5.74 1.04 53.23
N ASN C 92 -5.96 0.14 52.28
CA ASN C 92 -5.01 -0.96 52.09
C ASN C 92 -3.67 -0.42 51.63
N ASP C 93 -2.61 -0.80 52.35
CA ASP C 93 -1.27 -0.36 51.98
C ASP C 93 -0.83 -1.06 50.69
N VAL C 94 -0.23 -0.29 49.78
CA VAL C 94 0.21 -0.81 48.50
C VAL C 94 1.72 -0.86 48.50
N VAL C 95 2.27 -2.04 48.25
CA VAL C 95 3.71 -2.26 48.19
C VAL C 95 4.09 -2.41 46.73
N THR C 96 4.90 -1.48 46.23
CA THR C 96 5.30 -1.47 44.83
C THR C 96 6.71 -2.02 44.68
N ILE C 97 6.86 -3.01 43.82
CA ILE C 97 8.16 -3.63 43.53
C ILE C 97 8.46 -3.42 42.05
N ALA C 98 9.64 -2.88 41.77
CA ALA C 98 10.07 -2.63 40.40
C ALA C 98 10.97 -3.76 39.93
N MET C 99 10.64 -4.32 38.77
CA MET C 99 11.48 -5.32 38.12
C MET C 99 11.67 -4.93 36.66
N GLY C 100 12.89 -5.07 36.17
CA GLY C 100 13.16 -4.72 34.80
C GLY C 100 13.25 -3.23 34.58
N LEU C 101 12.22 -2.66 33.96
CA LEU C 101 12.19 -1.25 33.63
C LEU C 101 10.98 -0.58 34.25
N ALA C 102 11.19 0.62 34.81
CA ALA C 102 10.11 1.43 35.36
C ALA C 102 10.35 2.87 34.90
N ALA C 103 9.59 3.30 33.90
CA ALA C 103 9.83 4.59 33.26
C ALA C 103 8.52 5.35 33.09
N ALA C 104 8.65 6.68 33.00
CA ALA C 104 7.53 7.59 32.75
C ALA C 104 6.48 7.37 33.84
N MET C 105 5.24 7.02 33.50
CA MET C 105 4.23 6.76 34.51
C MET C 105 4.60 5.57 35.39
N GLY C 106 5.41 4.65 34.88
CA GLY C 106 5.80 3.49 35.68
C GLY C 106 6.51 3.88 36.95
N GLN C 107 7.50 4.76 36.85
CA GLN C 107 8.23 5.17 38.04
C GLN C 107 7.36 6.03 38.95
N PHE C 108 6.43 6.79 38.37
CA PHE C 108 5.51 7.56 39.19
C PHE C 108 4.65 6.65 40.06
N LEU C 109 4.09 5.60 39.45
CA LEU C 109 3.32 4.63 40.23
C LEU C 109 4.20 3.89 41.22
N LEU C 110 5.45 3.62 40.83
CA LEU C 110 6.40 2.98 41.75
C LEU C 110 6.62 3.81 43.00
N SER C 111 6.86 5.11 42.83
CA SER C 111 7.10 6.00 43.95
C SER C 111 5.81 6.43 44.64
N ALA C 112 4.66 6.09 44.08
CA ALA C 112 3.38 6.44 44.68
C ALA C 112 2.96 5.47 45.77
N GLY C 113 3.75 4.44 46.05
CA GLY C 113 3.37 3.45 47.03
C GLY C 113 3.43 3.98 48.45
N THR C 114 3.00 3.14 49.37
CA THR C 114 2.99 3.51 50.78
C THR C 114 4.40 3.77 51.26
N PRO C 115 4.64 4.83 52.04
CA PRO C 115 5.99 5.12 52.52
C PRO C 115 6.56 3.96 53.32
N GLY C 116 7.84 3.70 53.14
CA GLY C 116 8.50 2.57 53.77
C GLY C 116 8.20 1.23 53.16
N LYS C 117 7.50 1.20 52.02
CA LYS C 117 7.05 -0.06 51.43
C LYS C 117 7.22 -0.02 49.91
N ARG C 118 8.36 0.47 49.44
CA ARG C 118 8.69 0.49 48.03
C ARG C 118 10.03 -0.19 47.82
N PHE C 119 10.10 -1.10 46.86
CA PHE C 119 11.30 -1.89 46.67
C PHE C 119 11.60 -2.07 45.18
N ALA C 120 12.87 -2.34 44.88
CA ALA C 120 13.31 -2.60 43.53
C ALA C 120 14.36 -3.70 43.55
N LEU C 121 14.47 -4.40 42.43
CA LEU C 121 15.47 -5.45 42.28
C LEU C 121 16.84 -4.85 42.01
N PRO C 122 17.92 -5.58 42.30
CA PRO C 122 19.26 -4.99 42.19
C PRO C 122 19.61 -4.47 40.82
N ASN C 123 19.07 -5.07 39.76
CA ASN C 123 19.39 -4.66 38.40
C ASN C 123 18.21 -3.98 37.71
N ALA C 124 17.36 -3.31 38.47
CA ALA C 124 16.24 -2.58 37.90
C ALA C 124 16.66 -1.17 37.53
N GLU C 125 16.11 -0.67 36.43
CA GLU C 125 16.38 0.69 35.96
C GLU C 125 15.15 1.54 36.13
N ILE C 126 15.32 2.73 36.71
CA ILE C 126 14.24 3.68 36.91
C ILE C 126 14.55 4.93 36.10
N LEU C 127 13.63 5.31 35.22
CA LEU C 127 13.84 6.46 34.33
C LEU C 127 12.87 7.56 34.71
N ILE C 128 13.41 8.66 35.22
CA ILE C 128 12.63 9.87 35.45
C ILE C 128 12.47 10.58 34.11
N HIS C 129 11.22 10.73 33.69
CA HIS C 129 10.88 11.21 32.36
C HIS C 129 9.91 12.38 32.48
N GLN C 130 9.97 13.28 31.51
CA GLN C 130 9.09 14.43 31.50
C GLN C 130 7.97 14.23 30.48
N PRO C 131 6.75 14.65 30.79
CA PRO C 131 5.63 14.39 29.87
C PRO C 131 5.87 15.00 28.50
N SER C 132 5.35 14.32 27.47
CA SER C 132 5.41 14.79 26.11
C SER C 132 4.07 14.55 25.44
N ALA C 133 3.73 15.40 24.47
CA ALA C 133 2.43 15.30 23.81
C ALA C 133 2.51 16.04 22.48
N GLY C 134 1.51 15.81 21.65
CA GLY C 134 1.38 16.49 20.37
C GLY C 134 0.10 17.32 20.34
N LEU C 135 0.19 18.48 19.69
CA LEU C 135 -0.91 19.43 19.66
C LEU C 135 -1.26 19.79 18.23
N ALA C 136 -2.52 20.15 18.02
CA ALA C 136 -3.02 20.47 16.71
C ALA C 136 -4.21 21.41 16.84
N GLY C 137 -4.46 22.17 15.78
CA GLY C 137 -5.63 23.02 15.73
C GLY C 137 -5.24 24.46 15.50
N SER C 138 -6.21 25.35 15.71
CA SER C 138 -6.01 26.77 15.48
C SER C 138 -5.15 27.38 16.58
N ALA C 139 -4.79 28.65 16.40
CA ALA C 139 -3.92 29.34 17.34
C ALA C 139 -4.56 29.58 18.68
N SER C 140 -5.88 29.38 18.81
CA SER C 140 -6.55 29.58 20.10
C SER C 140 -6.68 28.27 20.87
N ASP C 141 -7.05 27.18 20.20
CA ASP C 141 -7.12 25.88 20.87
C ASP C 141 -5.74 25.44 21.33
N ILE C 142 -4.71 25.70 20.51
CA ILE C 142 -3.34 25.33 20.86
C ILE C 142 -2.94 26.01 22.15
N LYS C 143 -3.35 27.27 22.33
CA LYS C 143 -3.07 27.97 23.58
C LYS C 143 -3.62 27.19 24.77
N ILE C 144 -4.93 26.90 24.74
CA ILE C 144 -5.58 26.26 25.88
C ILE C 144 -4.94 24.93 26.19
N HIS C 145 -4.67 24.14 25.16
CA HIS C 145 -3.98 22.87 25.40
C HIS C 145 -2.58 23.09 25.97
N ALA C 146 -1.94 24.20 25.60
CA ALA C 146 -0.62 24.48 26.16
C ALA C 146 -0.68 24.75 27.66
N GLU C 147 -1.60 25.62 28.10
CA GLU C 147 -1.67 25.80 29.55
C GLU C 147 -2.14 24.54 30.26
N ARG C 148 -2.99 23.72 29.64
CA ARG C 148 -3.37 22.47 30.28
C ARG C 148 -2.17 21.55 30.45
N LEU C 149 -1.33 21.45 29.42
CA LEU C 149 -0.14 20.62 29.50
C LEU C 149 0.83 21.14 30.57
N LEU C 150 0.98 22.47 30.63
CA LEU C 150 1.86 23.04 31.66
C LEU C 150 1.33 22.78 33.06
N HIS C 151 0.02 22.88 33.24
CA HIS C 151 -0.57 22.57 34.54
C HIS C 151 -0.36 21.12 34.91
N THR C 152 -0.50 20.22 33.94
CA THR C 152 -0.24 18.80 34.20
C THR C 152 1.21 18.59 34.62
N LYS C 153 2.14 19.25 33.92
CA LYS C 153 3.55 19.17 34.30
C LYS C 153 3.76 19.64 35.74
N LYS C 154 3.16 20.77 36.10
CA LYS C 154 3.37 21.31 37.44
C LYS C 154 2.81 20.36 38.49
N ARG C 155 1.63 19.79 38.24
CA ARG C 155 1.07 18.84 39.20
C ARG C 155 1.93 17.60 39.34
N MET C 156 2.44 17.07 38.22
CA MET C 156 3.30 15.89 38.30
C MET C 156 4.55 16.20 39.11
N ALA C 157 5.16 17.36 38.86
CA ALA C 157 6.36 17.74 39.61
C ALA C 157 6.05 17.88 41.10
N GLU C 158 4.94 18.52 41.43
CA GLU C 158 4.60 18.72 42.84
C GLU C 158 4.33 17.39 43.53
N LEU C 159 3.63 16.48 42.87
CA LEU C 159 3.35 15.18 43.47
C LEU C 159 4.63 14.38 43.66
N THR C 160 5.53 14.41 42.68
CA THR C 160 6.80 13.72 42.83
C THR C 160 7.61 14.29 43.99
N SER C 161 7.66 15.62 44.10
CA SER C 161 8.38 16.24 45.20
C SER C 161 7.77 15.87 46.54
N GLN C 162 6.44 15.83 46.62
CA GLN C 162 5.77 15.47 47.86
C GLN C 162 6.07 14.03 48.24
N HIS C 163 6.09 13.12 47.26
CA HIS C 163 6.28 11.71 47.57
C HIS C 163 7.73 11.38 47.90
N THR C 164 8.69 11.96 47.17
CA THR C 164 10.09 11.59 47.36
C THR C 164 10.79 12.39 48.45
N GLY C 165 10.19 13.49 48.90
CA GLY C 165 10.81 14.33 49.91
C GLY C 165 11.75 15.39 49.38
N GLN C 166 12.02 15.40 48.08
CA GLN C 166 12.83 16.45 47.49
C GLN C 166 12.02 17.74 47.37
N THR C 167 12.73 18.85 47.18
CA THR C 167 12.07 20.13 47.02
C THR C 167 11.49 20.27 45.62
N ILE C 168 10.60 21.25 45.46
CA ILE C 168 9.93 21.45 44.18
C ILE C 168 10.94 21.78 43.08
N GLU C 169 11.82 22.75 43.35
CA GLU C 169 12.76 23.19 42.34
C GLU C 169 13.81 22.14 42.02
N GLN C 170 14.19 21.32 43.01
CA GLN C 170 15.14 20.25 42.75
C GLN C 170 14.55 19.23 41.78
N ILE C 171 13.30 18.84 42.00
CA ILE C 171 12.64 17.92 41.08
C ILE C 171 12.47 18.57 39.72
N THR C 172 12.13 19.86 39.68
CA THR C 172 11.94 20.55 38.42
C THR C 172 13.22 20.57 37.60
N ARG C 173 14.34 20.88 38.24
CA ARG C 173 15.61 20.93 37.50
C ARG C 173 16.09 19.54 37.12
N ASP C 174 15.83 18.55 37.97
CA ASP C 174 16.26 17.19 37.65
C ASP C 174 15.40 16.55 36.57
N SER C 175 14.18 17.02 36.37
CA SER C 175 13.27 16.44 35.39
C SER C 175 13.27 17.16 34.05
N ASP C 176 14.18 18.12 33.86
CA ASP C 176 14.24 18.81 32.57
C ASP C 176 14.55 17.84 31.44
N ARG C 177 15.49 16.93 31.66
CA ARG C 177 15.83 15.89 30.72
C ARG C 177 15.59 14.54 31.35
N ASP C 178 15.62 13.50 30.53
CA ASP C 178 15.48 12.15 31.05
C ASP C 178 16.65 11.81 31.95
N ARG C 179 16.38 11.12 33.05
CA ARG C 179 17.42 10.72 33.98
C ARG C 179 17.29 9.25 34.32
N TRP C 180 18.43 8.57 34.43
CA TRP C 180 18.46 7.14 34.71
C TRP C 180 18.96 6.89 36.12
N PHE C 181 18.43 5.83 36.73
CA PHE C 181 18.80 5.45 38.09
C PHE C 181 18.91 3.94 38.18
N ASP C 182 19.97 3.46 38.82
CA ASP C 182 20.00 2.08 39.24
C ASP C 182 19.32 1.96 40.60
N ALA C 183 19.35 0.77 41.19
CA ALA C 183 18.63 0.55 42.44
C ALA C 183 19.17 1.43 43.55
N PHE C 184 20.50 1.48 43.70
CA PHE C 184 21.08 2.13 44.87
C PHE C 184 20.96 3.65 44.80
N GLU C 185 21.23 4.24 43.65
CA GLU C 185 21.12 5.69 43.56
C GLU C 185 19.67 6.15 43.55
N ALA C 186 18.76 5.31 43.07
CA ALA C 186 17.34 5.61 43.23
C ALA C 186 16.93 5.55 44.70
N LYS C 187 17.46 4.59 45.45
CA LYS C 187 17.23 4.56 46.89
C LYS C 187 17.76 5.81 47.55
N GLU C 188 18.96 6.25 47.17
CA GLU C 188 19.54 7.45 47.74
C GLU C 188 18.71 8.68 47.41
N TYR C 189 18.19 8.75 46.18
CA TYR C 189 17.41 9.91 45.76
C TYR C 189 16.14 10.03 46.58
N GLY C 190 15.46 8.92 46.84
CA GLY C 190 14.22 8.95 47.57
C GLY C 190 13.08 8.28 46.83
N LEU C 191 13.34 7.87 45.60
CA LEU C 191 12.31 7.19 44.81
C LEU C 191 11.97 5.83 45.38
N ILE C 192 12.93 5.18 46.06
CA ILE C 192 12.76 3.82 46.54
C ILE C 192 13.16 3.76 48.00
N ASP C 193 12.34 3.09 48.81
CA ASP C 193 12.62 2.96 50.23
C ASP C 193 13.78 2.01 50.51
N ASP C 194 13.81 0.86 49.84
CA ASP C 194 14.86 -0.12 50.06
C ASP C 194 14.97 -1.01 48.84
N VAL C 195 16.14 -1.63 48.69
CA VAL C 195 16.45 -2.48 47.53
C VAL C 195 16.43 -3.93 47.97
N MET C 196 15.78 -4.77 47.19
CA MET C 196 15.77 -6.21 47.49
C MET C 196 17.13 -6.81 47.21
N THR C 197 17.53 -7.75 48.06
CA THR C 197 18.82 -8.43 47.93
C THR C 197 18.65 -9.90 47.59
N THR C 198 17.91 -10.64 48.41
CA THR C 198 17.67 -12.06 48.18
C THR C 198 16.39 -12.44 48.90
N ALA C 199 15.96 -13.67 48.68
CA ALA C 199 14.73 -14.17 49.30
C ALA C 199 14.82 -14.14 50.82
N GLY D 22 -10.59 -15.70 30.14
CA GLY D 22 -9.65 -15.63 31.25
C GLY D 22 -9.84 -14.36 32.08
N LEU D 23 -8.74 -13.88 32.65
CA LEU D 23 -8.78 -12.68 33.47
C LEU D 23 -9.15 -11.46 32.62
N GLY D 24 -9.78 -10.48 33.27
CA GLY D 24 -10.26 -9.30 32.61
C GLY D 24 -11.75 -9.28 32.36
N ASP D 25 -12.44 -10.38 32.64
CA ASP D 25 -13.89 -10.45 32.48
C ASP D 25 -14.61 -10.83 33.75
N GLN D 26 -14.04 -11.71 34.57
CA GLN D 26 -14.69 -12.05 35.83
C GLN D 26 -14.71 -10.88 36.79
N VAL D 27 -13.72 -9.99 36.69
CA VAL D 27 -13.74 -8.78 37.52
C VAL D 27 -14.92 -7.90 37.15
N TYR D 28 -15.18 -7.75 35.85
CA TYR D 28 -16.34 -6.98 35.43
C TYR D 28 -17.64 -7.64 35.87
N ASN D 29 -17.70 -8.97 35.80
CA ASN D 29 -18.89 -9.69 36.27
C ASN D 29 -19.14 -9.43 37.75
N ARG D 30 -18.11 -9.58 38.57
CA ARG D 30 -18.28 -9.43 40.01
C ARG D 30 -18.49 -7.98 40.40
N LEU D 31 -18.02 -7.02 39.59
CA LEU D 31 -18.33 -5.62 39.85
C LEU D 31 -19.78 -5.29 39.46
N LEU D 32 -20.24 -5.84 38.33
CA LEU D 32 -21.63 -5.67 37.95
C LEU D 32 -22.56 -6.31 38.97
N ASN D 33 -22.12 -7.37 39.62
CA ASN D 33 -22.90 -7.96 40.71
C ASN D 33 -23.07 -6.99 41.86
N GLU D 34 -22.25 -5.94 41.93
CA GLU D 34 -22.38 -4.90 42.93
C GLU D 34 -23.03 -3.64 42.39
N ARG D 35 -23.68 -3.73 41.22
CA ARG D 35 -24.36 -2.59 40.59
C ARG D 35 -23.37 -1.48 40.25
N ILE D 36 -22.30 -1.85 39.56
CA ILE D 36 -21.27 -0.90 39.12
C ILE D 36 -21.08 -1.08 37.63
N ILE D 37 -21.12 0.02 36.88
CA ILE D 37 -21.00 -0.01 35.43
C ILE D 37 -19.79 0.82 35.03
N PHE D 38 -18.94 0.23 34.19
CA PHE D 38 -17.75 0.90 33.67
C PHE D 38 -18.01 1.47 32.29
N LEU D 39 -17.49 2.68 32.06
CA LEU D 39 -17.51 3.31 30.74
C LEU D 39 -16.07 3.77 30.48
N GLY D 40 -15.26 2.88 29.95
CA GLY D 40 -13.84 3.15 29.82
C GLY D 40 -13.34 3.28 28.39
N GLN D 41 -14.25 3.49 27.46
CA GLN D 41 -13.91 3.58 26.05
C GLN D 41 -14.73 4.69 25.42
N PRO D 42 -14.33 5.20 24.27
CA PRO D 42 -15.14 6.21 23.57
C PRO D 42 -16.54 5.69 23.29
N VAL D 43 -17.51 6.59 23.41
CA VAL D 43 -18.92 6.20 23.31
C VAL D 43 -19.28 5.99 21.85
N ASP D 44 -19.68 4.77 21.51
CA ASP D 44 -20.18 4.46 20.18
C ASP D 44 -21.49 3.68 20.30
N ASP D 45 -21.99 3.15 19.19
CA ASP D 45 -23.26 2.45 19.21
C ASP D 45 -23.21 1.18 20.05
N ASP D 46 -22.14 0.40 19.91
CA ASP D 46 -22.07 -0.89 20.60
C ASP D 46 -22.04 -0.72 22.11
N ILE D 47 -21.14 0.14 22.60
CA ILE D 47 -21.06 0.34 24.05
C ILE D 47 -22.33 1.01 24.56
N ALA D 48 -22.94 1.88 23.77
CA ALA D 48 -24.19 2.50 24.21
C ALA D 48 -25.29 1.47 24.38
N ASN D 49 -25.42 0.57 23.40
CA ASN D 49 -26.43 -0.48 23.51
C ASN D 49 -26.15 -1.37 24.71
N LYS D 50 -24.88 -1.73 24.92
CA LYS D 50 -24.52 -2.58 26.05
C LYS D 50 -24.86 -1.90 27.37
N ILE D 51 -24.54 -0.62 27.51
CA ILE D 51 -24.80 0.09 28.76
C ILE D 51 -26.29 0.26 28.96
N THR D 52 -27.04 0.52 27.88
CA THR D 52 -28.49 0.61 28.01
C THR D 52 -29.08 -0.70 28.49
N ALA D 53 -28.60 -1.82 27.93
CA ALA D 53 -29.07 -3.12 28.37
C ALA D 53 -28.75 -3.37 29.83
N GLN D 54 -27.53 -3.02 30.25
CA GLN D 54 -27.16 -3.21 31.66
C GLN D 54 -28.02 -2.35 32.57
N LEU D 55 -28.29 -1.10 32.17
CA LEU D 55 -29.12 -0.23 32.99
C LEU D 55 -30.53 -0.78 33.12
N LEU D 56 -31.11 -1.25 32.01
CA LEU D 56 -32.43 -1.85 32.08
C LEU D 56 -32.43 -3.10 32.95
N LEU D 57 -31.36 -3.89 32.86
CA LEU D 57 -31.24 -5.11 33.65
C LEU D 57 -31.21 -4.80 35.14
N LEU D 58 -30.39 -3.82 35.53
CA LEU D 58 -30.32 -3.43 36.93
C LEU D 58 -31.56 -2.68 37.38
N ALA D 59 -32.36 -2.17 36.44
CA ALA D 59 -33.60 -1.50 36.80
C ALA D 59 -34.67 -2.43 37.32
N SER D 60 -34.43 -3.75 37.27
CA SER D 60 -35.41 -4.69 37.79
C SER D 60 -35.69 -4.45 39.26
N ASP D 61 -34.65 -4.17 40.05
CA ASP D 61 -34.82 -3.80 41.44
C ASP D 61 -34.93 -2.27 41.51
N PRO D 62 -36.08 -1.73 41.88
CA PRO D 62 -36.28 -0.27 41.83
C PRO D 62 -35.90 0.49 43.10
N GLU D 63 -35.23 -0.13 44.07
CA GLU D 63 -34.84 0.58 45.28
C GLU D 63 -33.34 0.69 45.49
N LYS D 64 -32.53 -0.02 44.72
CA LYS D 64 -31.08 0.02 44.89
C LYS D 64 -30.46 0.91 43.82
N ASP D 65 -29.55 1.77 44.25
CA ASP D 65 -28.93 2.72 43.35
C ASP D 65 -28.01 2.02 42.36
N ILE D 66 -27.71 2.70 41.26
CA ILE D 66 -26.82 2.19 40.23
C ILE D 66 -25.67 3.16 40.09
N TYR D 67 -24.44 2.64 40.12
CA TYR D 67 -23.24 3.46 40.13
C TYR D 67 -22.53 3.32 38.79
N LEU D 68 -22.19 4.46 38.19
CA LEU D 68 -21.58 4.51 36.87
C LEU D 68 -20.24 5.21 36.98
N TYR D 69 -19.19 4.54 36.52
CA TYR D 69 -17.83 5.08 36.55
C TYR D 69 -17.45 5.54 35.15
N ILE D 70 -17.05 6.79 35.03
CA ILE D 70 -16.79 7.41 33.73
C ILE D 70 -15.30 7.66 33.59
N ASN D 71 -14.72 7.11 32.54
CA ASN D 71 -13.34 7.45 32.14
C ASN D 71 -13.27 7.27 30.62
N SER D 72 -13.50 8.36 29.90
CA SER D 72 -13.64 8.26 28.45
C SER D 72 -13.43 9.64 27.84
N PRO D 73 -12.90 9.72 26.63
CA PRO D 73 -12.79 11.01 25.93
C PRO D 73 -14.01 11.40 25.11
N GLY D 74 -15.15 10.75 25.29
CA GLY D 74 -16.35 11.10 24.55
C GLY D 74 -16.51 10.30 23.28
N GLY D 75 -17.63 10.56 22.61
CA GLY D 75 -17.94 9.84 21.39
C GLY D 75 -19.09 10.46 20.60
N SER D 76 -19.95 9.62 20.04
CA SER D 76 -21.04 10.09 19.21
C SER D 76 -22.14 10.70 20.06
N ILE D 77 -22.87 11.66 19.47
CA ILE D 77 -23.92 12.36 20.20
C ILE D 77 -25.10 11.43 20.47
N THR D 78 -25.53 10.69 19.44
CA THR D 78 -26.76 9.91 19.54
C THR D 78 -26.64 8.80 20.59
N ALA D 79 -25.50 8.11 20.62
CA ALA D 79 -25.30 7.06 21.61
C ALA D 79 -25.35 7.62 23.03
N GLY D 80 -24.67 8.74 23.25
CA GLY D 80 -24.72 9.37 24.55
C GLY D 80 -26.12 9.80 24.93
N MET D 81 -26.90 10.26 23.94
CA MET D 81 -28.27 10.66 24.25
C MET D 81 -29.14 9.46 24.59
N ALA D 82 -28.92 8.33 23.91
CA ALA D 82 -29.64 7.12 24.29
C ALA D 82 -29.34 6.73 25.73
N ILE D 83 -28.06 6.77 26.10
CA ILE D 83 -27.69 6.47 27.48
C ILE D 83 -28.32 7.47 28.45
N TYR D 84 -28.31 8.75 28.09
CA TYR D 84 -28.89 9.77 28.95
C TYR D 84 -30.37 9.52 29.17
N ASP D 85 -31.11 9.25 28.10
CA ASP D 85 -32.54 9.03 28.21
C ASP D 85 -32.84 7.80 29.06
N THR D 86 -32.08 6.72 28.88
CA THR D 86 -32.33 5.56 29.71
C THR D 86 -31.89 5.78 31.16
N MET D 87 -30.98 6.72 31.41
CA MET D 87 -30.65 7.08 32.79
C MET D 87 -31.82 7.77 33.48
N GLN D 88 -32.39 8.81 32.85
CA GLN D 88 -33.53 9.44 33.53
C GLN D 88 -34.87 8.77 33.27
N TYR D 89 -34.92 7.67 32.51
CA TYR D 89 -36.19 6.97 32.40
C TYR D 89 -36.54 6.24 33.70
N ILE D 90 -35.56 5.60 34.32
CA ILE D 90 -35.82 4.65 35.40
C ILE D 90 -35.94 5.37 36.73
N LYS D 91 -36.65 4.74 37.67
CA LYS D 91 -36.78 5.28 39.01
C LYS D 91 -35.46 5.25 39.77
N ASN D 92 -34.62 4.26 39.51
CA ASN D 92 -33.39 4.09 40.29
C ASN D 92 -32.50 5.32 40.18
N ASP D 93 -32.01 5.78 41.33
CA ASP D 93 -31.06 6.88 41.35
C ASP D 93 -29.71 6.40 40.87
N VAL D 94 -29.09 7.17 39.97
CA VAL D 94 -27.80 6.83 39.39
C VAL D 94 -26.75 7.77 39.96
N VAL D 95 -25.63 7.21 40.40
CA VAL D 95 -24.54 7.96 41.00
C VAL D 95 -23.34 7.86 40.07
N THR D 96 -22.86 9.00 39.58
CA THR D 96 -21.75 9.03 38.66
C THR D 96 -20.45 9.38 39.40
N ILE D 97 -19.40 8.62 39.11
CA ILE D 97 -18.06 8.87 39.65
C ILE D 97 -17.10 9.01 38.47
N ALA D 98 -16.35 10.09 38.45
CA ALA D 98 -15.39 10.35 37.38
C ALA D 98 -13.98 10.12 37.90
N MET D 99 -13.23 9.28 37.19
CA MET D 99 -11.80 9.12 37.43
C MET D 99 -11.06 9.24 36.12
N GLY D 100 -9.86 9.81 36.17
CA GLY D 100 -9.08 9.99 34.96
C GLY D 100 -9.56 11.15 34.12
N LEU D 101 -10.22 10.85 33.00
CA LEU D 101 -10.66 11.86 32.06
C LEU D 101 -12.15 11.72 31.80
N ALA D 102 -12.85 12.85 31.77
CA ALA D 102 -14.28 12.88 31.44
C ALA D 102 -14.46 14.07 30.48
N ALA D 103 -14.58 13.78 29.20
CA ALA D 103 -14.58 14.81 28.17
C ALA D 103 -15.71 14.58 27.18
N ALA D 104 -16.18 15.68 26.58
CA ALA D 104 -17.18 15.68 25.51
C ALA D 104 -18.43 14.97 26.04
N MET D 105 -18.86 13.86 25.44
CA MET D 105 -20.03 13.16 25.94
C MET D 105 -19.80 12.63 27.36
N GLY D 106 -18.54 12.35 27.71
CA GLY D 106 -18.25 11.82 29.03
C GLY D 106 -18.68 12.74 30.14
N GLN D 107 -18.33 14.03 30.03
CA GLN D 107 -18.73 14.97 31.07
C GLN D 107 -20.22 15.20 31.07
N PHE D 108 -20.86 15.11 29.90
CA PHE D 108 -22.32 15.24 29.84
C PHE D 108 -22.98 14.12 30.63
N LEU D 109 -22.54 12.88 30.41
CA LEU D 109 -23.08 11.77 31.20
C LEU D 109 -22.73 11.93 32.67
N LEU D 110 -21.54 12.43 32.97
CA LEU D 110 -21.15 12.65 34.36
C LEU D 110 -22.08 13.62 35.06
N SER D 111 -22.38 14.75 34.41
CA SER D 111 -23.26 15.75 35.00
C SER D 111 -24.73 15.38 34.86
N ALA D 112 -25.05 14.33 34.12
CA ALA D 112 -26.42 13.89 33.95
C ALA D 112 -26.93 13.05 35.11
N GLY D 113 -26.09 12.81 36.12
CA GLY D 113 -26.48 11.96 37.23
C GLY D 113 -27.51 12.62 38.13
N THR D 114 -27.98 11.84 39.09
CA THR D 114 -28.97 12.33 40.04
C THR D 114 -28.38 13.48 40.86
N PRO D 115 -29.13 14.57 41.07
CA PRO D 115 -28.58 15.69 41.83
C PRO D 115 -28.16 15.28 43.22
N GLY D 116 -27.02 15.82 43.67
CA GLY D 116 -26.46 15.47 44.95
C GLY D 116 -25.67 14.17 44.95
N LYS D 117 -25.52 13.51 43.81
CA LYS D 117 -24.87 12.21 43.75
C LYS D 117 -23.93 12.14 42.55
N ARG D 118 -23.14 13.19 42.32
CA ARG D 118 -22.10 13.20 41.32
C ARG D 118 -20.77 13.51 42.00
N PHE D 119 -19.74 12.70 41.72
CA PHE D 119 -18.47 12.86 42.39
C PHE D 119 -17.32 12.64 41.42
N ALA D 120 -16.18 13.22 41.77
CA ALA D 120 -14.95 13.06 40.99
C ALA D 120 -13.78 12.87 41.94
N LEU D 121 -12.75 12.21 41.44
CA LEU D 121 -11.53 12.02 42.20
C LEU D 121 -10.68 13.29 42.16
N PRO D 122 -9.82 13.51 43.16
CA PRO D 122 -9.13 14.80 43.26
C PRO D 122 -8.28 15.15 42.05
N ASN D 123 -7.71 14.17 41.37
CA ASN D 123 -6.86 14.43 40.22
C ASN D 123 -7.58 14.24 38.89
N ALA D 124 -8.89 14.02 38.91
CA ALA D 124 -9.63 13.88 37.67
C ALA D 124 -9.74 15.21 36.94
N GLU D 125 -9.84 15.13 35.62
CA GLU D 125 -9.96 16.31 34.77
C GLU D 125 -11.26 16.22 33.97
N ILE D 126 -11.97 17.35 33.88
CA ILE D 126 -13.24 17.42 33.16
C ILE D 126 -13.09 18.42 32.03
N LEU D 127 -13.43 18.01 30.81
CA LEU D 127 -13.29 18.86 29.64
C LEU D 127 -14.67 19.16 29.06
N ILE D 128 -15.05 20.42 29.06
CA ILE D 128 -16.27 20.86 28.38
C ILE D 128 -15.91 21.12 26.92
N HIS D 129 -16.54 20.37 26.03
CA HIS D 129 -16.20 20.36 24.61
C HIS D 129 -17.47 20.59 23.80
N GLN D 130 -17.36 21.39 22.79
CA GLN D 130 -18.50 21.70 21.93
C GLN D 130 -18.56 20.68 20.80
N PRO D 131 -19.77 20.22 20.44
CA PRO D 131 -19.88 19.16 19.42
C PRO D 131 -19.27 19.57 18.08
N SER D 132 -18.71 18.58 17.39
CA SER D 132 -18.11 18.78 16.08
C SER D 132 -18.49 17.61 15.17
N ALA D 133 -18.54 17.89 13.88
CA ALA D 133 -18.92 16.89 12.88
C ALA D 133 -18.47 17.37 11.50
N GLY D 134 -18.70 16.52 10.51
CA GLY D 134 -18.38 16.85 9.13
C GLY D 134 -19.53 16.54 8.19
N LEU D 135 -19.69 17.36 7.14
CA LEU D 135 -20.81 17.23 6.23
C LEU D 135 -20.32 17.17 4.79
N ALA D 136 -21.17 16.61 3.94
CA ALA D 136 -20.86 16.51 2.52
C ALA D 136 -22.17 16.43 1.74
N GLY D 137 -22.08 16.75 0.45
CA GLY D 137 -23.21 16.63 -0.45
C GLY D 137 -23.50 17.95 -1.13
N SER D 138 -24.71 18.05 -1.68
CA SER D 138 -25.12 19.23 -2.41
C SER D 138 -25.44 20.36 -1.43
N ALA D 139 -25.86 21.51 -1.97
CA ALA D 139 -26.14 22.66 -1.14
C ALA D 139 -27.32 22.41 -0.20
N SER D 140 -28.39 21.79 -0.71
CA SER D 140 -29.57 21.59 0.12
C SER D 140 -29.31 20.59 1.24
N ASP D 141 -28.62 19.50 0.94
CA ASP D 141 -28.30 18.51 1.97
C ASP D 141 -27.41 19.12 3.04
N ILE D 142 -26.40 19.87 2.62
CA ILE D 142 -25.52 20.53 3.57
C ILE D 142 -26.31 21.50 4.43
N LYS D 143 -27.24 22.24 3.82
CA LYS D 143 -28.11 23.13 4.59
C LYS D 143 -28.85 22.35 5.67
N ILE D 144 -29.55 21.29 5.28
CA ILE D 144 -30.40 20.56 6.21
C ILE D 144 -29.57 20.03 7.37
N HIS D 145 -28.41 19.43 7.05
CA HIS D 145 -27.56 18.94 8.12
C HIS D 145 -27.03 20.08 8.98
N ALA D 146 -26.89 21.28 8.41
CA ALA D 146 -26.45 22.41 9.20
C ALA D 146 -27.49 22.80 10.25
N GLU D 147 -28.76 22.93 9.84
CA GLU D 147 -29.75 23.23 10.88
C GLU D 147 -29.89 22.09 11.87
N ARG D 148 -29.70 20.84 11.43
CA ARG D 148 -29.76 19.75 12.40
C ARG D 148 -28.65 19.86 13.43
N LEU D 149 -27.43 20.16 12.98
CA LEU D 149 -26.32 20.32 13.91
C LEU D 149 -26.54 21.49 14.85
N LEU D 150 -27.08 22.60 14.33
CA LEU D 150 -27.36 23.74 15.20
C LEU D 150 -28.41 23.39 16.24
N HIS D 151 -29.44 22.64 15.83
CA HIS D 151 -30.46 22.21 16.79
C HIS D 151 -29.85 21.32 17.86
N THR D 152 -28.94 20.42 17.47
CA THR D 152 -28.27 19.58 18.45
C THR D 152 -27.44 20.43 19.42
N LYS D 153 -26.74 21.44 18.90
CA LYS D 153 -25.99 22.37 19.74
C LYS D 153 -26.90 23.02 20.77
N LYS D 154 -28.03 23.56 20.32
CA LYS D 154 -28.95 24.23 21.24
C LYS D 154 -29.50 23.26 22.27
N ARG D 155 -29.84 22.05 21.83
CA ARG D 155 -30.37 21.03 22.73
C ARG D 155 -29.36 20.73 23.84
N MET D 156 -28.09 20.52 23.46
CA MET D 156 -27.06 20.21 24.43
C MET D 156 -26.85 21.36 25.40
N ALA D 157 -26.81 22.59 24.88
CA ALA D 157 -26.60 23.75 25.75
C ALA D 157 -27.73 23.87 26.75
N GLU D 158 -28.97 23.71 26.30
CA GLU D 158 -30.10 23.84 27.23
C GLU D 158 -30.06 22.73 28.28
N LEU D 159 -29.75 21.50 27.89
CA LEU D 159 -29.70 20.41 28.86
C LEU D 159 -28.61 20.64 29.88
N THR D 160 -27.42 21.07 29.43
CA THR D 160 -26.33 21.33 30.35
C THR D 160 -26.69 22.45 31.32
N SER D 161 -27.30 23.52 30.82
CA SER D 161 -27.70 24.61 31.69
C SER D 161 -28.74 24.15 32.71
N GLN D 162 -29.67 23.31 32.28
CA GLN D 162 -30.69 22.80 33.19
C GLN D 162 -30.06 21.94 34.28
N HIS D 163 -29.08 21.11 33.92
CA HIS D 163 -28.50 20.19 34.89
C HIS D 163 -27.57 20.91 35.86
N THR D 164 -26.74 21.82 35.37
CA THR D 164 -25.72 22.44 36.21
C THR D 164 -26.23 23.66 36.98
N GLY D 165 -27.40 24.19 36.64
CA GLY D 165 -27.91 25.37 37.30
C GLY D 165 -27.39 26.68 36.73
N GLN D 166 -26.52 26.65 35.74
CA GLN D 166 -26.07 27.86 35.08
C GLN D 166 -27.13 28.35 34.10
N THR D 167 -27.00 29.61 33.70
CA THR D 167 -27.93 30.17 32.73
C THR D 167 -27.56 29.71 31.31
N ILE D 168 -28.51 29.91 30.39
CA ILE D 168 -28.27 29.52 29.00
C ILE D 168 -27.11 30.31 28.42
N GLU D 169 -27.09 31.62 28.65
CA GLU D 169 -26.04 32.47 28.09
C GLU D 169 -24.67 32.09 28.65
N GLN D 170 -24.60 31.83 29.96
CA GLN D 170 -23.32 31.49 30.57
C GLN D 170 -22.77 30.21 29.98
N ILE D 171 -23.61 29.18 29.83
CA ILE D 171 -23.16 27.92 29.29
C ILE D 171 -22.75 28.07 27.82
N THR D 172 -23.57 28.78 27.04
CA THR D 172 -23.28 28.89 25.62
C THR D 172 -22.05 29.75 25.36
N ARG D 173 -21.71 30.67 26.28
CA ARG D 173 -20.50 31.45 26.11
C ARG D 173 -19.27 30.70 26.61
N ASP D 174 -19.42 29.92 27.68
CA ASP D 174 -18.29 29.13 28.18
C ASP D 174 -17.97 27.96 27.27
N SER D 175 -18.92 27.49 26.48
CA SER D 175 -18.72 26.32 25.64
C SER D 175 -18.27 26.66 24.23
N ASP D 176 -17.99 27.94 23.95
CA ASP D 176 -17.52 28.32 22.61
C ASP D 176 -16.21 27.61 22.28
N ARG D 177 -15.29 27.56 23.23
CA ARG D 177 -14.04 26.83 23.10
C ARG D 177 -14.00 25.72 24.14
N ASP D 178 -13.02 24.83 24.01
CA ASP D 178 -12.83 23.78 24.99
C ASP D 178 -12.40 24.39 26.31
N ARG D 179 -12.93 23.86 27.41
CA ARG D 179 -12.56 24.33 28.74
C ARG D 179 -12.16 23.17 29.62
N TRP D 180 -11.17 23.38 30.47
CA TRP D 180 -10.67 22.37 31.38
C TRP D 180 -11.04 22.71 32.81
N PHE D 181 -11.31 21.68 33.61
CA PHE D 181 -11.75 21.84 34.99
C PHE D 181 -11.07 20.80 35.85
N ASP D 182 -10.55 21.24 37.00
CA ASP D 182 -10.13 20.35 38.06
C ASP D 182 -11.35 19.90 38.86
N ALA D 183 -11.12 19.12 39.90
CA ALA D 183 -12.23 18.67 40.74
C ALA D 183 -12.90 19.85 41.43
N PHE D 184 -12.10 20.75 42.00
CA PHE D 184 -12.68 21.86 42.75
C PHE D 184 -13.32 22.89 41.83
N GLU D 185 -12.70 23.14 40.67
CA GLU D 185 -13.31 24.04 39.70
C GLU D 185 -14.65 23.49 39.20
N ALA D 186 -14.70 22.18 38.95
CA ALA D 186 -15.96 21.56 38.55
C ALA D 186 -17.00 21.65 39.65
N LYS D 187 -16.58 21.44 40.90
CA LYS D 187 -17.52 21.58 42.01
C LYS D 187 -18.07 23.00 42.09
N GLU D 188 -17.21 24.00 41.97
CA GLU D 188 -17.67 25.38 42.04
C GLU D 188 -18.59 25.72 40.88
N TYR D 189 -18.25 25.25 39.67
CA TYR D 189 -19.05 25.56 38.49
C TYR D 189 -20.45 24.96 38.60
N GLY D 190 -20.55 23.73 39.10
CA GLY D 190 -21.82 23.03 39.18
C GLY D 190 -21.84 21.70 38.47
N LEU D 191 -20.76 21.32 37.77
CA LEU D 191 -20.74 20.03 37.08
C LEU D 191 -20.72 18.87 38.06
N ILE D 192 -20.16 19.07 39.25
CA ILE D 192 -19.97 18.01 40.24
C ILE D 192 -20.52 18.47 41.57
N ASP D 193 -21.30 17.60 42.23
CA ASP D 193 -21.87 17.95 43.52
C ASP D 193 -20.80 18.02 44.60
N ASP D 194 -19.91 17.04 44.65
CA ASP D 194 -18.88 17.01 45.68
C ASP D 194 -17.72 16.17 45.21
N VAL D 195 -16.55 16.40 45.80
CA VAL D 195 -15.32 15.68 45.48
C VAL D 195 -14.91 14.88 46.70
N MET D 196 -14.59 13.60 46.47
CA MET D 196 -14.15 12.74 47.55
C MET D 196 -12.63 12.75 47.67
N THR D 197 -12.15 12.50 48.88
CA THR D 197 -10.72 12.50 49.17
C THR D 197 -10.21 11.12 49.53
N THR D 198 -10.79 10.49 50.55
CA THR D 198 -10.42 9.14 50.96
C THR D 198 -11.68 8.35 51.25
N ALA D 199 -11.52 7.04 51.42
CA ALA D 199 -12.65 6.17 51.74
C ALA D 199 -13.21 6.49 53.11
N GLY E 22 -17.97 -11.71 27.26
CA GLY E 22 -19.04 -12.53 27.78
C GLY E 22 -20.19 -11.71 28.35
N LEU E 23 -19.91 -10.43 28.65
CA LEU E 23 -20.94 -9.56 29.20
C LEU E 23 -22.07 -9.33 28.19
N GLY E 24 -21.70 -8.98 26.96
CA GLY E 24 -22.71 -8.65 25.97
C GLY E 24 -23.62 -9.82 25.65
N ASP E 25 -23.02 -11.00 25.46
CA ASP E 25 -23.83 -12.19 25.17
C ASP E 25 -24.75 -12.50 26.34
N GLN E 26 -24.25 -12.40 27.57
CA GLN E 26 -25.06 -12.70 28.74
C GLN E 26 -26.25 -11.75 28.85
N VAL E 27 -26.00 -10.44 28.71
CA VAL E 27 -27.08 -9.48 28.86
C VAL E 27 -28.08 -9.61 27.72
N TYR E 28 -27.59 -9.87 26.50
CA TYR E 28 -28.50 -10.03 25.37
C TYR E 28 -29.37 -11.28 25.55
N ASN E 29 -28.79 -12.37 26.05
CA ASN E 29 -29.58 -13.57 26.31
C ASN E 29 -30.64 -13.31 27.37
N ARG E 30 -30.25 -12.67 28.47
CA ARG E 30 -31.21 -12.51 29.56
C ARG E 30 -32.27 -11.47 29.20
N LEU E 31 -31.96 -10.56 28.28
CA LEU E 31 -33.01 -9.67 27.77
C LEU E 31 -33.91 -10.38 26.77
N LEU E 32 -33.34 -11.23 25.91
CA LEU E 32 -34.15 -11.99 24.97
C LEU E 32 -35.11 -12.93 25.70
N ASN E 33 -34.72 -13.40 26.88
CA ASN E 33 -35.64 -14.19 27.68
C ASN E 33 -36.86 -13.38 28.10
N GLU E 34 -36.80 -12.06 27.99
CA GLU E 34 -37.94 -11.19 28.28
C GLU E 34 -38.62 -10.70 27.00
N ARG E 35 -38.38 -11.35 25.87
CA ARG E 35 -38.99 -11.01 24.58
C ARG E 35 -38.63 -9.58 24.17
N ILE E 36 -37.33 -9.27 24.25
CA ILE E 36 -36.81 -7.97 23.85
C ILE E 36 -35.72 -8.20 22.81
N ILE E 37 -35.82 -7.49 21.69
CA ILE E 37 -34.89 -7.65 20.57
C ILE E 37 -34.22 -6.31 20.30
N PHE E 38 -32.90 -6.32 20.18
CA PHE E 38 -32.13 -5.14 19.83
C PHE E 38 -31.79 -5.12 18.35
N LEU E 39 -31.87 -3.94 17.75
CA LEU E 39 -31.38 -3.68 16.39
C LEU E 39 -30.47 -2.48 16.54
N GLY E 40 -29.20 -2.73 16.89
CA GLY E 40 -28.30 -1.64 17.21
C GLY E 40 -27.10 -1.54 16.28
N GLN E 41 -27.33 -1.74 14.98
CA GLN E 41 -26.27 -1.70 14.01
C GLN E 41 -26.90 -1.57 12.63
N PRO E 42 -26.12 -1.21 11.61
CA PRO E 42 -26.68 -1.11 10.26
C PRO E 42 -27.27 -2.43 9.81
N VAL E 43 -28.37 -2.35 9.06
CA VAL E 43 -29.13 -3.54 8.67
C VAL E 43 -28.46 -4.16 7.45
N ASP E 44 -27.98 -5.39 7.61
CA ASP E 44 -27.43 -6.16 6.50
C ASP E 44 -28.06 -7.55 6.49
N ASP E 45 -27.50 -8.45 5.68
CA ASP E 45 -28.08 -9.79 5.57
C ASP E 45 -27.99 -10.56 6.88
N ASP E 46 -26.84 -10.49 7.55
CA ASP E 46 -26.63 -11.30 8.75
C ASP E 46 -27.57 -10.90 9.88
N ILE E 47 -27.62 -9.60 10.19
CA ILE E 47 -28.48 -9.15 11.26
C ILE E 47 -29.94 -9.35 10.89
N ALA E 48 -30.29 -9.21 9.61
CA ALA E 48 -31.67 -9.48 9.20
C ALA E 48 -32.04 -10.93 9.42
N ASN E 49 -31.13 -11.85 9.09
CA ASN E 49 -31.40 -13.27 9.33
C ASN E 49 -31.53 -13.54 10.82
N LYS E 50 -30.69 -12.92 11.65
CA LYS E 50 -30.80 -13.10 13.09
C LYS E 50 -32.14 -12.60 13.62
N ILE E 51 -32.57 -11.41 13.16
CA ILE E 51 -33.84 -10.87 13.62
C ILE E 51 -34.99 -11.75 13.17
N THR E 52 -34.94 -12.25 11.94
CA THR E 52 -35.99 -13.13 11.45
C THR E 52 -36.05 -14.41 12.27
N ALA E 53 -34.89 -15.00 12.57
CA ALA E 53 -34.86 -16.21 13.37
C ALA E 53 -35.42 -15.97 14.77
N GLN E 54 -35.02 -14.85 15.39
CA GLN E 54 -35.52 -14.56 16.73
C GLN E 54 -37.02 -14.30 16.72
N LEU E 55 -37.53 -13.61 15.70
CA LEU E 55 -38.97 -13.37 15.61
C LEU E 55 -39.71 -14.68 15.45
N LEU E 56 -39.22 -15.57 14.59
CA LEU E 56 -39.87 -16.87 14.43
C LEU E 56 -39.83 -17.67 15.73
N LEU E 57 -38.70 -17.60 16.44
CA LEU E 57 -38.58 -18.34 17.70
C LEU E 57 -39.56 -17.84 18.74
N LEU E 58 -39.67 -16.51 18.87
CA LEU E 58 -40.61 -15.95 19.83
C LEU E 58 -42.05 -16.09 19.37
N ALA E 59 -42.27 -16.35 18.09
CA ALA E 59 -43.62 -16.58 17.60
C ALA E 59 -44.22 -17.90 18.05
N SER E 60 -43.47 -18.71 18.81
CA SER E 60 -44.01 -19.97 19.31
C SER E 60 -45.22 -19.72 20.21
N ASP E 61 -45.14 -18.73 21.09
CA ASP E 61 -46.28 -18.35 21.90
C ASP E 61 -47.13 -17.34 21.14
N PRO E 62 -48.37 -17.66 20.80
CA PRO E 62 -49.18 -16.74 20.00
C PRO E 62 -49.94 -15.70 20.82
N GLU E 63 -49.60 -15.52 22.09
CA GLU E 63 -50.29 -14.55 22.93
C GLU E 63 -49.40 -13.44 23.47
N LYS E 64 -48.10 -13.69 23.66
CA LYS E 64 -47.21 -12.69 24.21
C LYS E 64 -46.65 -11.81 23.10
N ASP E 65 -46.76 -10.50 23.28
CA ASP E 65 -46.23 -9.56 22.31
C ASP E 65 -44.71 -9.55 22.34
N ILE E 66 -44.12 -9.01 21.26
CA ILE E 66 -42.68 -8.96 21.10
C ILE E 66 -42.26 -7.50 21.02
N TYR E 67 -41.27 -7.12 21.81
CA TYR E 67 -40.81 -5.75 21.91
C TYR E 67 -39.48 -5.63 21.18
N LEU E 68 -39.37 -4.63 20.31
CA LEU E 68 -38.21 -4.47 19.45
C LEU E 68 -37.68 -3.06 19.61
N TYR E 69 -36.39 -2.94 19.95
CA TYR E 69 -35.73 -1.66 20.22
C TYR E 69 -34.81 -1.34 19.06
N ILE E 70 -34.89 -0.10 18.57
CA ILE E 70 -34.15 0.31 17.38
C ILE E 70 -33.18 1.42 17.75
N ASN E 71 -31.91 1.20 17.46
CA ASN E 71 -30.89 2.26 17.45
C ASN E 71 -29.99 1.95 16.25
N SER E 72 -30.37 2.44 15.08
CA SER E 72 -29.67 2.07 13.85
C SER E 72 -29.60 3.27 12.92
N PRO E 73 -28.54 3.35 12.11
CA PRO E 73 -28.42 4.42 11.11
C PRO E 73 -28.96 4.08 9.74
N GLY E 74 -29.45 2.86 9.53
CA GLY E 74 -29.96 2.47 8.23
C GLY E 74 -29.54 1.08 7.82
N GLY E 75 -29.46 0.83 6.52
CA GLY E 75 -29.05 -0.48 6.05
C GLY E 75 -29.56 -0.72 4.64
N SER E 76 -29.54 -2.00 4.25
CA SER E 76 -29.99 -2.39 2.93
C SER E 76 -31.51 -2.43 2.86
N ILE E 77 -32.02 -2.56 1.63
CA ILE E 77 -33.45 -2.55 1.40
C ILE E 77 -34.06 -3.94 1.54
N THR E 78 -33.45 -4.93 0.89
CA THR E 78 -34.03 -6.27 0.88
C THR E 78 -34.07 -6.88 2.28
N ALA E 79 -33.00 -6.69 3.05
CA ALA E 79 -32.98 -7.20 4.42
C ALA E 79 -34.07 -6.55 5.27
N GLY E 80 -34.21 -5.23 5.15
CA GLY E 80 -35.26 -4.55 5.87
C GLY E 80 -36.64 -5.04 5.49
N MET E 81 -36.85 -5.30 4.20
CA MET E 81 -38.15 -5.81 3.78
C MET E 81 -38.39 -7.23 4.26
N ALA E 82 -37.34 -8.04 4.35
CA ALA E 82 -37.48 -9.36 4.94
C ALA E 82 -37.94 -9.25 6.40
N ILE E 83 -37.30 -8.36 7.16
CA ILE E 83 -37.68 -8.17 8.55
C ILE E 83 -39.12 -7.66 8.64
N TYR E 84 -39.49 -6.72 7.77
CA TYR E 84 -40.84 -6.18 7.78
C TYR E 84 -41.88 -7.25 7.48
N ASP E 85 -41.60 -8.10 6.49
CA ASP E 85 -42.52 -9.17 6.17
C ASP E 85 -42.65 -10.16 7.31
N THR E 86 -41.54 -10.47 7.98
CA THR E 86 -41.61 -11.35 9.14
C THR E 86 -42.44 -10.74 10.25
N MET E 87 -42.28 -9.44 10.48
CA MET E 87 -43.07 -8.77 11.50
C MET E 87 -44.55 -8.80 11.16
N GLN E 88 -44.88 -8.57 9.89
CA GLN E 88 -46.29 -8.54 9.50
C GLN E 88 -46.91 -9.92 9.48
N TYR E 89 -46.11 -10.96 9.25
CA TYR E 89 -46.67 -12.30 9.11
C TYR E 89 -47.20 -12.84 10.43
N ILE E 90 -46.42 -12.71 11.50
CA ILE E 90 -46.76 -13.36 12.76
C ILE E 90 -47.98 -12.69 13.38
N LYS E 91 -48.72 -13.46 14.18
CA LYS E 91 -49.91 -12.95 14.85
C LYS E 91 -49.58 -12.16 16.11
N ASN E 92 -48.35 -12.27 16.61
CA ASN E 92 -47.97 -11.54 17.81
C ASN E 92 -47.79 -10.06 17.51
N ASP E 93 -48.35 -9.22 18.36
CA ASP E 93 -48.18 -7.78 18.21
C ASP E 93 -46.73 -7.39 18.46
N VAL E 94 -46.20 -6.51 17.63
CA VAL E 94 -44.82 -6.05 17.75
C VAL E 94 -44.84 -4.60 18.23
N VAL E 95 -44.30 -4.38 19.42
CA VAL E 95 -44.22 -3.05 20.01
C VAL E 95 -42.81 -2.53 19.77
N THR E 96 -42.71 -1.40 19.07
CA THR E 96 -41.43 -0.84 18.66
C THR E 96 -41.10 0.35 19.54
N ILE E 97 -39.86 0.39 20.02
CA ILE E 97 -39.33 1.52 20.78
C ILE E 97 -38.07 2.01 20.11
N ALA E 98 -38.00 3.31 19.87
CA ALA E 98 -36.84 3.93 19.24
C ALA E 98 -36.08 4.77 20.26
N MET E 99 -34.79 4.50 20.40
CA MET E 99 -33.90 5.32 21.21
C MET E 99 -32.66 5.66 20.41
N GLY E 100 -32.13 6.85 20.64
CA GLY E 100 -30.96 7.29 19.92
C GLY E 100 -31.28 7.77 18.52
N LEU E 101 -30.95 6.96 17.52
CA LEU E 101 -31.14 7.32 16.13
C LEU E 101 -31.91 6.22 15.40
N ALA E 102 -32.86 6.63 14.57
CA ALA E 102 -33.64 5.71 13.76
C ALA E 102 -33.76 6.34 12.38
N ALA E 103 -32.98 5.84 11.42
CA ALA E 103 -32.88 6.45 10.11
C ALA E 103 -32.97 5.40 9.02
N ALA E 104 -33.42 5.84 7.84
CA ALA E 104 -33.50 5.01 6.63
C ALA E 104 -34.34 3.78 6.94
N MET E 105 -33.81 2.56 6.83
CA MET E 105 -34.60 1.38 7.16
C MET E 105 -35.02 1.37 8.62
N GLY E 106 -34.24 2.01 9.48
CA GLY E 106 -34.57 2.02 10.89
C GLY E 106 -35.92 2.66 11.18
N GLN E 107 -36.17 3.83 10.60
CA GLN E 107 -37.45 4.48 10.84
C GLN E 107 -38.59 3.73 10.16
N PHE E 108 -38.32 3.08 9.03
CA PHE E 108 -39.34 2.28 8.38
C PHE E 108 -39.78 1.13 9.28
N LEU E 109 -38.81 0.42 9.86
CA LEU E 109 -39.16 -0.64 10.80
C LEU E 109 -39.83 -0.08 12.05
N LEU E 110 -39.40 1.09 12.51
CA LEU E 110 -40.00 1.69 13.69
C LEU E 110 -41.47 2.02 13.45
N SER E 111 -41.79 2.58 12.29
CA SER E 111 -43.17 2.90 11.94
C SER E 111 -43.94 1.69 11.46
N ALA E 112 -43.28 0.57 11.24
CA ALA E 112 -43.94 -0.65 10.79
C ALA E 112 -44.58 -1.44 11.92
N GLY E 113 -44.47 -0.97 13.15
CA GLY E 113 -45.00 -1.71 14.28
C GLY E 113 -46.52 -1.69 14.32
N THR E 114 -47.05 -2.46 15.27
CA THR E 114 -48.49 -2.56 15.42
C THR E 114 -49.06 -1.20 15.81
N PRO E 115 -50.18 -0.79 15.20
CA PRO E 115 -50.78 0.50 15.55
C PRO E 115 -51.13 0.58 17.03
N GLY E 116 -50.88 1.76 17.61
CA GLY E 116 -51.08 1.96 19.03
C GLY E 116 -49.92 1.49 19.89
N LYS E 117 -48.87 0.95 19.30
CA LYS E 117 -47.77 0.37 20.05
C LYS E 117 -46.42 0.76 19.46
N ARG E 118 -46.28 2.04 19.10
CA ARG E 118 -45.02 2.58 18.62
C ARG E 118 -44.62 3.75 19.51
N PHE E 119 -43.39 3.74 20.02
CA PHE E 119 -42.95 4.75 20.96
C PHE E 119 -41.51 5.14 20.72
N ALA E 120 -41.17 6.34 21.17
CA ALA E 120 -39.81 6.85 21.11
C ALA E 120 -39.49 7.58 22.39
N LEU E 121 -38.20 7.67 22.70
CA LEU E 121 -37.73 8.39 23.88
C LEU E 121 -37.77 9.89 23.62
N PRO E 122 -37.81 10.70 24.67
CA PRO E 122 -37.99 12.15 24.47
C PRO E 122 -36.92 12.79 23.60
N ASN E 123 -35.70 12.28 23.62
CA ASN E 123 -34.62 12.83 22.81
C ASN E 123 -34.31 11.97 21.60
N ALA E 124 -35.19 11.04 21.26
CA ALA E 124 -34.98 10.22 20.07
C ALA E 124 -35.05 11.09 18.82
N GLU E 125 -34.34 10.67 17.79
CA GLU E 125 -34.20 11.44 16.56
C GLU E 125 -34.48 10.53 15.37
N ILE E 126 -35.40 10.94 14.50
CA ILE E 126 -35.85 10.12 13.39
C ILE E 126 -35.50 10.82 12.09
N LEU E 127 -35.02 10.07 11.11
CA LEU E 127 -34.61 10.62 9.82
C LEU E 127 -35.35 9.89 8.70
N ILE E 128 -36.17 10.62 7.96
CA ILE E 128 -36.80 10.11 6.76
C ILE E 128 -35.84 10.30 5.60
N HIS E 129 -35.56 9.21 4.88
CA HIS E 129 -34.50 9.16 3.89
C HIS E 129 -35.03 8.53 2.61
N GLN E 130 -34.38 8.85 1.50
CA GLN E 130 -34.69 8.32 0.18
C GLN E 130 -33.69 7.23 -0.21
N PRO E 131 -34.14 6.14 -0.82
CA PRO E 131 -33.23 5.07 -1.19
C PRO E 131 -32.14 5.55 -2.15
N SER E 132 -30.93 5.01 -1.95
CA SER E 132 -29.79 5.33 -2.79
C SER E 132 -29.05 4.06 -3.15
N ALA E 133 -28.48 4.03 -4.35
CA ALA E 133 -27.77 2.85 -4.83
C ALA E 133 -26.81 3.25 -5.94
N GLY E 134 -25.91 2.35 -6.26
CA GLY E 134 -24.96 2.55 -7.35
C GLY E 134 -25.20 1.54 -8.46
N LEU E 135 -25.05 1.99 -9.69
CA LEU E 135 -25.34 1.18 -10.87
C LEU E 135 -24.15 1.19 -11.82
N ALA E 136 -24.02 0.10 -12.57
CA ALA E 136 -22.95 -0.03 -13.55
C ALA E 136 -23.34 -1.06 -14.59
N GLY E 137 -22.75 -0.95 -15.77
CA GLY E 137 -22.96 -1.91 -16.84
C GLY E 137 -23.34 -1.21 -18.12
N SER E 138 -23.88 -1.99 -19.05
CA SER E 138 -24.30 -1.48 -20.35
C SER E 138 -25.60 -0.69 -20.21
N ALA E 139 -26.04 -0.11 -21.32
CA ALA E 139 -27.23 0.73 -21.29
C ALA E 139 -28.47 -0.05 -20.88
N SER E 140 -28.64 -1.27 -21.41
CA SER E 140 -29.83 -2.05 -21.09
C SER E 140 -29.87 -2.43 -19.61
N ASP E 141 -28.73 -2.86 -19.07
CA ASP E 141 -28.68 -3.22 -17.66
C ASP E 141 -28.97 -2.01 -16.77
N ILE E 142 -28.38 -0.86 -17.12
CA ILE E 142 -28.65 0.36 -16.37
C ILE E 142 -30.13 0.69 -16.42
N LYS E 143 -30.74 0.54 -17.59
CA LYS E 143 -32.18 0.78 -17.71
C LYS E 143 -32.96 -0.12 -16.77
N ILE E 144 -32.71 -1.43 -16.84
CA ILE E 144 -33.50 -2.39 -16.07
C ILE E 144 -33.38 -2.10 -14.58
N HIS E 145 -32.16 -1.88 -14.11
CA HIS E 145 -31.97 -1.56 -12.70
C HIS E 145 -32.61 -0.22 -12.36
N ALA E 146 -32.71 0.69 -13.33
CA ALA E 146 -33.39 1.96 -13.07
C ALA E 146 -34.88 1.76 -12.79
N GLU E 147 -35.56 1.00 -13.64
CA GLU E 147 -36.97 0.76 -13.30
C GLU E 147 -37.11 -0.05 -12.02
N ARG E 148 -36.15 -0.93 -11.72
CA ARG E 148 -36.23 -1.67 -10.46
C ARG E 148 -36.14 -0.73 -9.27
N LEU E 149 -35.20 0.24 -9.31
CA LEU E 149 -35.09 1.20 -8.23
C LEU E 149 -36.32 2.08 -8.12
N LEU E 150 -36.88 2.50 -9.26
CA LEU E 150 -38.09 3.32 -9.21
C LEU E 150 -39.24 2.54 -8.60
N HIS E 151 -39.38 1.27 -8.97
CA HIS E 151 -40.44 0.45 -8.40
C HIS E 151 -40.25 0.27 -6.90
N THR E 152 -39.01 0.06 -6.47
CA THR E 152 -38.75 -0.07 -5.03
C THR E 152 -39.10 1.21 -4.29
N LYS E 153 -38.75 2.37 -4.86
CA LYS E 153 -39.07 3.64 -4.22
C LYS E 153 -40.58 3.83 -4.10
N LYS E 154 -41.31 3.52 -5.17
CA LYS E 154 -42.76 3.64 -5.11
C LYS E 154 -43.35 2.68 -4.09
N ARG E 155 -42.81 1.46 -4.01
CA ARG E 155 -43.27 0.48 -3.04
C ARG E 155 -43.09 1.02 -1.62
N MET E 156 -41.91 1.57 -1.32
CA MET E 156 -41.65 2.13 -0.01
C MET E 156 -42.59 3.29 0.29
N ALA E 157 -42.78 4.19 -0.68
CA ALA E 157 -43.64 5.34 -0.45
C ALA E 157 -45.06 4.91 -0.13
N GLU E 158 -45.59 3.95 -0.90
CA GLU E 158 -46.95 3.50 -0.65
C GLU E 158 -47.06 2.83 0.71
N LEU E 159 -46.06 2.00 1.08
CA LEU E 159 -46.12 1.31 2.35
C LEU E 159 -46.09 2.28 3.52
N THR E 160 -45.19 3.26 3.47
CA THR E 160 -45.10 4.20 4.58
C THR E 160 -46.31 5.12 4.63
N SER E 161 -46.89 5.47 3.48
CA SER E 161 -48.12 6.24 3.49
C SER E 161 -49.26 5.45 4.11
N GLN E 162 -49.33 4.14 3.82
CA GLN E 162 -50.34 3.30 4.42
C GLN E 162 -50.15 3.20 5.93
N HIS E 163 -48.91 3.08 6.38
CA HIS E 163 -48.66 2.88 7.80
C HIS E 163 -48.89 4.17 8.60
N THR E 164 -48.38 5.29 8.10
CA THR E 164 -48.47 6.53 8.87
C THR E 164 -49.84 7.17 8.81
N GLY E 165 -50.54 7.03 7.68
CA GLY E 165 -51.82 7.70 7.49
C GLY E 165 -51.77 8.90 6.59
N GLN E 166 -50.58 9.39 6.24
CA GLN E 166 -50.46 10.47 5.29
C GLN E 166 -50.80 9.99 3.88
N THR E 167 -51.12 10.95 3.01
CA THR E 167 -51.42 10.63 1.63
C THR E 167 -50.14 10.32 0.85
N ILE E 168 -50.30 9.72 -0.32
CA ILE E 168 -49.16 9.34 -1.15
C ILE E 168 -48.38 10.57 -1.57
N GLU E 169 -49.07 11.59 -2.04
CA GLU E 169 -48.40 12.80 -2.53
C GLU E 169 -47.65 13.51 -1.42
N GLN E 170 -48.24 13.56 -0.22
CA GLN E 170 -47.56 14.19 0.90
C GLN E 170 -46.25 13.48 1.23
N ILE E 171 -46.29 12.14 1.25
CA ILE E 171 -45.07 11.38 1.52
C ILE E 171 -44.04 11.61 0.43
N THR E 172 -44.47 11.60 -0.82
CA THR E 172 -43.52 11.79 -1.92
C THR E 172 -42.86 13.15 -1.85
N ARG E 173 -43.63 14.20 -1.55
CA ARG E 173 -43.03 15.53 -1.41
C ARG E 173 -42.10 15.59 -0.21
N ASP E 174 -42.49 14.97 0.90
CA ASP E 174 -41.68 15.05 2.11
C ASP E 174 -40.43 14.19 2.01
N SER E 175 -40.45 13.13 1.22
CA SER E 175 -39.33 12.20 1.12
C SER E 175 -38.37 12.55 -0.01
N ASP E 176 -38.58 13.68 -0.70
CA ASP E 176 -37.65 14.06 -1.76
C ASP E 176 -36.25 14.29 -1.21
N ARG E 177 -36.16 14.98 -0.09
CA ARG E 177 -34.90 15.19 0.61
C ARG E 177 -34.98 14.55 1.99
N ASP E 178 -33.83 14.47 2.66
CA ASP E 178 -33.80 13.96 4.01
C ASP E 178 -34.55 14.90 4.94
N ARG E 179 -35.33 14.33 5.86
CA ARG E 179 -36.06 15.13 6.82
C ARG E 179 -35.79 14.62 8.24
N TRP E 180 -35.72 15.54 9.19
CA TRP E 180 -35.44 15.20 10.58
C TRP E 180 -36.67 15.45 11.44
N PHE E 181 -36.82 14.61 12.46
CA PHE E 181 -37.95 14.69 13.38
C PHE E 181 -37.47 14.43 14.80
N ASP E 182 -37.96 15.24 15.74
CA ASP E 182 -37.80 14.94 17.14
C ASP E 182 -38.97 14.04 17.57
N ALA E 183 -39.13 13.81 18.86
CA ALA E 183 -40.19 12.93 19.33
C ALA E 183 -41.56 13.51 19.04
N PHE E 184 -41.78 14.77 19.41
CA PHE E 184 -43.14 15.32 19.37
C PHE E 184 -43.60 15.58 17.94
N GLU E 185 -42.74 16.10 17.08
CA GLU E 185 -43.16 16.36 15.71
C GLU E 185 -43.28 15.06 14.92
N ALA E 186 -42.52 14.03 15.28
CA ALA E 186 -42.75 12.72 14.69
C ALA E 186 -44.09 12.15 15.14
N LYS E 187 -44.45 12.36 16.41
CA LYS E 187 -45.77 11.96 16.87
C LYS E 187 -46.86 12.68 16.09
N GLU E 188 -46.69 13.98 15.88
CA GLU E 188 -47.68 14.75 15.13
C GLU E 188 -47.78 14.26 13.68
N TYR E 189 -46.63 13.95 13.06
CA TYR E 189 -46.63 13.49 11.68
C TYR E 189 -47.39 12.18 11.53
N GLY E 190 -47.17 11.24 12.44
CA GLY E 190 -47.83 9.95 12.36
C GLY E 190 -46.85 8.79 12.41
N LEU E 191 -45.56 9.09 12.40
CA LEU E 191 -44.56 8.04 12.49
C LEU E 191 -44.59 7.34 13.85
N ILE E 192 -44.96 8.06 14.90
CA ILE E 192 -44.95 7.54 16.26
C ILE E 192 -46.32 7.74 16.88
N ASP E 193 -46.84 6.69 17.52
CA ASP E 193 -48.16 6.78 18.13
C ASP E 193 -48.14 7.56 19.43
N ASP E 194 -47.08 7.41 20.22
CA ASP E 194 -46.99 8.13 21.49
C ASP E 194 -45.54 8.16 21.95
N VAL E 195 -45.20 9.20 22.73
CA VAL E 195 -43.87 9.37 23.29
C VAL E 195 -43.95 9.18 24.80
N MET E 196 -42.99 8.44 25.34
CA MET E 196 -42.92 8.20 26.77
C MET E 196 -41.96 9.21 27.42
N THR E 197 -42.21 9.49 28.70
CA THR E 197 -41.44 10.48 29.44
C THR E 197 -40.63 9.84 30.57
N THR E 198 -41.29 9.13 31.48
CA THR E 198 -40.63 8.46 32.60
C THR E 198 -41.18 7.06 32.73
N ALA E 199 -40.63 6.30 33.68
CA ALA E 199 -41.10 4.95 33.92
C ALA E 199 -42.46 4.97 34.62
N GLY F 22 -22.83 -16.16 20.39
CA GLY F 22 -23.68 -16.96 21.26
C GLY F 22 -25.12 -17.00 20.81
N LEU F 23 -25.64 -15.83 20.42
CA LEU F 23 -27.04 -15.76 19.97
C LEU F 23 -27.24 -16.55 18.68
N GLY F 24 -26.37 -16.32 17.69
CA GLY F 24 -26.59 -16.90 16.38
C GLY F 24 -26.54 -18.42 16.39
N ASP F 25 -25.53 -18.98 17.04
CA ASP F 25 -25.41 -20.43 17.10
C ASP F 25 -26.62 -21.04 17.82
N GLN F 26 -27.05 -20.43 18.92
CA GLN F 26 -28.18 -20.95 19.66
C GLN F 26 -29.45 -20.95 18.82
N VAL F 27 -29.74 -19.82 18.17
CA VAL F 27 -30.98 -19.72 17.42
C VAL F 27 -30.93 -20.63 16.20
N TYR F 28 -29.78 -20.74 15.54
CA TYR F 28 -29.67 -21.62 14.39
C TYR F 28 -29.84 -23.08 14.80
N ASN F 29 -29.25 -23.47 15.93
CA ASN F 29 -29.43 -24.84 16.40
C ASN F 29 -30.89 -25.14 16.72
N ARG F 30 -31.54 -24.20 17.42
CA ARG F 30 -32.92 -24.46 17.82
C ARG F 30 -33.87 -24.43 16.62
N LEU F 31 -33.52 -23.69 15.58
CA LEU F 31 -34.33 -23.73 14.36
C LEU F 31 -34.06 -25.00 13.56
N LEU F 32 -32.80 -25.43 13.48
CA LEU F 32 -32.48 -26.67 12.79
C LEU F 32 -33.12 -27.86 13.48
N ASN F 33 -33.34 -27.77 14.79
CA ASN F 33 -34.07 -28.82 15.49
C ASN F 33 -35.49 -28.98 14.96
N GLU F 34 -36.01 -27.98 14.25
CA GLU F 34 -37.34 -28.05 13.65
C GLU F 34 -37.28 -28.30 12.14
N ARG F 35 -36.17 -28.85 11.65
CA ARG F 35 -35.98 -29.14 10.23
C ARG F 35 -36.13 -27.89 9.38
N ILE F 36 -35.38 -26.85 9.74
CA ILE F 36 -35.35 -25.60 9.00
C ILE F 36 -33.90 -25.27 8.69
N ILE F 37 -33.62 -24.98 7.42
CA ILE F 37 -32.27 -24.69 6.96
C ILE F 37 -32.24 -23.28 6.41
N PHE F 38 -31.30 -22.47 6.88
CA PHE F 38 -31.13 -21.10 6.42
C PHE F 38 -30.03 -21.04 5.37
N LEU F 39 -30.31 -20.32 4.28
CA LEU F 39 -29.32 -20.02 3.25
C LEU F 39 -29.34 -18.50 3.12
N GLY F 40 -28.54 -17.82 3.93
CA GLY F 40 -28.60 -16.38 4.00
C GLY F 40 -27.30 -15.69 3.65
N GLN F 41 -26.60 -16.19 2.64
CA GLN F 41 -25.32 -15.64 2.24
C GLN F 41 -25.00 -16.13 0.84
N PRO F 42 -24.05 -15.50 0.15
CA PRO F 42 -23.69 -15.97 -1.19
C PRO F 42 -23.22 -17.43 -1.17
N VAL F 43 -23.59 -18.15 -2.22
CA VAL F 43 -23.32 -19.59 -2.29
C VAL F 43 -21.87 -19.81 -2.69
N ASP F 44 -21.14 -20.58 -1.89
CA ASP F 44 -19.77 -20.95 -2.19
C ASP F 44 -19.59 -22.41 -1.77
N ASP F 45 -18.34 -22.86 -1.74
CA ASP F 45 -18.07 -24.26 -1.43
C ASP F 45 -18.41 -24.60 0.01
N ASP F 46 -18.04 -23.73 0.96
CA ASP F 46 -18.21 -24.05 2.38
C ASP F 46 -19.69 -24.15 2.75
N ILE F 47 -20.48 -23.14 2.37
CA ILE F 47 -21.89 -23.16 2.72
C ILE F 47 -22.60 -24.29 1.98
N ALA F 48 -22.19 -24.58 0.75
CA ALA F 48 -22.79 -25.70 0.03
C ALA F 48 -22.50 -27.02 0.73
N ASN F 49 -21.27 -27.21 1.21
CA ASN F 49 -20.95 -28.43 1.93
C ASN F 49 -21.75 -28.53 3.21
N LYS F 50 -21.89 -27.41 3.94
CA LYS F 50 -22.66 -27.44 5.17
C LYS F 50 -24.13 -27.79 4.90
N ILE F 51 -24.71 -27.20 3.84
CA ILE F 51 -26.10 -27.47 3.54
C ILE F 51 -26.29 -28.91 3.07
N THR F 52 -25.33 -29.43 2.30
CA THR F 52 -25.40 -30.83 1.90
C THR F 52 -25.34 -31.74 3.11
N ALA F 53 -24.46 -31.45 4.06
CA ALA F 53 -24.37 -32.25 5.27
C ALA F 53 -25.66 -32.19 6.07
N GLN F 54 -26.25 -30.99 6.20
CA GLN F 54 -27.49 -30.86 6.94
C GLN F 54 -28.63 -31.61 6.25
N LEU F 55 -28.69 -31.54 4.92
CA LEU F 55 -29.72 -32.27 4.19
C LEU F 55 -29.56 -33.76 4.38
N LEU F 56 -28.34 -34.27 4.29
CA LEU F 56 -28.11 -35.69 4.51
C LEU F 56 -28.49 -36.09 5.93
N LEU F 57 -28.18 -35.24 6.90
CA LEU F 57 -28.48 -35.54 8.30
C LEU F 57 -29.99 -35.62 8.52
N LEU F 58 -30.72 -34.63 8.01
CA LEU F 58 -32.17 -34.64 8.15
C LEU F 58 -32.83 -35.71 7.29
N ALA F 59 -32.11 -36.25 6.30
CA ALA F 59 -32.65 -37.33 5.48
C ALA F 59 -32.76 -38.64 6.23
N SER F 60 -32.24 -38.71 7.46
CA SER F 60 -32.34 -39.95 8.24
C SER F 60 -33.80 -40.34 8.46
N ASP F 61 -34.66 -39.37 8.77
CA ASP F 61 -36.09 -39.61 8.86
C ASP F 61 -36.70 -39.32 7.50
N PRO F 62 -37.22 -40.33 6.80
CA PRO F 62 -37.71 -40.12 5.43
C PRO F 62 -39.20 -39.77 5.31
N GLU F 63 -39.90 -39.50 6.40
CA GLU F 63 -41.33 -39.16 6.31
C GLU F 63 -41.63 -37.74 6.78
N LYS F 64 -40.62 -36.92 7.01
CA LYS F 64 -40.83 -35.54 7.46
C LYS F 64 -40.21 -34.58 6.46
N ASP F 65 -40.96 -33.54 6.12
CA ASP F 65 -40.52 -32.57 5.14
C ASP F 65 -39.35 -31.75 5.69
N ILE F 66 -38.57 -31.18 4.76
CA ILE F 66 -37.45 -30.33 5.09
C ILE F 66 -37.71 -28.95 4.49
N TYR F 67 -37.61 -27.92 5.32
CA TYR F 67 -37.95 -26.56 4.93
C TYR F 67 -36.68 -25.74 4.78
N LEU F 68 -36.56 -25.02 3.66
CA LEU F 68 -35.36 -24.29 3.32
C LEU F 68 -35.73 -22.85 3.01
N TYR F 69 -35.07 -21.91 3.69
CA TYR F 69 -35.34 -20.49 3.55
C TYR F 69 -34.21 -19.86 2.73
N ILE F 70 -34.58 -19.14 1.67
CA ILE F 70 -33.62 -18.58 0.73
C ILE F 70 -33.59 -17.08 0.90
N ASN F 71 -32.40 -16.53 1.16
CA ASN F 71 -32.17 -15.09 1.09
C ASN F 71 -30.71 -14.89 0.71
N SER F 72 -30.46 -14.77 -0.60
CA SER F 72 -29.09 -14.77 -1.09
C SER F 72 -29.03 -14.08 -2.44
N PRO F 73 -27.92 -13.41 -2.74
CA PRO F 73 -27.76 -12.78 -4.06
C PRO F 73 -27.12 -13.66 -5.13
N GLY F 74 -26.97 -14.95 -4.88
CA GLY F 74 -26.39 -15.86 -5.86
C GLY F 74 -25.05 -16.40 -5.38
N GLY F 75 -24.42 -17.18 -6.26
CA GLY F 75 -23.16 -17.80 -5.94
C GLY F 75 -22.56 -18.59 -7.09
N SER F 76 -21.68 -19.54 -6.77
CA SER F 76 -21.02 -20.33 -7.78
C SER F 76 -21.96 -21.38 -8.35
N ILE F 77 -21.70 -21.77 -9.61
CA ILE F 77 -22.56 -22.72 -10.29
C ILE F 77 -22.42 -24.12 -9.68
N THR F 78 -21.19 -24.56 -9.46
CA THR F 78 -20.95 -25.94 -9.05
C THR F 78 -21.53 -26.22 -7.67
N ALA F 79 -21.35 -25.30 -6.73
CA ALA F 79 -21.90 -25.49 -5.39
C ALA F 79 -23.43 -25.55 -5.44
N GLY F 80 -24.04 -24.65 -6.21
CA GLY F 80 -25.48 -24.68 -6.35
C GLY F 80 -25.98 -25.98 -6.94
N MET F 81 -25.26 -26.50 -7.94
CA MET F 81 -25.68 -27.78 -8.53
C MET F 81 -25.49 -28.94 -7.57
N ALA F 82 -24.46 -28.89 -6.72
CA ALA F 82 -24.31 -29.91 -5.69
C ALA F 82 -25.50 -29.89 -4.74
N ILE F 83 -25.90 -28.69 -4.31
CA ILE F 83 -27.06 -28.57 -3.43
C ILE F 83 -28.32 -29.06 -4.14
N TYR F 84 -28.46 -28.73 -5.42
CA TYR F 84 -29.62 -29.16 -6.20
C TYR F 84 -29.70 -30.69 -6.28
N ASP F 85 -28.58 -31.32 -6.58
CA ASP F 85 -28.55 -32.77 -6.71
C ASP F 85 -28.86 -33.44 -5.38
N THR F 86 -28.24 -32.98 -4.29
CA THR F 86 -28.54 -33.59 -3.00
C THR F 86 -29.94 -33.25 -2.53
N MET F 87 -30.55 -32.18 -3.06
CA MET F 87 -31.92 -31.86 -2.74
C MET F 87 -32.88 -32.83 -3.39
N GLN F 88 -32.65 -33.17 -4.65
CA GLN F 88 -33.55 -34.12 -5.31
C GLN F 88 -33.11 -35.58 -5.17
N TYR F 89 -32.02 -35.85 -4.46
CA TYR F 89 -31.64 -37.26 -4.29
C TYR F 89 -32.55 -37.96 -3.29
N ILE F 90 -32.98 -37.26 -2.26
CA ILE F 90 -33.67 -37.90 -1.14
C ILE F 90 -35.17 -37.93 -1.39
N LYS F 91 -35.86 -38.86 -0.71
CA LYS F 91 -37.31 -38.90 -0.77
C LYS F 91 -37.97 -37.75 -0.03
N ASN F 92 -37.28 -37.13 0.92
CA ASN F 92 -37.90 -36.08 1.73
C ASN F 92 -38.28 -34.90 0.85
N ASP F 93 -39.52 -34.43 1.01
CA ASP F 93 -39.98 -33.28 0.25
C ASP F 93 -39.35 -32.00 0.80
N VAL F 94 -38.85 -31.16 -0.09
CA VAL F 94 -38.18 -29.93 0.27
C VAL F 94 -39.11 -28.77 -0.06
N VAL F 95 -39.45 -27.98 0.95
CA VAL F 95 -40.32 -26.83 0.80
C VAL F 95 -39.47 -25.58 0.91
N THR F 96 -39.45 -24.80 -0.18
CA THR F 96 -38.63 -23.60 -0.24
C THR F 96 -39.48 -22.37 0.04
N ILE F 97 -38.96 -21.47 0.87
CA ILE F 97 -39.59 -20.20 1.18
C ILE F 97 -38.61 -19.08 0.85
N ALA F 98 -39.05 -18.12 0.06
CA ALA F 98 -38.23 -16.98 -0.34
C ALA F 98 -38.56 -15.79 0.53
N MET F 99 -37.53 -15.16 1.07
CA MET F 99 -37.66 -13.94 1.85
C MET F 99 -36.57 -12.98 1.44
N GLY F 100 -36.94 -11.71 1.27
CA GLY F 100 -35.96 -10.73 0.86
C GLY F 100 -35.59 -10.84 -0.60
N LEU F 101 -34.40 -11.36 -0.87
CA LEU F 101 -33.86 -11.46 -2.22
C LEU F 101 -33.54 -12.90 -2.56
N ALA F 102 -33.87 -13.31 -3.77
CA ALA F 102 -33.53 -14.63 -4.30
C ALA F 102 -33.06 -14.44 -5.73
N ALA F 103 -31.75 -14.39 -5.93
CA ALA F 103 -31.16 -14.03 -7.21
C ALA F 103 -30.14 -15.06 -7.66
N ALA F 104 -29.96 -15.15 -8.98
CA ALA F 104 -28.95 -15.98 -9.62
C ALA F 104 -29.18 -17.42 -9.16
N MET F 105 -28.19 -18.09 -8.56
CA MET F 105 -28.39 -19.46 -8.11
C MET F 105 -29.43 -19.57 -7.02
N GLY F 106 -29.67 -18.48 -6.27
CA GLY F 106 -30.66 -18.51 -5.22
C GLY F 106 -32.05 -18.83 -5.74
N GLN F 107 -32.47 -18.16 -6.81
CA GLN F 107 -33.79 -18.45 -7.36
C GLN F 107 -33.82 -19.82 -8.01
N PHE F 108 -32.68 -20.29 -8.54
CA PHE F 108 -32.63 -21.63 -9.11
C PHE F 108 -32.89 -22.68 -8.03
N LEU F 109 -32.29 -22.50 -6.85
CA LEU F 109 -32.60 -23.39 -5.74
C LEU F 109 -34.04 -23.21 -5.28
N LEU F 110 -34.53 -21.97 -5.30
CA LEU F 110 -35.90 -21.70 -4.89
C LEU F 110 -36.90 -22.46 -5.74
N SER F 111 -36.73 -22.42 -7.06
CA SER F 111 -37.66 -23.10 -7.96
C SER F 111 -37.41 -24.60 -8.05
N ALA F 112 -36.34 -25.09 -7.43
CA ALA F 112 -36.02 -26.51 -7.47
C ALA F 112 -36.75 -27.32 -6.41
N GLY F 113 -37.59 -26.69 -5.59
CA GLY F 113 -38.29 -27.39 -4.55
C GLY F 113 -39.33 -28.35 -5.09
N THR F 114 -39.92 -29.10 -4.18
CA THR F 114 -40.95 -30.07 -4.53
C THR F 114 -42.14 -29.33 -5.14
N PRO F 115 -42.70 -29.82 -6.26
CA PRO F 115 -43.81 -29.13 -6.89
C PRO F 115 -45.00 -28.98 -5.93
N GLY F 116 -45.64 -27.81 -6.01
CA GLY F 116 -46.72 -27.49 -5.10
C GLY F 116 -46.29 -27.03 -3.72
N LYS F 117 -44.99 -26.90 -3.47
CA LYS F 117 -44.48 -26.55 -2.15
C LYS F 117 -43.37 -25.51 -2.26
N ARG F 118 -43.56 -24.51 -3.10
CA ARG F 118 -42.65 -23.38 -3.22
C ARG F 118 -43.42 -22.11 -2.91
N PHE F 119 -42.91 -21.30 -1.98
CA PHE F 119 -43.63 -20.10 -1.57
C PHE F 119 -42.66 -18.94 -1.39
N ALA F 120 -43.20 -17.73 -1.48
CA ALA F 120 -42.42 -16.52 -1.29
C ALA F 120 -43.23 -15.52 -0.48
N LEU F 121 -42.51 -14.64 0.21
CA LEU F 121 -43.16 -13.59 0.98
C LEU F 121 -43.67 -12.49 0.05
N PRO F 122 -44.68 -11.72 0.47
CA PRO F 122 -45.32 -10.78 -0.46
C PRO F 122 -44.37 -9.75 -1.05
N ASN F 123 -43.37 -9.31 -0.29
CA ASN F 123 -42.45 -8.29 -0.77
C ASN F 123 -41.11 -8.87 -1.24
N ALA F 124 -41.00 -10.19 -1.32
CA ALA F 124 -39.78 -10.79 -1.81
C ALA F 124 -39.61 -10.51 -3.30
N GLU F 125 -38.35 -10.40 -3.72
CA GLU F 125 -38.00 -10.13 -5.11
C GLU F 125 -37.18 -11.29 -5.65
N ILE F 126 -37.51 -11.73 -6.87
CA ILE F 126 -36.82 -12.84 -7.51
C ILE F 126 -36.13 -12.32 -8.76
N LEU F 127 -34.83 -12.56 -8.87
CA LEU F 127 -34.05 -12.09 -10.01
C LEU F 127 -33.61 -13.29 -10.83
N ILE F 128 -34.05 -13.35 -12.08
CA ILE F 128 -33.57 -14.33 -13.04
C ILE F 128 -32.30 -13.77 -13.68
N HIS F 129 -31.20 -14.49 -13.52
CA HIS F 129 -29.87 -14.03 -13.90
C HIS F 129 -29.12 -15.19 -14.53
N GLN F 130 -28.83 -15.08 -15.82
CA GLN F 130 -28.05 -16.08 -16.51
C GLN F 130 -26.59 -15.99 -16.07
N PRO F 131 -25.82 -17.07 -16.17
CA PRO F 131 -24.49 -17.12 -15.54
C PRO F 131 -23.51 -16.14 -16.17
N SER F 132 -22.48 -15.79 -15.41
CA SER F 132 -21.38 -14.98 -15.89
C SER F 132 -20.07 -15.48 -15.30
N ALA F 133 -18.99 -15.33 -16.07
CA ALA F 133 -17.68 -15.82 -15.64
C ALA F 133 -16.60 -15.11 -16.45
N GLY F 134 -15.35 -15.39 -16.11
CA GLY F 134 -14.21 -14.84 -16.82
C GLY F 134 -13.14 -15.88 -17.12
N LEU F 135 -12.47 -15.76 -18.25
CA LEU F 135 -11.50 -16.75 -18.70
C LEU F 135 -10.20 -16.07 -19.11
N ALA F 136 -9.12 -16.84 -19.07
CA ALA F 136 -7.81 -16.36 -19.48
C ALA F 136 -6.96 -17.55 -19.87
N GLY F 137 -6.02 -17.31 -20.78
CA GLY F 137 -5.11 -18.35 -21.21
C GLY F 137 -4.91 -18.30 -22.71
N SER F 138 -4.41 -19.40 -23.26
CA SER F 138 -4.16 -19.49 -24.69
C SER F 138 -5.48 -19.69 -25.44
N ALA F 139 -5.39 -19.70 -26.77
CA ALA F 139 -6.59 -19.78 -27.60
C ALA F 139 -7.32 -21.09 -27.37
N SER F 140 -6.60 -22.21 -27.30
CA SER F 140 -7.25 -23.50 -27.12
C SER F 140 -7.94 -23.59 -25.77
N ASP F 141 -7.28 -23.12 -24.71
CA ASP F 141 -7.90 -23.14 -23.39
C ASP F 141 -9.15 -22.27 -23.35
N ILE F 142 -9.07 -21.08 -23.95
CA ILE F 142 -10.23 -20.21 -24.02
C ILE F 142 -11.36 -20.90 -24.76
N LYS F 143 -11.04 -21.58 -25.86
CA LYS F 143 -12.06 -22.33 -26.58
C LYS F 143 -12.74 -23.35 -25.68
N ILE F 144 -11.94 -24.21 -25.04
CA ILE F 144 -12.49 -25.31 -24.26
C ILE F 144 -13.38 -24.78 -23.16
N HIS F 145 -12.91 -23.76 -22.44
CA HIS F 145 -13.74 -23.17 -21.40
C HIS F 145 -14.99 -22.51 -21.99
N ALA F 146 -14.92 -22.03 -23.23
CA ALA F 146 -16.09 -21.44 -23.85
C ALA F 146 -17.18 -22.49 -24.09
N GLU F 147 -16.82 -23.63 -24.70
CA GLU F 147 -17.86 -24.64 -24.86
C GLU F 147 -18.35 -25.17 -23.51
N ARG F 148 -17.46 -25.27 -22.51
CA ARG F 148 -17.93 -25.72 -21.20
C ARG F 148 -18.95 -24.75 -20.62
N LEU F 149 -18.68 -23.44 -20.72
CA LEU F 149 -19.61 -22.46 -20.20
C LEU F 149 -20.93 -22.48 -20.96
N LEU F 150 -20.88 -22.62 -22.29
CA LEU F 150 -22.11 -22.68 -23.07
C LEU F 150 -22.92 -23.92 -22.71
N HIS F 151 -22.25 -25.05 -22.52
CA HIS F 151 -22.96 -26.26 -22.11
C HIS F 151 -23.61 -26.08 -20.75
N THR F 152 -22.91 -25.44 -19.81
CA THR F 152 -23.50 -25.16 -18.51
C THR F 152 -24.73 -24.27 -18.64
N LYS F 153 -24.66 -23.25 -19.48
CA LYS F 153 -25.80 -22.36 -19.67
C LYS F 153 -26.99 -23.11 -20.24
N LYS F 154 -26.75 -23.97 -21.24
CA LYS F 154 -27.84 -24.76 -21.80
C LYS F 154 -28.42 -25.72 -20.75
N ARG F 155 -27.55 -26.30 -19.92
CA ARG F 155 -28.01 -27.19 -18.86
C ARG F 155 -28.96 -26.45 -17.92
N MET F 156 -28.55 -25.24 -17.50
CA MET F 156 -29.40 -24.43 -16.63
C MET F 156 -30.72 -24.09 -17.30
N ALA F 157 -30.67 -23.70 -18.57
CA ALA F 157 -31.91 -23.31 -19.25
C ALA F 157 -32.87 -24.49 -19.33
N GLU F 158 -32.35 -25.68 -19.68
CA GLU F 158 -33.23 -26.84 -19.77
C GLU F 158 -33.80 -27.21 -18.40
N LEU F 159 -32.99 -27.14 -17.35
CA LEU F 159 -33.48 -27.47 -16.02
C LEU F 159 -34.57 -26.50 -15.58
N THR F 160 -34.36 -25.21 -15.82
CA THR F 160 -35.37 -24.21 -15.46
C THR F 160 -36.65 -24.43 -16.24
N SER F 161 -36.53 -24.73 -17.54
CA SER F 161 -37.73 -25.00 -18.34
C SER F 161 -38.47 -26.20 -17.82
N GLN F 162 -37.74 -27.26 -17.42
CA GLN F 162 -38.39 -28.45 -16.89
C GLN F 162 -39.10 -28.14 -15.58
N HIS F 163 -38.47 -27.34 -14.71
CA HIS F 163 -39.04 -27.11 -13.39
C HIS F 163 -40.24 -26.17 -13.44
N THR F 164 -40.14 -25.07 -14.20
CA THR F 164 -41.20 -24.07 -14.19
C THR F 164 -42.34 -24.39 -15.13
N GLY F 165 -42.17 -25.32 -16.07
CA GLY F 165 -43.20 -25.65 -17.03
C GLY F 165 -43.22 -24.77 -18.26
N GLN F 166 -42.39 -23.73 -18.31
CA GLN F 166 -42.30 -22.91 -19.51
C GLN F 166 -41.52 -23.67 -20.59
N THR F 167 -41.77 -23.29 -21.85
CA THR F 167 -41.02 -23.87 -22.95
C THR F 167 -39.56 -23.44 -22.89
N ILE F 168 -38.68 -24.29 -23.40
CA ILE F 168 -37.25 -24.06 -23.27
C ILE F 168 -36.83 -22.79 -24.00
N GLU F 169 -37.36 -22.58 -25.21
CA GLU F 169 -37.00 -21.37 -25.95
C GLU F 169 -37.54 -20.12 -25.27
N GLN F 170 -38.69 -20.21 -24.62
CA GLN F 170 -39.22 -19.07 -23.88
C GLN F 170 -38.29 -18.70 -22.73
N ILE F 171 -37.80 -19.69 -21.99
CA ILE F 171 -36.86 -19.43 -20.90
C ILE F 171 -35.57 -18.85 -21.45
N THR F 172 -35.10 -19.39 -22.57
CA THR F 172 -33.86 -18.87 -23.18
C THR F 172 -34.02 -17.41 -23.57
N ARG F 173 -35.16 -17.06 -24.17
CA ARG F 173 -35.40 -15.69 -24.56
C ARG F 173 -35.51 -14.77 -23.34
N ASP F 174 -36.19 -15.23 -22.30
CA ASP F 174 -36.39 -14.39 -21.12
C ASP F 174 -35.12 -14.25 -20.27
N SER F 175 -34.19 -15.18 -20.39
CA SER F 175 -32.98 -15.17 -19.58
C SER F 175 -31.82 -14.46 -20.26
N ASP F 176 -32.04 -13.84 -21.42
CA ASP F 176 -30.97 -13.12 -22.10
C ASP F 176 -30.45 -11.98 -21.24
N ARG F 177 -31.34 -11.24 -20.60
CA ARG F 177 -31.00 -10.16 -19.68
C ARG F 177 -31.50 -10.54 -18.29
N ASP F 178 -31.07 -9.75 -17.30
CA ASP F 178 -31.57 -9.93 -15.95
C ASP F 178 -33.05 -9.54 -15.91
N ARG F 179 -33.85 -10.31 -15.20
CA ARG F 179 -35.28 -10.02 -15.07
C ARG F 179 -35.68 -9.99 -13.60
N TRP F 180 -36.52 -9.03 -13.23
CA TRP F 180 -37.00 -8.91 -11.87
C TRP F 180 -38.45 -9.35 -11.79
N PHE F 181 -38.80 -10.00 -10.68
CA PHE F 181 -40.12 -10.56 -10.49
C PHE F 181 -40.61 -10.24 -9.08
N ASP F 182 -41.80 -9.66 -8.99
CA ASP F 182 -42.54 -9.58 -7.75
C ASP F 182 -43.16 -10.95 -7.46
N ALA F 183 -43.65 -11.11 -6.23
CA ALA F 183 -44.20 -12.41 -5.81
C ALA F 183 -45.32 -12.87 -6.73
N PHE F 184 -46.22 -11.95 -7.09
CA PHE F 184 -47.35 -12.34 -7.93
C PHE F 184 -46.92 -12.63 -9.36
N GLU F 185 -45.97 -11.84 -9.89
CA GLU F 185 -45.46 -12.15 -11.22
C GLU F 185 -44.71 -13.47 -11.22
N ALA F 186 -43.99 -13.77 -10.14
CA ALA F 186 -43.32 -15.06 -10.03
C ALA F 186 -44.33 -16.20 -10.00
N LYS F 187 -45.44 -16.01 -9.26
CA LYS F 187 -46.48 -17.03 -9.25
C LYS F 187 -47.07 -17.24 -10.63
N GLU F 188 -47.34 -16.14 -11.35
CA GLU F 188 -47.92 -16.27 -12.68
C GLU F 188 -46.94 -16.95 -13.64
N TYR F 189 -45.66 -16.61 -13.55
CA TYR F 189 -44.67 -17.19 -14.45
C TYR F 189 -44.52 -18.69 -14.23
N GLY F 190 -44.58 -19.13 -12.97
CA GLY F 190 -44.38 -20.52 -12.63
C GLY F 190 -43.21 -20.79 -11.71
N LEU F 191 -42.45 -19.76 -11.31
CA LEU F 191 -41.33 -19.98 -10.40
C LEU F 191 -41.83 -20.38 -9.02
N ILE F 192 -42.96 -19.84 -8.58
CA ILE F 192 -43.46 -20.02 -7.23
C ILE F 192 -44.89 -20.54 -7.28
N ASP F 193 -45.19 -21.52 -6.43
CA ASP F 193 -46.52 -22.12 -6.42
C ASP F 193 -47.56 -21.19 -5.78
N ASP F 194 -47.21 -20.56 -4.67
CA ASP F 194 -48.16 -19.73 -3.94
C ASP F 194 -47.41 -18.72 -3.08
N VAL F 195 -48.15 -17.72 -2.61
CA VAL F 195 -47.57 -16.62 -1.85
C VAL F 195 -48.16 -16.63 -0.43
N MET F 196 -47.27 -16.59 0.57
CA MET F 196 -47.71 -16.45 1.96
C MET F 196 -48.39 -15.11 2.17
N THR F 197 -49.67 -15.16 2.54
CA THR F 197 -50.38 -13.92 2.86
C THR F 197 -50.14 -13.51 4.31
N THR F 198 -50.55 -14.34 5.25
CA THR F 198 -50.37 -14.07 6.68
C THR F 198 -50.54 -15.37 7.44
N ALA F 199 -50.15 -15.35 8.71
CA ALA F 199 -50.27 -16.52 9.56
C ALA F 199 -51.72 -16.77 9.93
N GLY G 22 -20.30 -23.35 15.06
CA GLY G 22 -20.68 -24.53 15.82
C GLY G 22 -21.47 -25.54 15.01
N LEU G 23 -22.18 -25.05 13.99
CA LEU G 23 -22.96 -25.93 13.14
C LEU G 23 -22.06 -26.86 12.34
N GLY G 24 -21.05 -26.29 11.67
CA GLY G 24 -20.23 -27.08 10.77
C GLY G 24 -19.47 -28.18 11.49
N ASP G 25 -18.84 -27.84 12.62
CA ASP G 25 -18.11 -28.85 13.37
C ASP G 25 -19.03 -29.96 13.87
N GLN G 26 -20.21 -29.58 14.37
CA GLN G 26 -21.14 -30.58 14.88
C GLN G 26 -21.59 -31.53 13.78
N VAL G 27 -21.99 -30.98 12.62
CA VAL G 27 -22.48 -31.85 11.56
C VAL G 27 -21.35 -32.70 10.99
N TYR G 28 -20.14 -32.14 10.89
CA TYR G 28 -19.02 -32.91 10.38
C TYR G 28 -18.67 -34.06 11.33
N ASN G 29 -18.69 -33.81 12.63
CA ASN G 29 -18.43 -34.89 13.58
C ASN G 29 -19.52 -35.96 13.51
N ARG G 30 -20.78 -35.54 13.46
CA ARG G 30 -21.86 -36.53 13.44
C ARG G 30 -21.84 -37.35 12.15
N LEU G 31 -21.42 -36.76 11.04
CA LEU G 31 -21.29 -37.52 9.81
C LEU G 31 -20.05 -38.41 9.81
N LEU G 32 -18.95 -37.94 10.40
CA LEU G 32 -17.77 -38.79 10.53
C LEU G 32 -18.06 -40.00 11.40
N ASN G 33 -18.98 -39.85 12.35
CA ASN G 33 -19.40 -41.02 13.14
C ASN G 33 -20.06 -42.07 12.26
N GLU G 34 -20.46 -41.72 11.04
CA GLU G 34 -21.02 -42.68 10.08
C GLU G 34 -19.99 -43.08 9.02
N ARG G 35 -18.71 -42.87 9.28
CA ARG G 35 -17.62 -43.22 8.36
C ARG G 35 -17.77 -42.48 7.03
N ILE G 36 -17.96 -41.17 7.11
CA ILE G 36 -18.09 -40.31 5.94
C ILE G 36 -17.07 -39.19 6.07
N ILE G 37 -16.31 -38.95 5.00
CA ILE G 37 -15.26 -37.95 5.00
C ILE G 37 -15.51 -36.96 3.86
N PHE G 38 -15.51 -35.68 4.19
CA PHE G 38 -15.63 -34.63 3.19
C PHE G 38 -14.26 -34.14 2.76
N LEU G 39 -14.15 -33.80 1.47
CA LEU G 39 -12.99 -33.11 0.93
C LEU G 39 -13.57 -31.95 0.12
N GLY G 40 -13.85 -30.85 0.79
CA GLY G 40 -14.56 -29.75 0.17
C GLY G 40 -13.77 -28.48 0.04
N GLN G 41 -12.49 -28.60 -0.27
CA GLN G 41 -11.60 -27.45 -0.37
C GLN G 41 -10.36 -27.87 -1.14
N PRO G 42 -9.58 -26.90 -1.64
CA PRO G 42 -8.36 -27.26 -2.36
C PRO G 42 -7.41 -28.07 -1.48
N VAL G 43 -6.72 -29.02 -2.11
CA VAL G 43 -5.87 -29.96 -1.39
C VAL G 43 -4.53 -29.28 -1.08
N ASP G 44 -4.16 -29.27 0.19
CA ASP G 44 -2.87 -28.76 0.63
C ASP G 44 -2.36 -29.68 1.73
N ASP G 45 -1.32 -29.24 2.44
CA ASP G 45 -0.71 -30.09 3.46
C ASP G 45 -1.66 -30.33 4.64
N ASP G 46 -2.34 -29.29 5.10
CA ASP G 46 -3.16 -29.41 6.30
C ASP G 46 -4.35 -30.35 6.08
N ILE G 47 -5.10 -30.13 5.00
CA ILE G 47 -6.25 -30.99 4.74
C ILE G 47 -5.80 -32.41 4.43
N ALA G 48 -4.65 -32.56 3.76
CA ALA G 48 -4.13 -33.90 3.51
C ALA G 48 -3.80 -34.62 4.81
N ASN G 49 -3.19 -33.91 5.76
CA ASN G 49 -2.92 -34.51 7.06
C ASN G 49 -4.21 -34.89 7.77
N LYS G 50 -5.22 -34.02 7.69
CA LYS G 50 -6.52 -34.35 8.29
C LYS G 50 -7.10 -35.61 7.69
N ILE G 51 -7.08 -35.71 6.36
CA ILE G 51 -7.65 -36.88 5.69
C ILE G 51 -6.87 -38.13 6.05
N THR G 52 -5.54 -38.04 6.09
CA THR G 52 -4.72 -39.19 6.44
C THR G 52 -5.01 -39.65 7.86
N ALA G 53 -5.12 -38.70 8.79
CA ALA G 53 -5.42 -39.06 10.18
C ALA G 53 -6.79 -39.71 10.29
N GLN G 54 -7.78 -39.16 9.61
CA GLN G 54 -9.12 -39.74 9.67
C GLN G 54 -9.15 -41.13 9.06
N LEU G 55 -8.45 -41.32 7.94
CA LEU G 55 -8.39 -42.64 7.32
C LEU G 55 -7.73 -43.64 8.24
N LEU G 56 -6.62 -43.27 8.87
CA LEU G 56 -5.96 -44.16 9.80
C LEU G 56 -6.85 -44.50 10.99
N LEU G 57 -7.57 -43.50 11.50
CA LEU G 57 -8.44 -43.73 12.64
C LEU G 57 -9.58 -44.68 12.29
N LEU G 58 -10.20 -44.48 11.11
CA LEU G 58 -11.27 -45.38 10.69
C LEU G 58 -10.73 -46.74 10.27
N ALA G 59 -9.43 -46.85 10.00
CA ALA G 59 -8.84 -48.13 9.66
C ALA G 59 -8.78 -49.10 10.83
N SER G 60 -9.09 -48.64 12.05
CA SER G 60 -9.07 -49.53 13.20
C SER G 60 -10.05 -50.68 13.02
N ASP G 61 -11.24 -50.40 12.49
CA ASP G 61 -12.19 -51.45 12.17
C ASP G 61 -11.90 -51.95 10.76
N PRO G 62 -11.47 -53.19 10.58
CA PRO G 62 -11.04 -53.66 9.26
C PRO G 62 -12.14 -54.27 8.39
N GLU G 63 -13.40 -54.20 8.77
CA GLU G 63 -14.48 -54.74 7.95
C GLU G 63 -15.41 -53.69 7.38
N LYS G 64 -15.57 -52.55 8.06
CA LYS G 64 -16.47 -51.51 7.59
C LYS G 64 -15.76 -50.62 6.58
N ASP G 65 -16.37 -50.46 5.42
CA ASP G 65 -15.82 -49.61 4.38
C ASP G 65 -15.93 -48.14 4.76
N ILE G 66 -15.20 -47.30 4.03
CA ILE G 66 -15.12 -45.86 4.31
C ILE G 66 -15.59 -45.11 3.07
N TYR G 67 -16.48 -44.15 3.27
CA TYR G 67 -17.05 -43.37 2.18
C TYR G 67 -16.44 -41.97 2.19
N LEU G 68 -16.03 -41.51 1.02
CA LEU G 68 -15.32 -40.24 0.88
C LEU G 68 -16.00 -39.40 -0.18
N TYR G 69 -16.39 -38.19 0.19
CA TYR G 69 -17.10 -37.27 -0.70
C TYR G 69 -16.14 -36.20 -1.20
N ILE G 70 -16.17 -35.93 -2.50
CA ILE G 70 -15.23 -35.01 -3.12
C ILE G 70 -15.99 -33.86 -3.76
N ASN G 71 -15.62 -32.64 -3.41
CA ASN G 71 -16.06 -31.43 -4.12
C ASN G 71 -14.89 -30.46 -3.95
N SER G 72 -13.99 -30.44 -4.93
CA SER G 72 -12.75 -29.67 -4.78
C SER G 72 -12.18 -29.39 -6.15
N PRO G 73 -11.51 -28.24 -6.34
CA PRO G 73 -10.86 -27.94 -7.61
C PRO G 73 -9.42 -28.42 -7.73
N GLY G 74 -8.95 -29.26 -6.82
CA GLY G 74 -7.59 -29.78 -6.89
C GLY G 74 -6.64 -29.02 -5.99
N GLY G 75 -5.40 -29.50 -5.97
CA GLY G 75 -4.38 -28.91 -5.12
C GLY G 75 -2.97 -29.37 -5.43
N SER G 76 -2.17 -29.54 -4.38
CA SER G 76 -0.77 -29.92 -4.57
C SER G 76 -0.65 -31.40 -4.90
N ILE G 77 0.42 -31.73 -5.61
CA ILE G 77 0.67 -33.11 -6.02
C ILE G 77 1.02 -33.99 -4.83
N THR G 78 1.92 -33.52 -3.98
CA THR G 78 2.44 -34.36 -2.91
C THR G 78 1.35 -34.74 -1.90
N ALA G 79 0.52 -33.77 -1.52
CA ALA G 79 -0.56 -34.04 -0.59
C ALA G 79 -1.54 -35.05 -1.17
N GLY G 80 -1.91 -34.88 -2.44
CA GLY G 80 -2.79 -35.83 -3.08
C GLY G 80 -2.20 -37.22 -3.13
N MET G 81 -0.91 -37.32 -3.40
CA MET G 81 -0.28 -38.65 -3.43
C MET G 81 -0.22 -39.26 -2.04
N ALA G 82 -0.02 -38.44 -1.01
CA ALA G 82 -0.07 -38.98 0.36
C ALA G 82 -1.44 -39.56 0.65
N ILE G 83 -2.50 -38.83 0.29
CA ILE G 83 -3.85 -39.34 0.50
C ILE G 83 -4.08 -40.62 -0.31
N TYR G 84 -3.58 -40.64 -1.55
CA TYR G 84 -3.76 -41.81 -2.39
C TYR G 84 -3.07 -43.03 -1.80
N ASP G 85 -1.85 -42.86 -1.30
CA ASP G 85 -1.14 -43.98 -0.68
C ASP G 85 -1.86 -44.45 0.57
N THR G 86 -2.40 -43.51 1.36
CA THR G 86 -3.15 -43.92 2.54
C THR G 86 -4.39 -44.72 2.15
N MET G 87 -5.07 -44.30 1.07
CA MET G 87 -6.21 -45.07 0.57
C MET G 87 -5.79 -46.47 0.16
N GLN G 88 -4.67 -46.57 -0.56
CA GLN G 88 -4.25 -47.86 -1.09
C GLN G 88 -3.68 -48.78 -0.02
N TYR G 89 -3.27 -48.23 1.13
CA TYR G 89 -2.57 -49.04 2.12
C TYR G 89 -3.51 -49.97 2.87
N ILE G 90 -4.70 -49.48 3.23
CA ILE G 90 -5.55 -50.20 4.18
C ILE G 90 -6.41 -51.22 3.45
N LYS G 91 -6.87 -52.23 4.21
CA LYS G 91 -7.82 -53.20 3.66
C LYS G 91 -9.17 -52.57 3.36
N ASN G 92 -9.59 -51.60 4.17
CA ASN G 92 -10.93 -51.06 4.04
C ASN G 92 -11.17 -50.46 2.66
N ASP G 93 -12.23 -50.91 2.00
CA ASP G 93 -12.58 -50.37 0.71
C ASP G 93 -13.07 -48.94 0.86
N VAL G 94 -12.65 -48.07 -0.05
CA VAL G 94 -13.02 -46.66 -0.01
C VAL G 94 -13.94 -46.38 -1.18
N VAL G 95 -15.17 -45.98 -0.87
CA VAL G 95 -16.17 -45.64 -1.87
C VAL G 95 -16.17 -44.13 -2.06
N THR G 96 -15.80 -43.68 -3.25
CA THR G 96 -15.70 -42.26 -3.54
C THR G 96 -16.96 -41.79 -4.25
N ILE G 97 -17.53 -40.69 -3.78
CA ILE G 97 -18.68 -40.06 -4.38
C ILE G 97 -18.33 -38.63 -4.73
N ALA G 98 -18.56 -38.25 -5.98
CA ALA G 98 -18.26 -36.90 -6.44
C ALA G 98 -19.55 -36.12 -6.62
N MET G 99 -19.64 -34.95 -5.97
CA MET G 99 -20.74 -34.03 -6.18
C MET G 99 -20.16 -32.65 -6.47
N GLY G 100 -20.80 -31.92 -7.39
CA GLY G 100 -20.32 -30.61 -7.74
C GLY G 100 -19.18 -30.64 -8.72
N LEU G 101 -17.97 -30.38 -8.24
CA LEU G 101 -16.79 -30.31 -9.08
C LEU G 101 -15.71 -31.25 -8.55
N ALA G 102 -15.07 -31.97 -9.46
CA ALA G 102 -13.94 -32.84 -9.11
C ALA G 102 -12.88 -32.62 -10.19
N ALA G 103 -11.87 -31.83 -9.87
CA ALA G 103 -10.89 -31.38 -10.85
C ALA G 103 -9.48 -31.59 -10.34
N ALA G 104 -8.56 -31.81 -11.28
CA ALA G 104 -7.12 -31.91 -11.02
C ALA G 104 -6.90 -33.04 -10.02
N MET G 105 -6.32 -32.78 -8.85
CA MET G 105 -6.09 -33.84 -7.87
C MET G 105 -7.40 -34.45 -7.39
N GLY G 106 -8.48 -33.66 -7.36
CA GLY G 106 -9.77 -34.21 -6.96
C GLY G 106 -10.22 -35.34 -7.86
N GLN G 107 -10.05 -35.17 -9.18
CA GLN G 107 -10.40 -36.23 -10.10
C GLN G 107 -9.54 -37.47 -9.88
N PHE G 108 -8.25 -37.27 -9.62
CA PHE G 108 -7.36 -38.41 -9.37
C PHE G 108 -7.79 -39.18 -8.13
N LEU G 109 -8.12 -38.47 -7.05
CA LEU G 109 -8.59 -39.14 -5.85
C LEU G 109 -9.93 -39.85 -6.10
N LEU G 110 -10.81 -39.21 -6.87
CA LEU G 110 -12.10 -39.82 -7.17
C LEU G 110 -11.93 -41.12 -7.94
N SER G 111 -11.08 -41.11 -8.95
CA SER G 111 -10.82 -42.32 -9.73
C SER G 111 -9.94 -43.31 -8.99
N ALA G 112 -9.34 -42.91 -7.88
CA ALA G 112 -8.47 -43.79 -7.12
C ALA G 112 -9.21 -44.73 -6.19
N GLY G 113 -10.53 -44.66 -6.14
CA GLY G 113 -11.28 -45.52 -5.26
C GLY G 113 -11.23 -46.98 -5.69
N THR G 114 -11.70 -47.84 -4.80
CA THR G 114 -11.69 -49.27 -5.08
C THR G 114 -12.60 -49.57 -6.27
N PRO G 115 -12.22 -50.55 -7.10
CA PRO G 115 -13.01 -50.82 -8.31
C PRO G 115 -14.45 -51.19 -7.99
N GLY G 116 -15.36 -50.71 -8.83
CA GLY G 116 -16.78 -50.96 -8.67
C GLY G 116 -17.47 -50.11 -7.62
N LYS G 117 -16.77 -49.18 -6.99
CA LYS G 117 -17.34 -48.38 -5.91
C LYS G 117 -16.98 -46.91 -6.07
N ARG G 118 -17.08 -46.40 -7.29
CA ARG G 118 -16.89 -44.97 -7.56
C ARG G 118 -18.17 -44.44 -8.21
N PHE G 119 -18.71 -43.36 -7.65
CA PHE G 119 -19.98 -42.84 -8.13
C PHE G 119 -19.95 -41.32 -8.20
N ALA G 120 -20.81 -40.79 -9.05
CA ALA G 120 -20.99 -39.34 -9.17
C ALA G 120 -22.46 -39.02 -9.31
N LEU G 121 -22.82 -37.81 -8.91
CA LEU G 121 -24.18 -37.34 -9.05
C LEU G 121 -24.46 -36.94 -10.49
N PRO G 122 -25.73 -36.92 -10.91
CA PRO G 122 -26.02 -36.70 -12.33
C PRO G 122 -25.48 -35.40 -12.90
N ASN G 123 -25.38 -34.35 -12.09
CA ASN G 123 -24.89 -33.07 -12.58
C ASN G 123 -23.47 -32.77 -12.13
N ALA G 124 -22.71 -33.79 -11.76
CA ALA G 124 -21.32 -33.59 -11.37
C ALA G 124 -20.47 -33.23 -12.59
N GLU G 125 -19.34 -32.58 -12.32
CA GLU G 125 -18.40 -32.18 -13.36
C GLU G 125 -17.04 -32.76 -13.04
N ILE G 126 -16.44 -33.43 -14.02
CA ILE G 126 -15.11 -34.02 -13.86
C ILE G 126 -14.16 -33.30 -14.81
N LEU G 127 -12.98 -32.96 -14.32
CA LEU G 127 -11.98 -32.26 -15.12
C LEU G 127 -10.66 -33.01 -15.08
N ILE G 128 -10.18 -33.40 -16.26
CA ILE G 128 -8.85 -33.97 -16.40
C ILE G 128 -7.89 -32.83 -16.74
N HIS G 129 -6.90 -32.62 -15.88
CA HIS G 129 -6.05 -31.45 -15.93
C HIS G 129 -4.58 -31.87 -15.82
N GLN G 130 -3.75 -31.29 -16.65
CA GLN G 130 -2.32 -31.58 -16.67
C GLN G 130 -1.63 -30.86 -15.49
N PRO G 131 -0.63 -31.48 -14.88
CA PRO G 131 0.08 -30.81 -13.77
C PRO G 131 0.75 -29.52 -14.23
N SER G 132 0.79 -28.55 -13.33
CA SER G 132 1.42 -27.27 -13.60
C SER G 132 2.22 -26.81 -12.40
N ALA G 133 3.31 -26.09 -12.66
CA ALA G 133 4.18 -25.60 -11.60
C ALA G 133 5.08 -24.51 -12.17
N GLY G 134 5.80 -23.84 -11.29
CA GLY G 134 6.73 -22.81 -11.68
C GLY G 134 8.10 -23.03 -11.08
N LEU G 135 9.12 -22.65 -11.82
CA LEU G 135 10.50 -22.88 -11.42
C LEU G 135 11.32 -21.61 -11.60
N ALA G 136 12.40 -21.52 -10.83
CA ALA G 136 13.33 -20.40 -10.93
C ALA G 136 14.68 -20.85 -10.38
N GLY G 137 15.72 -20.18 -10.83
CA GLY G 137 17.07 -20.46 -10.39
C GLY G 137 18.02 -20.53 -11.56
N SER G 138 19.19 -21.12 -11.32
CA SER G 138 20.20 -21.25 -12.36
C SER G 138 19.80 -22.35 -13.35
N ALA G 139 20.67 -22.60 -14.32
CA ALA G 139 20.37 -23.58 -15.35
C ALA G 139 20.26 -24.99 -14.78
N SER G 140 21.18 -25.36 -13.89
CA SER G 140 21.19 -26.73 -13.38
C SER G 140 19.99 -27.02 -12.50
N ASP G 141 19.63 -26.09 -11.61
CA ASP G 141 18.47 -26.29 -10.75
C ASP G 141 17.19 -26.39 -11.57
N ILE G 142 17.05 -25.51 -12.57
CA ILE G 142 15.89 -25.56 -13.44
C ILE G 142 15.84 -26.88 -14.18
N LYS G 143 17.00 -27.35 -14.66
CA LYS G 143 17.06 -28.66 -15.29
C LYS G 143 16.51 -29.75 -14.37
N ILE G 144 17.07 -29.84 -13.17
CA ILE G 144 16.71 -30.92 -12.25
C ILE G 144 15.22 -30.89 -11.95
N HIS G 145 14.69 -29.70 -11.67
CA HIS G 145 13.26 -29.61 -11.42
C HIS G 145 12.46 -29.97 -12.66
N ALA G 146 13.01 -29.74 -13.86
CA ALA G 146 12.31 -30.12 -15.07
C ALA G 146 12.19 -31.63 -15.19
N GLU G 147 13.28 -32.37 -15.00
CA GLU G 147 13.12 -33.82 -15.04
C GLU G 147 12.23 -34.32 -13.92
N ARG G 148 12.25 -33.67 -12.76
CA ARG G 148 11.36 -34.11 -11.69
C ARG G 148 9.90 -33.92 -12.07
N LEU G 149 9.58 -32.77 -12.67
CA LEU G 149 8.21 -32.53 -13.11
C LEU G 149 7.79 -33.53 -14.18
N LEU G 150 8.68 -33.82 -15.13
CA LEU G 150 8.34 -34.79 -16.17
C LEU G 150 8.12 -36.17 -15.57
N HIS G 151 8.94 -36.55 -14.58
CA HIS G 151 8.77 -37.84 -13.94
C HIS G 151 7.43 -37.91 -13.21
N THR G 152 7.05 -36.85 -12.51
CA THR G 152 5.76 -36.83 -11.84
C THR G 152 4.62 -36.93 -12.83
N LYS G 153 4.73 -36.23 -13.97
CA LYS G 153 3.69 -36.30 -14.99
C LYS G 153 3.54 -37.72 -15.52
N LYS G 154 4.66 -38.38 -15.81
CA LYS G 154 4.59 -39.76 -16.28
C LYS G 154 4.01 -40.68 -15.21
N ARG G 155 4.37 -40.43 -13.95
CA ARG G 155 3.83 -41.22 -12.85
C ARG G 155 2.32 -41.11 -12.80
N MET G 156 1.80 -39.89 -12.90
CA MET G 156 0.37 -39.67 -12.91
C MET G 156 -0.30 -40.35 -14.11
N ALA G 157 0.32 -40.22 -15.29
CA ALA G 157 -0.28 -40.82 -16.48
C ALA G 157 -0.39 -42.32 -16.33
N GLU G 158 0.68 -42.96 -15.84
CA GLU G 158 0.65 -44.41 -15.68
C GLU G 158 -0.38 -44.82 -14.64
N LEU G 159 -0.45 -44.09 -13.53
CA LEU G 159 -1.41 -44.44 -12.49
C LEU G 159 -2.84 -44.31 -12.99
N THR G 160 -3.14 -43.22 -13.72
CA THR G 160 -4.48 -43.05 -14.28
C THR G 160 -4.81 -44.14 -15.28
N SER G 161 -3.85 -44.51 -16.14
CA SER G 161 -4.08 -45.58 -17.09
C SER G 161 -4.36 -46.90 -16.38
N GLN G 162 -3.62 -47.17 -15.30
CA GLN G 162 -3.84 -48.39 -14.54
C GLN G 162 -5.21 -48.40 -13.88
N HIS G 163 -5.64 -47.26 -13.34
CA HIS G 163 -6.90 -47.23 -12.59
C HIS G 163 -8.12 -47.24 -13.50
N THR G 164 -8.06 -46.54 -14.63
CA THR G 164 -9.23 -46.40 -15.49
C THR G 164 -9.39 -47.53 -16.48
N GLY G 165 -8.30 -48.18 -16.88
CA GLY G 165 -8.34 -49.22 -17.89
C GLY G 165 -7.96 -48.76 -19.28
N GLN G 166 -7.87 -47.45 -19.51
CA GLN G 166 -7.40 -46.95 -20.79
C GLN G 166 -5.90 -47.20 -20.93
N THR G 167 -5.45 -47.24 -22.18
CA THR G 167 -4.04 -47.42 -22.46
C THR G 167 -3.26 -46.14 -22.11
N ILE G 168 -1.97 -46.31 -21.88
CA ILE G 168 -1.14 -45.20 -21.41
C ILE G 168 -1.09 -44.09 -22.46
N GLU G 169 -0.91 -44.46 -23.73
CA GLU G 169 -0.84 -43.45 -24.77
C GLU G 169 -2.17 -42.72 -24.93
N GLN G 170 -3.28 -43.43 -24.78
CA GLN G 170 -4.59 -42.78 -24.85
C GLN G 170 -4.74 -41.76 -23.74
N ILE G 171 -4.33 -42.11 -22.52
CA ILE G 171 -4.43 -41.18 -21.41
C ILE G 171 -3.53 -39.97 -21.65
N THR G 172 -2.29 -40.20 -22.10
CA THR G 172 -1.37 -39.10 -22.24
C THR G 172 -1.75 -38.18 -23.40
N ARG G 173 -2.41 -38.70 -24.43
CA ARG G 173 -2.91 -37.81 -25.48
C ARG G 173 -4.18 -37.09 -25.06
N ASP G 174 -5.00 -37.72 -24.22
CA ASP G 174 -6.22 -37.06 -23.75
C ASP G 174 -5.91 -36.00 -22.71
N SER G 175 -4.82 -36.16 -21.97
CA SER G 175 -4.47 -35.24 -20.89
C SER G 175 -3.58 -34.10 -21.35
N ASP G 176 -3.33 -33.98 -22.65
CA ASP G 176 -2.51 -32.88 -23.15
C ASP G 176 -3.14 -31.53 -22.82
N ARG G 177 -4.44 -31.41 -23.00
CA ARG G 177 -5.20 -30.24 -22.62
C ARG G 177 -6.17 -30.60 -21.49
N ASP G 178 -6.89 -29.61 -21.00
CA ASP G 178 -7.94 -29.86 -20.02
C ASP G 178 -9.13 -30.48 -20.73
N ARG G 179 -9.75 -31.47 -20.08
CA ARG G 179 -10.93 -32.11 -20.64
C ARG G 179 -12.05 -32.15 -19.60
N TRP G 180 -13.27 -31.91 -20.06
CA TRP G 180 -14.44 -31.92 -19.18
C TRP G 180 -15.28 -33.16 -19.42
N PHE G 181 -15.97 -33.60 -18.37
CA PHE G 181 -16.78 -34.80 -18.41
C PHE G 181 -18.03 -34.58 -17.57
N ASP G 182 -19.18 -34.98 -18.09
CA ASP G 182 -20.36 -35.09 -17.25
C ASP G 182 -20.39 -36.49 -16.63
N ALA G 183 -21.50 -36.84 -16.00
CA ALA G 183 -21.58 -38.13 -15.33
C ALA G 183 -21.48 -39.28 -16.32
N PHE G 184 -22.25 -39.21 -17.41
CA PHE G 184 -22.39 -40.37 -18.29
C PHE G 184 -21.14 -40.60 -19.13
N GLU G 185 -20.56 -39.54 -19.68
CA GLU G 185 -19.37 -39.74 -20.50
C GLU G 185 -18.16 -40.09 -19.64
N ALA G 186 -18.13 -39.61 -18.39
CA ALA G 186 -17.10 -40.07 -17.46
C ALA G 186 -17.28 -41.55 -17.14
N LYS G 187 -18.53 -41.99 -16.98
CA LYS G 187 -18.78 -43.41 -16.79
C LYS G 187 -18.30 -44.22 -17.99
N GLU G 188 -18.59 -43.74 -19.19
CA GLU G 188 -18.15 -44.43 -20.40
C GLU G 188 -16.63 -44.48 -20.50
N TYR G 189 -15.98 -43.38 -20.15
CA TYR G 189 -14.51 -43.33 -20.25
C TYR G 189 -13.85 -44.34 -19.32
N GLY G 190 -14.38 -44.48 -18.10
CA GLY G 190 -13.81 -45.38 -17.11
C GLY G 190 -13.44 -44.72 -15.79
N LEU G 191 -13.61 -43.41 -15.66
CA LEU G 191 -13.29 -42.75 -14.39
C LEU G 191 -14.26 -43.14 -13.29
N ILE G 192 -15.51 -43.44 -13.65
CA ILE G 192 -16.57 -43.71 -12.69
C ILE G 192 -17.22 -45.03 -13.03
N ASP G 193 -17.40 -45.90 -12.04
CA ASP G 193 -18.04 -47.19 -12.28
C ASP G 193 -19.51 -47.03 -12.61
N ASP G 194 -20.22 -46.19 -11.87
CA ASP G 194 -21.65 -46.04 -12.10
C ASP G 194 -22.12 -44.69 -11.55
N VAL G 195 -23.21 -44.20 -12.12
CA VAL G 195 -23.81 -42.93 -11.72
C VAL G 195 -25.15 -43.23 -11.04
N MET G 196 -25.37 -42.61 -9.88
CA MET G 196 -26.62 -42.76 -9.16
C MET G 196 -27.63 -41.70 -9.58
N THR G 197 -28.91 -42.05 -9.47
CA THR G 197 -29.99 -41.18 -9.89
C THR G 197 -30.83 -40.71 -8.70
N THR G 198 -31.38 -41.63 -7.92
CA THR G 198 -32.17 -41.31 -6.76
C THR G 198 -31.73 -42.19 -5.60
N ALA G 199 -32.27 -41.92 -4.42
CA ALA G 199 -31.93 -42.70 -3.24
C ALA G 199 -32.39 -44.14 -3.39
N TYR H 36 25.05 13.52 -22.72
CA TYR H 36 25.62 14.75 -22.20
C TYR H 36 26.95 15.01 -22.91
N ASP H 37 27.51 16.21 -22.76
CA ASP H 37 28.54 16.69 -23.67
C ASP H 37 29.75 15.77 -23.78
N PRO H 38 30.38 15.33 -22.69
CA PRO H 38 31.55 14.43 -22.85
C PRO H 38 31.22 13.14 -23.55
N TYR H 39 30.00 12.60 -23.38
CA TYR H 39 29.64 11.38 -24.08
C TYR H 39 29.71 11.58 -25.59
N ALA H 40 29.10 12.66 -26.09
CA ALA H 40 29.15 12.94 -27.52
C ALA H 40 30.58 13.24 -27.97
N LYS H 41 31.33 13.98 -27.15
CA LYS H 41 32.69 14.34 -27.54
C LYS H 41 33.56 13.10 -27.68
N LEU H 42 33.42 12.14 -26.77
CA LEU H 42 34.10 10.86 -26.91
C LEU H 42 33.52 10.07 -28.08
N PHE H 43 32.25 10.29 -28.40
CA PHE H 43 31.63 9.62 -29.53
C PHE H 43 32.34 9.99 -30.83
N GLU H 44 32.69 11.26 -31.02
CA GLU H 44 33.47 11.53 -32.23
C GLU H 44 34.87 10.92 -32.17
N GLU H 45 35.32 10.47 -31.01
CA GLU H 45 36.60 9.79 -30.88
C GLU H 45 36.48 8.28 -30.98
N ARG H 46 35.31 7.78 -31.40
CA ARG H 46 35.07 6.35 -31.62
C ARG H 46 35.26 5.55 -30.33
N VAL H 47 34.73 6.08 -29.24
CA VAL H 47 34.74 5.42 -27.95
C VAL H 47 33.29 5.24 -27.52
N ILE H 48 32.93 4.00 -27.16
CA ILE H 48 31.56 3.65 -26.83
C ILE H 48 31.52 3.19 -25.37
N PHE H 49 30.63 3.77 -24.59
CA PHE H 49 30.47 3.41 -23.20
C PHE H 49 29.34 2.41 -23.02
N LEU H 50 29.61 1.37 -22.24
CA LEU H 50 28.60 0.40 -21.82
C LEU H 50 28.61 0.39 -20.30
N GLY H 51 27.89 1.33 -19.71
CA GLY H 51 27.95 1.54 -18.28
C GLY H 51 26.68 1.18 -17.55
N VAL H 52 25.71 0.63 -18.26
CA VAL H 52 24.43 0.28 -17.67
C VAL H 52 24.18 -1.21 -17.83
N GLN H 53 23.05 -1.69 -17.33
CA GLN H 53 22.69 -3.08 -17.50
C GLN H 53 22.32 -3.36 -18.95
N ILE H 54 22.59 -4.59 -19.38
CA ILE H 54 22.29 -4.99 -20.75
C ILE H 54 20.79 -5.26 -20.87
N ASP H 55 20.14 -4.56 -21.78
CA ASP H 55 18.72 -4.76 -22.04
C ASP H 55 18.44 -4.36 -23.48
N ASP H 56 17.17 -4.34 -23.86
CA ASP H 56 16.79 -4.10 -25.24
C ASP H 56 17.17 -2.69 -25.68
N ALA H 57 16.87 -1.69 -24.85
CA ALA H 57 17.10 -0.30 -25.25
C ALA H 57 18.59 0.00 -25.38
N SER H 58 19.37 -0.38 -24.37
CA SER H 58 20.80 -0.12 -24.42
C SER H 58 21.46 -0.88 -25.57
N ALA H 59 21.03 -2.12 -25.78
CA ALA H 59 21.59 -2.90 -26.89
C ALA H 59 21.27 -2.25 -28.23
N ASN H 60 20.02 -1.83 -28.43
CA ASN H 60 19.65 -1.20 -29.69
C ASN H 60 20.46 0.07 -29.91
N ASP H 61 20.65 0.85 -28.84
CA ASP H 61 21.50 2.04 -28.94
C ASP H 61 22.92 1.65 -29.33
N VAL H 62 23.42 0.56 -28.76
CA VAL H 62 24.79 0.14 -29.06
C VAL H 62 24.92 -0.29 -30.53
N MET H 63 23.96 -1.06 -31.05
CA MET H 63 24.02 -1.42 -32.46
C MET H 63 23.92 -0.18 -33.35
N ALA H 64 23.05 0.76 -32.99
CA ALA H 64 22.94 1.97 -33.80
C ALA H 64 24.26 2.72 -33.84
N GLN H 65 24.89 2.87 -32.67
CA GLN H 65 26.18 3.56 -32.61
C GLN H 65 27.23 2.82 -33.41
N LEU H 66 27.28 1.48 -33.29
CA LEU H 66 28.25 0.71 -34.04
C LEU H 66 28.08 0.95 -35.53
N LEU H 67 26.86 0.71 -36.04
CA LEU H 67 26.61 0.89 -37.48
C LEU H 67 26.95 2.30 -37.92
N CYS H 68 26.73 3.29 -37.06
CA CYS H 68 27.17 4.64 -37.40
C CYS H 68 28.70 4.72 -37.52
N LEU H 69 29.41 4.05 -36.62
CA LEU H 69 30.88 4.09 -36.68
C LEU H 69 31.41 3.44 -37.96
N GLU H 70 30.89 2.26 -38.32
CA GLU H 70 31.36 1.72 -39.59
C GLU H 70 30.73 2.38 -40.80
N SER H 71 29.76 3.27 -40.59
CA SER H 71 29.26 4.06 -41.71
C SER H 71 30.35 4.94 -42.30
N MET H 72 31.20 5.51 -41.45
CA MET H 72 32.39 6.23 -41.91
C MET H 72 33.48 5.22 -42.24
N ASP H 73 34.71 5.71 -42.36
CA ASP H 73 35.89 4.93 -42.75
C ASP H 73 35.95 3.60 -42.02
N PRO H 74 35.80 2.48 -42.72
CA PRO H 74 35.90 1.16 -42.09
C PRO H 74 37.31 0.64 -41.90
N ASP H 75 38.34 1.49 -42.03
CA ASP H 75 39.72 1.08 -41.84
C ASP H 75 40.28 1.51 -40.50
N ARG H 76 39.42 1.97 -39.59
CA ARG H 76 39.86 2.47 -38.29
C ARG H 76 39.07 1.80 -37.18
N ASP H 77 39.78 1.54 -36.07
CA ASP H 77 39.26 0.70 -35.00
C ASP H 77 38.13 1.38 -34.24
N ILE H 78 37.27 0.56 -33.64
CA ILE H 78 36.17 1.02 -32.82
C ILE H 78 36.41 0.54 -31.39
N SER H 79 36.48 1.48 -30.45
CA SER H 79 36.80 1.16 -29.06
C SER H 79 35.54 1.24 -28.21
N VAL H 80 35.31 0.22 -27.40
CA VAL H 80 34.16 0.14 -26.50
C VAL H 80 34.67 -0.04 -25.08
N TYR H 81 34.12 0.74 -24.15
CA TYR H 81 34.49 0.68 -22.75
C TYR H 81 33.36 0.02 -21.97
N ILE H 82 33.70 -1.00 -21.19
CA ILE H 82 32.71 -1.86 -20.56
C ILE H 82 32.85 -1.72 -19.05
N ASN H 83 31.77 -1.29 -18.39
CA ASN H 83 31.64 -1.31 -16.94
C ASN H 83 30.17 -1.61 -16.64
N SER H 84 29.83 -2.88 -16.51
CA SER H 84 28.43 -3.27 -16.42
C SER H 84 28.30 -4.54 -15.59
N PRO H 85 27.23 -4.67 -14.82
CA PRO H 85 26.98 -5.91 -14.07
C PRO H 85 26.21 -6.98 -14.82
N GLY H 86 26.09 -6.88 -16.14
CA GLY H 86 25.41 -7.89 -16.91
C GLY H 86 24.06 -7.45 -17.44
N GLY H 87 23.18 -8.39 -17.69
CA GLY H 87 21.85 -8.07 -18.19
C GLY H 87 21.27 -9.25 -18.95
N SER H 88 20.45 -8.92 -19.94
CA SER H 88 19.76 -9.93 -20.73
C SER H 88 20.74 -10.70 -21.62
N PHE H 89 20.28 -11.83 -22.15
CA PHE H 89 21.09 -12.68 -22.99
C PHE H 89 20.84 -12.46 -24.47
N THR H 90 19.60 -12.19 -24.87
CA THR H 90 19.32 -11.92 -26.28
C THR H 90 20.04 -10.66 -26.75
N ALA H 91 20.02 -9.61 -25.93
CA ALA H 91 20.76 -8.39 -26.24
C ALA H 91 22.26 -8.68 -26.29
N LEU H 92 22.74 -9.55 -25.39
CA LEU H 92 24.12 -9.99 -25.42
C LEU H 92 24.49 -10.52 -26.79
N THR H 93 23.70 -11.47 -27.30
CA THR H 93 24.00 -12.08 -28.58
C THR H 93 23.85 -11.09 -29.72
N ALA H 94 22.88 -10.17 -29.61
CA ALA H 94 22.74 -9.15 -30.64
C ALA H 94 24.00 -8.31 -30.76
N ILE H 95 24.51 -7.82 -29.64
CA ILE H 95 25.73 -7.01 -29.67
C ILE H 95 26.90 -7.85 -30.14
N TYR H 96 26.98 -9.11 -29.70
CA TYR H 96 28.09 -9.96 -30.10
C TYR H 96 28.11 -10.17 -31.61
N ASP H 97 26.95 -10.46 -32.19
CA ASP H 97 26.88 -10.64 -33.64
C ASP H 97 27.19 -9.35 -34.36
N THR H 98 26.76 -8.22 -33.81
CA THR H 98 27.08 -6.94 -34.44
C THR H 98 28.59 -6.71 -34.47
N MET H 99 29.28 -6.97 -33.35
CA MET H 99 30.73 -6.85 -33.35
C MET H 99 31.38 -7.82 -34.32
N GLN H 100 30.84 -9.04 -34.42
CA GLN H 100 31.39 -10.02 -35.34
C GLN H 100 31.25 -9.59 -36.79
N TYR H 101 30.11 -9.01 -37.15
CA TYR H 101 29.84 -8.67 -38.54
C TYR H 101 30.66 -7.48 -39.04
N VAL H 102 31.16 -6.65 -38.13
CA VAL H 102 31.81 -5.40 -38.52
C VAL H 102 33.27 -5.66 -38.89
N LYS H 103 33.66 -5.23 -40.08
CA LYS H 103 35.05 -5.43 -40.52
C LYS H 103 36.05 -4.68 -39.66
N PRO H 104 35.85 -3.42 -39.28
CA PRO H 104 36.79 -2.76 -38.36
C PRO H 104 36.95 -3.55 -37.07
N ASP H 105 38.19 -3.57 -36.57
CA ASP H 105 38.50 -4.24 -35.33
C ASP H 105 37.87 -3.52 -34.15
N VAL H 106 37.67 -4.26 -33.06
CA VAL H 106 37.02 -3.75 -31.87
C VAL H 106 38.00 -3.81 -30.70
N GLN H 107 38.14 -2.69 -30.01
CA GLN H 107 38.95 -2.60 -28.80
C GLN H 107 38.02 -2.78 -27.62
N THR H 108 38.36 -3.68 -26.70
CA THR H 108 37.62 -3.86 -25.47
C THR H 108 38.56 -3.75 -24.29
N VAL H 109 38.23 -2.87 -23.35
CA VAL H 109 38.99 -2.72 -22.11
C VAL H 109 38.05 -2.90 -20.94
N CYS H 110 38.47 -3.70 -19.97
CA CYS H 110 37.69 -3.89 -18.76
C CYS H 110 37.98 -2.77 -17.77
N MET H 111 36.93 -2.22 -17.19
CA MET H 111 37.01 -0.99 -16.40
C MET H 111 36.11 -1.14 -15.16
N GLY H 112 36.71 -1.56 -14.06
CA GLY H 112 35.98 -1.67 -12.81
C GLY H 112 35.21 -2.96 -12.62
N GLN H 113 34.18 -3.18 -13.44
CA GLN H 113 33.34 -4.35 -13.30
C GLN H 113 33.05 -4.97 -14.66
N ALA H 114 33.03 -6.30 -14.71
CA ALA H 114 32.66 -7.02 -15.92
C ALA H 114 32.02 -8.34 -15.48
N ALA H 115 30.69 -8.37 -15.44
CA ALA H 115 29.95 -9.56 -15.05
C ALA H 115 29.66 -10.40 -16.29
N ALA H 116 28.77 -11.39 -16.14
CA ALA H 116 28.58 -12.42 -17.15
C ALA H 116 28.45 -11.84 -18.56
N ALA H 117 27.43 -11.02 -18.79
CA ALA H 117 27.27 -10.39 -20.09
C ALA H 117 28.46 -9.52 -20.43
N ALA H 118 28.91 -8.71 -19.47
CA ALA H 118 30.07 -7.85 -19.70
C ALA H 118 31.32 -8.68 -19.93
N ALA H 119 31.50 -9.76 -19.19
CA ALA H 119 32.68 -10.59 -19.37
C ALA H 119 32.72 -11.21 -20.75
N VAL H 120 31.59 -11.76 -21.21
CA VAL H 120 31.59 -12.41 -22.50
C VAL H 120 31.74 -11.39 -23.62
N LEU H 121 31.16 -10.19 -23.45
CA LEU H 121 31.34 -9.15 -24.46
C LEU H 121 32.79 -8.68 -24.51
N LEU H 122 33.42 -8.53 -23.36
CA LEU H 122 34.83 -8.14 -23.31
C LEU H 122 35.72 -9.20 -23.96
N ALA H 123 35.44 -10.47 -23.69
CA ALA H 123 36.20 -11.55 -24.31
C ALA H 123 35.90 -11.70 -25.79
N ALA H 124 34.89 -11.00 -26.31
CA ALA H 124 34.50 -11.12 -27.71
C ALA H 124 35.27 -10.19 -28.62
N GLY H 125 36.23 -9.43 -28.11
CA GLY H 125 37.00 -8.54 -28.95
C GLY H 125 37.93 -9.30 -29.87
N THR H 126 38.60 -8.53 -30.75
CA THR H 126 39.51 -9.13 -31.70
C THR H 126 40.67 -9.80 -30.97
N PRO H 127 41.20 -10.90 -31.52
CA PRO H 127 42.23 -11.65 -30.80
C PRO H 127 43.47 -10.82 -30.55
N GLY H 128 44.08 -11.03 -29.38
CA GLY H 128 45.29 -10.33 -29.00
C GLY H 128 45.15 -8.84 -28.84
N LYS H 129 43.92 -8.33 -28.70
CA LYS H 129 43.71 -6.89 -28.65
C LYS H 129 42.66 -6.54 -27.62
N ARG H 130 42.73 -7.15 -26.44
CA ARG H 130 41.82 -6.86 -25.34
C ARG H 130 42.63 -6.45 -24.11
N MET H 131 42.18 -5.41 -23.42
CA MET H 131 42.91 -4.84 -22.29
C MET H 131 42.01 -4.76 -21.07
N ALA H 132 42.63 -4.46 -19.93
CA ALA H 132 41.90 -4.29 -18.68
C ALA H 132 42.71 -3.41 -17.75
N LEU H 133 42.01 -2.71 -16.86
CA LEU H 133 42.68 -1.87 -15.89
C LEU H 133 43.37 -2.73 -14.82
N PRO H 134 44.41 -2.20 -14.17
CA PRO H 134 45.15 -3.02 -13.20
C PRO H 134 44.31 -3.55 -12.06
N ASN H 135 43.34 -2.78 -11.59
CA ASN H 135 42.46 -3.20 -10.50
C ASN H 135 41.09 -3.61 -11.00
N ALA H 136 41.04 -4.21 -12.19
CA ALA H 136 39.76 -4.63 -12.74
C ALA H 136 39.18 -5.81 -11.95
N ARG H 137 37.95 -6.16 -12.28
CA ARG H 137 37.21 -7.21 -11.59
C ARG H 137 36.35 -7.93 -12.62
N VAL H 138 36.68 -9.18 -12.92
CA VAL H 138 35.99 -9.96 -13.94
C VAL H 138 35.24 -11.10 -13.26
N LEU H 139 33.99 -11.31 -13.66
CA LEU H 139 33.17 -12.36 -13.10
C LEU H 139 32.50 -13.14 -14.22
N ILE H 140 32.52 -14.46 -14.11
CA ILE H 140 31.85 -15.34 -15.08
C ILE H 140 30.95 -16.29 -14.32
N HIS H 141 29.73 -16.47 -14.83
CA HIS H 141 28.77 -17.38 -14.23
C HIS H 141 27.75 -17.80 -15.28
N GLN H 142 27.15 -18.96 -15.05
CA GLN H 142 26.18 -19.49 -16.00
C GLN H 142 24.91 -18.65 -15.99
N PRO H 143 24.14 -18.66 -17.09
CA PRO H 143 22.93 -17.84 -17.15
C PRO H 143 21.92 -18.23 -16.08
N TYR H 144 21.18 -17.22 -15.62
CA TYR H 144 20.13 -17.40 -14.63
C TYR H 144 18.81 -16.92 -15.20
N SER H 145 17.74 -17.66 -14.94
CA SER H 145 16.44 -17.31 -15.49
C SER H 145 15.34 -17.82 -14.56
N GLU H 146 14.14 -17.27 -14.75
CA GLU H 146 12.96 -17.62 -13.98
C GLU H 146 11.87 -18.02 -14.96
N THR H 147 11.81 -19.32 -15.27
CA THR H 147 10.81 -19.81 -16.21
C THR H 147 9.41 -19.64 -15.61
N GLY H 148 8.51 -19.05 -16.39
CA GLY H 148 7.17 -18.82 -15.91
C GLY H 148 6.43 -20.13 -15.68
N ARG H 149 5.47 -20.08 -14.76
CA ARG H 149 4.71 -21.28 -14.43
C ARG H 149 3.78 -21.65 -15.58
N GLY H 150 3.38 -22.91 -15.60
CA GLY H 150 2.47 -23.38 -16.62
C GLY H 150 2.46 -24.89 -16.68
N GLN H 151 1.79 -25.40 -17.70
CA GLN H 151 1.76 -26.84 -17.93
C GLN H 151 3.17 -27.34 -18.25
N VAL H 152 3.42 -28.59 -17.88
CA VAL H 152 4.78 -29.13 -17.92
C VAL H 152 5.37 -29.17 -19.32
N SER H 153 4.53 -29.17 -20.36
CA SER H 153 5.07 -29.11 -21.72
C SER H 153 5.78 -27.79 -21.97
N ASP H 154 5.18 -26.68 -21.54
CA ASP H 154 5.84 -25.38 -21.68
C ASP H 154 7.12 -25.34 -20.86
N LEU H 155 7.09 -25.90 -19.66
CA LEU H 155 8.30 -25.96 -18.83
C LEU H 155 9.39 -26.75 -19.53
N GLU H 156 9.05 -27.88 -20.14
CA GLU H 156 10.04 -28.67 -20.85
C GLU H 156 10.62 -27.89 -22.03
N ILE H 157 9.76 -27.21 -22.79
CA ILE H 157 10.25 -26.43 -23.93
C ILE H 157 11.22 -25.35 -23.47
N ALA H 158 10.83 -24.60 -22.44
CA ALA H 158 11.68 -23.52 -21.97
C ALA H 158 12.98 -24.05 -21.38
N ALA H 159 12.93 -25.17 -20.65
CA ALA H 159 14.13 -25.74 -20.08
C ALA H 159 15.09 -26.22 -21.17
N ASN H 160 14.56 -26.86 -22.21
CA ASN H 160 15.42 -27.28 -23.30
C ASN H 160 16.04 -26.07 -23.99
N GLU H 161 15.26 -25.00 -24.17
CA GLU H 161 15.80 -23.80 -24.81
C GLU H 161 16.90 -23.19 -23.97
N ILE H 162 16.71 -23.09 -22.65
CA ILE H 162 17.72 -22.47 -21.81
C ILE H 162 18.96 -23.34 -21.74
N LEU H 163 18.81 -24.66 -21.75
CA LEU H 163 19.96 -25.54 -21.77
C LEU H 163 20.76 -25.37 -23.05
N ARG H 164 20.07 -25.30 -24.19
CA ARG H 164 20.77 -25.07 -25.46
C ARG H 164 21.46 -23.72 -25.46
N MET H 165 20.79 -22.69 -24.94
CA MET H 165 21.39 -21.36 -24.89
C MET H 165 22.66 -21.38 -24.03
N ARG H 166 22.60 -22.03 -22.88
CA ARG H 166 23.77 -22.10 -22.02
C ARG H 166 24.92 -22.83 -22.71
N SER H 167 24.63 -24.00 -23.28
CA SER H 167 25.68 -24.77 -23.94
C SER H 167 26.31 -23.97 -25.09
N GLN H 168 25.49 -23.29 -25.88
CA GLN H 168 26.01 -22.42 -26.91
C GLN H 168 26.88 -21.32 -26.32
N LEU H 169 26.51 -20.83 -25.14
CA LEU H 169 27.30 -19.77 -24.52
C LEU H 169 28.71 -20.24 -24.19
N GLU H 170 28.83 -21.39 -23.50
CA GLU H 170 30.20 -21.83 -23.22
C GLU H 170 30.93 -22.27 -24.49
N ASP H 171 30.23 -22.83 -25.47
CA ASP H 171 30.92 -23.18 -26.71
C ASP H 171 31.52 -21.95 -27.36
N MET H 172 30.73 -20.88 -27.47
CA MET H 172 31.18 -19.66 -28.12
C MET H 172 32.26 -18.96 -27.31
N LEU H 173 32.18 -19.03 -25.97
CA LEU H 173 33.21 -18.38 -25.17
C LEU H 173 34.53 -19.15 -25.24
N ALA H 174 34.45 -20.48 -25.21
CA ALA H 174 35.67 -21.29 -25.37
C ALA H 174 36.25 -21.14 -26.77
N LYS H 175 35.42 -20.77 -27.74
CA LYS H 175 35.96 -20.43 -29.06
C LYS H 175 36.88 -19.22 -28.97
N HIS H 176 36.60 -18.29 -28.06
CA HIS H 176 37.35 -17.06 -27.92
C HIS H 176 38.48 -17.15 -26.90
N SER H 177 38.70 -18.33 -26.31
CA SER H 177 39.72 -18.47 -25.28
C SER H 177 40.52 -19.73 -25.56
N THR H 178 41.72 -19.78 -24.98
CA THR H 178 42.59 -20.93 -25.16
C THR H 178 42.09 -22.17 -24.41
N THR H 179 41.29 -21.98 -23.37
CA THR H 179 40.82 -23.11 -22.58
C THR H 179 39.85 -23.96 -23.40
N PRO H 180 39.85 -25.28 -23.17
CA PRO H 180 38.94 -26.16 -23.90
C PRO H 180 37.53 -26.10 -23.33
N VAL H 181 36.62 -26.82 -23.98
CA VAL H 181 35.21 -26.80 -23.58
C VAL H 181 35.04 -27.45 -22.22
N GLU H 182 35.78 -28.52 -21.94
CA GLU H 182 35.66 -29.18 -20.65
C GLU H 182 36.05 -28.24 -19.52
N LYS H 183 37.17 -27.52 -19.69
CA LYS H 183 37.65 -26.65 -18.63
C LYS H 183 36.65 -25.54 -18.34
N ILE H 184 36.10 -24.91 -19.38
CA ILE H 184 35.12 -23.86 -19.14
C ILE H 184 33.85 -24.43 -18.51
N ARG H 185 33.43 -25.63 -18.94
CA ARG H 185 32.22 -26.20 -18.36
C ARG H 185 32.39 -26.46 -16.87
N GLU H 186 33.54 -26.99 -16.45
CA GLU H 186 33.78 -27.14 -15.01
C GLU H 186 33.85 -25.78 -14.33
N ASP H 187 34.52 -24.80 -14.96
CA ASP H 187 34.73 -23.52 -14.30
C ASP H 187 33.46 -22.66 -14.26
N ILE H 188 32.54 -22.85 -15.21
CA ILE H 188 31.35 -22.00 -15.27
C ILE H 188 30.26 -22.47 -14.31
N GLU H 189 30.44 -23.64 -13.69
CA GLU H 189 29.35 -24.24 -12.92
C GLU H 189 28.98 -23.35 -11.74
N ARG H 190 29.96 -22.72 -11.11
CA ARG H 190 29.75 -21.74 -10.05
C ARG H 190 30.14 -20.36 -10.53
N ASP H 191 30.04 -19.39 -9.61
CA ASP H 191 30.56 -18.06 -9.87
C ASP H 191 32.08 -18.13 -9.81
N LYS H 192 32.75 -17.58 -10.82
CA LYS H 192 34.20 -17.47 -10.77
C LYS H 192 34.60 -16.01 -10.93
N ILE H 193 35.54 -15.59 -10.09
CA ILE H 193 35.99 -14.21 -10.04
C ILE H 193 37.49 -14.18 -10.32
N LEU H 194 37.90 -13.36 -11.29
CA LEU H 194 39.28 -13.26 -11.70
C LEU H 194 39.70 -11.80 -11.70
N THR H 195 40.96 -11.56 -11.34
CA THR H 195 41.55 -10.24 -11.39
C THR H 195 42.22 -10.04 -12.75
N ALA H 196 42.98 -8.95 -12.90
CA ALA H 196 43.62 -8.66 -14.18
C ALA H 196 44.62 -9.74 -14.56
N GLU H 197 45.53 -10.08 -13.65
CA GLU H 197 46.52 -11.11 -13.94
C GLU H 197 45.86 -12.47 -14.12
N ASP H 198 44.85 -12.78 -13.31
CA ASP H 198 44.14 -14.06 -13.45
C ASP H 198 43.45 -14.13 -14.81
N ALA H 199 42.81 -13.03 -15.23
CA ALA H 199 42.16 -13.02 -16.53
C ALA H 199 43.18 -13.17 -17.66
N LEU H 200 44.33 -12.51 -17.53
CA LEU H 200 45.36 -12.63 -18.56
C LEU H 200 45.86 -14.07 -18.66
N SER H 201 46.11 -14.71 -17.52
CA SER H 201 46.58 -16.09 -17.55
C SER H 201 45.51 -17.04 -18.09
N TYR H 202 44.25 -16.80 -17.72
CA TYR H 202 43.17 -17.66 -18.17
C TYR H 202 42.97 -17.58 -19.67
N GLY H 203 43.09 -16.38 -20.24
CA GLY H 203 42.84 -16.16 -21.64
C GLY H 203 41.66 -15.26 -21.96
N LEU H 204 40.96 -14.78 -20.93
CA LEU H 204 39.84 -13.89 -21.18
C LEU H 204 40.30 -12.58 -21.81
N ILE H 205 41.41 -12.02 -21.33
CA ILE H 205 41.96 -10.80 -21.89
C ILE H 205 43.35 -11.08 -22.44
N ASP H 206 43.97 -10.05 -23.01
CA ASP H 206 45.27 -10.20 -23.67
C ASP H 206 46.38 -9.40 -23.04
N GLN H 207 46.06 -8.28 -22.38
CA GLN H 207 47.08 -7.42 -21.79
C GLN H 207 46.43 -6.58 -20.70
N VAL H 208 47.23 -6.17 -19.73
CA VAL H 208 46.79 -5.30 -18.66
C VAL H 208 47.46 -3.94 -18.85
N ILE H 209 46.65 -2.90 -18.96
CA ILE H 209 47.16 -1.55 -19.16
C ILE H 209 47.72 -1.05 -17.84
N SER H 210 49.01 -0.70 -17.84
CA SER H 210 49.68 -0.26 -16.62
C SER H 210 49.67 1.26 -16.49
N THR H 211 50.31 1.95 -17.44
CA THR H 211 50.43 3.41 -17.41
C THR H 211 50.95 3.92 -18.75
N TYR I 36 24.16 22.53 -14.82
CA TYR I 36 23.70 23.92 -14.80
C TYR I 36 24.85 24.75 -15.36
N ASP I 37 24.62 26.04 -15.59
CA ASP I 37 25.65 26.90 -16.16
C ASP I 37 26.92 26.96 -15.32
N PRO I 38 26.87 27.11 -13.99
CA PRO I 38 28.14 27.18 -13.23
C PRO I 38 29.01 25.95 -13.38
N TYR I 39 28.41 24.74 -13.46
CA TYR I 39 29.22 23.54 -13.62
C TYR I 39 29.97 23.57 -14.95
N ALA I 40 29.26 23.92 -16.04
CA ALA I 40 29.92 24.00 -17.33
C ALA I 40 31.00 25.07 -17.34
N LYS I 41 30.73 26.22 -16.71
CA LYS I 41 31.72 27.29 -16.67
C LYS I 41 32.96 26.87 -15.90
N LEU I 42 32.79 26.18 -14.78
CA LEU I 42 33.93 25.68 -14.03
C LEU I 42 34.64 24.55 -14.73
N PHE I 43 33.97 23.88 -15.68
CA PHE I 43 34.57 22.76 -16.37
C PHE I 43 35.82 23.18 -17.13
N GLU I 44 35.78 24.32 -17.82
CA GLU I 44 36.96 24.75 -18.58
C GLU I 44 38.12 25.11 -17.68
N GLU I 45 37.89 25.27 -16.37
CA GLU I 45 38.97 25.51 -15.43
C GLU I 45 39.57 24.23 -14.88
N ARG I 46 39.28 23.08 -15.51
CA ARG I 46 39.81 21.79 -15.11
C ARG I 46 39.43 21.46 -13.66
N VAL I 47 38.21 21.80 -13.29
CA VAL I 47 37.68 21.56 -11.95
C VAL I 47 36.51 20.61 -12.08
N ILE I 48 36.56 19.50 -11.34
CA ILE I 48 35.54 18.47 -11.40
C ILE I 48 34.93 18.31 -10.02
N PHE I 49 33.61 18.42 -9.93
CA PHE I 49 32.90 18.15 -8.69
C PHE I 49 32.54 16.67 -8.57
N LEU I 50 32.61 16.17 -7.35
CA LEU I 50 32.08 14.86 -7.00
C LEU I 50 31.20 15.07 -5.77
N GLY I 51 29.96 15.46 -6.02
CA GLY I 51 29.06 15.87 -4.96
C GLY I 51 27.92 14.93 -4.65
N VAL I 52 27.86 13.75 -5.28
CA VAL I 52 26.76 12.83 -5.05
C VAL I 52 27.34 11.51 -4.56
N GLN I 53 26.47 10.54 -4.31
CA GLN I 53 26.92 9.21 -3.94
C GLN I 53 27.62 8.55 -5.12
N ILE I 54 28.65 7.76 -4.82
CA ILE I 54 29.43 7.11 -5.85
C ILE I 54 28.65 5.92 -6.40
N ASP I 55 28.44 5.92 -7.70
CA ASP I 55 27.73 4.83 -8.37
C ASP I 55 28.20 4.76 -9.82
N ASP I 56 27.50 3.97 -10.62
CA ASP I 56 27.95 3.72 -11.99
C ASP I 56 27.89 4.98 -12.84
N ALA I 57 26.77 5.70 -12.81
CA ALA I 57 26.59 6.86 -13.68
C ALA I 57 27.58 7.97 -13.33
N SER I 58 27.70 8.28 -12.03
CA SER I 58 28.61 9.33 -11.61
C SER I 58 30.04 8.98 -11.95
N ALA I 59 30.44 7.73 -11.73
CA ALA I 59 31.79 7.31 -12.08
C ALA I 59 32.03 7.42 -13.57
N ASN I 60 31.07 7.00 -14.38
CA ASN I 60 31.22 7.09 -15.83
C ASN I 60 31.40 8.54 -16.26
N ASP I 61 30.58 9.44 -15.70
CA ASP I 61 30.74 10.86 -16.02
C ASP I 61 32.11 11.38 -15.59
N VAL I 62 32.56 11.02 -14.39
CA VAL I 62 33.82 11.53 -13.87
C VAL I 62 34.98 11.06 -14.73
N MET I 63 34.99 9.78 -15.07
CA MET I 63 36.08 9.24 -15.88
C MET I 63 36.03 9.76 -17.31
N ALA I 64 34.83 9.99 -17.85
CA ALA I 64 34.74 10.62 -19.17
C ALA I 64 35.32 12.03 -19.14
N GLN I 65 35.02 12.78 -18.09
CA GLN I 65 35.59 14.12 -17.95
C GLN I 65 37.10 14.05 -17.81
N LEU I 66 37.60 13.08 -17.04
CA LEU I 66 39.05 12.93 -16.89
C LEU I 66 39.71 12.64 -18.23
N LEU I 67 39.12 11.75 -19.02
CA LEU I 67 39.66 11.44 -20.34
C LEU I 67 39.61 12.67 -21.25
N CYS I 68 38.51 13.43 -21.19
CA CYS I 68 38.42 14.63 -22.01
C CYS I 68 39.49 15.65 -21.64
N LEU I 69 39.71 15.85 -20.34
CA LEU I 69 40.74 16.79 -19.91
C LEU I 69 42.14 16.32 -20.27
N GLU I 70 42.44 15.03 -20.11
CA GLU I 70 43.77 14.56 -20.47
C GLU I 70 43.99 14.63 -21.97
N SER I 71 42.92 14.45 -22.76
CA SER I 71 43.04 14.62 -24.20
C SER I 71 43.44 16.03 -24.57
N MET I 72 43.13 16.99 -23.71
CA MET I 72 43.61 18.37 -23.87
C MET I 72 45.05 18.44 -23.41
N ASP I 73 45.56 19.66 -23.18
CA ASP I 73 46.93 19.89 -22.76
C ASP I 73 47.31 18.96 -21.62
N PRO I 74 48.19 17.99 -21.85
CA PRO I 74 48.57 17.04 -20.81
C PRO I 74 49.58 17.57 -19.80
N ASP I 75 49.95 18.85 -19.88
CA ASP I 75 50.86 19.45 -18.92
C ASP I 75 50.14 20.32 -17.90
N ARG I 76 48.82 20.20 -17.81
CA ARG I 76 48.02 21.01 -16.90
C ARG I 76 47.36 20.11 -15.86
N ASP I 77 47.40 20.56 -14.62
CA ASP I 77 46.85 19.79 -13.52
C ASP I 77 45.32 19.77 -13.60
N ILE I 78 44.73 18.77 -12.93
CA ILE I 78 43.29 18.62 -12.86
C ILE I 78 42.88 18.60 -11.40
N SER I 79 41.94 19.47 -11.03
CA SER I 79 41.50 19.62 -9.65
C SER I 79 40.17 18.92 -9.46
N VAL I 80 40.07 18.12 -8.40
CA VAL I 80 38.86 17.37 -8.08
C VAL I 80 38.40 17.80 -6.69
N TYR I 81 37.20 18.36 -6.61
CA TYR I 81 36.62 18.78 -5.35
C TYR I 81 35.66 17.71 -4.88
N ILE I 82 35.90 17.17 -3.68
CA ILE I 82 35.19 15.99 -3.20
C ILE I 82 34.30 16.39 -2.04
N ASN I 83 33.00 16.14 -2.19
CA ASN I 83 32.01 16.29 -1.10
C ASN I 83 31.00 15.16 -1.30
N SER I 84 31.24 14.03 -0.66
CA SER I 84 30.42 12.86 -0.90
C SER I 84 30.48 11.94 0.32
N PRO I 85 29.38 11.26 0.64
CA PRO I 85 29.39 10.28 1.72
C PRO I 85 29.80 8.87 1.31
N GLY I 86 30.41 8.70 0.14
CA GLY I 86 30.77 7.39 -0.35
C GLY I 86 29.80 6.88 -1.39
N GLY I 87 29.73 5.56 -1.48
CA GLY I 87 28.80 4.93 -2.41
C GLY I 87 29.20 3.54 -2.82
N SER I 88 29.04 3.23 -4.10
CA SER I 88 29.35 1.90 -4.61
C SER I 88 30.85 1.65 -4.56
N PHE I 89 31.26 0.45 -4.98
CA PHE I 89 32.66 0.06 -4.95
C PHE I 89 33.31 -0.03 -6.32
N THR I 90 32.63 -0.62 -7.31
CA THR I 90 33.24 -0.72 -8.62
C THR I 90 33.51 0.67 -9.20
N ALA I 91 32.60 1.61 -8.95
CA ALA I 91 32.83 3.00 -9.31
C ALA I 91 34.08 3.55 -8.64
N LEU I 92 34.22 3.28 -7.34
CA LEU I 92 35.42 3.62 -6.59
C LEU I 92 36.69 3.22 -7.34
N THR I 93 36.83 1.92 -7.60
CA THR I 93 38.05 1.41 -8.21
C THR I 93 38.22 1.93 -9.63
N ALA I 94 37.13 2.07 -10.38
CA ALA I 94 37.24 2.59 -11.74
C ALA I 94 37.80 4.00 -11.75
N ILE I 95 37.26 4.87 -10.89
CA ILE I 95 37.75 6.24 -10.84
C ILE I 95 39.19 6.27 -10.36
N TYR I 96 39.53 5.44 -9.37
CA TYR I 96 40.91 5.41 -8.89
C TYR I 96 41.87 5.02 -10.00
N ASP I 97 41.54 3.99 -10.76
CA ASP I 97 42.41 3.55 -11.84
C ASP I 97 42.51 4.62 -12.92
N THR I 98 41.41 5.29 -13.22
CA THR I 98 41.46 6.36 -14.21
C THR I 98 42.39 7.48 -13.75
N MET I 99 42.30 7.87 -12.47
CA MET I 99 43.21 8.87 -11.94
C MET I 99 44.66 8.42 -12.03
N GLN I 100 44.91 7.14 -11.72
CA GLN I 100 46.28 6.63 -11.76
C GLN I 100 46.83 6.64 -13.18
N TYR I 101 46.00 6.32 -14.17
CA TYR I 101 46.48 6.19 -15.54
C TYR I 101 46.80 7.55 -16.17
N VAL I 102 46.03 8.58 -15.84
CA VAL I 102 46.15 9.86 -16.51
C VAL I 102 47.50 10.49 -16.17
N LYS I 103 48.26 10.86 -17.21
CA LYS I 103 49.59 11.44 -17.01
C LYS I 103 49.55 12.78 -16.28
N PRO I 104 48.68 13.74 -16.63
CA PRO I 104 48.61 14.98 -15.86
C PRO I 104 48.36 14.70 -14.38
N ASP I 105 49.06 15.44 -13.53
CA ASP I 105 48.88 15.31 -12.09
C ASP I 105 47.49 15.78 -11.68
N VAL I 106 46.85 15.02 -10.81
CA VAL I 106 45.51 15.33 -10.33
C VAL I 106 45.58 15.64 -8.85
N GLN I 107 45.08 16.81 -8.48
CA GLN I 107 45.02 17.26 -7.10
C GLN I 107 43.59 17.17 -6.59
N THR I 108 43.44 16.89 -5.30
CA THR I 108 42.14 16.71 -4.69
C THR I 108 41.96 17.68 -3.53
N VAL I 109 40.75 18.16 -3.35
CA VAL I 109 40.42 19.08 -2.28
C VAL I 109 39.18 18.54 -1.56
N CYS I 110 39.33 18.25 -0.27
CA CYS I 110 38.20 17.86 0.56
C CYS I 110 37.27 19.04 0.78
N MET I 111 36.00 18.73 1.04
CA MET I 111 34.98 19.77 1.05
C MET I 111 33.80 19.29 1.87
N GLY I 112 33.64 19.81 3.08
CA GLY I 112 32.51 19.44 3.91
C GLY I 112 32.63 18.06 4.51
N GLN I 113 32.61 17.03 3.67
CA GLN I 113 32.68 15.65 4.16
C GLN I 113 33.24 14.74 3.08
N ALA I 114 34.08 13.80 3.51
CA ALA I 114 34.59 12.75 2.63
C ALA I 114 34.65 11.46 3.42
N ALA I 115 33.80 10.50 3.08
CA ALA I 115 33.68 9.25 3.82
C ALA I 115 33.76 8.07 2.87
N ALA I 116 34.26 6.95 3.40
CA ALA I 116 34.34 5.70 2.67
C ALA I 116 35.10 5.86 1.36
N ALA I 117 34.38 5.80 0.23
CA ALA I 117 35.01 5.94 -1.07
C ALA I 117 35.65 7.31 -1.23
N ALA I 118 34.96 8.36 -0.76
CA ALA I 118 35.49 9.71 -0.90
C ALA I 118 36.81 9.86 -0.17
N ALA I 119 36.97 9.17 0.97
CA ALA I 119 38.22 9.26 1.72
C ALA I 119 39.40 8.77 0.89
N VAL I 120 39.23 7.62 0.21
CA VAL I 120 40.37 7.09 -0.54
C VAL I 120 40.54 7.81 -1.86
N LEU I 121 39.47 8.38 -2.44
CA LEU I 121 39.69 9.30 -3.56
C LEU I 121 40.53 10.50 -3.13
N LEU I 122 40.19 11.09 -1.99
CA LEU I 122 40.95 12.24 -1.51
C LEU I 122 42.40 11.86 -1.22
N ALA I 123 42.62 10.70 -0.63
CA ALA I 123 43.98 10.23 -0.34
C ALA I 123 44.69 9.72 -1.58
N ALA I 124 43.99 9.53 -2.69
CA ALA I 124 44.57 8.96 -3.90
C ALA I 124 45.19 9.99 -4.82
N GLY I 125 45.18 11.27 -4.45
CA GLY I 125 45.78 12.28 -5.29
C GLY I 125 47.29 12.16 -5.31
N THR I 126 47.90 12.87 -6.26
CA THR I 126 49.34 12.85 -6.40
C THR I 126 49.98 13.43 -5.14
N PRO I 127 51.14 12.90 -4.72
CA PRO I 127 51.76 13.38 -3.48
C PRO I 127 52.08 14.86 -3.56
N GLY I 128 51.89 15.54 -2.43
CA GLY I 128 52.13 16.96 -2.33
C GLY I 128 51.01 17.84 -2.85
N LYS I 129 49.91 17.25 -3.30
CA LYS I 129 48.80 18.03 -3.86
C LYS I 129 47.47 17.52 -3.32
N ARG I 130 47.41 17.25 -2.02
CA ARG I 130 46.17 16.89 -1.35
C ARG I 130 45.84 17.99 -0.35
N MET I 131 44.66 18.57 -0.47
CA MET I 131 44.27 19.73 0.34
C MET I 131 42.92 19.48 0.99
N ALA I 132 42.66 20.22 2.06
CA ALA I 132 41.38 20.15 2.75
C ALA I 132 41.07 21.48 3.39
N LEU I 133 39.78 21.70 3.63
CA LEU I 133 39.32 22.93 4.26
C LEU I 133 39.49 22.84 5.79
N PRO I 134 39.57 23.98 6.47
CA PRO I 134 39.86 23.94 7.92
C PRO I 134 38.84 23.15 8.71
N ASN I 135 37.57 23.20 8.33
CA ASN I 135 36.52 22.49 9.05
C ASN I 135 36.10 21.21 8.33
N ALA I 136 37.02 20.55 7.64
CA ALA I 136 36.70 19.32 6.93
C ALA I 136 36.39 18.20 7.92
N ARG I 137 35.70 17.17 7.42
CA ARG I 137 35.25 16.04 8.22
C ARG I 137 35.48 14.77 7.41
N VAL I 138 36.52 14.02 7.77
CA VAL I 138 36.96 12.85 7.01
C VAL I 138 36.63 11.60 7.81
N LEU I 139 36.11 10.58 7.14
CA LEU I 139 35.73 9.33 7.78
C LEU I 139 36.32 8.17 6.99
N ILE I 140 36.87 7.19 7.70
CA ILE I 140 37.38 5.97 7.09
C ILE I 140 36.72 4.78 7.81
N HIS I 141 36.20 3.84 7.03
CA HIS I 141 35.59 2.65 7.58
C HIS I 141 35.70 1.53 6.58
N GLN I 142 35.73 0.30 7.09
CA GLN I 142 35.88 -0.86 6.24
C GLN I 142 34.62 -1.05 5.39
N PRO I 143 34.75 -1.71 4.23
CA PRO I 143 33.62 -1.82 3.30
C PRO I 143 32.45 -2.57 3.91
N TYR I 144 31.25 -2.16 3.52
CA TYR I 144 30.01 -2.80 3.91
C TYR I 144 29.40 -3.50 2.70
N SER I 145 28.79 -4.65 2.93
CA SER I 145 28.21 -5.42 1.83
C SER I 145 27.07 -6.27 2.36
N GLU I 146 26.24 -6.76 1.44
CA GLU I 146 25.11 -7.62 1.75
C GLU I 146 25.10 -8.73 0.72
N THR I 147 25.61 -9.90 1.10
CA THR I 147 25.60 -11.05 0.20
C THR I 147 24.18 -11.60 0.10
N GLY I 148 23.72 -11.80 -1.13
CA GLY I 148 22.39 -12.33 -1.34
C GLY I 148 22.26 -13.73 -0.78
N ARG I 149 21.04 -14.06 -0.39
CA ARG I 149 20.78 -15.37 0.19
C ARG I 149 20.97 -16.46 -0.85
N GLY I 150 21.38 -17.64 -0.38
CA GLY I 150 21.60 -18.75 -1.28
C GLY I 150 22.30 -19.87 -0.54
N GLN I 151 22.61 -20.93 -1.29
CA GLN I 151 23.32 -22.06 -0.72
C GLN I 151 24.77 -21.67 -0.43
N VAL I 152 25.37 -22.39 0.53
CA VAL I 152 26.57 -21.91 1.20
C VAL I 152 27.77 -21.78 0.27
N SER I 153 27.78 -22.48 -0.86
CA SER I 153 28.91 -22.33 -1.78
C SER I 153 28.98 -20.92 -2.35
N ASP I 154 27.82 -20.38 -2.76
CA ASP I 154 27.80 -19.02 -3.28
C ASP I 154 28.21 -18.01 -2.22
N LEU I 155 27.75 -18.21 -0.98
CA LEU I 155 28.13 -17.32 0.10
C LEU I 155 29.62 -17.40 0.39
N GLU I 156 30.19 -18.61 0.32
CA GLU I 156 31.63 -18.74 0.50
C GLU I 156 32.38 -17.98 -0.57
N ILE I 157 31.95 -18.10 -1.83
CA ILE I 157 32.61 -17.38 -2.91
C ILE I 157 32.53 -15.87 -2.68
N ALA I 158 31.33 -15.38 -2.34
CA ALA I 158 31.14 -13.95 -2.15
C ALA I 158 31.95 -13.44 -0.96
N ALA I 159 31.98 -14.20 0.13
CA ALA I 159 32.74 -13.79 1.30
C ALA I 159 34.23 -13.75 1.00
N ASN I 160 34.75 -14.74 0.27
CA ASN I 160 36.15 -14.70 -0.11
C ASN I 160 36.45 -13.49 -0.98
N GLU I 161 35.54 -13.16 -1.90
CA GLU I 161 35.75 -11.98 -2.73
C GLU I 161 35.75 -10.71 -1.88
N ILE I 162 34.84 -10.62 -0.91
CA ILE I 162 34.78 -9.44 -0.05
C ILE I 162 36.06 -9.30 0.74
N LEU I 163 36.57 -10.42 1.27
CA LEU I 163 37.82 -10.37 2.02
C LEU I 163 38.99 -9.94 1.15
N ARG I 164 39.06 -10.46 -0.08
CA ARG I 164 40.13 -10.05 -0.98
C ARG I 164 40.02 -8.58 -1.32
N MET I 165 38.79 -8.10 -1.52
CA MET I 165 38.57 -6.68 -1.78
C MET I 165 39.06 -5.82 -0.62
N ARG I 166 38.75 -6.23 0.60
CA ARG I 166 39.18 -5.51 1.79
C ARG I 166 40.71 -5.50 1.90
N SER I 167 41.35 -6.63 1.59
CA SER I 167 42.80 -6.67 1.61
C SER I 167 43.39 -5.75 0.56
N GLN I 168 42.80 -5.73 -0.64
CA GLN I 168 43.29 -4.84 -1.68
C GLN I 168 43.17 -3.39 -1.25
N LEU I 169 42.05 -3.02 -0.63
CA LEU I 169 41.88 -1.63 -0.21
C LEU I 169 42.84 -1.24 0.91
N GLU I 170 43.06 -2.14 1.87
CA GLU I 170 44.02 -1.78 2.91
C GLU I 170 45.42 -1.62 2.33
N ASP I 171 45.82 -2.49 1.40
CA ASP I 171 47.14 -2.33 0.79
C ASP I 171 47.23 -1.02 0.01
N MET I 172 46.18 -0.72 -0.77
CA MET I 172 46.18 0.48 -1.60
C MET I 172 46.22 1.75 -0.75
N LEU I 173 45.49 1.76 0.37
CA LEU I 173 45.55 2.91 1.25
C LEU I 173 46.86 2.98 2.02
N ALA I 174 47.47 1.82 2.31
CA ALA I 174 48.75 1.81 3.00
C ALA I 174 49.84 2.40 2.12
N LYS I 175 49.85 2.07 0.82
CA LYS I 175 50.89 2.59 -0.03
C LYS I 175 50.73 4.07 -0.33
N HIS I 176 49.55 4.63 -0.09
CA HIS I 176 49.29 6.05 -0.31
C HIS I 176 49.48 6.89 0.94
N SER I 177 49.82 6.28 2.08
CA SER I 177 49.97 6.98 3.34
C SER I 177 51.26 6.55 4.01
N THR I 178 51.71 7.35 4.96
CA THR I 178 52.94 7.04 5.70
C THR I 178 52.72 5.92 6.71
N THR I 179 51.50 5.71 7.17
CA THR I 179 51.23 4.70 8.19
C THR I 179 51.44 3.30 7.61
N PRO I 180 51.92 2.36 8.43
CA PRO I 180 52.11 0.98 7.95
C PRO I 180 50.79 0.23 7.88
N VAL I 181 50.88 -1.00 7.40
CA VAL I 181 49.69 -1.83 7.23
C VAL I 181 49.05 -2.15 8.57
N GLU I 182 49.87 -2.50 9.57
CA GLU I 182 49.33 -2.90 10.86
C GLU I 182 48.59 -1.76 11.54
N LYS I 183 49.12 -0.54 11.43
CA LYS I 183 48.43 0.61 12.01
C LYS I 183 47.02 0.73 11.43
N ILE I 184 46.90 0.51 10.13
CA ILE I 184 45.57 0.48 9.51
C ILE I 184 44.76 -0.69 10.05
N ARG I 185 45.42 -1.81 10.34
CA ARG I 185 44.72 -2.94 10.94
C ARG I 185 44.03 -2.58 12.25
N GLU I 186 44.73 -1.88 13.14
CA GLU I 186 43.99 -1.39 14.32
C GLU I 186 42.97 -0.32 13.95
N ASP I 187 43.31 0.59 13.04
CA ASP I 187 42.51 1.79 12.86
C ASP I 187 41.17 1.49 12.16
N ILE I 188 41.19 0.66 11.12
CA ILE I 188 40.05 0.55 10.21
C ILE I 188 38.99 -0.42 10.70
N GLU I 189 39.27 -1.17 11.77
CA GLU I 189 38.36 -2.24 12.18
C GLU I 189 36.99 -1.66 12.52
N ARG I 190 36.95 -0.50 13.15
CA ARG I 190 35.72 0.26 13.34
C ARG I 190 35.81 1.52 12.49
N ASP I 191 34.77 2.36 12.57
CA ASP I 191 34.80 3.65 11.89
C ASP I 191 35.73 4.59 12.63
N LYS I 192 36.49 5.39 11.88
CA LYS I 192 37.34 6.40 12.46
C LYS I 192 37.07 7.74 11.80
N ILE I 193 37.11 8.80 12.58
CA ILE I 193 36.83 10.15 12.12
C ILE I 193 38.05 11.02 12.39
N LEU I 194 38.50 11.74 11.37
CA LEU I 194 39.62 12.64 11.47
C LEU I 194 39.23 14.02 10.96
N THR I 195 39.75 15.04 11.62
CA THR I 195 39.58 16.42 11.21
C THR I 195 40.72 16.82 10.28
N ALA I 196 40.81 18.10 9.95
CA ALA I 196 41.84 18.56 9.03
C ALA I 196 43.23 18.33 9.61
N GLU I 197 43.48 18.78 10.83
CA GLU I 197 44.78 18.57 11.45
C GLU I 197 45.04 17.09 11.70
N ASP I 198 44.01 16.35 12.12
CA ASP I 198 44.16 14.92 12.34
C ASP I 198 44.52 14.21 11.04
N ALA I 199 43.86 14.56 9.93
CA ALA I 199 44.18 13.96 8.65
C ALA I 199 45.59 14.32 8.21
N LEU I 200 46.00 15.57 8.43
CA LEU I 200 47.35 15.97 8.07
C LEU I 200 48.39 15.19 8.84
N SER I 201 48.18 15.02 10.15
CA SER I 201 49.13 14.25 10.95
C SER I 201 49.13 12.78 10.56
N TYR I 202 47.95 12.23 10.27
CA TYR I 202 47.86 10.82 9.90
C TYR I 202 48.57 10.53 8.59
N GLY I 203 48.45 11.43 7.62
CA GLY I 203 49.02 11.24 6.30
C GLY I 203 48.00 11.11 5.19
N LEU I 204 46.71 11.20 5.49
CA LEU I 204 45.70 11.14 4.45
C LEU I 204 45.81 12.32 3.49
N ILE I 205 46.05 13.51 4.02
CA ILE I 205 46.19 14.71 3.22
C ILE I 205 47.58 15.29 3.44
N ASP I 206 47.91 16.31 2.65
CA ASP I 206 49.23 16.93 2.67
C ASP I 206 49.25 18.32 3.28
N GLN I 207 48.18 19.09 3.10
CA GLN I 207 48.14 20.46 3.61
C GLN I 207 46.69 20.87 3.77
N VAL I 208 46.44 21.77 4.72
CA VAL I 208 45.11 22.31 4.98
C VAL I 208 45.05 23.73 4.45
N ILE I 209 43.98 24.05 3.73
CA ILE I 209 43.79 25.39 3.20
C ILE I 209 43.39 26.33 4.33
N SER I 210 44.00 27.52 4.36
CA SER I 210 43.73 28.50 5.39
C SER I 210 42.96 29.71 4.87
N THR I 211 43.51 30.40 3.88
CA THR I 211 42.87 31.60 3.33
C THR I 211 43.03 31.68 1.82
N TYR J 36 15.28 29.90 -13.52
CA TYR J 36 14.35 30.71 -14.27
C TYR J 36 14.95 32.11 -14.45
N ASP J 37 14.38 32.89 -15.38
CA ASP J 37 15.06 34.10 -15.85
C ASP J 37 15.40 35.09 -14.75
N PRO J 38 14.50 35.45 -13.83
CA PRO J 38 14.89 36.41 -12.78
C PRO J 38 16.04 35.93 -11.92
N TYR J 39 16.15 34.63 -11.67
CA TYR J 39 17.27 34.13 -10.86
C TYR J 39 18.61 34.47 -11.50
N ALA J 40 18.77 34.12 -12.77
CA ALA J 40 20.02 34.43 -13.46
C ALA J 40 20.21 35.94 -13.59
N LYS J 41 19.13 36.68 -13.87
CA LYS J 41 19.24 38.12 -14.04
C LYS J 41 19.72 38.79 -12.77
N LEU J 42 19.20 38.37 -11.62
CA LEU J 42 19.73 38.85 -10.35
C LEU J 42 21.13 38.33 -10.10
N PHE J 43 21.45 37.15 -10.66
CA PHE J 43 22.78 36.59 -10.47
C PHE J 43 23.86 37.46 -11.08
N GLU J 44 23.62 38.06 -12.25
CA GLU J 44 24.68 38.92 -12.78
C GLU J 44 24.96 40.11 -11.86
N GLU J 45 24.06 40.42 -10.93
CA GLU J 45 24.28 41.47 -9.95
C GLU J 45 24.91 40.95 -8.66
N ARG J 46 25.56 39.80 -8.71
CA ARG J 46 26.25 39.22 -7.55
C ARG J 46 25.30 39.02 -6.38
N VAL J 47 24.09 38.55 -6.68
CA VAL J 47 23.08 38.27 -5.68
C VAL J 47 22.76 36.78 -5.73
N ILE J 48 22.84 36.12 -4.58
CA ILE J 48 22.63 34.68 -4.48
C ILE J 48 21.46 34.41 -3.55
N PHE J 49 20.52 33.60 -4.01
CA PHE J 49 19.42 33.12 -3.18
C PHE J 49 19.77 31.81 -2.51
N LEU J 50 19.36 31.66 -1.26
CA LEU J 50 19.37 30.40 -0.54
C LEU J 50 17.95 30.20 -0.03
N GLY J 51 17.09 29.66 -0.88
CA GLY J 51 15.67 29.55 -0.57
C GLY J 51 15.16 28.16 -0.31
N VAL J 52 16.02 27.14 -0.30
CA VAL J 52 15.58 25.77 -0.09
C VAL J 52 16.31 25.20 1.13
N GLN J 53 16.03 23.95 1.46
CA GLN J 53 16.71 23.30 2.56
C GLN J 53 18.17 23.05 2.20
N ILE J 54 19.03 23.11 3.21
CA ILE J 54 20.45 22.90 2.99
C ILE J 54 20.72 21.41 2.83
N ASP J 55 21.37 21.06 1.72
CA ASP J 55 21.76 19.68 1.47
C ASP J 55 22.96 19.69 0.54
N ASP J 56 23.34 18.51 0.04
CA ASP J 56 24.55 18.41 -0.77
C ASP J 56 24.41 19.18 -2.07
N ALA J 57 23.30 18.99 -2.78
CA ALA J 57 23.14 19.61 -4.09
C ALA J 57 23.11 21.12 -3.99
N SER J 58 22.30 21.65 -3.07
CA SER J 58 22.19 23.09 -2.93
C SER J 58 23.51 23.71 -2.49
N ALA J 59 24.21 23.05 -1.56
CA ALA J 59 25.50 23.56 -1.11
C ALA J 59 26.51 23.58 -2.24
N ASN J 60 26.58 22.49 -3.01
CA ASN J 60 27.50 22.45 -4.15
C ASN J 60 27.18 23.57 -5.13
N ASP J 61 25.90 23.75 -5.44
CA ASP J 61 25.51 24.78 -6.40
C ASP J 61 25.86 26.17 -5.89
N VAL J 62 25.55 26.45 -4.62
CA VAL J 62 25.76 27.80 -4.11
C VAL J 62 27.25 28.10 -3.99
N MET J 63 28.07 27.12 -3.61
CA MET J 63 29.48 27.43 -3.49
C MET J 63 30.16 27.48 -4.86
N ALA J 64 29.65 26.72 -5.84
CA ALA J 64 30.12 26.90 -7.20
C ALA J 64 29.80 28.31 -7.70
N GLN J 65 28.61 28.80 -7.38
CA GLN J 65 28.27 30.18 -7.72
C GLN J 65 29.21 31.16 -7.03
N LEU J 66 29.53 30.90 -5.76
CA LEU J 66 30.46 31.77 -5.03
C LEU J 66 31.82 31.81 -5.70
N LEU J 67 32.33 30.64 -6.08
CA LEU J 67 33.63 30.57 -6.73
C LEU J 67 33.61 31.28 -8.08
N CYS J 68 32.54 31.08 -8.85
CA CYS J 68 32.45 31.75 -10.14
C CYS J 68 32.39 33.27 -9.97
N LEU J 69 31.65 33.73 -8.96
CA LEU J 69 31.53 35.17 -8.74
C LEU J 69 32.85 35.77 -8.29
N GLU J 70 33.59 35.08 -7.42
CA GLU J 70 34.88 35.58 -7.01
C GLU J 70 35.95 35.40 -8.08
N SER J 71 35.68 34.60 -9.11
CA SER J 71 36.62 34.49 -10.22
C SER J 71 36.83 35.83 -10.91
N MET J 72 35.82 36.70 -10.90
CA MET J 72 35.98 38.05 -11.42
C MET J 72 36.70 38.91 -10.39
N ASP J 73 36.66 40.23 -10.57
CA ASP J 73 37.42 41.11 -9.70
C ASP J 73 37.04 40.88 -8.25
N PRO J 74 37.99 40.57 -7.38
CA PRO J 74 37.68 40.32 -5.97
C PRO J 74 37.40 41.57 -5.15
N ASP J 75 37.28 42.73 -5.78
CA ASP J 75 36.98 43.97 -5.08
C ASP J 75 35.50 44.26 -4.99
N ARG J 76 34.65 43.35 -5.46
CA ARG J 76 33.20 43.53 -5.44
C ARG J 76 32.58 42.55 -4.47
N ASP J 77 31.64 43.04 -3.67
CA ASP J 77 31.00 42.23 -2.65
C ASP J 77 30.05 41.22 -3.29
N ILE J 78 29.78 40.15 -2.56
CA ILE J 78 28.82 39.13 -2.97
C ILE J 78 27.69 39.13 -1.95
N SER J 79 26.47 39.36 -2.40
CA SER J 79 25.31 39.46 -1.54
C SER J 79 24.51 38.17 -1.61
N VAL J 80 24.14 37.64 -0.44
CA VAL J 80 23.37 36.41 -0.35
C VAL J 80 22.14 36.66 0.53
N TYR J 81 20.98 36.23 0.04
CA TYR J 81 19.72 36.37 0.75
C TYR J 81 19.32 35.01 1.29
N ILE J 82 19.03 34.94 2.58
CA ILE J 82 18.79 33.69 3.28
C ILE J 82 17.31 33.57 3.59
N ASN J 83 16.70 32.47 3.14
CA ASN J 83 15.34 32.11 3.54
C ASN J 83 15.26 30.58 3.48
N SER J 84 15.52 29.95 4.62
CA SER J 84 15.65 28.49 4.63
C SER J 84 15.37 27.97 6.02
N PRO J 85 14.77 26.79 6.15
CA PRO J 85 14.57 26.20 7.48
C PRO J 85 15.75 25.34 7.92
N GLY J 86 16.88 25.47 7.25
CA GLY J 86 18.08 24.75 7.63
C GLY J 86 18.31 23.51 6.80
N GLY J 87 19.14 22.62 7.33
CA GLY J 87 19.47 21.40 6.62
C GLY J 87 20.63 20.66 7.25
N SER J 88 21.34 19.91 6.42
CA SER J 88 22.45 19.10 6.91
C SER J 88 23.60 19.97 7.40
N PHE J 89 24.38 19.42 8.34
CA PHE J 89 25.45 20.17 8.96
C PHE J 89 26.71 20.15 8.10
N THR J 90 26.95 19.07 7.37
CA THR J 90 28.15 18.99 6.55
C THR J 90 28.12 20.02 5.42
N ALA J 91 27.00 20.08 4.69
CA ALA J 91 26.85 21.10 3.65
C ALA J 91 26.87 22.49 4.25
N LEU J 92 26.28 22.65 5.43
CA LEU J 92 26.37 23.87 6.20
C LEU J 92 27.83 24.32 6.35
N THR J 93 28.67 23.41 6.82
CA THR J 93 30.06 23.73 7.05
C THR J 93 30.80 23.99 5.74
N ALA J 94 30.46 23.27 4.68
CA ALA J 94 31.07 23.52 3.39
C ALA J 94 30.81 24.94 2.91
N ILE J 95 29.55 25.38 3.01
CA ILE J 95 29.23 26.74 2.59
C ILE J 95 29.93 27.75 3.49
N TYR J 96 29.98 27.48 4.79
CA TYR J 96 30.66 28.40 5.69
C TYR J 96 32.13 28.55 5.32
N ASP J 97 32.81 27.43 5.06
CA ASP J 97 34.23 27.48 4.73
C ASP J 97 34.46 28.20 3.42
N THR J 98 33.62 27.94 2.41
CA THR J 98 33.84 28.61 1.13
C THR J 98 33.51 30.10 1.22
N MET J 99 32.61 30.51 2.12
CA MET J 99 32.45 31.94 2.37
C MET J 99 33.67 32.53 3.04
N GLN J 100 34.24 31.82 4.01
CA GLN J 100 35.39 32.34 4.73
C GLN J 100 36.66 32.36 3.88
N TYR J 101 36.74 31.51 2.87
CA TYR J 101 37.98 31.43 2.10
C TYR J 101 38.17 32.61 1.15
N VAL J 102 37.11 33.06 0.49
CA VAL J 102 37.25 34.03 -0.60
C VAL J 102 37.61 35.39 -0.03
N LYS J 103 38.43 36.13 -0.78
CA LYS J 103 38.79 37.49 -0.40
C LYS J 103 37.61 38.46 -0.38
N PRO J 104 36.73 38.49 -1.38
CA PRO J 104 35.65 39.50 -1.37
C PRO J 104 34.77 39.37 -0.14
N ASP J 105 34.39 40.53 0.41
CA ASP J 105 33.46 40.55 1.53
C ASP J 105 32.08 40.08 1.08
N VAL J 106 31.34 39.49 2.00
CA VAL J 106 30.04 38.92 1.71
C VAL J 106 28.97 39.64 2.51
N GLN J 107 27.99 40.19 1.80
CA GLN J 107 26.76 40.68 2.41
C GLN J 107 25.82 39.49 2.64
N THR J 108 25.19 39.45 3.80
CA THR J 108 24.15 38.46 4.06
C THR J 108 22.92 39.17 4.59
N VAL J 109 21.75 38.84 4.03
CA VAL J 109 20.50 39.48 4.41
C VAL J 109 19.47 38.39 4.70
N CYS J 110 18.97 38.37 5.92
CA CYS J 110 17.88 37.48 6.26
C CYS J 110 16.59 37.97 5.60
N MET J 111 15.73 37.02 5.23
CA MET J 111 14.53 37.36 4.46
C MET J 111 13.43 36.37 4.85
N GLY J 112 12.53 36.81 5.71
CA GLY J 112 11.41 35.97 6.10
C GLY J 112 11.68 35.11 7.31
N GLN J 113 12.56 34.11 7.17
CA GLN J 113 12.80 33.18 8.26
C GLN J 113 14.16 32.53 8.05
N ALA J 114 14.87 32.32 9.15
CA ALA J 114 16.21 31.71 9.12
C ALA J 114 16.35 30.78 10.31
N ALA J 115 16.44 29.48 10.04
CA ALA J 115 16.59 28.49 11.09
C ALA J 115 18.07 28.22 11.36
N ALA J 116 18.36 27.14 12.08
CA ALA J 116 19.67 26.91 12.68
C ALA J 116 20.80 27.10 11.66
N ALA J 117 20.81 26.29 10.61
CA ALA J 117 21.85 26.43 9.59
C ALA J 117 21.75 27.79 8.92
N ALA J 118 20.53 28.24 8.61
CA ALA J 118 20.35 29.56 8.04
C ALA J 118 20.82 30.64 9.01
N ALA J 119 20.53 30.47 10.31
CA ALA J 119 20.95 31.45 11.29
C ALA J 119 22.46 31.57 11.35
N VAL J 120 23.18 30.44 11.33
CA VAL J 120 24.63 30.53 11.42
C VAL J 120 25.24 31.05 10.12
N LEU J 121 24.66 30.72 8.97
CA LEU J 121 25.11 31.39 7.75
C LEU J 121 24.91 32.89 7.83
N LEU J 122 23.75 33.33 8.31
CA LEU J 122 23.48 34.76 8.42
C LEU J 122 24.45 35.43 9.38
N ALA J 123 24.76 34.78 10.49
CA ALA J 123 25.72 35.31 11.45
C ALA J 123 27.16 35.17 10.98
N ALA J 124 27.41 34.39 9.92
CA ALA J 124 28.76 34.15 9.44
C ALA J 124 29.22 35.16 8.41
N GLY J 125 28.43 36.19 8.15
CA GLY J 125 28.82 37.19 7.18
C GLY J 125 29.95 38.07 7.67
N THR J 126 30.44 38.91 6.76
CA THR J 126 31.52 39.83 7.09
C THR J 126 31.06 40.79 8.18
N PRO J 127 31.86 41.00 9.23
CA PRO J 127 31.40 41.84 10.35
C PRO J 127 31.07 43.26 9.90
N GLY J 128 30.02 43.82 10.50
CA GLY J 128 29.59 45.17 10.22
C GLY J 128 28.72 45.33 9.00
N LYS J 129 28.49 44.27 8.24
CA LYS J 129 27.74 44.36 6.98
C LYS J 129 26.81 43.17 6.81
N ARG J 130 26.10 42.81 7.87
CA ARG J 130 25.04 41.80 7.81
C ARG J 130 23.74 42.43 8.31
N MET J 131 22.70 42.34 7.49
CA MET J 131 21.44 43.01 7.78
C MET J 131 20.29 42.01 7.77
N ALA J 132 19.11 42.50 8.16
CA ALA J 132 17.90 41.68 8.19
C ALA J 132 16.68 42.58 8.04
N LEU J 133 15.57 41.96 7.65
CA LEU J 133 14.31 42.66 7.42
C LEU J 133 13.56 42.88 8.72
N PRO J 134 12.71 43.92 8.78
CA PRO J 134 12.04 44.24 10.06
C PRO J 134 11.18 43.11 10.63
N ASN J 135 10.52 42.33 9.78
CA ASN J 135 9.66 41.25 10.25
C ASN J 135 10.34 39.89 10.15
N ALA J 136 11.65 39.85 9.94
CA ALA J 136 12.36 38.59 9.82
C ALA J 136 12.35 37.84 11.15
N ARG J 137 12.35 36.52 11.06
CA ARG J 137 12.38 35.63 12.21
C ARG J 137 13.68 34.85 12.20
N VAL J 138 14.40 34.87 13.32
CA VAL J 138 15.66 34.14 13.47
C VAL J 138 15.47 33.07 14.54
N LEU J 139 15.94 31.86 14.25
CA LEU J 139 15.81 30.74 15.17
C LEU J 139 17.13 30.02 15.30
N ILE J 140 17.56 29.77 16.53
CA ILE J 140 18.79 29.03 16.80
C ILE J 140 18.47 27.85 17.71
N HIS J 141 18.98 26.68 17.35
CA HIS J 141 18.79 25.50 18.16
C HIS J 141 19.95 24.54 17.91
N GLN J 142 20.22 23.69 18.90
CA GLN J 142 21.31 22.74 18.79
C GLN J 142 21.00 21.70 17.72
N PRO J 143 22.02 21.11 17.10
CA PRO J 143 21.79 20.17 16.01
C PRO J 143 20.98 18.95 16.46
N TYR J 144 20.13 18.46 15.56
CA TYR J 144 19.36 17.25 15.76
C TYR J 144 19.93 16.16 14.86
N SER J 145 20.11 14.97 15.42
CA SER J 145 20.75 13.89 14.70
C SER J 145 19.97 12.60 14.89
N GLU J 146 20.25 11.62 14.02
CA GLU J 146 19.59 10.33 14.03
C GLU J 146 20.67 9.26 13.89
N THR J 147 21.18 8.77 15.02
CA THR J 147 22.19 7.72 14.97
C THR J 147 21.50 6.39 14.65
N GLY J 148 21.83 5.82 13.50
CA GLY J 148 21.24 4.54 13.13
C GLY J 148 21.62 3.45 14.11
N ARG J 149 20.72 2.49 14.26
CA ARG J 149 20.96 1.41 15.21
C ARG J 149 22.17 0.58 14.77
N GLY J 150 22.84 0.00 15.75
CA GLY J 150 24.01 -0.81 15.45
C GLY J 150 24.74 -1.18 16.73
N GLN J 151 26.01 -1.52 16.56
CA GLN J 151 26.84 -1.92 17.69
C GLN J 151 27.03 -0.75 18.65
N VAL J 152 27.12 -1.06 19.94
CA VAL J 152 27.27 -0.01 20.94
C VAL J 152 28.56 0.77 20.72
N SER J 153 29.60 0.12 20.21
CA SER J 153 30.82 0.86 19.89
C SER J 153 30.57 1.86 18.76
N ASP J 154 29.82 1.45 17.74
CA ASP J 154 29.47 2.37 16.67
C ASP J 154 28.64 3.53 17.19
N LEU J 155 27.68 3.25 18.07
CA LEU J 155 26.87 4.31 18.65
C LEU J 155 27.72 5.25 19.49
N GLU J 156 28.69 4.71 20.23
CA GLU J 156 29.58 5.56 21.00
C GLU J 156 30.38 6.49 20.09
N ILE J 157 30.92 5.94 19.01
CA ILE J 157 31.71 6.76 18.08
C ILE J 157 30.85 7.85 17.48
N ALA J 158 29.64 7.51 17.03
CA ALA J 158 28.75 8.50 16.45
C ALA J 158 28.35 9.55 17.47
N ALA J 159 28.11 9.15 18.72
CA ALA J 159 27.73 10.11 19.75
C ALA J 159 28.87 11.07 20.06
N ASN J 160 30.09 10.57 20.16
CA ASN J 160 31.22 11.46 20.38
C ASN J 160 31.40 12.42 19.21
N GLU J 161 31.19 11.92 17.98
CA GLU J 161 31.29 12.81 16.83
C GLU J 161 30.22 13.89 16.87
N ILE J 162 28.99 13.53 17.25
CA ILE J 162 27.92 14.53 17.34
C ILE J 162 28.26 15.56 18.40
N LEU J 163 28.77 15.12 19.54
CA LEU J 163 29.15 16.06 20.60
C LEU J 163 30.24 17.01 20.13
N ARG J 164 31.27 16.48 19.47
CA ARG J 164 32.34 17.34 18.99
C ARG J 164 31.84 18.32 17.93
N MET J 165 30.98 17.85 17.02
CA MET J 165 30.41 18.71 16.00
C MET J 165 29.63 19.85 16.63
N ARG J 166 28.78 19.52 17.60
CA ARG J 166 27.98 20.57 18.24
C ARG J 166 28.88 21.56 18.97
N SER J 167 29.89 21.06 19.68
CA SER J 167 30.79 21.94 20.42
C SER J 167 31.52 22.89 19.48
N GLN J 168 32.02 22.37 18.36
CA GLN J 168 32.62 23.23 17.34
C GLN J 168 31.60 24.25 16.86
N LEU J 169 30.33 23.85 16.77
CA LEU J 169 29.30 24.78 16.30
C LEU J 169 29.17 25.97 17.24
N GLU J 170 29.03 25.73 18.55
CA GLU J 170 28.87 26.93 19.39
C GLU J 170 30.18 27.69 19.52
N ASP J 171 31.32 27.01 19.40
CA ASP J 171 32.58 27.74 19.41
C ASP J 171 32.64 28.73 18.25
N MET J 172 32.28 28.26 17.05
CA MET J 172 32.26 29.13 15.89
C MET J 172 31.22 30.25 16.05
N LEU J 173 30.04 29.91 16.57
CA LEU J 173 28.99 30.91 16.73
C LEU J 173 29.41 32.00 17.71
N ALA J 174 30.04 31.61 18.82
CA ALA J 174 30.54 32.59 19.78
C ALA J 174 31.67 33.40 19.19
N LYS J 175 32.49 32.79 18.33
CA LYS J 175 33.54 33.55 17.65
C LYS J 175 32.93 34.63 16.77
N HIS J 176 31.85 34.30 16.06
CA HIS J 176 31.21 35.25 15.15
C HIS J 176 30.26 36.22 15.85
N SER J 177 29.98 36.02 17.13
CA SER J 177 29.11 36.90 17.89
C SER J 177 29.90 37.61 18.99
N THR J 178 29.23 38.51 19.69
CA THR J 178 29.85 39.25 20.78
C THR J 178 29.63 38.60 22.14
N THR J 179 28.82 37.58 22.22
CA THR J 179 28.49 36.93 23.48
C THR J 179 29.52 35.86 23.82
N PRO J 180 29.74 35.58 25.11
CA PRO J 180 30.69 34.53 25.48
C PRO J 180 30.16 33.15 25.15
N VAL J 181 31.07 32.18 25.15
CA VAL J 181 30.72 30.81 24.78
C VAL J 181 29.74 30.22 25.79
N GLU J 182 29.91 30.55 27.07
CA GLU J 182 29.00 30.03 28.09
C GLU J 182 27.58 30.53 27.87
N LYS J 183 27.44 31.79 27.45
CA LYS J 183 26.11 32.32 27.16
C LYS J 183 25.46 31.55 26.01
N ILE J 184 26.24 31.23 24.98
CA ILE J 184 25.71 30.42 23.88
C ILE J 184 25.30 29.05 24.39
N ARG J 185 26.11 28.46 25.28
CA ARG J 185 25.75 27.16 25.85
C ARG J 185 24.40 27.23 26.55
N GLU J 186 24.20 28.25 27.39
CA GLU J 186 22.92 28.36 28.09
C GLU J 186 21.77 28.61 27.11
N ASP J 187 21.98 29.46 26.11
CA ASP J 187 20.89 29.85 25.23
C ASP J 187 20.59 28.83 24.14
N ILE J 188 21.46 27.84 23.93
CA ILE J 188 21.29 26.91 22.82
C ILE J 188 20.64 25.60 23.25
N GLU J 189 20.50 25.35 24.56
CA GLU J 189 20.05 24.05 25.01
C GLU J 189 18.62 23.76 24.55
N ARG J 190 17.78 24.77 24.46
CA ARG J 190 16.48 24.67 23.83
C ARG J 190 16.45 25.55 22.60
N ASP J 191 15.30 25.57 21.92
CA ASP J 191 15.11 26.47 20.79
C ASP J 191 15.02 27.90 21.29
N LYS J 192 15.64 28.82 20.56
CA LYS J 192 15.55 30.25 20.89
C LYS J 192 15.15 31.00 19.63
N ILE J 193 14.14 31.86 19.77
CA ILE J 193 13.58 32.62 18.66
C ILE J 193 13.77 34.10 18.94
N LEU J 194 14.37 34.81 17.99
CA LEU J 194 14.66 36.22 18.12
C LEU J 194 14.12 36.97 16.92
N THR J 195 13.63 38.19 17.17
CA THR J 195 13.16 39.07 16.13
C THR J 195 14.32 39.92 15.60
N ALA J 196 14.02 40.91 14.76
CA ALA J 196 15.07 41.73 14.20
C ALA J 196 15.80 42.52 15.28
N GLU J 197 15.06 43.22 16.13
CA GLU J 197 15.69 43.98 17.20
C GLU J 197 16.39 43.07 18.20
N ASP J 198 15.77 41.93 18.52
CA ASP J 198 16.41 40.97 19.42
C ASP J 198 17.71 40.46 18.84
N ALA J 199 17.72 40.13 17.55
CA ALA J 199 18.95 39.66 16.92
C ALA J 199 20.01 40.75 16.90
N LEU J 200 19.61 41.99 16.63
CA LEU J 200 20.56 43.09 16.62
C LEU J 200 21.18 43.28 18.00
N SER J 201 20.37 43.21 19.06
CA SER J 201 20.90 43.34 20.40
C SER J 201 21.80 42.17 20.77
N TYR J 202 21.42 40.95 20.35
CA TYR J 202 22.17 39.76 20.70
C TYR J 202 23.53 39.69 20.02
N GLY J 203 23.72 40.41 18.92
CA GLY J 203 24.96 40.35 18.17
C GLY J 203 24.91 39.49 16.92
N LEU J 204 23.80 38.79 16.68
CA LEU J 204 23.69 38.00 15.46
C LEU J 204 23.55 38.87 14.23
N ILE J 205 23.05 40.10 14.40
CA ILE J 205 22.78 41.01 13.29
C ILE J 205 23.38 42.37 13.64
N ASP J 206 24.06 42.98 12.66
CA ASP J 206 24.69 44.27 12.88
C ASP J 206 23.80 45.45 12.57
N GLN J 207 22.72 45.26 11.81
CA GLN J 207 21.84 46.37 11.45
C GLN J 207 20.55 45.81 10.88
N VAL J 208 19.44 46.51 11.16
CA VAL J 208 18.14 46.17 10.61
C VAL J 208 17.75 47.26 9.62
N ILE J 209 17.48 46.87 8.38
CA ILE J 209 17.10 47.83 7.35
C ILE J 209 15.62 48.13 7.46
N SER J 210 15.27 49.41 7.38
CA SER J 210 13.89 49.86 7.49
C SER J 210 13.25 50.12 6.13
N THR J 211 13.86 51.00 5.34
CA THR J 211 13.34 51.33 4.02
C THR J 211 14.42 51.99 3.16
N TYR K 36 4.76 30.29 -19.10
CA TYR K 36 4.21 30.23 -20.45
C TYR K 36 4.35 31.61 -21.09
N ASP K 37 4.05 31.70 -22.38
CA ASP K 37 4.20 32.96 -23.11
C ASP K 37 3.39 34.11 -22.51
N PRO K 38 2.10 33.93 -22.18
CA PRO K 38 1.36 35.09 -21.64
C PRO K 38 1.96 35.67 -20.37
N TYR K 39 2.48 34.82 -19.47
CA TYR K 39 3.07 35.35 -18.25
C TYR K 39 4.28 36.22 -18.57
N ALA K 40 5.16 35.74 -19.44
CA ALA K 40 6.33 36.52 -19.81
C ALA K 40 5.92 37.82 -20.50
N LYS K 41 4.92 37.76 -21.38
CA LYS K 41 4.47 38.96 -22.08
C LYS K 41 3.88 39.98 -21.12
N LEU K 42 3.09 39.52 -20.15
CA LEU K 42 2.52 40.42 -19.15
C LEU K 42 3.57 40.93 -18.19
N PHE K 43 4.71 40.25 -18.08
CA PHE K 43 5.76 40.68 -17.17
C PHE K 43 6.29 42.06 -17.53
N GLU K 44 6.36 42.39 -18.81
CA GLU K 44 6.89 43.70 -19.21
C GLU K 44 6.07 44.86 -18.70
N GLU K 45 4.75 44.69 -18.56
CA GLU K 45 3.89 45.74 -18.04
C GLU K 45 3.75 45.69 -16.53
N ARG K 46 4.75 45.12 -15.84
CA ARG K 46 4.85 45.20 -14.38
C ARG K 46 3.64 44.61 -13.69
N VAL K 47 3.11 43.53 -14.26
CA VAL K 47 1.96 42.81 -13.71
C VAL K 47 2.46 41.47 -13.21
N ILE K 48 2.23 41.19 -11.93
CA ILE K 48 2.70 39.96 -11.29
C ILE K 48 1.49 39.18 -10.83
N PHE K 49 1.40 37.92 -11.25
CA PHE K 49 0.37 37.02 -10.77
C PHE K 49 0.81 36.33 -9.50
N LEU K 50 -0.17 36.05 -8.64
CA LEU K 50 0.00 35.20 -7.47
C LEU K 50 -1.21 34.27 -7.47
N GLY K 51 -1.08 33.16 -8.18
CA GLY K 51 -2.22 32.29 -8.39
C GLY K 51 -2.10 30.93 -7.73
N VAL K 52 -1.06 30.74 -6.93
CA VAL K 52 -0.82 29.47 -6.28
C VAL K 52 -0.80 29.68 -4.77
N GLN K 53 -0.59 28.60 -4.02
CA GLN K 53 -0.47 28.71 -2.58
C GLN K 53 0.85 29.38 -2.20
N ILE K 54 0.83 30.13 -1.11
CA ILE K 54 2.03 30.80 -0.65
C ILE K 54 2.97 29.78 -0.02
N ASP K 55 4.20 29.72 -0.51
CA ASP K 55 5.23 28.85 0.04
C ASP K 55 6.59 29.48 -0.26
N ASP K 56 7.65 28.70 -0.07
CA ASP K 56 9.00 29.24 -0.23
C ASP K 56 9.29 29.60 -1.67
N ALA K 57 9.02 28.69 -2.60
CA ALA K 57 9.40 28.91 -3.99
C ALA K 57 8.62 30.06 -4.62
N SER K 58 7.30 30.08 -4.41
CA SER K 58 6.49 31.14 -4.98
C SER K 58 6.87 32.50 -4.41
N ALA K 59 7.10 32.56 -3.09
CA ALA K 59 7.52 33.82 -2.49
C ALA K 59 8.88 34.27 -3.03
N ASN K 60 9.82 33.32 -3.16
CA ASN K 60 11.13 33.66 -3.69
C ASN K 60 11.01 34.26 -5.08
N ASP K 61 10.21 33.62 -5.95
CA ASP K 61 9.97 34.19 -7.28
C ASP K 61 9.34 35.57 -7.17
N VAL K 62 8.42 35.75 -6.22
CA VAL K 62 7.71 37.02 -6.13
C VAL K 62 8.65 38.16 -5.79
N MET K 63 9.47 38.01 -4.75
CA MET K 63 10.31 39.17 -4.45
C MET K 63 11.47 39.27 -5.43
N ALA K 64 11.85 38.17 -6.09
CA ALA K 64 12.83 38.30 -7.17
C ALA K 64 12.30 39.20 -8.28
N GLN K 65 11.05 38.95 -8.71
CA GLN K 65 10.45 39.81 -9.73
C GLN K 65 10.27 41.23 -9.21
N LEU K 66 9.90 41.38 -7.93
CA LEU K 66 9.75 42.72 -7.37
C LEU K 66 11.05 43.49 -7.41
N LEU K 67 12.17 42.85 -7.05
CA LEU K 67 13.46 43.50 -7.10
C LEU K 67 13.87 43.81 -8.54
N CYS K 68 13.57 42.90 -9.47
CA CYS K 68 13.90 43.17 -10.87
C CYS K 68 13.14 44.38 -11.40
N LEU K 69 11.85 44.47 -11.07
CA LEU K 69 11.06 45.62 -11.48
C LEU K 69 11.53 46.90 -10.80
N GLU K 70 11.99 46.81 -9.55
CA GLU K 70 12.62 47.95 -8.91
C GLU K 70 13.85 48.40 -9.69
N SER K 71 14.67 47.46 -10.11
CA SER K 71 15.88 47.80 -10.85
C SER K 71 15.55 48.44 -12.19
N MET K 72 14.54 47.92 -12.89
CA MET K 72 14.22 48.44 -14.21
C MET K 72 13.80 49.90 -14.16
N ASP K 73 12.92 50.24 -13.21
CA ASP K 73 12.49 51.63 -13.07
C ASP K 73 11.97 51.88 -11.65
N PRO K 74 12.63 52.74 -10.89
CA PRO K 74 12.16 53.06 -9.54
C PRO K 74 10.99 54.03 -9.48
N ASP K 75 10.53 54.55 -10.61
CA ASP K 75 9.52 55.60 -10.63
C ASP K 75 8.19 55.17 -11.24
N ARG K 76 7.98 53.87 -11.43
CA ARG K 76 6.74 53.38 -12.01
C ARG K 76 6.20 52.24 -11.16
N ASP K 77 4.87 52.22 -10.99
CA ASP K 77 4.23 51.32 -10.06
C ASP K 77 4.29 49.86 -10.53
N ILE K 78 4.04 48.95 -9.60
CA ILE K 78 4.02 47.52 -9.85
C ILE K 78 2.64 47.00 -9.51
N SER K 79 2.02 46.27 -10.42
CA SER K 79 0.67 45.77 -10.24
C SER K 79 0.70 44.29 -9.87
N VAL K 80 -0.05 43.92 -8.84
CA VAL K 80 -0.11 42.55 -8.34
C VAL K 80 -1.56 42.09 -8.40
N TYR K 81 -1.79 40.98 -9.11
CA TYR K 81 -3.11 40.36 -9.20
C TYR K 81 -3.10 39.13 -8.31
N ILE K 82 -4.00 39.10 -7.32
CA ILE K 82 -3.98 38.06 -6.30
C ILE K 82 -5.19 37.16 -6.48
N ASN K 83 -4.94 35.86 -6.61
CA ASN K 83 -5.98 34.83 -6.60
C ASN K 83 -5.37 33.60 -5.92
N SER K 84 -5.52 33.52 -4.60
CA SER K 84 -4.85 32.47 -3.84
C SER K 84 -5.69 32.09 -2.64
N PRO K 85 -5.60 30.84 -2.17
CA PRO K 85 -6.32 30.46 -0.95
C PRO K 85 -5.52 30.64 0.33
N GLY K 86 -4.26 31.03 0.26
CA GLY K 86 -3.44 31.25 1.43
C GLY K 86 -2.10 30.57 1.28
N GLY K 87 -1.48 30.27 2.42
CA GLY K 87 -0.19 29.61 2.41
C GLY K 87 0.52 29.79 3.75
N SER K 88 1.83 29.71 3.70
CA SER K 88 2.64 29.82 4.90
C SER K 88 2.72 31.27 5.36
N PHE K 89 3.30 31.46 6.55
CA PHE K 89 3.40 32.78 7.16
C PHE K 89 4.76 33.44 6.94
N THR K 90 5.84 32.69 6.97
CA THR K 90 7.16 33.28 6.76
C THR K 90 7.26 33.87 5.36
N ALA K 91 6.77 33.14 4.35
CA ALA K 91 6.74 33.67 3.00
C ALA K 91 5.82 34.88 2.90
N LEU K 92 4.70 34.84 3.63
CA LEU K 92 3.81 36.00 3.72
C LEU K 92 4.59 37.23 4.16
N THR K 93 5.32 37.11 5.27
CA THR K 93 6.03 38.26 5.80
C THR K 93 7.17 38.68 4.88
N ALA K 94 7.82 37.74 4.22
CA ALA K 94 8.88 38.09 3.29
C ALA K 94 8.34 38.94 2.15
N ILE K 95 7.21 38.52 1.56
CA ILE K 95 6.62 39.29 0.47
C ILE K 95 6.15 40.65 0.99
N TYR K 96 5.57 40.67 2.19
CA TYR K 96 5.10 41.94 2.74
C TYR K 96 6.24 42.93 2.93
N ASP K 97 7.36 42.46 3.49
CA ASP K 97 8.50 43.33 3.69
C ASP K 97 9.09 43.80 2.38
N THR K 98 9.13 42.91 1.38
CA THR K 98 9.61 43.35 0.07
C THR K 98 8.73 44.44 -0.51
N MET K 99 7.41 44.27 -0.39
CA MET K 99 6.49 45.30 -0.86
C MET K 99 6.71 46.61 -0.12
N GLN K 100 6.93 46.54 1.19
CA GLN K 100 7.14 47.76 1.97
C GLN K 100 8.45 48.45 1.59
N TYR K 101 9.48 47.66 1.26
CA TYR K 101 10.78 48.25 0.98
C TYR K 101 10.83 48.93 -0.38
N VAL K 102 10.02 48.44 -1.34
CA VAL K 102 10.03 48.99 -2.69
C VAL K 102 9.50 50.42 -2.67
N LYS K 103 10.28 51.35 -3.25
CA LYS K 103 9.87 52.75 -3.24
C LYS K 103 8.63 53.01 -4.08
N PRO K 104 8.53 52.55 -5.34
CA PRO K 104 7.30 52.79 -6.10
C PRO K 104 6.10 52.12 -5.47
N ASP K 105 4.94 52.75 -5.64
CA ASP K 105 3.70 52.21 -5.09
C ASP K 105 3.37 50.88 -5.74
N VAL K 106 2.65 50.04 -4.99
CA VAL K 106 2.30 48.70 -5.44
C VAL K 106 0.78 48.63 -5.55
N GLN K 107 0.29 48.69 -6.78
CA GLN K 107 -1.12 48.40 -7.03
C GLN K 107 -1.40 46.94 -6.73
N THR K 108 -2.58 46.68 -6.17
CA THR K 108 -2.99 45.30 -5.96
C THR K 108 -4.49 45.18 -6.22
N VAL K 109 -4.87 44.12 -6.94
CA VAL K 109 -6.28 43.83 -7.18
C VAL K 109 -6.55 42.36 -6.86
N CYS K 110 -7.66 42.11 -6.20
CA CYS K 110 -8.12 40.75 -5.96
C CYS K 110 -8.91 40.24 -7.15
N MET K 111 -8.78 38.95 -7.41
CA MET K 111 -9.43 38.32 -8.56
C MET K 111 -10.00 36.98 -8.13
N GLY K 112 -11.30 36.94 -7.90
CA GLY K 112 -11.96 35.69 -7.60
C GLY K 112 -12.01 35.33 -6.14
N GLN K 113 -10.85 35.07 -5.53
CA GLN K 113 -10.82 34.58 -4.17
C GLN K 113 -9.46 34.87 -3.54
N ALA K 114 -9.48 35.49 -2.37
CA ALA K 114 -8.27 35.78 -1.61
C ALA K 114 -8.52 35.49 -0.15
N ALA K 115 -7.65 34.69 0.47
CA ALA K 115 -7.83 34.30 1.86
C ALA K 115 -6.47 34.18 2.54
N ALA K 116 -6.50 34.31 3.87
CA ALA K 116 -5.33 34.14 4.71
C ALA K 116 -4.18 35.04 4.27
N ALA K 117 -3.14 34.43 3.70
CA ALA K 117 -2.01 35.21 3.19
C ALA K 117 -2.45 36.14 2.07
N ALA K 118 -3.32 35.67 1.19
CA ALA K 118 -3.78 36.49 0.08
C ALA K 118 -4.52 37.72 0.59
N ALA K 119 -5.38 37.56 1.60
CA ALA K 119 -6.15 38.68 2.10
C ALA K 119 -5.24 39.76 2.68
N VAL K 120 -4.28 39.36 3.51
CA VAL K 120 -3.41 40.34 4.15
C VAL K 120 -2.48 40.98 3.13
N LEU K 121 -2.00 40.20 2.16
CA LEU K 121 -1.16 40.77 1.12
C LEU K 121 -1.92 41.79 0.28
N LEU K 122 -3.18 41.48 -0.06
CA LEU K 122 -4.01 42.42 -0.78
C LEU K 122 -4.26 43.68 0.04
N ALA K 123 -4.49 43.52 1.34
CA ALA K 123 -4.64 44.67 2.22
C ALA K 123 -3.34 45.41 2.45
N ALA K 124 -2.21 44.83 2.06
CA ALA K 124 -0.91 45.43 2.28
C ALA K 124 -0.47 46.38 1.18
N GLY K 125 -1.32 46.62 0.20
CA GLY K 125 -0.96 47.51 -0.89
C GLY K 125 -0.86 48.95 -0.42
N THR K 126 -0.40 49.80 -1.34
CA THR K 126 -0.24 51.21 -1.03
C THR K 126 -1.62 51.83 -0.74
N PRO K 127 -1.69 52.77 0.20
CA PRO K 127 -3.00 53.30 0.60
C PRO K 127 -3.73 53.96 -0.56
N GLY K 128 -5.05 53.75 -0.59
CA GLY K 128 -5.91 54.38 -1.58
C GLY K 128 -5.87 53.78 -2.96
N LYS K 129 -5.10 52.71 -3.17
CA LYS K 129 -4.90 52.15 -4.50
C LYS K 129 -4.97 50.63 -4.47
N ARG K 130 -5.98 50.09 -3.78
CA ARG K 130 -6.25 48.67 -3.73
C ARG K 130 -7.64 48.40 -4.29
N MET K 131 -7.75 47.44 -5.20
CA MET K 131 -9.00 47.20 -5.91
C MET K 131 -9.39 45.73 -5.88
N ALA K 132 -10.68 45.48 -6.17
CA ALA K 132 -11.20 44.13 -6.24
C ALA K 132 -12.31 44.09 -7.29
N LEU K 133 -12.52 42.90 -7.84
CA LEU K 133 -13.56 42.68 -8.84
C LEU K 133 -14.93 42.65 -8.18
N PRO K 134 -15.99 42.94 -8.95
CA PRO K 134 -17.33 43.01 -8.33
C PRO K 134 -17.76 41.72 -7.66
N ASN K 135 -17.38 40.57 -8.20
CA ASN K 135 -17.75 39.28 -7.62
C ASN K 135 -16.60 38.65 -6.84
N ALA K 136 -15.80 39.48 -6.17
CA ALA K 136 -14.69 38.96 -5.39
C ALA K 136 -15.21 38.25 -4.14
N ARG K 137 -14.28 37.57 -3.46
CA ARG K 137 -14.59 36.76 -2.29
C ARG K 137 -13.38 36.80 -1.36
N VAL K 138 -13.47 37.62 -0.31
CA VAL K 138 -12.36 37.85 0.60
C VAL K 138 -12.63 37.13 1.91
N LEU K 139 -11.62 36.45 2.43
CA LEU K 139 -11.74 35.69 3.66
C LEU K 139 -10.59 36.04 4.59
N ILE K 140 -10.90 36.39 5.84
CA ILE K 140 -9.90 36.61 6.87
C ILE K 140 -10.12 35.59 7.97
N HIS K 141 -9.05 34.90 8.35
CA HIS K 141 -9.17 33.85 9.34
C HIS K 141 -7.91 33.82 10.20
N GLN K 142 -8.08 33.37 11.43
CA GLN K 142 -6.99 33.32 12.39
C GLN K 142 -5.96 32.29 11.96
N PRO K 143 -4.67 32.55 12.19
CA PRO K 143 -3.63 31.64 11.71
C PRO K 143 -3.76 30.25 12.31
N TYR K 144 -3.36 29.25 11.52
CA TYR K 144 -3.40 27.85 11.92
C TYR K 144 -2.03 27.23 11.73
N SER K 145 -1.69 26.28 12.59
CA SER K 145 -0.40 25.60 12.51
C SER K 145 -0.53 24.21 13.09
N GLU K 146 0.61 23.54 13.24
CA GLU K 146 0.67 22.18 13.76
C GLU K 146 1.92 22.05 14.63
N THR K 147 1.74 22.11 15.94
CA THR K 147 2.87 21.94 16.85
C THR K 147 3.18 20.46 17.02
N GLY K 148 4.34 20.05 16.52
CA GLY K 148 4.70 18.65 16.50
C GLY K 148 4.89 18.07 17.89
N ARG K 149 4.90 16.74 17.94
CA ARG K 149 5.14 16.02 19.18
C ARG K 149 6.49 16.41 19.75
N GLY K 150 6.53 16.63 21.05
CA GLY K 150 7.79 16.97 21.69
C GLY K 150 7.61 17.15 23.18
N GLN K 151 8.72 17.47 23.83
CA GLN K 151 8.73 17.77 25.24
C GLN K 151 8.01 19.09 25.51
N VAL K 152 7.33 19.17 26.65
CA VAL K 152 6.40 20.27 26.89
C VAL K 152 7.09 21.63 26.85
N SER K 153 8.39 21.70 27.14
CA SER K 153 9.09 22.97 27.02
C SER K 153 9.13 23.44 25.57
N ASP K 154 9.35 22.51 24.64
CA ASP K 154 9.33 22.86 23.22
C ASP K 154 7.95 23.33 22.79
N LEU K 155 6.90 22.66 23.26
CA LEU K 155 5.55 23.10 22.94
C LEU K 155 5.26 24.47 23.53
N GLU K 156 5.74 24.75 24.73
CA GLU K 156 5.56 26.08 25.30
C GLU K 156 6.25 27.14 24.44
N ILE K 157 7.48 26.84 24.00
CA ILE K 157 8.20 27.80 23.16
C ILE K 157 7.42 28.05 21.86
N ALA K 158 6.96 26.97 21.23
CA ALA K 158 6.22 27.11 19.97
C ALA K 158 4.92 27.87 20.18
N ALA K 159 4.23 27.62 21.29
CA ALA K 159 2.97 28.31 21.56
C ALA K 159 3.19 29.80 21.77
N ASN K 160 4.23 30.18 22.52
CA ASN K 160 4.52 31.59 22.67
C ASN K 160 4.89 32.21 21.33
N GLU K 161 5.63 31.48 20.50
CA GLU K 161 6.00 32.01 19.19
C GLU K 161 4.77 32.24 18.32
N ILE K 162 3.84 31.28 18.29
CA ILE K 162 2.66 31.47 17.45
C ILE K 162 1.77 32.58 18.00
N LEU K 163 1.70 32.74 19.32
CA LEU K 163 0.92 33.85 19.87
C LEU K 163 1.54 35.18 19.48
N ARG K 164 2.86 35.30 19.55
CA ARG K 164 3.51 36.54 19.13
C ARG K 164 3.31 36.79 17.65
N MET K 165 3.35 35.73 16.84
CA MET K 165 3.08 35.87 15.41
C MET K 165 1.68 36.38 15.17
N ARG K 166 0.70 35.85 15.91
CA ARG K 166 -0.67 36.33 15.83
C ARG K 166 -0.76 37.82 16.17
N SER K 167 -0.12 38.22 17.27
CA SER K 167 -0.18 39.61 17.71
C SER K 167 0.45 40.54 16.68
N GLN K 168 1.60 40.14 16.13
CA GLN K 168 2.24 40.95 15.10
C GLN K 168 1.34 41.05 13.87
N LEU K 169 0.75 39.94 13.43
CA LEU K 169 -0.09 39.96 12.25
C LEU K 169 -1.30 40.86 12.44
N GLU K 170 -1.96 40.76 13.59
CA GLU K 170 -3.13 41.60 13.83
C GLU K 170 -2.75 43.07 13.91
N ASP K 171 -1.62 43.40 14.55
CA ASP K 171 -1.24 44.80 14.65
C ASP K 171 -0.92 45.36 13.28
N MET K 172 -0.19 44.61 12.48
CA MET K 172 0.18 45.08 11.14
C MET K 172 -1.03 45.13 10.22
N LEU K 173 -2.04 44.28 10.46
CA LEU K 173 -3.27 44.37 9.67
C LEU K 173 -4.10 45.58 10.08
N ALA K 174 -4.26 45.81 11.38
CA ALA K 174 -4.98 46.98 11.85
C ALA K 174 -4.29 48.28 11.47
N LYS K 175 -2.98 48.24 11.26
CA LYS K 175 -2.28 49.41 10.74
C LYS K 175 -2.77 49.79 9.36
N HIS K 176 -3.03 48.80 8.51
CA HIS K 176 -3.46 49.03 7.14
C HIS K 176 -4.97 49.15 6.99
N SER K 177 -5.68 49.47 8.07
CA SER K 177 -7.13 49.58 8.01
C SER K 177 -7.59 50.63 9.01
N THR K 178 -8.79 51.14 8.78
CA THR K 178 -9.38 52.12 9.69
C THR K 178 -9.84 51.50 11.00
N THR K 179 -10.17 50.21 10.99
CA THR K 179 -10.67 49.56 12.19
C THR K 179 -9.57 49.42 13.23
N PRO K 180 -9.91 49.49 14.51
CA PRO K 180 -8.91 49.36 15.57
C PRO K 180 -8.58 47.90 15.87
N VAL K 181 -7.60 47.73 16.76
CA VAL K 181 -7.05 46.40 17.04
C VAL K 181 -8.08 45.50 17.71
N GLU K 182 -8.79 46.01 18.72
CA GLU K 182 -9.74 45.17 19.42
C GLU K 182 -10.86 44.75 18.49
N LYS K 183 -11.25 45.61 17.55
CA LYS K 183 -12.21 45.21 16.54
C LYS K 183 -11.72 44.00 15.78
N ILE K 184 -10.43 43.95 15.47
CA ILE K 184 -9.84 42.76 14.86
C ILE K 184 -9.94 41.57 15.80
N ARG K 185 -9.74 41.79 17.09
CA ARG K 185 -9.99 40.74 18.08
C ARG K 185 -11.39 40.12 17.95
N GLU K 186 -12.44 40.94 17.92
CA GLU K 186 -13.75 40.30 17.74
C GLU K 186 -13.87 39.67 16.36
N ASP K 187 -13.37 40.32 15.32
CA ASP K 187 -13.68 39.89 13.96
C ASP K 187 -12.78 38.78 13.43
N ILE K 188 -11.74 38.35 14.15
CA ILE K 188 -10.81 37.36 13.63
C ILE K 188 -10.90 36.03 14.36
N GLU K 189 -11.58 35.97 15.52
CA GLU K 189 -11.53 34.76 16.35
C GLU K 189 -12.08 33.57 15.59
N ARG K 190 -13.08 33.78 14.75
CA ARG K 190 -13.54 32.80 13.78
C ARG K 190 -13.24 33.30 12.37
N ASP K 191 -13.67 32.52 11.38
CA ASP K 191 -13.53 32.93 9.99
C ASP K 191 -14.54 34.03 9.69
N LYS K 192 -14.11 35.01 8.89
CA LYS K 192 -15.01 36.04 8.43
C LYS K 192 -14.89 36.20 6.92
N ILE K 193 -16.03 36.35 6.26
CA ILE K 193 -16.11 36.43 4.81
C ILE K 193 -16.71 37.77 4.42
N LEU K 194 -16.05 38.48 3.53
CA LEU K 194 -16.50 39.77 3.05
C LEU K 194 -16.53 39.76 1.53
N THR K 195 -17.56 40.41 0.97
CA THR K 195 -17.67 40.59 -0.47
C THR K 195 -16.97 41.89 -0.86
N ALA K 196 -17.15 42.32 -2.10
CA ALA K 196 -16.49 43.53 -2.56
C ALA K 196 -16.96 44.75 -1.77
N GLU K 197 -18.27 44.95 -1.68
CA GLU K 197 -18.78 46.09 -0.94
C GLU K 197 -18.48 45.98 0.54
N ASP K 198 -18.57 44.77 1.10
CA ASP K 198 -18.25 44.59 2.51
C ASP K 198 -16.78 44.91 2.78
N ALA K 199 -15.88 44.47 1.90
CA ALA K 199 -14.47 44.78 2.06
C ALA K 199 -14.22 46.28 1.93
N LEU K 200 -14.90 46.92 0.99
CA LEU K 200 -14.74 48.37 0.83
C LEU K 200 -15.19 49.11 2.08
N SER K 201 -16.33 48.71 2.65
CA SER K 201 -16.83 49.39 3.85
C SER K 201 -15.94 49.11 5.05
N TYR K 202 -15.44 47.88 5.18
CA TYR K 202 -14.64 47.52 6.35
C TYR K 202 -13.28 48.21 6.34
N GLY K 203 -12.70 48.38 5.16
CA GLY K 203 -11.37 48.98 5.03
C GLY K 203 -10.35 48.11 4.34
N LEU K 204 -10.69 46.88 3.97
CA LEU K 204 -9.75 46.03 3.25
C LEU K 204 -9.44 46.59 1.86
N ILE K 205 -10.45 47.16 1.20
CA ILE K 205 -10.35 47.57 -0.20
C ILE K 205 -10.66 49.05 -0.30
N ASP K 206 -9.83 49.78 -1.04
CA ASP K 206 -10.04 51.20 -1.24
C ASP K 206 -11.16 51.50 -2.25
N GLN K 207 -11.30 50.67 -3.28
CA GLN K 207 -12.29 50.89 -4.31
C GLN K 207 -12.52 49.60 -5.08
N VAL K 208 -13.77 49.37 -5.47
CA VAL K 208 -14.14 48.18 -6.24
C VAL K 208 -14.22 48.56 -7.71
N ILE K 209 -13.61 47.73 -8.56
CA ILE K 209 -13.62 47.98 -10.00
C ILE K 209 -14.99 47.61 -10.55
N SER K 210 -15.59 48.54 -11.31
CA SER K 210 -16.92 48.31 -11.88
C SER K 210 -16.83 47.73 -13.30
N THR K 211 -16.22 48.46 -14.21
CA THR K 211 -16.10 48.02 -15.60
C THR K 211 -15.07 48.85 -16.35
N TYR L 36 0.98 23.37 -27.65
CA TYR L 36 1.41 22.77 -28.90
C TYR L 36 1.18 23.78 -30.02
N ASP L 37 1.75 23.53 -31.19
CA ASP L 37 1.68 24.49 -32.29
C ASP L 37 0.25 24.88 -32.67
N PRO L 38 -0.69 23.93 -32.84
CA PRO L 38 -2.05 24.35 -33.21
C PRO L 38 -2.71 25.29 -32.22
N TYR L 39 -2.45 25.15 -30.92
CA TYR L 39 -3.08 26.01 -29.94
C TYR L 39 -2.66 27.47 -30.15
N ALA L 40 -1.36 27.72 -30.24
CA ALA L 40 -0.89 29.08 -30.47
C ALA L 40 -1.34 29.58 -31.85
N LYS L 41 -1.30 28.72 -32.85
CA LYS L 41 -1.69 29.11 -34.20
C LYS L 41 -3.14 29.55 -34.24
N LEU L 42 -4.03 28.83 -33.55
CA LEU L 42 -5.41 29.28 -33.41
C LEU L 42 -5.50 30.51 -32.53
N PHE L 43 -4.54 30.68 -31.61
CA PHE L 43 -4.58 31.82 -30.72
C PHE L 43 -4.43 33.13 -31.49
N GLU L 44 -3.56 33.16 -32.51
CA GLU L 44 -3.41 34.47 -33.17
C GLU L 44 -4.70 34.97 -33.79
N GLU L 45 -5.69 34.11 -34.05
CA GLU L 45 -7.01 34.57 -34.49
C GLU L 45 -7.98 34.75 -33.32
N ARG L 46 -7.48 35.04 -32.13
CA ARG L 46 -8.31 35.42 -30.99
C ARG L 46 -9.32 34.33 -30.63
N VAL L 47 -8.84 33.09 -30.63
CA VAL L 47 -9.64 31.93 -30.29
C VAL L 47 -9.03 31.27 -29.06
N ILE L 48 -9.85 31.05 -28.04
CA ILE L 48 -9.39 30.51 -26.76
C ILE L 48 -10.11 29.20 -26.50
N PHE L 49 -9.34 28.14 -26.22
CA PHE L 49 -9.90 26.86 -25.81
C PHE L 49 -10.07 26.79 -24.31
N LEU L 50 -11.11 26.10 -23.88
CA LEU L 50 -11.32 25.74 -22.48
C LEU L 50 -11.73 24.27 -22.50
N GLY L 51 -10.74 23.38 -22.47
CA GLY L 51 -11.02 21.98 -22.65
C GLY L 51 -10.64 21.10 -21.48
N VAL L 52 -10.39 21.72 -20.32
CA VAL L 52 -10.00 21.01 -19.11
C VAL L 52 -10.96 21.41 -18.00
N GLN L 53 -10.73 20.84 -16.81
CA GLN L 53 -11.53 21.20 -15.66
C GLN L 53 -11.19 22.61 -15.20
N ILE L 54 -12.17 23.29 -14.64
CA ILE L 54 -11.99 24.66 -14.18
C ILE L 54 -11.28 24.62 -12.83
N ASP L 55 -10.09 25.21 -12.77
CA ASP L 55 -9.33 25.29 -11.52
C ASP L 55 -8.50 26.57 -11.56
N ASP L 56 -7.54 26.67 -10.65
CA ASP L 56 -6.77 27.90 -10.50
C ASP L 56 -5.87 28.14 -11.71
N ALA L 57 -5.11 27.13 -12.11
CA ALA L 57 -4.13 27.32 -13.18
C ALA L 57 -4.81 27.60 -14.52
N SER L 58 -5.83 26.81 -14.85
CA SER L 58 -6.51 27.00 -16.13
C SER L 58 -7.18 28.37 -16.18
N ALA L 59 -7.85 28.76 -15.10
CA ALA L 59 -8.49 30.07 -15.07
C ALA L 59 -7.45 31.18 -15.19
N ASN L 60 -6.33 31.04 -14.48
CA ASN L 60 -5.28 32.05 -14.55
C ASN L 60 -4.80 32.22 -15.99
N ASP L 61 -4.52 31.11 -16.67
CA ASP L 61 -4.15 31.19 -18.08
C ASP L 61 -5.26 31.83 -18.90
N VAL L 62 -6.51 31.52 -18.57
CA VAL L 62 -7.62 32.01 -19.38
C VAL L 62 -7.69 33.54 -19.32
N MET L 63 -7.68 34.12 -18.12
CA MET L 63 -7.80 35.57 -18.17
C MET L 63 -6.48 36.25 -18.47
N ALA L 64 -5.35 35.56 -18.33
CA ALA L 64 -4.11 36.10 -18.86
C ALA L 64 -4.20 36.25 -20.37
N GLN L 65 -4.70 35.23 -21.05
CA GLN L 65 -4.91 35.33 -22.49
C GLN L 65 -5.96 36.38 -22.83
N LEU L 66 -7.01 36.49 -22.01
CA LEU L 66 -8.03 37.51 -22.25
C LEU L 66 -7.43 38.90 -22.19
N LEU L 67 -6.60 39.17 -21.18
CA LEU L 67 -5.96 40.47 -21.08
C LEU L 67 -4.97 40.69 -22.22
N CYS L 68 -4.24 39.65 -22.61
CA CYS L 68 -3.29 39.79 -23.71
C CYS L 68 -4.00 40.14 -25.02
N LEU L 69 -5.16 39.51 -25.27
CA LEU L 69 -5.95 39.87 -26.44
C LEU L 69 -6.55 41.27 -26.29
N GLU L 70 -6.88 41.67 -25.06
CA GLU L 70 -7.30 43.03 -24.81
C GLU L 70 -6.20 44.03 -25.15
N SER L 71 -4.94 43.60 -25.06
CA SER L 71 -3.82 44.51 -25.28
C SER L 71 -3.84 45.08 -26.69
N MET L 72 -4.29 44.29 -27.67
CA MET L 72 -4.40 44.76 -29.04
C MET L 72 -5.67 45.60 -29.18
N ASP L 73 -6.07 45.88 -30.41
CA ASP L 73 -7.19 46.77 -30.65
C ASP L 73 -8.44 46.23 -29.98
N PRO L 74 -9.16 47.05 -29.22
CA PRO L 74 -10.39 46.59 -28.54
C PRO L 74 -11.62 46.50 -29.44
N ASP L 75 -11.47 46.62 -30.76
CA ASP L 75 -12.60 46.50 -31.66
C ASP L 75 -12.79 45.10 -32.21
N ARG L 76 -11.90 44.17 -31.87
CA ARG L 76 -11.99 42.81 -32.37
C ARG L 76 -12.57 41.88 -31.31
N ASP L 77 -13.48 41.02 -31.72
CA ASP L 77 -14.15 40.11 -30.80
C ASP L 77 -13.20 39.02 -30.35
N ILE L 78 -13.58 38.36 -29.25
CA ILE L 78 -12.82 37.24 -28.69
C ILE L 78 -13.74 36.02 -28.69
N SER L 79 -13.30 34.94 -29.30
CA SER L 79 -14.08 33.72 -29.41
C SER L 79 -13.57 32.70 -28.41
N VAL L 80 -14.48 32.13 -27.62
CA VAL L 80 -14.15 31.15 -26.60
C VAL L 80 -14.88 29.85 -26.93
N TYR L 81 -14.13 28.80 -27.19
CA TYR L 81 -14.70 27.47 -27.46
C TYR L 81 -14.66 26.68 -26.16
N ILE L 82 -15.83 26.24 -25.69
CA ILE L 82 -15.97 25.65 -24.38
C ILE L 82 -16.34 24.18 -24.53
N ASN L 83 -15.50 23.30 -23.99
CA ASN L 83 -15.80 21.87 -23.88
C ASN L 83 -15.17 21.40 -22.56
N SER L 84 -15.94 21.46 -21.48
CA SER L 84 -15.38 21.20 -20.16
C SER L 84 -16.44 20.60 -19.26
N PRO L 85 -16.05 19.73 -18.32
CA PRO L 85 -17.01 19.23 -17.34
C PRO L 85 -17.10 20.10 -16.11
N GLY L 86 -16.61 21.33 -16.20
CA GLY L 86 -16.71 22.26 -15.10
C GLY L 86 -15.60 22.08 -14.08
N GLY L 87 -15.75 22.78 -12.95
CA GLY L 87 -14.75 22.71 -11.91
C GLY L 87 -15.03 23.63 -10.74
N SER L 88 -14.01 24.36 -10.30
CA SER L 88 -14.13 25.21 -9.13
C SER L 88 -15.03 26.41 -9.40
N PHE L 89 -15.55 26.99 -8.32
CA PHE L 89 -16.46 28.12 -8.41
C PHE L 89 -15.72 29.46 -8.44
N THR L 90 -14.69 29.62 -7.62
CA THR L 90 -13.95 30.87 -7.60
C THR L 90 -13.29 31.13 -8.94
N ALA L 91 -12.75 30.08 -9.57
CA ALA L 91 -12.11 30.24 -10.87
C ALA L 91 -13.11 30.67 -11.94
N LEU L 92 -14.29 30.04 -11.97
CA LEU L 92 -15.28 30.42 -12.97
C LEU L 92 -15.75 31.85 -12.71
N THR L 93 -15.88 32.23 -11.44
CA THR L 93 -16.28 33.59 -11.13
C THR L 93 -15.23 34.60 -11.60
N ALA L 94 -13.95 34.28 -11.41
CA ALA L 94 -12.90 35.17 -11.88
C ALA L 94 -12.93 35.31 -13.39
N ILE L 95 -13.11 34.19 -14.11
CA ILE L 95 -13.19 34.26 -15.56
C ILE L 95 -14.40 35.08 -16.00
N TYR L 96 -15.53 34.91 -15.31
CA TYR L 96 -16.73 35.68 -15.65
C TYR L 96 -16.50 37.17 -15.45
N ASP L 97 -15.86 37.54 -14.33
CA ASP L 97 -15.60 38.94 -14.08
C ASP L 97 -14.67 39.52 -15.14
N THR L 98 -13.65 38.76 -15.54
CA THR L 98 -12.75 39.23 -16.58
C THR L 98 -13.51 39.41 -17.90
N MET L 99 -14.40 38.47 -18.22
CA MET L 99 -15.18 38.58 -19.44
C MET L 99 -16.07 39.82 -19.40
N GLN L 100 -16.66 40.11 -18.25
CA GLN L 100 -17.51 41.29 -18.13
C GLN L 100 -16.70 42.58 -18.21
N TYR L 101 -15.47 42.58 -17.68
CA TYR L 101 -14.67 43.79 -17.68
C TYR L 101 -14.16 44.15 -19.07
N VAL L 102 -13.94 43.16 -19.93
CA VAL L 102 -13.35 43.38 -21.24
C VAL L 102 -14.34 44.13 -22.12
N LYS L 103 -13.92 45.27 -22.65
CA LYS L 103 -14.78 46.05 -23.54
C LYS L 103 -15.09 45.32 -24.85
N PRO L 104 -14.15 44.67 -25.54
CA PRO L 104 -14.52 43.88 -26.72
C PRO L 104 -15.58 42.85 -26.40
N ASP L 105 -16.53 42.69 -27.32
CA ASP L 105 -17.55 41.67 -27.17
C ASP L 105 -16.92 40.29 -27.26
N VAL L 106 -17.31 39.40 -26.35
CA VAL L 106 -16.80 38.04 -26.32
C VAL L 106 -17.94 37.11 -26.72
N GLN L 107 -17.68 36.25 -27.69
CA GLN L 107 -18.63 35.26 -28.17
C GLN L 107 -18.20 33.88 -27.71
N THR L 108 -19.16 33.04 -27.37
CA THR L 108 -18.88 31.70 -26.87
C THR L 108 -19.53 30.67 -27.78
N VAL L 109 -18.80 29.58 -28.02
CA VAL L 109 -19.29 28.46 -28.80
C VAL L 109 -19.16 27.20 -27.94
N CYS L 110 -20.28 26.57 -27.66
CA CYS L 110 -20.30 25.31 -26.93
C CYS L 110 -20.29 24.15 -27.92
N MET L 111 -19.54 23.11 -27.56
CA MET L 111 -19.41 21.95 -28.42
C MET L 111 -18.83 20.80 -27.60
N GLY L 112 -19.39 19.62 -27.79
CA GLY L 112 -19.02 18.47 -26.98
C GLY L 112 -19.84 18.36 -25.72
N GLN L 113 -19.59 19.22 -24.74
CA GLN L 113 -20.33 19.15 -23.47
C GLN L 113 -20.04 20.41 -22.68
N ALA L 114 -21.01 20.80 -21.85
CA ALA L 114 -20.86 21.97 -20.99
C ALA L 114 -21.56 21.69 -19.67
N ALA L 115 -20.77 21.52 -18.61
CA ALA L 115 -21.31 21.30 -17.27
C ALA L 115 -21.52 22.65 -16.58
N ALA L 116 -21.75 22.61 -15.26
CA ALA L 116 -22.23 23.78 -14.54
C ALA L 116 -21.33 25.00 -14.75
N ALA L 117 -20.04 24.85 -14.49
CA ALA L 117 -19.12 25.96 -14.73
C ALA L 117 -19.09 26.31 -16.22
N ALA L 118 -19.00 25.29 -17.07
CA ALA L 118 -19.03 25.54 -18.50
C ALA L 118 -20.36 26.14 -18.93
N ALA L 119 -21.47 25.69 -18.34
CA ALA L 119 -22.76 26.25 -18.69
C ALA L 119 -22.84 27.73 -18.35
N VAL L 120 -22.38 28.11 -17.15
CA VAL L 120 -22.49 29.51 -16.76
C VAL L 120 -21.54 30.37 -17.58
N LEU L 121 -20.34 29.88 -17.88
CA LEU L 121 -19.44 30.64 -18.73
C LEU L 121 -20.01 30.80 -20.14
N LEU L 122 -20.60 29.73 -20.69
CA LEU L 122 -21.20 29.81 -22.01
C LEU L 122 -22.36 30.79 -22.03
N ALA L 123 -23.20 30.77 -21.01
CA ALA L 123 -24.31 31.72 -20.92
C ALA L 123 -23.83 33.12 -20.57
N ALA L 124 -22.58 33.28 -20.16
CA ALA L 124 -22.06 34.59 -19.78
C ALA L 124 -21.61 35.43 -20.97
N GLY L 125 -21.70 34.91 -22.19
CA GLY L 125 -21.28 35.67 -23.34
C GLY L 125 -22.20 36.83 -23.63
N THR L 126 -21.73 37.71 -24.51
CA THR L 126 -22.51 38.89 -24.87
C THR L 126 -23.79 38.46 -25.58
N PRO L 127 -24.89 39.21 -25.39
CA PRO L 127 -26.15 38.83 -26.01
C PRO L 127 -26.05 38.79 -27.52
N GLY L 128 -26.70 37.79 -28.12
CA GLY L 128 -26.69 37.62 -29.55
C GLY L 128 -25.43 36.96 -30.10
N LYS L 129 -24.51 36.52 -29.25
CA LYS L 129 -23.26 35.93 -29.70
C LYS L 129 -22.94 34.68 -28.89
N ARG L 130 -23.94 33.87 -28.61
CA ARG L 130 -23.75 32.58 -27.95
C ARG L 130 -24.25 31.50 -28.89
N MET L 131 -23.36 30.59 -29.29
CA MET L 131 -23.72 29.54 -30.24
C MET L 131 -23.33 28.18 -29.68
N ALA L 132 -23.99 27.15 -30.18
CA ALA L 132 -23.70 25.78 -29.79
C ALA L 132 -23.80 24.88 -31.02
N LEU L 133 -23.00 23.82 -31.01
CA LEU L 133 -23.07 22.89 -32.13
C LEU L 133 -24.32 22.01 -32.03
N PRO L 134 -24.82 21.50 -33.16
CA PRO L 134 -26.14 20.84 -33.15
C PRO L 134 -26.24 19.66 -32.20
N ASN L 135 -25.18 18.89 -32.03
CA ASN L 135 -25.23 17.70 -31.19
C ASN L 135 -24.57 17.92 -29.83
N ALA L 136 -24.44 19.18 -29.41
CA ALA L 136 -23.82 19.50 -28.13
C ALA L 136 -24.78 19.18 -26.98
N ARG L 137 -24.19 18.99 -25.80
CA ARG L 137 -24.93 18.70 -24.58
C ARG L 137 -24.66 19.78 -23.56
N VAL L 138 -25.72 20.29 -22.93
CA VAL L 138 -25.62 21.33 -21.90
C VAL L 138 -26.20 20.77 -20.60
N LEU L 139 -25.51 21.03 -19.50
CA LEU L 139 -25.94 20.52 -18.20
C LEU L 139 -25.87 21.64 -17.17
N ILE L 140 -26.92 21.79 -16.37
CA ILE L 140 -26.97 22.77 -15.30
C ILE L 140 -27.34 22.06 -14.01
N HIS L 141 -26.59 22.35 -12.94
CA HIS L 141 -26.85 21.78 -11.63
C HIS L 141 -26.30 22.72 -10.57
N GLN L 142 -26.90 22.64 -9.38
CA GLN L 142 -26.51 23.51 -8.29
C GLN L 142 -25.11 23.14 -7.79
N PRO L 143 -24.40 24.09 -7.18
CA PRO L 143 -23.02 23.82 -6.75
C PRO L 143 -22.95 22.70 -5.72
N TYR L 144 -21.86 21.95 -5.76
CA TYR L 144 -21.58 20.88 -4.83
C TYR L 144 -20.27 21.18 -4.11
N SER L 145 -20.21 20.88 -2.83
CA SER L 145 -19.01 21.16 -2.05
C SER L 145 -18.85 20.15 -0.92
N GLU L 146 -17.64 20.09 -0.39
CA GLU L 146 -17.25 19.17 0.68
C GLU L 146 -16.78 20.01 1.86
N THR L 147 -17.71 20.44 2.70
CA THR L 147 -17.34 21.26 3.85
C THR L 147 -16.55 20.43 4.85
N GLY L 148 -15.45 20.99 5.33
CA GLY L 148 -14.56 20.25 6.18
C GLY L 148 -15.15 20.00 7.56
N ARG L 149 -14.73 18.88 8.15
CA ARG L 149 -15.09 18.59 9.53
C ARG L 149 -14.48 19.65 10.45
N GLY L 150 -15.25 20.08 11.44
CA GLY L 150 -14.76 21.09 12.35
C GLY L 150 -15.82 21.48 13.36
N GLN L 151 -15.56 22.59 14.02
CA GLN L 151 -16.50 23.12 15.00
C GLN L 151 -17.78 23.55 14.32
N VAL L 152 -18.92 23.34 15.01
CA VAL L 152 -20.22 23.61 14.39
C VAL L 152 -20.35 25.06 14.00
N SER L 153 -19.66 25.98 14.67
CA SER L 153 -19.65 27.36 14.24
C SER L 153 -18.99 27.50 12.87
N ASP L 154 -17.88 26.80 12.66
CA ASP L 154 -17.24 26.83 11.35
C ASP L 154 -18.15 26.26 10.27
N LEU L 155 -18.84 25.16 10.57
CA LEU L 155 -19.78 24.59 9.60
C LEU L 155 -20.93 25.55 9.33
N GLU L 156 -21.41 26.26 10.36
CA GLU L 156 -22.46 27.23 10.13
C GLU L 156 -21.99 28.34 9.21
N ILE L 157 -20.77 28.84 9.42
CA ILE L 157 -20.24 29.89 8.57
C ILE L 157 -20.11 29.41 7.13
N ALA L 158 -19.57 28.20 6.96
CA ALA L 158 -19.39 27.65 5.62
C ALA L 158 -20.74 27.41 4.94
N ALA L 159 -21.74 26.96 5.70
CA ALA L 159 -23.06 26.71 5.12
C ALA L 159 -23.71 28.01 4.67
N ASN L 160 -23.63 29.05 5.49
CA ASN L 160 -24.15 30.34 5.05
C ASN L 160 -23.41 30.84 3.82
N GLU L 161 -22.10 30.63 3.77
CA GLU L 161 -21.33 31.06 2.61
C GLU L 161 -21.76 30.32 1.35
N ILE L 162 -21.94 29.00 1.44
CA ILE L 162 -22.31 28.24 0.24
C ILE L 162 -23.74 28.60 -0.18
N LEU L 163 -24.64 28.85 0.78
CA LEU L 163 -25.97 29.28 0.41
C LEU L 163 -25.95 30.63 -0.30
N ARG L 164 -25.17 31.57 0.21
CA ARG L 164 -25.07 32.87 -0.46
C ARG L 164 -24.44 32.73 -1.84
N MET L 165 -23.45 31.85 -1.96
CA MET L 165 -22.82 31.61 -3.26
C MET L 165 -23.82 31.04 -4.26
N ARG L 166 -24.63 30.08 -3.83
CA ARG L 166 -25.64 29.51 -4.72
C ARG L 166 -26.67 30.56 -5.12
N SER L 167 -27.10 31.39 -4.16
CA SER L 167 -28.05 32.44 -4.47
C SER L 167 -27.47 33.43 -5.47
N GLN L 168 -26.21 33.83 -5.29
CA GLN L 168 -25.57 34.74 -6.23
C GLN L 168 -25.45 34.11 -7.61
N LEU L 169 -25.06 32.83 -7.67
CA LEU L 169 -24.93 32.16 -8.95
C LEU L 169 -26.26 32.11 -9.68
N GLU L 170 -27.35 31.78 -8.97
CA GLU L 170 -28.63 31.67 -9.63
C GLU L 170 -29.17 33.03 -10.04
N ASP L 171 -28.92 34.07 -9.23
CA ASP L 171 -29.29 35.41 -9.64
C ASP L 171 -28.55 35.83 -10.90
N MET L 172 -27.25 35.55 -10.95
CA MET L 172 -26.46 35.89 -12.12
C MET L 172 -26.92 35.13 -13.35
N LEU L 173 -27.27 33.85 -13.17
CA LEU L 173 -27.79 33.07 -14.28
C LEU L 173 -29.12 33.62 -14.78
N ALA L 174 -30.00 34.04 -13.86
CA ALA L 174 -31.25 34.66 -14.26
C ALA L 174 -31.01 35.98 -14.98
N LYS L 175 -29.90 36.66 -14.66
CA LYS L 175 -29.58 37.91 -15.35
C LYS L 175 -29.33 37.68 -16.84
N HIS L 176 -28.64 36.60 -17.18
CA HIS L 176 -28.24 36.33 -18.56
C HIS L 176 -29.25 35.46 -19.30
N SER L 177 -30.47 35.35 -18.80
CA SER L 177 -31.48 34.54 -19.46
C SER L 177 -32.83 35.24 -19.35
N THR L 178 -33.73 34.90 -20.28
CA THR L 178 -35.06 35.47 -20.26
C THR L 178 -35.94 34.89 -19.16
N THR L 179 -35.61 33.72 -18.66
CA THR L 179 -36.42 33.09 -17.63
C THR L 179 -36.28 33.84 -16.30
N PRO L 180 -37.35 33.87 -15.51
CA PRO L 180 -37.29 34.54 -14.20
C PRO L 180 -36.48 33.73 -13.20
N VAL L 181 -36.15 34.38 -12.09
CA VAL L 181 -35.27 33.77 -11.10
C VAL L 181 -35.94 32.57 -10.44
N GLU L 182 -37.24 32.66 -10.17
CA GLU L 182 -37.93 31.54 -9.52
C GLU L 182 -37.96 30.31 -10.42
N LYS L 183 -38.11 30.51 -11.73
CA LYS L 183 -38.15 29.38 -12.64
C LYS L 183 -36.83 28.61 -12.60
N ILE L 184 -35.70 29.33 -12.63
CA ILE L 184 -34.43 28.63 -12.64
C ILE L 184 -34.10 28.11 -11.25
N ARG L 185 -34.65 28.70 -10.19
CA ARG L 185 -34.49 28.10 -8.87
C ARG L 185 -35.19 26.75 -8.80
N GLU L 186 -36.39 26.65 -9.36
CA GLU L 186 -37.05 25.35 -9.44
C GLU L 186 -36.26 24.39 -10.33
N ASP L 187 -35.76 24.87 -11.47
CA ASP L 187 -35.09 24.00 -12.43
C ASP L 187 -33.68 23.61 -12.00
N ILE L 188 -33.10 24.27 -11.00
CA ILE L 188 -31.72 24.01 -10.62
C ILE L 188 -31.61 23.02 -9.47
N GLU L 189 -32.73 22.68 -8.83
CA GLU L 189 -32.68 21.86 -7.62
C GLU L 189 -32.07 20.49 -7.91
N ARG L 190 -32.37 19.92 -9.07
CA ARG L 190 -31.76 18.68 -9.54
C ARG L 190 -30.90 18.97 -10.75
N ASP L 191 -30.32 17.91 -11.32
CA ASP L 191 -29.58 18.02 -12.56
C ASP L 191 -30.57 18.23 -13.70
N LYS L 192 -30.25 19.16 -14.60
CA LYS L 192 -31.07 19.33 -15.80
C LYS L 192 -30.16 19.31 -17.02
N ILE L 193 -30.54 18.52 -18.02
CA ILE L 193 -29.76 18.35 -19.24
C ILE L 193 -30.59 18.85 -20.41
N LEU L 194 -30.01 19.73 -21.21
CA LEU L 194 -30.66 20.35 -22.35
C LEU L 194 -29.84 20.11 -23.60
N THR L 195 -30.52 19.92 -24.72
CA THR L 195 -29.88 19.80 -26.02
C THR L 195 -29.75 21.17 -26.66
N ALA L 196 -29.34 21.21 -27.93
CA ALA L 196 -29.15 22.50 -28.59
C ALA L 196 -30.46 23.25 -28.73
N GLU L 197 -31.50 22.60 -29.25
CA GLU L 197 -32.79 23.25 -29.39
C GLU L 197 -33.39 23.59 -28.04
N ASP L 198 -33.25 22.69 -27.06
CA ASP L 198 -33.76 22.96 -25.72
C ASP L 198 -33.06 24.16 -25.10
N ALA L 199 -31.74 24.25 -25.27
CA ALA L 199 -31.01 25.40 -24.73
C ALA L 199 -31.42 26.68 -25.44
N LEU L 200 -31.63 26.63 -26.76
CA LEU L 200 -32.07 27.81 -27.48
C LEU L 200 -33.43 28.28 -26.99
N SER L 201 -34.36 27.35 -26.79
CA SER L 201 -35.68 27.72 -26.30
C SER L 201 -35.61 28.26 -24.87
N TYR L 202 -34.77 27.67 -24.04
CA TYR L 202 -34.66 28.10 -22.65
C TYR L 202 -34.11 29.51 -22.54
N GLY L 203 -33.13 29.85 -23.38
CA GLY L 203 -32.48 31.15 -23.33
C GLY L 203 -31.00 31.11 -23.09
N LEU L 204 -30.39 29.93 -22.88
CA LEU L 204 -28.95 29.86 -22.66
C LEU L 204 -28.15 30.03 -23.94
N ILE L 205 -28.78 29.83 -25.10
CA ILE L 205 -28.09 29.90 -26.39
C ILE L 205 -28.87 30.84 -27.31
N ASP L 206 -28.15 31.76 -27.95
CA ASP L 206 -28.81 32.68 -28.89
C ASP L 206 -29.16 31.98 -30.19
N GLN L 207 -28.27 31.15 -30.71
CA GLN L 207 -28.48 30.52 -32.02
C GLN L 207 -27.65 29.25 -32.09
N VAL L 208 -28.15 28.28 -32.85
CA VAL L 208 -27.46 27.02 -33.09
C VAL L 208 -26.97 27.01 -34.53
N ILE L 209 -25.66 26.87 -34.71
CA ILE L 209 -25.08 26.85 -36.04
C ILE L 209 -25.19 25.46 -36.62
N SER L 210 -25.32 25.38 -37.95
CA SER L 210 -25.50 24.12 -38.65
C SER L 210 -24.32 23.76 -39.54
N THR L 211 -23.95 24.64 -40.47
CA THR L 211 -22.84 24.37 -41.37
C THR L 211 -21.97 25.61 -41.55
N TYR M 36 6.33 14.17 -32.65
CA TYR M 36 7.63 13.80 -33.19
C TYR M 36 7.65 14.11 -34.69
N ASP M 37 8.83 14.05 -35.31
CA ASP M 37 8.99 14.61 -36.64
C ASP M 37 8.06 14.01 -37.69
N PRO M 38 7.91 12.69 -37.82
CA PRO M 38 7.01 12.17 -38.85
C PRO M 38 5.57 12.61 -38.69
N TYR M 39 5.10 12.85 -37.47
CA TYR M 39 3.73 13.30 -37.29
C TYR M 39 3.50 14.64 -37.97
N ALA M 40 4.36 15.62 -37.68
CA ALA M 40 4.24 16.92 -38.34
C ALA M 40 4.49 16.80 -39.83
N LYS M 41 5.44 15.94 -40.23
CA LYS M 41 5.74 15.76 -41.65
C LYS M 41 4.52 15.28 -42.41
N LEU M 42 3.80 14.31 -41.85
CA LEU M 42 2.53 13.90 -42.43
C LEU M 42 1.48 15.00 -42.32
N PHE M 43 1.58 15.82 -41.27
CA PHE M 43 0.60 16.87 -41.04
C PHE M 43 0.59 17.89 -42.18
N GLU M 44 1.77 18.21 -42.73
CA GLU M 44 1.69 19.16 -43.85
C GLU M 44 0.91 18.60 -45.04
N GLU M 45 0.72 17.29 -45.12
CA GLU M 45 -0.03 16.69 -46.21
C GLU M 45 -1.48 16.39 -45.84
N ARG M 46 -2.04 17.16 -44.91
CA ARG M 46 -3.46 17.06 -44.54
C ARG M 46 -3.84 15.64 -44.11
N VAL M 47 -2.96 15.02 -43.34
CA VAL M 47 -3.18 13.67 -42.82
C VAL M 47 -3.18 13.75 -41.30
N ILE M 48 -4.22 13.23 -40.67
CA ILE M 48 -4.40 13.30 -39.23
C ILE M 48 -4.50 11.88 -38.68
N PHE M 49 -3.66 11.58 -37.69
CA PHE M 49 -3.74 10.32 -36.97
C PHE M 49 -4.67 10.42 -35.77
N LEU M 50 -5.40 9.34 -35.52
CA LEU M 50 -6.18 9.15 -34.31
C LEU M 50 -5.79 7.78 -33.78
N GLY M 51 -4.69 7.72 -33.03
CA GLY M 51 -4.12 6.48 -32.57
C GLY M 51 -4.25 6.19 -31.10
N VAL M 52 -4.94 7.03 -30.33
CA VAL M 52 -5.07 6.83 -28.90
C VAL M 52 -6.55 6.72 -28.55
N GLN M 53 -6.83 6.53 -27.26
CA GLN M 53 -8.21 6.49 -26.81
C GLN M 53 -8.85 7.88 -26.92
N ILE M 54 -10.14 7.89 -27.22
CA ILE M 54 -10.87 9.15 -27.37
C ILE M 54 -11.12 9.74 -25.98
N ASP M 55 -10.63 10.96 -25.78
CA ASP M 55 -10.86 11.68 -24.54
C ASP M 55 -10.89 13.17 -24.86
N ASP M 56 -10.80 14.00 -23.81
CA ASP M 56 -10.91 15.43 -24.01
C ASP M 56 -9.71 15.99 -24.76
N ALA M 57 -8.50 15.63 -24.32
CA ALA M 57 -7.29 16.22 -24.90
C ALA M 57 -7.13 15.83 -26.36
N SER M 58 -7.30 14.54 -26.67
CA SER M 58 -7.14 14.08 -28.05
C SER M 58 -8.21 14.71 -28.94
N ALA M 59 -9.44 14.80 -28.45
CA ALA M 59 -10.49 15.43 -29.23
C ALA M 59 -10.19 16.90 -29.50
N ASN M 60 -9.70 17.61 -28.48
CA ASN M 60 -9.35 19.01 -28.66
C ASN M 60 -8.25 19.16 -29.70
N ASP M 61 -7.22 18.30 -29.63
CA ASP M 61 -6.16 18.36 -30.63
C ASP M 61 -6.70 18.09 -32.03
N VAL M 62 -7.56 17.07 -32.17
CA VAL M 62 -8.09 16.71 -33.48
C VAL M 62 -8.93 17.84 -34.05
N MET M 63 -9.81 18.43 -33.23
CA MET M 63 -10.65 19.51 -33.73
C MET M 63 -9.82 20.74 -34.06
N ALA M 64 -8.79 21.03 -33.27
CA ALA M 64 -7.92 22.16 -33.59
C ALA M 64 -7.21 21.94 -34.92
N GLN M 65 -6.72 20.72 -35.15
CA GLN M 65 -6.08 20.41 -36.42
C GLN M 65 -7.06 20.52 -37.58
N LEU M 66 -8.29 20.05 -37.38
CA LEU M 66 -9.30 20.15 -38.43
C LEU M 66 -9.57 21.62 -38.78
N LEU M 67 -9.70 22.46 -37.74
CA LEU M 67 -9.93 23.88 -37.97
C LEU M 67 -8.76 24.52 -38.70
N CYS M 68 -7.54 24.17 -38.30
CA CYS M 68 -6.36 24.72 -38.97
C CYS M 68 -6.31 24.30 -40.43
N LEU M 69 -6.61 23.03 -40.72
CA LEU M 69 -6.58 22.56 -42.10
C LEU M 69 -7.67 23.24 -42.93
N GLU M 70 -8.87 23.39 -42.39
CA GLU M 70 -9.92 24.05 -43.17
C GLU M 70 -9.67 25.55 -43.29
N SER M 71 -8.85 26.13 -42.42
CA SER M 71 -8.51 27.54 -42.56
C SER M 71 -7.77 27.82 -43.85
N MET M 72 -7.11 26.81 -44.40
CA MET M 72 -6.47 26.93 -45.70
C MET M 72 -7.53 26.79 -46.79
N ASP M 73 -7.11 26.60 -48.03
CA ASP M 73 -8.07 26.51 -49.12
C ASP M 73 -9.03 25.35 -48.86
N PRO M 74 -10.34 25.59 -48.84
CA PRO M 74 -11.29 24.51 -48.52
C PRO M 74 -11.55 23.55 -49.67
N ASP M 75 -10.77 23.61 -50.75
CA ASP M 75 -10.93 22.71 -51.87
C ASP M 75 -10.07 21.46 -51.77
N ARG M 76 -9.34 21.29 -50.67
CA ARG M 76 -8.46 20.14 -50.48
C ARG M 76 -9.05 19.23 -49.42
N ASP M 77 -9.06 17.93 -49.70
CA ASP M 77 -9.65 16.96 -48.79
C ASP M 77 -8.78 16.80 -47.54
N ILE M 78 -9.41 16.28 -46.48
CA ILE M 78 -8.73 16.00 -45.23
C ILE M 78 -8.83 14.51 -44.97
N SER M 79 -7.67 13.86 -44.78
CA SER M 79 -7.61 12.42 -44.58
C SER M 79 -7.38 12.12 -43.10
N VAL M 80 -8.23 11.27 -42.54
CA VAL M 80 -8.16 10.88 -41.14
C VAL M 80 -7.87 9.40 -41.07
N TYR M 81 -6.74 9.04 -40.46
CA TYR M 81 -6.35 7.64 -40.29
C TYR M 81 -6.70 7.22 -38.87
N ILE M 82 -7.53 6.19 -38.73
CA ILE M 82 -8.13 5.83 -37.46
C ILE M 82 -7.61 4.46 -37.04
N ASN M 83 -7.03 4.40 -35.83
CA ASN M 83 -6.66 3.12 -35.21
C ASN M 83 -6.77 3.35 -33.70
N SER M 84 -7.94 3.01 -33.15
CA SER M 84 -8.21 3.33 -31.75
C SER M 84 -9.29 2.39 -31.23
N PRO M 85 -9.26 2.06 -29.95
CA PRO M 85 -10.33 1.23 -29.36
C PRO M 85 -11.52 2.01 -28.83
N GLY M 86 -11.66 3.28 -29.16
CA GLY M 86 -12.79 4.07 -28.71
C GLY M 86 -12.43 5.01 -27.57
N GLY M 87 -13.47 5.41 -26.84
CA GLY M 87 -13.27 6.30 -25.71
C GLY M 87 -14.55 6.99 -25.26
N SER M 88 -14.44 8.25 -24.90
CA SER M 88 -15.60 9.00 -24.41
C SER M 88 -16.58 9.27 -25.54
N PHE M 89 -17.81 9.64 -25.17
CA PHE M 89 -18.87 9.90 -26.13
C PHE M 89 -19.01 11.38 -26.43
N THR M 90 -18.82 12.26 -25.44
CA THR M 90 -18.89 13.69 -25.71
C THR M 90 -17.79 14.11 -26.68
N ALA M 91 -16.57 13.60 -26.48
CA ALA M 91 -15.50 13.87 -27.43
C ALA M 91 -15.78 13.26 -28.79
N LEU M 92 -16.34 12.05 -28.81
CA LEU M 92 -16.87 11.47 -30.03
C LEU M 92 -17.71 12.47 -30.79
N THR M 93 -18.75 12.99 -30.14
CA THR M 93 -19.68 13.90 -30.79
C THR M 93 -19.01 15.19 -31.22
N ALA M 94 -18.08 15.70 -30.40
CA ALA M 94 -17.37 16.91 -30.75
C ALA M 94 -16.60 16.73 -32.06
N ILE M 95 -15.84 15.64 -32.17
CA ILE M 95 -15.10 15.39 -33.40
C ILE M 95 -16.06 15.16 -34.56
N TYR M 96 -17.16 14.43 -34.32
CA TYR M 96 -18.08 14.11 -35.40
C TYR M 96 -18.68 15.37 -36.01
N ASP M 97 -19.25 16.23 -35.18
CA ASP M 97 -19.88 17.41 -35.75
C ASP M 97 -18.87 18.48 -36.14
N THR M 98 -17.63 18.40 -35.65
CA THR M 98 -16.58 19.23 -36.23
C THR M 98 -16.30 18.80 -37.68
N MET M 99 -16.23 17.49 -37.92
CA MET M 99 -16.10 17.00 -39.29
C MET M 99 -17.29 17.41 -40.13
N GLN M 100 -18.49 17.32 -39.57
CA GLN M 100 -19.69 17.68 -40.31
C GLN M 100 -19.73 19.16 -40.64
N TYR M 101 -19.17 20.01 -39.78
CA TYR M 101 -19.28 21.45 -39.98
C TYR M 101 -18.44 21.94 -41.14
N VAL M 102 -17.22 21.41 -41.31
CA VAL M 102 -16.28 22.00 -42.26
C VAL M 102 -16.70 21.71 -43.68
N LYS M 103 -16.47 22.68 -44.57
CA LYS M 103 -16.76 22.49 -45.98
C LYS M 103 -15.91 21.40 -46.65
N PRO M 104 -14.59 21.34 -46.44
CA PRO M 104 -13.79 20.33 -47.16
C PRO M 104 -14.26 18.91 -46.86
N ASP M 105 -14.25 18.08 -47.90
CA ASP M 105 -14.62 16.69 -47.72
C ASP M 105 -13.58 15.97 -46.87
N VAL M 106 -14.07 15.10 -45.98
CA VAL M 106 -13.20 14.36 -45.07
C VAL M 106 -13.29 12.88 -45.43
N GLN M 107 -12.15 12.30 -45.79
CA GLN M 107 -12.06 10.87 -46.04
C GLN M 107 -11.41 10.20 -44.84
N THR M 108 -11.84 8.97 -44.55
CA THR M 108 -11.35 8.23 -43.41
C THR M 108 -10.81 6.89 -43.87
N VAL M 109 -9.72 6.46 -43.24
CA VAL M 109 -9.12 5.15 -43.53
C VAL M 109 -8.85 4.44 -42.20
N CYS M 110 -9.38 3.23 -42.08
CA CYS M 110 -9.20 2.43 -40.88
C CYS M 110 -7.93 1.60 -40.96
N MET M 111 -7.31 1.38 -39.81
CA MET M 111 -6.10 0.55 -39.72
C MET M 111 -6.15 -0.25 -38.43
N GLY M 112 -5.89 -1.55 -38.52
CA GLY M 112 -5.80 -2.37 -37.33
C GLY M 112 -7.14 -2.66 -36.70
N GLN M 113 -7.77 -1.66 -36.10
CA GLN M 113 -9.07 -1.86 -35.48
C GLN M 113 -9.77 -0.52 -35.34
N ALA M 114 -11.08 -0.60 -35.16
CA ALA M 114 -11.90 0.60 -34.94
C ALA M 114 -13.13 0.16 -34.14
N ALA M 115 -13.18 0.56 -32.87
CA ALA M 115 -14.22 0.10 -31.97
C ALA M 115 -14.94 1.30 -31.35
N ALA M 116 -16.25 1.14 -31.18
CA ALA M 116 -17.09 2.13 -30.50
C ALA M 116 -16.97 3.51 -31.15
N ALA M 117 -16.21 4.39 -30.51
CA ALA M 117 -16.03 5.74 -31.04
C ALA M 117 -15.35 5.71 -32.39
N ALA M 118 -14.32 4.88 -32.53
CA ALA M 118 -13.60 4.81 -33.80
C ALA M 118 -14.49 4.34 -34.93
N ALA M 119 -15.35 3.35 -34.66
CA ALA M 119 -16.23 2.83 -35.70
C ALA M 119 -17.19 3.90 -36.19
N VAL M 120 -17.81 4.64 -35.28
CA VAL M 120 -18.78 5.65 -35.68
C VAL M 120 -18.10 6.82 -36.35
N LEU M 121 -16.87 7.15 -35.92
CA LEU M 121 -16.12 8.22 -36.59
C LEU M 121 -15.74 7.80 -38.01
N LEU M 122 -15.34 6.55 -38.18
CA LEU M 122 -15.03 6.03 -39.50
C LEU M 122 -16.25 6.06 -40.40
N ALA M 123 -17.41 5.66 -39.87
CA ALA M 123 -18.65 5.68 -40.64
C ALA M 123 -19.15 7.09 -40.89
N ALA M 124 -18.57 8.09 -40.24
CA ALA M 124 -19.04 9.46 -40.35
C ALA M 124 -18.35 10.23 -41.47
N GLY M 125 -17.50 9.59 -42.26
CA GLY M 125 -16.79 10.28 -43.32
C GLY M 125 -17.70 10.66 -44.47
N THR M 126 -17.12 11.43 -45.39
CA THR M 126 -17.85 11.83 -46.58
C THR M 126 -18.24 10.59 -47.38
N PRO M 127 -19.48 10.51 -47.87
CA PRO M 127 -19.90 9.31 -48.61
C PRO M 127 -19.02 9.08 -49.83
N GLY M 128 -18.72 7.81 -50.07
CA GLY M 128 -17.83 7.43 -51.15
C GLY M 128 -16.36 7.58 -50.86
N LYS M 129 -15.99 7.97 -49.63
CA LYS M 129 -14.60 8.22 -49.28
C LYS M 129 -14.26 7.58 -47.94
N ARG M 130 -14.74 6.37 -47.71
CA ARG M 130 -14.38 5.60 -46.52
C ARG M 130 -13.63 4.34 -46.96
N MET M 131 -12.47 4.11 -46.36
CA MET M 131 -11.59 3.03 -46.78
C MET M 131 -11.10 2.24 -45.58
N ALA M 132 -10.77 0.98 -45.83
CA ALA M 132 -10.23 0.11 -44.80
C ALA M 132 -9.21 -0.83 -45.42
N LEU M 133 -8.30 -1.30 -44.59
CA LEU M 133 -7.27 -2.23 -45.00
C LEU M 133 -7.81 -3.66 -45.01
N PRO M 134 -7.20 -4.55 -45.79
CA PRO M 134 -7.77 -5.91 -45.91
C PRO M 134 -7.89 -6.65 -44.60
N ASN M 135 -6.95 -6.44 -43.66
CA ASN M 135 -6.99 -7.13 -42.38
C ASN M 135 -7.54 -6.24 -41.27
N ALA M 136 -8.18 -5.13 -41.62
CA ALA M 136 -8.74 -4.26 -40.61
C ALA M 136 -9.91 -4.92 -39.90
N ARG M 137 -10.13 -4.51 -38.65
CA ARG M 137 -11.19 -5.02 -37.81
C ARG M 137 -12.11 -3.88 -37.40
N VAL M 138 -13.41 -4.10 -37.48
CA VAL M 138 -14.41 -3.11 -37.08
C VAL M 138 -15.27 -3.71 -36.00
N LEU M 139 -15.52 -2.95 -34.94
CA LEU M 139 -16.33 -3.41 -33.82
C LEU M 139 -17.36 -2.36 -33.48
N ILE M 140 -18.63 -2.76 -33.37
CA ILE M 140 -19.71 -1.87 -32.97
C ILE M 140 -20.38 -2.45 -31.75
N HIS M 141 -20.62 -1.59 -30.76
CA HIS M 141 -21.29 -1.98 -29.52
C HIS M 141 -21.93 -0.77 -28.89
N GLN M 142 -23.01 -1.01 -28.14
CA GLN M 142 -23.73 0.08 -27.52
C GLN M 142 -22.89 0.73 -26.41
N PRO M 143 -23.15 1.99 -26.09
CA PRO M 143 -22.32 2.69 -25.10
C PRO M 143 -22.38 2.04 -23.72
N TYR M 144 -21.28 2.12 -23.01
CA TYR M 144 -21.16 1.62 -21.64
C TYR M 144 -20.98 2.80 -20.69
N SER M 145 -21.69 2.77 -19.57
CA SER M 145 -21.67 3.89 -18.64
C SER M 145 -21.51 3.38 -17.22
N GLU M 146 -21.04 4.26 -16.35
CA GLU M 146 -20.81 3.99 -14.92
C GLU M 146 -21.50 5.09 -14.13
N THR M 147 -22.77 4.91 -13.84
CA THR M 147 -23.54 5.93 -13.13
C THR M 147 -23.26 5.85 -11.64
N GLY M 148 -22.80 6.94 -11.06
CA GLY M 148 -22.39 6.94 -9.66
C GLY M 148 -23.57 6.82 -8.72
N ARG M 149 -23.24 6.59 -7.45
CA ARG M 149 -24.25 6.46 -6.41
C ARG M 149 -24.97 7.79 -6.21
N GLY M 150 -26.26 7.70 -5.94
CA GLY M 150 -27.05 8.90 -5.68
C GLY M 150 -28.46 8.50 -5.32
N GLN M 151 -29.29 9.52 -5.09
CA GLN M 151 -30.70 9.27 -4.84
C GLN M 151 -31.38 8.76 -6.10
N VAL M 152 -32.60 8.26 -5.93
CA VAL M 152 -33.32 7.64 -7.04
C VAL M 152 -33.54 8.65 -8.15
N SER M 153 -33.80 9.92 -7.80
CA SER M 153 -34.03 10.93 -8.83
C SER M 153 -32.80 11.14 -9.69
N ASP M 154 -31.62 11.20 -9.07
CA ASP M 154 -30.39 11.37 -9.84
C ASP M 154 -30.15 10.19 -10.76
N LEU M 155 -30.36 8.97 -10.27
CA LEU M 155 -30.22 7.79 -11.11
C LEU M 155 -31.19 7.83 -12.28
N GLU M 156 -32.43 8.25 -12.02
CA GLU M 156 -33.40 8.34 -13.11
C GLU M 156 -32.97 9.35 -14.16
N ILE M 157 -32.48 10.51 -13.73
CA ILE M 157 -32.04 11.53 -14.67
C ILE M 157 -30.89 11.00 -15.52
N ALA M 158 -29.88 10.39 -14.87
CA ALA M 158 -28.72 9.90 -15.60
C ALA M 158 -29.12 8.77 -16.55
N ALA M 159 -30.00 7.87 -16.12
CA ALA M 159 -30.45 6.78 -16.98
C ALA M 159 -31.22 7.30 -18.19
N ASN M 160 -32.09 8.28 -17.98
CA ASN M 160 -32.80 8.86 -19.11
C ASN M 160 -31.84 9.51 -20.08
N GLU M 161 -30.81 10.20 -19.56
CA GLU M 161 -29.82 10.80 -20.44
C GLU M 161 -29.06 9.74 -21.23
N ILE M 162 -28.71 8.64 -20.58
CA ILE M 162 -27.98 7.57 -21.27
C ILE M 162 -28.84 6.96 -22.37
N LEU M 163 -30.12 6.72 -22.08
CA LEU M 163 -31.01 6.16 -23.09
C LEU M 163 -31.17 7.12 -24.27
N ARG M 164 -31.34 8.41 -23.99
CA ARG M 164 -31.45 9.37 -25.08
C ARG M 164 -30.18 9.42 -25.90
N MET M 165 -29.02 9.37 -25.23
CA MET M 165 -27.75 9.39 -25.94
C MET M 165 -27.59 8.18 -26.84
N ARG M 166 -27.96 7.00 -26.35
CA ARG M 166 -27.84 5.80 -27.18
C ARG M 166 -28.80 5.84 -28.35
N SER M 167 -30.02 6.34 -28.12
CA SER M 167 -30.97 6.46 -29.22
C SER M 167 -30.46 7.43 -30.28
N GLN M 168 -29.91 8.57 -29.85
CA GLN M 168 -29.37 9.53 -30.81
C GLN M 168 -28.20 8.93 -31.57
N LEU M 169 -27.32 8.20 -30.88
CA LEU M 169 -26.17 7.60 -31.54
C LEU M 169 -26.60 6.58 -32.57
N GLU M 170 -27.56 5.72 -32.23
CA GLU M 170 -27.99 4.70 -33.19
C GLU M 170 -28.73 5.32 -34.36
N ASP M 171 -29.53 6.37 -34.13
CA ASP M 171 -30.19 7.06 -35.22
C ASP M 171 -29.18 7.69 -36.16
N MET M 172 -28.17 8.37 -35.60
CA MET M 172 -27.18 9.03 -36.43
C MET M 172 -26.31 8.03 -37.17
N LEU M 173 -26.04 6.87 -36.57
CA LEU M 173 -25.31 5.82 -37.28
C LEU M 173 -26.15 5.25 -38.42
N ALA M 174 -27.45 5.03 -38.18
CA ALA M 174 -28.33 4.56 -39.24
C ALA M 174 -28.44 5.59 -40.36
N LYS M 175 -28.26 6.86 -40.04
CA LYS M 175 -28.29 7.90 -41.08
C LYS M 175 -27.15 7.71 -42.08
N HIS M 176 -25.96 7.36 -41.59
CA HIS M 176 -24.78 7.23 -42.42
C HIS M 176 -24.65 5.86 -43.08
N SER M 177 -25.57 4.95 -42.82
CA SER M 177 -25.50 3.61 -43.36
C SER M 177 -26.77 3.30 -44.14
N THR M 178 -26.65 2.38 -45.11
CA THR M 178 -27.81 2.00 -45.90
C THR M 178 -28.83 1.21 -45.09
N THR M 179 -28.40 0.52 -44.04
CA THR M 179 -29.31 -0.30 -43.26
C THR M 179 -30.30 0.58 -42.49
N PRO M 180 -31.53 0.12 -42.31
CA PRO M 180 -32.51 0.89 -41.54
C PRO M 180 -32.21 0.84 -40.05
N VAL M 181 -32.87 1.75 -39.32
CA VAL M 181 -32.62 1.86 -37.88
C VAL M 181 -33.01 0.59 -37.16
N GLU M 182 -34.03 -0.11 -37.64
CA GLU M 182 -34.48 -1.34 -36.99
C GLU M 182 -33.38 -2.38 -36.96
N LYS M 183 -32.75 -2.62 -38.11
CA LYS M 183 -31.61 -3.53 -38.15
C LYS M 183 -30.48 -3.01 -37.27
N ILE M 184 -30.32 -1.69 -37.19
CA ILE M 184 -29.23 -1.13 -36.40
C ILE M 184 -29.39 -1.47 -34.93
N ARG M 185 -30.58 -1.27 -34.36
CA ARG M 185 -30.69 -1.60 -32.95
C ARG M 185 -31.01 -3.06 -32.70
N GLU M 186 -31.27 -3.85 -33.75
CA GLU M 186 -31.16 -5.30 -33.59
C GLU M 186 -29.71 -5.72 -33.42
N ASP M 187 -28.82 -5.17 -34.26
CA ASP M 187 -27.43 -5.60 -34.25
C ASP M 187 -26.64 -5.04 -33.09
N ILE M 188 -26.95 -3.81 -32.65
CA ILE M 188 -26.10 -3.13 -31.68
C ILE M 188 -26.28 -3.66 -30.27
N GLU M 189 -27.28 -4.51 -30.03
CA GLU M 189 -27.61 -4.91 -28.67
C GLU M 189 -26.45 -5.64 -28.00
N ARG M 190 -25.75 -6.49 -28.74
CA ARG M 190 -24.51 -7.10 -28.29
C ARG M 190 -23.33 -6.53 -29.07
N ASP M 191 -22.15 -7.06 -28.80
CA ASP M 191 -20.97 -6.72 -29.58
C ASP M 191 -21.08 -7.35 -30.96
N LYS M 192 -20.76 -6.58 -32.00
CA LYS M 192 -20.68 -7.15 -33.35
C LYS M 192 -19.35 -6.78 -33.97
N ILE M 193 -18.69 -7.77 -34.54
CA ILE M 193 -17.37 -7.61 -35.13
C ILE M 193 -17.46 -7.94 -36.62
N LEU M 194 -16.99 -7.02 -37.45
CA LEU M 194 -17.04 -7.15 -38.90
C LEU M 194 -15.65 -6.99 -39.48
N THR M 195 -15.37 -7.74 -40.54
CA THR M 195 -14.12 -7.64 -41.27
C THR M 195 -14.27 -6.59 -42.37
N ALA M 196 -13.27 -6.49 -43.25
CA ALA M 196 -13.32 -5.48 -44.31
C ALA M 196 -14.48 -5.76 -45.27
N GLU M 197 -14.59 -6.98 -45.76
CA GLU M 197 -15.69 -7.31 -46.67
C GLU M 197 -17.03 -7.23 -45.97
N ASP M 198 -17.10 -7.66 -44.70
CA ASP M 198 -18.33 -7.55 -43.95
C ASP M 198 -18.75 -6.10 -43.78
N ALA M 199 -17.79 -5.23 -43.46
CA ALA M 199 -18.11 -3.80 -43.34
C ALA M 199 -18.56 -3.21 -44.66
N LEU M 200 -17.91 -3.61 -45.76
CA LEU M 200 -18.31 -3.12 -47.07
C LEU M 200 -19.73 -3.54 -47.39
N SER M 201 -20.08 -4.79 -47.12
CA SER M 201 -21.43 -5.26 -47.40
C SER M 201 -22.45 -4.59 -46.49
N TYR M 202 -22.09 -4.35 -45.23
CA TYR M 202 -23.02 -3.74 -44.29
C TYR M 202 -23.36 -2.31 -44.67
N GLY M 203 -22.37 -1.57 -45.17
CA GLY M 203 -22.55 -0.18 -45.51
C GLY M 203 -21.70 0.78 -44.69
N LEU M 204 -20.89 0.27 -43.76
CA LEU M 204 -20.01 1.13 -42.98
C LEU M 204 -18.83 1.62 -43.80
N ILE M 205 -18.44 0.90 -44.85
CA ILE M 205 -17.26 1.23 -45.64
C ILE M 205 -17.65 1.26 -47.11
N ASP M 206 -17.22 2.30 -47.82
CA ASP M 206 -17.52 2.42 -49.24
C ASP M 206 -16.65 1.50 -50.08
N GLN M 207 -15.37 1.33 -49.71
CA GLN M 207 -14.46 0.54 -50.49
C GLN M 207 -13.28 0.11 -49.63
N VAL M 208 -12.75 -1.08 -49.89
CA VAL M 208 -11.62 -1.63 -49.17
C VAL M 208 -10.36 -1.41 -49.99
N ILE M 209 -9.30 -0.94 -49.32
CA ILE M 209 -8.01 -0.77 -49.99
C ILE M 209 -7.39 -2.13 -50.26
N SER M 210 -6.86 -2.31 -51.46
CA SER M 210 -6.26 -3.58 -51.86
C SER M 210 -4.75 -3.48 -51.98
N THR M 211 -4.24 -2.57 -52.80
CA THR M 211 -2.80 -2.42 -52.99
C THR M 211 -2.48 -1.09 -53.67
N TYR N 36 17.03 9.72 -30.42
CA TYR N 36 18.40 10.19 -30.21
C TYR N 36 19.02 10.41 -31.59
N ASP N 37 20.19 11.05 -31.63
CA ASP N 37 20.84 11.34 -32.90
C ASP N 37 21.09 10.10 -33.76
N PRO N 38 21.64 9.00 -33.24
CA PRO N 38 21.91 7.85 -34.12
C PRO N 38 20.66 7.28 -34.78
N TYR N 39 19.51 7.34 -34.12
CA TYR N 39 18.30 6.80 -34.73
C TYR N 39 17.95 7.55 -36.02
N ALA N 40 17.89 8.88 -35.95
CA ALA N 40 17.61 9.67 -37.16
C ALA N 40 18.74 9.52 -38.17
N LYS N 41 19.99 9.45 -37.70
CA LYS N 41 21.13 9.33 -38.59
C LYS N 41 21.05 8.04 -39.40
N LEU N 42 20.66 6.94 -38.77
CA LEU N 42 20.41 5.71 -39.51
C LEU N 42 19.13 5.83 -40.33
N PHE N 43 18.20 6.68 -39.90
CA PHE N 43 16.94 6.83 -40.62
C PHE N 43 17.15 7.37 -42.02
N GLU N 44 18.05 8.36 -42.19
CA GLU N 44 18.14 8.93 -43.54
C GLU N 44 18.51 7.89 -44.60
N GLU N 45 19.11 6.78 -44.21
CA GLU N 45 19.35 5.66 -45.12
C GLU N 45 18.26 4.60 -45.05
N ARG N 46 17.05 4.98 -44.63
CA ARG N 46 15.86 4.14 -44.75
C ARG N 46 16.01 2.84 -43.96
N VAL N 47 16.42 2.98 -42.70
CA VAL N 47 16.54 1.87 -41.77
C VAL N 47 15.63 2.15 -40.58
N ILE N 48 14.77 1.19 -40.26
CA ILE N 48 13.78 1.34 -39.20
C ILE N 48 14.03 0.29 -38.14
N PHE N 49 14.18 0.73 -36.89
CA PHE N 49 14.29 -0.18 -35.76
C PHE N 49 12.91 -0.52 -35.20
N LEU N 50 12.76 -1.76 -34.75
CA LEU N 50 11.61 -2.20 -33.98
C LEU N 50 12.20 -2.87 -32.74
N GLY N 51 12.51 -2.08 -31.73
CA GLY N 51 13.22 -2.59 -30.57
C GLY N 51 12.38 -2.69 -29.33
N VAL N 52 11.12 -2.31 -29.41
CA VAL N 52 10.24 -2.33 -28.25
C VAL N 52 9.10 -3.29 -28.50
N GLN N 53 8.22 -3.45 -27.52
CA GLN N 53 7.06 -4.30 -27.68
C GLN N 53 6.07 -3.67 -28.64
N ILE N 54 5.33 -4.51 -29.35
CA ILE N 54 4.34 -4.04 -30.31
C ILE N 54 3.12 -3.52 -29.55
N ASP N 55 2.73 -2.29 -29.83
CA ASP N 55 1.53 -1.70 -29.27
C ASP N 55 1.05 -0.61 -30.23
N ASP N 56 0.10 0.20 -29.77
CA ASP N 56 -0.50 1.20 -30.64
C ASP N 56 0.50 2.29 -31.02
N ALA N 57 1.21 2.83 -30.03
CA ALA N 57 2.10 3.97 -30.29
C ALA N 57 3.24 3.56 -31.21
N SER N 58 3.90 2.43 -30.90
CA SER N 58 5.03 2.00 -31.72
C SER N 58 4.58 1.67 -33.14
N ALA N 59 3.43 1.01 -33.29
CA ALA N 59 2.93 0.68 -34.61
C ALA N 59 2.61 1.94 -35.41
N ASN N 60 1.95 2.91 -34.76
CA ASN N 60 1.65 4.15 -35.45
C ASN N 60 2.91 4.86 -35.90
N ASP N 61 3.92 4.91 -35.03
CA ASP N 61 5.18 5.55 -35.39
C ASP N 61 5.85 4.82 -36.55
N VAL N 62 5.84 3.48 -36.52
CA VAL N 62 6.50 2.70 -37.56
C VAL N 62 5.81 2.91 -38.90
N MET N 63 4.47 2.88 -38.91
CA MET N 63 3.77 3.05 -40.17
C MET N 63 3.88 4.48 -40.68
N ALA N 64 3.94 5.47 -39.78
CA ALA N 64 4.19 6.83 -40.21
C ALA N 64 5.56 6.96 -40.87
N GLN N 65 6.57 6.31 -40.29
CA GLN N 65 7.90 6.33 -40.89
C GLN N 65 7.88 5.64 -42.25
N LEU N 66 7.15 4.53 -42.36
CA LEU N 66 7.04 3.82 -43.63
C LEU N 66 6.42 4.72 -44.69
N LEU N 67 5.34 5.42 -44.35
CA LEU N 67 4.70 6.32 -45.31
C LEU N 67 5.63 7.47 -45.68
N CYS N 68 6.33 8.03 -44.70
CA CYS N 68 7.24 9.13 -44.99
C CYS N 68 8.36 8.71 -45.93
N LEU N 69 8.91 7.51 -45.71
CA LEU N 69 9.90 6.99 -46.64
C LEU N 69 9.29 6.68 -48.00
N GLU N 70 8.00 6.34 -48.03
CA GLU N 70 7.33 6.13 -49.30
C GLU N 70 7.21 7.41 -50.09
N SER N 71 6.97 8.54 -49.42
CA SER N 71 6.83 9.81 -50.13
C SER N 71 8.09 10.18 -50.91
N MET N 72 9.24 9.65 -50.51
CA MET N 72 10.47 9.84 -51.27
C MET N 72 10.46 8.89 -52.46
N ASP N 73 11.62 8.72 -53.11
CA ASP N 73 11.69 7.86 -54.29
C ASP N 73 11.23 6.45 -53.94
N PRO N 74 10.18 5.95 -54.60
CA PRO N 74 9.68 4.59 -54.33
C PRO N 74 10.41 3.48 -55.09
N ASP N 75 11.59 3.74 -55.63
CA ASP N 75 12.34 2.74 -56.38
C ASP N 75 13.49 2.15 -55.59
N ARG N 76 13.57 2.41 -54.29
CA ARG N 76 14.59 1.80 -53.44
C ARG N 76 13.95 1.23 -52.20
N ASP N 77 14.63 0.25 -51.61
CA ASP N 77 14.04 -0.59 -50.58
C ASP N 77 13.98 0.13 -49.23
N ILE N 78 13.25 -0.48 -48.30
CA ILE N 78 13.16 -0.03 -46.93
C ILE N 78 13.60 -1.17 -46.04
N SER N 79 14.58 -0.93 -45.17
CA SER N 79 15.15 -1.97 -44.32
C SER N 79 14.59 -1.87 -42.91
N VAL N 80 14.17 -3.00 -42.36
CA VAL N 80 13.59 -3.07 -41.02
C VAL N 80 14.40 -4.07 -40.20
N TYR N 81 14.97 -3.61 -39.09
CA TYR N 81 15.67 -4.47 -38.15
C TYR N 81 14.75 -4.73 -36.97
N ILE N 82 14.54 -6.01 -36.64
CA ILE N 82 13.55 -6.42 -35.66
C ILE N 82 14.26 -7.02 -34.46
N ASN N 83 13.94 -6.53 -33.27
CA ASN N 83 14.40 -7.08 -32.00
C ASN N 83 13.30 -6.80 -30.99
N SER N 84 12.39 -7.75 -30.81
CA SER N 84 11.22 -7.51 -29.97
C SER N 84 10.65 -8.84 -29.53
N PRO N 85 10.04 -8.90 -28.35
CA PRO N 85 9.32 -10.11 -27.92
C PRO N 85 7.87 -10.18 -28.34
N GLY N 86 7.41 -9.33 -29.25
CA GLY N 86 6.04 -9.34 -29.69
C GLY N 86 5.19 -8.32 -28.96
N GLY N 87 3.90 -8.37 -29.25
CA GLY N 87 2.96 -7.45 -28.63
C GLY N 87 1.51 -7.71 -29.02
N SER N 88 0.76 -6.65 -29.28
CA SER N 88 -0.64 -6.80 -29.63
C SER N 88 -0.79 -7.31 -31.06
N PHE N 89 -2.00 -7.73 -31.39
CA PHE N 89 -2.30 -8.29 -32.70
C PHE N 89 -2.85 -7.26 -33.67
N THR N 90 -3.65 -6.30 -33.20
CA THR N 90 -4.17 -5.27 -34.08
C THR N 90 -3.03 -4.44 -34.67
N ALA N 91 -2.07 -4.06 -33.82
CA ALA N 91 -0.90 -3.33 -34.31
C ALA N 91 -0.06 -4.19 -35.25
N LEU N 92 0.05 -5.48 -34.93
CA LEU N 92 0.67 -6.45 -35.83
C LEU N 92 0.10 -6.33 -37.23
N THR N 93 -1.21 -6.49 -37.35
CA THR N 93 -1.86 -6.47 -38.66
C THR N 93 -1.76 -5.09 -39.30
N ALA N 94 -1.81 -4.04 -38.50
CA ALA N 94 -1.66 -2.69 -39.06
C ALA N 94 -0.32 -2.54 -39.76
N ILE N 95 0.77 -2.92 -39.08
CA ILE N 95 2.09 -2.82 -39.70
C ILE N 95 2.20 -3.77 -40.89
N TYR N 96 1.59 -4.95 -40.79
CA TYR N 96 1.67 -5.90 -41.89
C TYR N 96 1.01 -5.35 -43.15
N ASP N 97 -0.20 -4.80 -43.00
CA ASP N 97 -0.89 -4.23 -44.16
C ASP N 97 -0.16 -3.01 -44.68
N THR N 98 0.44 -2.21 -43.79
CA THR N 98 1.23 -1.08 -44.27
C THR N 98 2.40 -1.56 -45.12
N MET N 99 3.09 -2.61 -44.68
CA MET N 99 4.19 -3.16 -45.47
C MET N 99 3.70 -3.70 -46.80
N GLN N 100 2.55 -4.38 -46.79
CA GLN N 100 2.02 -4.94 -48.04
C GLN N 100 1.60 -3.86 -49.01
N TYR N 101 1.05 -2.76 -48.52
CA TYR N 101 0.59 -1.69 -49.40
C TYR N 101 1.74 -0.91 -50.04
N VAL N 102 2.92 -0.94 -49.43
CA VAL N 102 4.08 -0.21 -49.94
C VAL N 102 4.61 -0.91 -51.18
N LYS N 103 4.70 -0.17 -52.28
CA LYS N 103 5.26 -0.72 -53.52
C LYS N 103 6.74 -1.08 -53.38
N PRO N 104 7.61 -0.24 -52.82
CA PRO N 104 9.00 -0.67 -52.61
C PRO N 104 9.09 -1.93 -51.78
N ASP N 105 10.02 -2.80 -52.18
CA ASP N 105 10.30 -4.01 -51.42
C ASP N 105 10.88 -3.65 -50.06
N VAL N 106 10.59 -4.48 -49.06
CA VAL N 106 11.03 -4.25 -47.70
C VAL N 106 11.99 -5.37 -47.30
N GLN N 107 13.23 -4.99 -47.01
CA GLN N 107 14.20 -5.90 -46.42
C GLN N 107 13.89 -6.05 -44.93
N THR N 108 14.03 -7.26 -44.42
CA THR N 108 13.77 -7.53 -43.01
C THR N 108 14.92 -8.34 -42.45
N VAL N 109 15.47 -7.88 -41.32
CA VAL N 109 16.61 -8.53 -40.69
C VAL N 109 16.31 -8.70 -39.21
N CYS N 110 16.39 -9.94 -38.72
CA CYS N 110 16.25 -10.22 -37.30
C CYS N 110 17.53 -9.91 -36.56
N MET N 111 17.41 -9.57 -35.28
CA MET N 111 18.55 -9.20 -34.46
C MET N 111 18.27 -9.65 -33.04
N GLY N 112 18.95 -10.70 -32.58
CA GLY N 112 18.80 -11.13 -31.21
C GLY N 112 17.61 -12.01 -30.96
N GLN N 113 16.40 -11.48 -31.14
CA GLN N 113 15.20 -12.23 -30.86
C GLN N 113 14.05 -11.74 -31.71
N ALA N 114 13.17 -12.66 -32.09
CA ALA N 114 11.94 -12.34 -32.80
C ALA N 114 10.88 -13.33 -32.36
N ALA N 115 9.87 -12.85 -31.63
CA ALA N 115 8.85 -13.71 -31.07
C ALA N 115 7.47 -13.14 -31.35
N ALA N 116 6.50 -14.05 -31.52
CA ALA N 116 5.10 -13.69 -31.71
C ALA N 116 4.91 -12.72 -32.86
N ALA N 117 4.62 -11.46 -32.54
CA ALA N 117 4.44 -10.45 -33.58
C ALA N 117 5.72 -10.24 -34.36
N ALA N 118 6.86 -10.26 -33.68
CA ALA N 118 8.14 -10.08 -34.36
C ALA N 118 8.39 -11.21 -35.36
N ALA N 119 7.98 -12.44 -35.02
CA ALA N 119 8.20 -13.57 -35.92
C ALA N 119 7.43 -13.40 -37.22
N VAL N 120 6.14 -13.08 -37.11
CA VAL N 120 5.32 -12.94 -38.33
C VAL N 120 5.76 -11.72 -39.13
N LEU N 121 6.16 -10.65 -38.44
CA LEU N 121 6.65 -9.48 -39.15
C LEU N 121 7.95 -9.78 -39.88
N LEU N 122 8.82 -10.57 -39.26
CA LEU N 122 10.04 -11.03 -39.93
C LEU N 122 9.70 -11.87 -41.16
N ALA N 123 8.72 -12.77 -41.03
CA ALA N 123 8.31 -13.59 -42.16
C ALA N 123 7.48 -12.82 -43.18
N ALA N 124 7.08 -11.59 -42.87
CA ALA N 124 6.22 -10.82 -43.75
C ALA N 124 7.00 -10.02 -44.79
N GLY N 125 8.32 -10.12 -44.81
CA GLY N 125 9.11 -9.39 -45.78
C GLY N 125 8.90 -9.90 -47.19
N THR N 126 9.39 -9.12 -48.14
CA THR N 126 9.26 -9.49 -49.54
C THR N 126 10.01 -10.79 -49.81
N PRO N 127 9.49 -11.66 -50.67
CA PRO N 127 10.10 -12.99 -50.84
C PRO N 127 11.54 -12.91 -51.33
N GLY N 128 12.36 -13.82 -50.83
CA GLY N 128 13.75 -13.89 -51.22
C GLY N 128 14.63 -12.82 -50.64
N LYS N 129 14.12 -12.01 -49.71
CA LYS N 129 14.86 -10.87 -49.20
C LYS N 129 14.67 -10.73 -47.70
N ARG N 130 14.73 -11.85 -46.98
CA ARG N 130 14.67 -11.86 -45.53
C ARG N 130 15.92 -12.50 -44.97
N MET N 131 16.60 -11.80 -44.06
CA MET N 131 17.87 -12.25 -43.51
C MET N 131 17.81 -12.27 -41.99
N ALA N 132 18.78 -12.97 -41.41
CA ALA N 132 18.88 -13.09 -39.96
C ALA N 132 20.34 -13.28 -39.57
N LEU N 133 20.63 -12.98 -38.30
CA LEU N 133 21.97 -13.10 -37.76
C LEU N 133 22.25 -14.54 -37.33
N PRO N 134 23.54 -14.94 -37.29
CA PRO N 134 23.85 -16.34 -36.99
C PRO N 134 23.34 -16.82 -35.64
N ASN N 135 23.34 -15.97 -34.61
CA ASN N 135 22.90 -16.36 -33.29
C ASN N 135 21.50 -15.88 -32.97
N ALA N 136 20.71 -15.55 -34.00
CA ALA N 136 19.35 -15.07 -33.77
C ALA N 136 18.46 -16.22 -33.28
N ARG N 137 17.39 -15.84 -32.59
CA ARG N 137 16.40 -16.77 -32.06
C ARG N 137 15.04 -16.37 -32.58
N VAL N 138 14.29 -17.33 -33.11
CA VAL N 138 12.95 -17.08 -33.65
C VAL N 138 11.95 -17.92 -32.88
N LEU N 139 10.92 -17.29 -32.35
CA LEU N 139 9.92 -17.98 -31.55
C LEU N 139 8.55 -17.78 -32.17
N ILE N 140 7.82 -18.87 -32.39
CA ILE N 140 6.46 -18.81 -32.93
C ILE N 140 5.53 -19.51 -31.97
N HIS N 141 4.39 -18.90 -31.69
CA HIS N 141 3.38 -19.48 -30.82
C HIS N 141 2.03 -18.85 -31.12
N GLN N 142 0.98 -19.57 -30.76
CA GLN N 142 -0.38 -19.10 -31.02
C GLN N 142 -0.70 -17.90 -30.14
N PRO N 143 -1.64 -17.06 -30.56
CA PRO N 143 -1.93 -15.84 -29.79
C PRO N 143 -2.48 -16.14 -28.41
N TYR N 144 -2.21 -15.23 -27.48
CA TYR N 144 -2.66 -15.33 -26.11
C TYR N 144 -3.51 -14.11 -25.77
N SER N 145 -4.59 -14.33 -25.03
CA SER N 145 -5.50 -13.25 -24.69
C SER N 145 -6.24 -13.60 -23.41
N GLU N 146 -6.87 -12.58 -22.82
CA GLU N 146 -7.60 -12.70 -21.56
C GLU N 146 -8.97 -12.04 -21.73
N THR N 147 -9.96 -12.84 -22.09
CA THR N 147 -11.32 -12.31 -22.22
C THR N 147 -11.85 -11.91 -20.86
N GLY N 148 -12.33 -10.67 -20.75
CA GLY N 148 -12.79 -10.18 -19.47
C GLY N 148 -14.04 -10.88 -18.99
N ARG N 149 -14.25 -10.80 -17.68
CA ARG N 149 -15.46 -11.36 -17.08
C ARG N 149 -16.69 -10.67 -17.66
N GLY N 150 -17.71 -11.47 -17.98
CA GLY N 150 -18.90 -10.88 -18.56
C GLY N 150 -19.95 -11.93 -18.87
N GLN N 151 -20.99 -11.48 -19.56
CA GLN N 151 -22.09 -12.33 -19.97
C GLN N 151 -21.59 -13.42 -20.90
N VAL N 152 -22.22 -14.60 -20.82
CA VAL N 152 -21.69 -15.77 -21.50
C VAL N 152 -21.71 -15.62 -23.03
N SER N 153 -22.73 -14.96 -23.58
CA SER N 153 -22.72 -14.73 -25.02
C SER N 153 -21.64 -13.74 -25.41
N ASP N 154 -21.32 -12.79 -24.53
CA ASP N 154 -20.17 -11.92 -24.78
C ASP N 154 -18.88 -12.74 -24.84
N LEU N 155 -18.73 -13.70 -23.93
CA LEU N 155 -17.57 -14.58 -23.97
C LEU N 155 -17.56 -15.40 -25.26
N GLU N 156 -18.74 -15.85 -25.70
CA GLU N 156 -18.81 -16.59 -26.95
C GLU N 156 -18.36 -15.72 -28.12
N ILE N 157 -18.81 -14.47 -28.15
CA ILE N 157 -18.41 -13.55 -29.22
C ILE N 157 -16.90 -13.36 -29.21
N ALA N 158 -16.33 -13.12 -28.04
CA ALA N 158 -14.89 -12.92 -27.95
C ALA N 158 -14.13 -14.17 -28.35
N ALA N 159 -14.62 -15.35 -27.97
CA ALA N 159 -13.95 -16.60 -28.31
C ALA N 159 -13.98 -16.84 -29.82
N ASN N 160 -15.13 -16.62 -30.46
CA ASN N 160 -15.18 -16.76 -31.91
C ASN N 160 -14.25 -15.75 -32.58
N GLU N 161 -14.18 -14.53 -32.05
CA GLU N 161 -13.29 -13.53 -32.64
C GLU N 161 -11.84 -13.96 -32.53
N ILE N 162 -11.42 -14.45 -31.36
CA ILE N 162 -10.03 -14.84 -31.20
C ILE N 162 -9.71 -16.06 -32.04
N LEU N 163 -10.65 -16.99 -32.17
CA LEU N 163 -10.43 -18.14 -33.04
C LEU N 163 -10.26 -17.73 -34.48
N ARG N 164 -11.10 -16.81 -34.97
CA ARG N 164 -10.96 -16.34 -36.34
C ARG N 164 -9.64 -15.59 -36.52
N MET N 165 -9.25 -14.80 -35.51
CA MET N 165 -7.98 -14.08 -35.58
C MET N 165 -6.80 -15.04 -35.68
N ARG N 166 -6.82 -16.09 -34.85
CA ARG N 166 -5.75 -17.08 -34.89
C ARG N 166 -5.71 -17.83 -36.21
N SER N 167 -6.88 -18.20 -36.74
CA SER N 167 -6.92 -18.88 -38.03
C SER N 167 -6.37 -17.99 -39.14
N GLN N 168 -6.75 -16.71 -39.14
CA GLN N 168 -6.23 -15.79 -40.13
C GLN N 168 -4.72 -15.63 -40.01
N LEU N 169 -4.22 -15.55 -38.78
CA LEU N 169 -2.78 -15.39 -38.58
C LEU N 169 -2.02 -16.58 -39.14
N GLU N 170 -2.48 -17.80 -38.85
CA GLU N 170 -1.79 -18.95 -39.40
C GLU N 170 -1.96 -19.04 -40.92
N ASP N 171 -3.10 -18.61 -41.45
CA ASP N 171 -3.28 -18.63 -42.91
C ASP N 171 -2.27 -17.71 -43.59
N MET N 172 -2.12 -16.48 -43.08
CA MET N 172 -1.15 -15.56 -43.67
C MET N 172 0.28 -16.05 -43.47
N LEU N 173 0.56 -16.64 -42.31
CA LEU N 173 1.89 -17.21 -42.09
C LEU N 173 2.19 -18.33 -43.07
N ALA N 174 1.20 -19.19 -43.32
CA ALA N 174 1.40 -20.31 -44.24
C ALA N 174 1.60 -19.80 -45.67
N LYS N 175 0.83 -18.80 -46.08
CA LYS N 175 1.03 -18.30 -47.44
C LYS N 175 2.33 -17.53 -47.58
N HIS N 176 2.86 -16.98 -46.48
CA HIS N 176 4.16 -16.32 -46.54
C HIS N 176 5.33 -17.29 -46.40
N SER N 177 5.07 -18.54 -46.06
CA SER N 177 6.11 -19.57 -45.93
C SER N 177 5.90 -20.64 -46.99
N THR N 178 6.72 -21.68 -46.92
CA THR N 178 6.61 -22.80 -47.84
C THR N 178 5.86 -23.99 -47.24
N THR N 179 5.79 -24.09 -45.92
CA THR N 179 5.12 -25.22 -45.30
C THR N 179 3.61 -25.15 -45.52
N PRO N 180 2.94 -26.30 -45.60
CA PRO N 180 1.49 -26.29 -45.79
C PRO N 180 0.77 -25.92 -44.50
N VAL N 181 -0.54 -25.69 -44.65
CA VAL N 181 -1.34 -25.22 -43.52
C VAL N 181 -1.44 -26.27 -42.41
N GLU N 182 -1.49 -27.55 -42.77
CA GLU N 182 -1.56 -28.60 -41.76
C GLU N 182 -0.27 -28.66 -40.94
N LYS N 183 0.87 -28.35 -41.56
CA LYS N 183 2.10 -28.27 -40.80
C LYS N 183 2.02 -27.17 -39.74
N ILE N 184 1.39 -26.04 -40.09
CA ILE N 184 1.19 -24.97 -39.10
C ILE N 184 0.22 -25.41 -38.02
N ARG N 185 -0.88 -26.05 -38.41
CA ARG N 185 -1.77 -26.75 -37.47
C ARG N 185 -0.97 -27.48 -36.40
N GLU N 186 -0.15 -28.44 -36.86
CA GLU N 186 0.57 -29.29 -35.91
C GLU N 186 1.60 -28.50 -35.12
N ASP N 187 2.31 -27.58 -35.77
CA ASP N 187 3.52 -27.01 -35.20
C ASP N 187 3.25 -25.79 -34.32
N ILE N 188 2.03 -25.26 -34.33
CA ILE N 188 1.73 -24.04 -33.59
C ILE N 188 1.07 -24.31 -32.25
N GLU N 189 0.79 -25.57 -31.93
CA GLU N 189 0.06 -25.89 -30.71
C GLU N 189 0.80 -25.39 -29.47
N ARG N 190 2.12 -25.58 -29.44
CA ARG N 190 2.96 -25.12 -28.35
C ARG N 190 3.95 -24.08 -28.87
N ASP N 191 4.81 -23.62 -27.99
CA ASP N 191 5.90 -22.72 -28.38
C ASP N 191 6.88 -23.48 -29.25
N LYS N 192 7.33 -22.87 -30.34
CA LYS N 192 8.36 -23.44 -31.18
C LYS N 192 9.51 -22.45 -31.31
N ILE N 193 10.72 -22.92 -31.07
CA ILE N 193 11.91 -22.08 -31.06
C ILE N 193 12.87 -22.60 -32.12
N LEU N 194 13.37 -21.70 -32.96
CA LEU N 194 14.23 -22.06 -34.07
C LEU N 194 15.46 -21.16 -34.08
N THR N 195 16.56 -21.72 -34.57
CA THR N 195 17.80 -20.98 -34.77
C THR N 195 17.83 -20.45 -36.19
N ALA N 196 18.96 -19.87 -36.60
CA ALA N 196 19.08 -19.32 -37.94
C ALA N 196 18.95 -20.40 -39.00
N GLU N 197 19.70 -21.49 -38.84
CA GLU N 197 19.63 -22.58 -39.80
C GLU N 197 18.26 -23.24 -39.78
N ASP N 198 17.67 -23.41 -38.59
CA ASP N 198 16.34 -24.00 -38.50
C ASP N 198 15.31 -23.13 -39.20
N ALA N 199 15.38 -21.81 -39.01
CA ALA N 199 14.46 -20.91 -39.67
C ALA N 199 14.66 -20.94 -41.18
N LEU N 200 15.91 -21.01 -41.64
CA LEU N 200 16.17 -21.10 -43.07
C LEU N 200 15.57 -22.36 -43.65
N SER N 201 15.74 -23.49 -42.97
CA SER N 201 15.18 -24.74 -43.46
C SER N 201 13.66 -24.72 -43.45
N TYR N 202 13.07 -24.12 -42.42
CA TYR N 202 11.61 -24.08 -42.29
C TYR N 202 10.97 -23.23 -43.37
N GLY N 203 11.63 -22.15 -43.79
CA GLY N 203 11.07 -21.22 -44.75
C GLY N 203 10.77 -19.85 -44.20
N LEU N 204 10.97 -19.62 -42.91
CA LEU N 204 10.74 -18.30 -42.34
C LEU N 204 11.80 -17.30 -42.76
N ILE N 205 13.01 -17.78 -43.11
CA ILE N 205 14.13 -16.92 -43.45
C ILE N 205 14.69 -17.38 -44.79
N ASP N 206 14.93 -16.43 -45.69
CA ASP N 206 15.46 -16.76 -47.01
C ASP N 206 16.96 -17.05 -46.96
N GLN N 207 17.71 -16.37 -46.10
CA GLN N 207 19.15 -16.53 -46.05
C GLN N 207 19.67 -15.97 -44.73
N VAL N 208 20.73 -16.59 -44.22
CA VAL N 208 21.42 -16.14 -43.02
C VAL N 208 22.72 -15.47 -43.43
N ILE N 209 22.99 -14.31 -42.85
CA ILE N 209 24.20 -13.56 -43.16
C ILE N 209 25.31 -13.98 -42.20
N SER N 210 26.52 -14.13 -42.75
CA SER N 210 27.67 -14.58 -41.97
C SER N 210 28.57 -13.42 -41.57
N THR N 211 29.08 -12.68 -42.55
CA THR N 211 29.98 -11.57 -42.28
C THR N 211 29.99 -10.58 -43.44
C1 OTT O 1 13.82 -35.63 30.60
C2 OTT O 1 12.49 -35.01 30.73
C3 OTT O 1 11.40 -35.69 31.04
C4 OTT O 1 10.11 -35.23 31.28
C5 OTT O 1 9.03 -36.01 31.65
C6 OTT O 1 7.69 -35.62 31.98
C7 OTT O 1 6.72 -36.45 32.35
C8 OTT O 1 5.33 -36.05 32.74
O11 OTT O 1 13.99 -36.85 30.70
N PHE O 2 14.84 -34.80 30.35
CA PHE O 2 16.23 -35.22 30.27
C PHE O 2 16.71 -35.81 31.60
N SER O 3 16.18 -36.98 31.95
CA SER O 3 16.54 -37.65 33.19
C SER O 3 17.21 -38.98 32.88
N PRO O 4 18.48 -39.16 33.33
CA PRO O 4 19.07 -38.28 34.35
C PRO O 4 19.90 -37.18 33.69
N MAA O 5 20.08 -36.06 34.41
CM MAA O 5 20.99 -35.02 33.93
CA MAA O 5 19.43 -35.82 35.69
CB MAA O 5 20.43 -35.88 36.83
C MAA O 5 18.71 -34.46 35.70
O MAA O 5 19.06 -33.59 36.48
N ALA O 6 17.73 -34.29 34.81
CA ALA O 6 17.02 -33.02 34.68
C ALA O 6 15.76 -33.19 33.83
C MP8 O 7 15.32 -35.91 35.38
N MP8 O 7 14.67 -33.73 34.39
O MP8 O 7 16.26 -36.29 36.02
CA MP8 O 7 14.62 -34.57 35.60
CB MP8 O 7 13.12 -34.80 35.83
CD MP8 O 7 13.33 -33.55 33.83
CE MP8 O 7 12.48 -32.37 35.91
CG MP8 O 7 12.45 -33.63 35.08
C1 OTT P 1 7.54 -13.82 46.35
C2 OTT P 1 6.28 -14.15 45.66
C3 OTT P 1 5.63 -15.29 45.81
C4 OTT P 1 4.40 -15.69 45.30
C5 OTT P 1 3.79 -16.91 45.56
C6 OTT P 1 2.51 -17.38 45.10
C7 OTT P 1 1.98 -18.55 45.40
C8 OTT P 1 0.63 -19.05 44.97
O11 OTT P 1 8.13 -14.64 47.07
N PHE P 2 8.03 -12.58 46.13
CA PHE P 2 9.21 -12.06 46.80
C PHE P 2 9.02 -12.00 48.32
N SER P 3 8.97 -13.18 48.95
CA SER P 3 8.80 -13.27 50.39
C SER P 3 10.05 -13.91 51.01
N PRO P 4 10.72 -13.18 51.92
CA PRO P 4 10.16 -11.97 52.54
C PRO P 4 10.62 -10.73 51.79
N MAA P 5 9.82 -9.65 51.89
CM MAA P 5 10.24 -8.38 51.32
CA MAA P 5 8.54 -9.66 52.58
CB MAA P 5 8.62 -8.89 53.89
C MAA P 5 7.43 -9.08 51.69
O MAA P 5 6.82 -8.08 52.05
N ALA P 6 7.18 -9.71 50.54
CA ALA P 6 6.20 -9.22 49.59
C ALA P 6 5.90 -10.27 48.53
C MP8 P 7 5.93 -12.37 50.88
N MP8 P 7 5.05 -11.27 48.84
O MP8 P 7 6.38 -11.97 51.91
CA MP8 P 7 4.72 -11.77 50.18
CB MP8 P 7 3.66 -12.84 49.93
CD MP8 P 7 4.36 -12.05 47.81
CE MP8 P 7 2.08 -11.36 48.67
CG MP8 P 7 3.10 -12.49 48.55
C1 OTT Q 1 -15.58 1.31 46.39
C2 OTT Q 1 -15.88 0.15 45.51
C3 OTT Q 1 -15.91 -1.10 45.92
C4 OTT Q 1 -16.25 -2.25 45.22
C5 OTT Q 1 -16.28 -3.54 45.73
C6 OTT Q 1 -16.67 -4.76 45.06
C7 OTT Q 1 -16.70 -5.95 45.61
C8 OTT Q 1 -17.13 -7.22 44.95
O11 OTT Q 1 -15.27 1.16 47.57
N PHE Q 2 -15.69 2.53 45.82
CA PHE Q 2 -15.50 3.77 46.55
C PHE Q 2 -16.52 3.93 47.67
N SER Q 3 -16.41 3.10 48.70
CA SER Q 3 -17.33 3.14 49.83
C SER Q 3 -16.56 3.52 51.10
N PRO Q 4 -16.95 4.65 51.74
CA PRO Q 4 -18.21 5.32 51.44
C PRO Q 4 -17.98 6.44 50.41
N MAA Q 5 -19.05 6.79 49.67
CM MAA Q 5 -18.97 7.92 48.77
CA MAA Q 5 -20.33 6.09 49.73
CB MAA Q 5 -21.37 6.96 50.44
C MAA Q 5 -20.83 5.71 48.34
O MAA Q 5 -21.89 6.16 47.93
N ALA Q 6 -20.05 4.88 47.63
CA ALA Q 6 -20.40 4.48 46.28
C ALA Q 6 -19.52 3.32 45.81
C MP8 Q 7 -19.96 2.11 48.71
N MP8 Q 7 -19.83 2.08 46.24
O MP8 Q 7 -20.43 2.87 49.50
CA MP8 Q 7 -20.63 1.71 47.40
CB MP8 Q 7 -20.75 0.19 47.31
CD MP8 Q 7 -19.34 0.88 45.55
CE MP8 Q 7 -21.67 0.10 44.98
CG MP8 Q 7 -20.44 -0.12 45.84
C1 OTT R 1 -38.11 -1.65 30.69
C2 OTT R 1 -37.31 -2.86 30.42
C3 OTT R 1 -37.02 -3.77 31.35
C4 OTT R 1 -36.35 -4.97 31.21
C5 OTT R 1 -36.10 -5.89 32.21
C6 OTT R 1 -35.45 -7.17 32.12
C7 OTT R 1 -35.26 -7.99 33.15
C8 OTT R 1 -34.62 -9.34 33.06
O11 OTT R 1 -38.51 -1.35 31.81
N PHE R 2 -38.39 -0.88 29.61
CA PHE R 2 -39.23 0.31 29.66
C PHE R 2 -40.65 -0.04 30.11
N SER R 3 -40.80 -0.44 31.37
CA SER R 3 -42.09 -0.80 31.92
C SER R 3 -42.47 0.18 33.04
N PRO R 4 -43.59 0.90 32.88
CA PRO R 4 -44.60 0.58 31.87
C PRO R 4 -44.35 1.41 30.60
N MAA R 5 -44.81 0.88 29.46
CM MAA R 5 -44.75 1.65 28.22
CA MAA R 5 -45.42 -0.44 29.37
CB MAA R 5 -46.93 -0.33 29.15
C MAA R 5 -44.79 -1.26 28.24
O MAA R 5 -45.48 -1.66 27.30
N ALA R 6 -43.48 -1.53 28.35
CA ALA R 6 -42.76 -2.25 27.31
C ALA R 6 -41.38 -2.67 27.80
C MP8 R 7 -42.80 -3.41 30.53
N MP8 R 7 -41.27 -3.74 28.61
O MP8 R 7 -43.92 -3.00 30.64
CA MP8 R 7 -42.34 -4.35 29.42
CB MP8 R 7 -41.68 -5.59 30.02
CD MP8 R 7 -40.01 -4.46 28.79
CE MP8 R 7 -40.94 -6.61 27.86
CG MP8 R 7 -40.49 -5.87 29.10
C1 OTT S 1 -43.12 -20.42 11.04
C2 OTT S 1 -41.86 -20.88 11.68
C3 OTT S 1 -41.78 -21.24 12.96
C4 OTT S 1 -40.71 -21.78 13.65
C5 OTT S 1 -40.73 -22.18 14.98
C6 OTT S 1 -39.67 -22.79 15.75
C7 OTT S 1 -39.77 -23.16 17.02
C8 OTT S 1 -38.71 -23.84 17.81
O11 OTT S 1 -44.17 -20.28 11.68
N PHE S 2 -43.04 -20.17 9.72
CA PHE S 2 -44.19 -19.78 8.91
C PHE S 2 -45.25 -20.88 8.90
N SER S 3 -45.91 -21.10 10.05
CA SER S 3 -46.94 -22.10 10.16
C SER S 3 -48.28 -21.44 10.47
N PRO S 4 -49.28 -21.60 9.57
CA PRO S 4 -49.23 -22.63 8.53
C PRO S 4 -48.69 -22.05 7.23
N MAA S 5 -48.11 -22.92 6.38
CM MAA S 5 -47.71 -22.49 5.06
CA MAA S 5 -47.89 -24.32 6.71
CB MAA S 5 -48.84 -25.22 5.93
C MAA S 5 -46.45 -24.74 6.44
O MAA S 5 -46.20 -25.61 5.61
N ALA S 6 -45.49 -24.09 7.13
CA ALA S 6 -44.07 -24.35 6.90
C ALA S 6 -43.23 -23.71 8.01
C MP8 S 7 -45.44 -24.76 10.01
N MP8 S 7 -43.15 -24.34 9.19
O MP8 S 7 -46.45 -25.13 9.48
CA MP8 S 7 -44.07 -25.34 9.74
CB MP8 S 7 -43.41 -25.78 11.04
CD MP8 S 7 -42.06 -24.06 10.14
CE MP8 S 7 -41.19 -26.43 10.05
CG MP8 S 7 -41.93 -25.38 10.87
C1 OTT T 1 -26.79 -40.92 2.30
C2 OTT T 1 -26.11 -40.38 3.51
C3 OTT T 1 -26.64 -40.44 4.73
C4 OTT T 1 -26.09 -40.06 5.94
C5 OTT T 1 -26.71 -40.18 7.18
C6 OTT T 1 -26.17 -39.84 8.48
C7 OTT T 1 -26.83 -40.01 9.62
C8 OTT T 1 -26.28 -39.68 10.98
O11 OTT T 1 -27.92 -41.38 2.34
N PHE T 2 -26.06 -40.87 1.16
CA PHE T 2 -26.54 -41.42 -0.10
C PHE T 2 -26.75 -42.93 -0.01
N SER T 3 -27.78 -43.33 0.75
CA SER T 3 -28.11 -44.74 0.92
C SER T 3 -29.49 -45.02 0.32
N PRO T 4 -29.56 -45.95 -0.67
CA PRO T 4 -28.45 -46.84 -0.98
C PRO T 4 -27.59 -46.25 -2.10
N MAA T 5 -26.31 -46.65 -2.14
CM MAA T 5 -25.44 -46.22 -3.24
CA MAA T 5 -25.70 -47.52 -1.14
CB MAA T 5 -25.46 -48.91 -1.71
C MAA T 5 -24.39 -46.94 -0.62
O MAA T 5 -23.34 -47.55 -0.77
N ALA T 6 -24.45 -45.75 0.01
CA ALA T 6 -23.26 -45.07 0.49
C ALA T 6 -23.64 -43.91 1.41
C MP8 T 7 -25.83 -45.83 2.62
N MP8 T 7 -23.99 -44.18 2.67
O MP8 T 7 -26.04 -46.82 1.99
CA MP8 T 7 -24.49 -45.46 3.22
CB MP8 T 7 -24.63 -45.19 4.72
CD MP8 T 7 -23.98 -43.14 3.72
CE MP8 T 7 -22.29 -44.38 5.15
CG MP8 T 7 -23.74 -43.97 4.99
C1 OTT U 1 -1.43 -47.69 10.97
C2 OTT U 1 -1.88 -46.66 11.93
C3 OTT U 1 -2.93 -46.81 12.73
C4 OTT U 1 -3.39 -45.96 13.72
C5 OTT U 1 -4.47 -46.19 14.57
C6 OTT U 1 -4.96 -45.37 15.63
C7 OTT U 1 -5.99 -45.67 16.41
C8 OTT U 1 -6.47 -44.84 17.56
O11 OTT U 1 -2.04 -48.73 10.80
N PHE U 2 -0.30 -47.39 10.30
CA PHE U 2 0.34 -48.30 9.36
C PHE U 2 0.79 -49.60 10.05
N SER U 3 -0.17 -50.41 10.48
CA SER U 3 0.12 -51.66 11.15
C SER U 3 -0.40 -52.83 10.31
N PRO U 4 0.51 -53.73 9.87
CA PRO U 4 1.86 -53.81 10.43
C PRO U 4 2.84 -53.00 9.58
N MAA U 5 3.95 -52.55 10.20
CM MAA U 5 5.00 -51.89 9.44
CA MAA U 5 4.17 -52.70 11.63
CB MAA U 5 5.25 -53.74 11.90
C MAA U 5 4.56 -51.37 12.28
O MAA U 5 5.64 -51.24 12.83
N ALA U 6 3.66 -50.37 12.19
CA ALA U 6 3.94 -49.04 12.72
C ALA U 6 2.66 -48.20 12.77
C MP8 U 7 1.24 -50.82 13.85
N MP8 U 7 1.79 -48.40 13.77
O MP8 U 7 1.89 -51.82 13.74
CA MP8 U 7 1.69 -49.59 14.62
CB MP8 U 7 0.63 -49.20 15.67
CD MP8 U 7 0.76 -47.41 14.13
CE MP8 U 7 1.75 -47.08 16.44
CG MP8 U 7 0.61 -47.67 15.62
C1 OTT V 1 42.51 7.43 -23.82
C2 OTT V 1 41.24 8.06 -24.27
C3 OTT V 1 41.17 9.29 -24.75
C4 OTT V 1 40.04 9.99 -25.17
C5 OTT V 1 40.03 11.28 -25.70
C6 OTT V 1 38.87 12.06 -26.09
C7 OTT V 1 38.92 13.29 -26.58
C8 OTT V 1 37.73 14.13 -26.92
O11 OTT V 1 43.57 8.04 -23.81
N PHE V 2 42.40 6.14 -23.42
CA PHE V 2 43.55 5.36 -22.97
C PHE V 2 44.59 5.18 -24.08
N SER V 3 45.19 6.30 -24.50
CA SER V 3 46.20 6.29 -25.55
C SER V 3 47.53 6.77 -24.96
N PRO V 4 48.57 5.90 -24.99
CA PRO V 4 48.56 4.68 -25.79
C PRO V 4 48.05 3.50 -24.96
N MAA V 5 47.53 2.47 -25.64
CM MAA V 5 47.16 1.23 -24.96
CA MAA V 5 47.32 2.48 -27.09
CB MAA V 5 48.30 1.57 -27.80
C MAA V 5 45.88 2.08 -27.45
O MAA V 5 45.67 1.13 -28.19
N ALA V 6 44.91 2.83 -26.93
CA ALA V 6 43.49 2.52 -27.15
C ALA V 6 42.62 3.69 -26.70
C MP8 V 7 44.70 5.58 -28.10
N MP8 V 7 42.44 4.71 -27.55
O MP8 V 7 45.74 5.06 -28.38
CA MP8 V 7 43.34 5.12 -28.63
CB MP8 V 7 42.60 6.29 -29.31
CD MP8 V 7 41.26 5.58 -27.51
CE MP8 V 7 40.61 4.87 -29.84
CG MP8 V 7 41.14 5.99 -28.97
C1 OTT W 1 39.51 28.75 -6.53
C2 OTT W 1 38.66 28.39 -7.69
C3 OTT W 1 38.40 29.22 -8.68
C4 OTT W 1 37.64 28.98 -9.83
C5 OTT W 1 37.42 29.86 -10.87
C6 OTT W 1 36.62 29.63 -12.05
C7 OTT W 1 36.42 30.49 -13.03
C8 OTT W 1 35.51 30.29 -14.20
O11 OTT W 1 39.95 29.88 -6.36
N PHE W 2 39.77 27.73 -5.66
CA PHE W 2 40.65 27.88 -4.52
C PHE W 2 42.08 28.21 -4.95
N SER W 3 42.26 29.38 -5.56
CA SER W 3 43.57 29.84 -6.02
C SER W 3 43.95 31.12 -5.27
N PRO W 4 45.06 31.09 -4.50
CA PRO W 4 46.06 30.01 -4.61
C PRO W 4 45.77 28.93 -3.58
N MAA W 5 46.27 27.69 -3.85
CM MAA W 5 46.18 26.63 -2.86
CA MAA W 5 46.93 27.37 -5.10
CB MAA W 5 48.42 27.16 -4.89
C MAA W 5 46.32 26.12 -5.74
O MAA W 5 47.01 25.13 -5.96
N ALA W 6 45.01 26.17 -6.03
CA ALA W 6 44.30 25.02 -6.57
C ALA W 6 42.93 25.44 -7.11
C MP8 W 7 44.34 27.98 -8.30
N MP8 W 7 42.86 25.98 -8.33
O MP8 W 7 45.44 28.19 -7.89
CA MP8 W 7 43.93 26.70 -9.04
CB MP8 W 7 43.32 27.04 -10.40
CD MP8 W 7 41.66 25.91 -9.17
CE MP8 W 7 42.92 24.62 -10.94
CG MP8 W 7 42.27 25.94 -10.57
C1 OTT X 1 18.12 45.61 -4.10
C2 OTT X 1 18.45 44.69 -5.21
C3 OTT X 1 18.45 45.02 -6.49
C4 OTT X 1 18.75 44.23 -7.59
C5 OTT X 1 18.81 44.61 -8.92
C6 OTT X 1 19.05 43.76 -10.06
C7 OTT X 1 19.09 44.15 -11.32
C8 OTT X 1 19.23 43.26 -12.51
O11 OTT X 1 17.70 46.75 -4.30
N PHE X 2 18.33 45.13 -2.85
CA PHE X 2 18.16 45.92 -1.65
C PHE X 2 19.16 47.07 -1.57
N SER X 3 19.08 47.99 -2.54
CA SER X 3 20.00 49.12 -2.59
C SER X 3 19.22 50.43 -2.45
N PRO X 4 19.52 51.21 -1.40
CA PRO X 4 20.73 51.03 -0.59
C PRO X 4 20.44 50.17 0.63
N MAA X 5 21.49 49.54 1.19
CM MAA X 5 21.34 48.82 2.45
CA MAA X 5 22.83 49.55 0.60
CB MAA X 5 23.78 50.40 1.43
C MAA X 5 23.38 48.13 0.46
O MAA X 5 24.43 47.82 1.02
N ALA X 6 22.67 47.28 -0.29
CA ALA X 6 23.06 45.88 -0.46
C ALA X 6 22.26 45.24 -1.58
C MP8 X 7 22.73 47.89 -3.22
N MP8 X 7 22.66 45.44 -2.85
O MP8 X 7 23.12 48.81 -2.56
CA MP8 X 7 23.46 46.56 -3.35
CB MP8 X 7 23.69 46.21 -4.83
CD MP8 X 7 22.35 44.50 -3.93
CE MP8 X 7 24.81 44.04 -4.27
CG MP8 X 7 23.56 44.69 -4.84
C1 OTT Y 1 -5.60 45.65 -17.78
C2 OTT Y 1 -4.37 44.87 -18.08
C3 OTT Y 1 -3.67 45.00 -19.19
C4 OTT Y 1 -2.55 44.29 -19.58
C5 OTT Y 1 -1.76 44.50 -20.72
C6 OTT Y 1 -0.69 43.66 -21.19
C7 OTT Y 1 0.04 43.90 -22.27
C8 OTT Y 1 0.96 42.90 -22.93
O11 OTT Y 1 -6.14 46.38 -18.62
N PHE Y 2 -6.09 45.53 -16.52
CA PHE Y 2 -7.25 46.25 -16.04
C PHE Y 2 -7.04 47.76 -16.10
N SER Y 3 -6.94 48.29 -17.33
CA SER Y 3 -6.73 49.72 -17.54
C SER Y 3 -7.93 50.28 -18.31
N PRO Y 4 -8.66 51.24 -17.71
CA PRO Y 4 -8.18 51.96 -16.53
C PRO Y 4 -8.70 51.30 -15.25
N MAA Y 5 -8.00 51.53 -14.13
CM MAA Y 5 -8.50 51.06 -12.85
CA MAA Y 5 -6.74 52.25 -14.11
CB MAA Y 5 -6.89 53.62 -13.46
C MAA Y 5 -5.65 51.45 -13.39
O MAA Y 5 -5.09 51.93 -12.40
N ALA Y 6 -5.36 50.24 -13.87
CA ALA Y 6 -4.39 49.36 -13.24
C ALA Y 6 -4.03 48.20 -14.17
C MP8 Y 7 -3.93 50.30 -16.50
N MP8 Y 7 -3.11 48.41 -15.12
O MP8 Y 7 -4.42 51.36 -16.24
CA MP8 Y 7 -2.76 49.69 -15.74
CB MP8 Y 7 -1.62 49.33 -16.69
CD MP8 Y 7 -2.31 47.31 -15.70
CE MP8 Y 7 -0.18 48.41 -14.86
CG MP8 Y 7 -1.03 48.07 -16.07
C1 OTT Z 1 -13.71 28.74 -37.79
C2 OTT Z 1 -12.37 29.00 -37.23
C3 OTT Z 1 -11.26 29.08 -37.94
C4 OTT Z 1 -9.96 29.29 -37.49
C5 OTT Z 1 -8.80 29.34 -38.27
C6 OTT Z 1 -7.45 29.50 -37.80
C7 OTT Z 1 -6.36 29.47 -38.56
C8 OTT Z 1 -4.96 29.51 -38.06
O11 OTT Z 1 -13.91 28.61 -38.99
N PHE Z 2 -14.72 28.63 -36.88
CA PHE Z 2 -16.11 28.43 -37.25
C PHE Z 2 -16.67 29.65 -37.97
N SER Z 3 -16.10 29.94 -39.16
CA SER Z 3 -16.48 31.11 -39.93
C SER Z 3 -17.09 30.66 -41.25
N PRO Z 4 -18.38 30.99 -41.51
CA PRO Z 4 -19.09 32.00 -40.72
C PRO Z 4 -19.88 31.34 -39.59
N MAA Z 5 -20.18 32.11 -38.54
CM MAA Z 5 -21.06 31.62 -37.49
CA MAA Z 5 -19.68 33.47 -38.38
CB MAA Z 5 -20.79 34.49 -38.56
C MAA Z 5 -19.02 33.66 -37.01
O MAA Z 5 -19.44 34.51 -36.23
N ALA Z 6 -17.98 32.87 -36.72
CA ALA Z 6 -17.31 32.91 -35.43
C ALA Z 6 -16.00 32.14 -35.49
C MP8 Z 7 -15.51 33.49 -38.29
N MP8 Z 7 -14.92 32.75 -35.99
O MP8 Z 7 -16.48 34.01 -38.77
CA MP8 Z 7 -14.91 33.87 -36.95
CB MP8 Z 7 -13.42 34.21 -37.11
CD MP8 Z 7 -13.54 32.37 -35.63
CE MP8 Z 7 -13.13 34.66 -34.65
CG MP8 Z 7 -12.82 33.71 -35.79
C1 OTT AA 1 -0.35 7.30 -48.33
C2 OTT AA 1 0.02 8.64 -47.83
C3 OTT AA 1 1.24 9.05 -47.53
C4 OTT AA 1 1.63 10.33 -47.19
C5 OTT AA 1 2.92 10.75 -46.85
C6 OTT AA 1 3.37 12.10 -46.62
C7 OTT AA 1 4.60 12.43 -46.27
C8 OTT AA 1 5.09 13.84 -46.08
O11 OTT AA 1 0.47 6.41 -48.50
N PHE AA 2 -1.67 7.12 -48.60
CA PHE AA 2 -2.18 5.95 -49.28
C PHE AA 2 -2.66 6.36 -50.67
N SER AA 3 -1.71 6.81 -51.50
CA SER AA 3 -2.03 7.33 -52.82
C SER AA 3 -1.45 6.40 -53.88
N PRO AA 4 -2.32 5.78 -54.72
CA PRO AA 4 -3.73 6.19 -54.83
C PRO AA 4 -4.59 5.37 -53.88
N MAA AA 5 -5.74 5.95 -53.47
CM MAA AA 5 -6.69 5.19 -52.68
CA MAA AA 5 -6.09 7.32 -53.79
CB MAA AA 5 -7.21 7.37 -54.82
C MAA AA 5 -6.52 8.10 -52.55
O MAA AA 5 -7.64 8.61 -52.48
N ALA AA 6 -5.62 8.18 -51.55
CA ALA AA 6 -5.92 8.85 -50.29
C ALA AA 6 -4.64 9.08 -49.49
C MP8 AA 7 -3.35 10.01 -52.20
N MP8 AA 7 -3.88 10.14 -49.79
O MP8 AA 7 -3.98 9.75 -53.18
CA MP8 AA 7 -3.85 10.87 -51.06
CB MP8 AA 7 -2.89 12.03 -50.79
CD MP8 AA 7 -2.96 10.75 -48.82
CE MP8 AA 7 -4.26 12.90 -48.88
CG MP8 AA 7 -2.97 12.20 -49.26
C1 OTT BA 1 24.76 -1.98 -42.71
C2 OTT BA 1 24.08 -0.71 -42.38
C3 OTT BA 1 24.59 0.48 -42.63
C4 OTT BA 1 24.10 1.74 -42.29
C5 OTT BA 1 24.66 2.96 -42.63
C6 OTT BA 1 24.26 4.27 -42.17
C7 OTT BA 1 24.86 5.40 -42.50
C8 OTT BA 1 24.64 6.72 -41.82
O11 OTT BA 1 25.91 -2.01 -43.17
N PHE BA 2 24.06 -3.11 -42.48
CA PHE BA 2 24.55 -4.44 -42.83
C PHE BA 2 24.78 -4.58 -44.33
N SER BA 3 25.75 -3.81 -44.85
CA SER BA 3 26.04 -3.80 -46.27
C SER BA 3 27.46 -4.30 -46.50
N PRO BA 4 27.62 -5.42 -47.26
CA PRO BA 4 26.52 -5.96 -48.07
C PRO BA 4 25.76 -7.03 -47.29
N MAA BA 5 24.49 -7.27 -47.67
CM MAA BA 5 23.74 -8.37 -47.09
CA MAA BA 5 23.81 -6.48 -48.68
CB MAA BA 5 23.61 -7.29 -49.96
C MAA BA 5 22.47 -5.97 -48.18
O MAA BA 5 21.42 -6.28 -48.76
N ALA BA 6 22.48 -5.18 -47.09
CA ALA BA 6 21.27 -4.71 -46.46
C ALA BA 6 21.57 -3.58 -45.48
C MP8 BA 7 23.62 -2.49 -47.57
N MP8 BA 7 21.75 -2.35 -45.96
O MP8 BA 7 23.91 -3.22 -48.47
CA MP8 BA 7 22.22 -1.98 -47.30
CB MP8 BA 7 22.18 -0.44 -47.30
CD MP8 BA 7 21.49 -1.14 -45.15
CE MP8 BA 7 19.72 -0.38 -46.81
CG MP8 BA 7 21.11 -0.13 -46.24
#